data_5LLS
#
_entry.id   5LLS
#
_cell.length_a   61.900
_cell.length_b   117.680
_cell.length_c   133.120
_cell.angle_alpha   112.70
_cell.angle_beta   94.60
_cell.angle_gamma   91.20
#
_symmetry.space_group_name_H-M   'P 1'
#
loop_
_entity.id
_entity.type
_entity.pdbx_description
1 polymer 'Dipeptidyl peptidase 4'
2 branched 2-acetamido-2-deoxy-beta-D-glucopyranose-(1-4)-2-acetamido-2-deoxy-beta-D-glucopyranose
3 non-polymer 2-acetamido-2-deoxy-beta-D-glucopyranose
4 non-polymer 8-[(3~{R})-3-azanylpiperidin-1-yl]-7-[(2-bromophenyl)methyl]-1,3-dimethyl-purine-2,6-dione
5 non-polymer 'SULFATE ION'
6 water water
#
_entity_poly.entity_id   1
_entity_poly.type   'polypeptide(L)'
_entity_poly.pdbx_seq_one_letter_code
;MKTPWKVLLGLLGIAALVTVITVPVVLLNKGTDDAAADSRRTYTLTDYLKSTFRVKFYTLQWISDHEYLYKQENNILLFN
AEYGNSSIFLENSTFDELGYSTNDYSVSPDRQFILFEYNYVKQWRHSYTASYDIYDLNKRQLITEERIPNNTQWITWSPV
GHKLAYVWNNDIYVKNEPNLSSQRITWTGKENVIYNGVTDWVYEEEVFSAYSALWWSPNGTFLAYAQFNDTEVPLIEYSF
YSDESLQYPKTVRIPYPKAGAENPTVKFFVVDTRTLSPNASVTSYQIVPPASVLIGDHYLCGVTWVTEERISLQWIRRAQ
NYSIIDICDYDESTGRWISSVARQHIEISTTGWVGRFRPAEPHFTSDGNSFYKIISNEEGYKHICHFQTDKSNCTFITKG
AWEVIGIEALTSDYLYYISNEHKGMPGGRNLYRIQLNDYTKVTCLSCELNPERCQYYSASFSNKAKYYQLRCFGPGLPLY
TLHSSSSDKELRVLEDNSALDKMLQDVQMPSKKLDVINLHGTKFWYQMILPPHFDKSKKYPLLIEVYAGPCSQKVDTVFR
LSWATYLASTENIIVASFDGRGSGYQGDKIMHAINRRLGTFEVEDQIEATRQFSKMGFVDDKRIAIWGWSYGGYVTSMVL
GAGSGVFKCGIAVAPVSKWEYYDSVYTERYMGLPTPEDNLDYYRNSTVMSRAENFKQVEYLLIHGTADDNVHFQQSAQLS
KALVDAGVDFQTMWYTDEDHGIASNMAHQHIYTHMSHFLKQCFSLP
;
_entity_poly.pdbx_strand_id   A,B,C,D
#
# COMPACT_ATOMS: atom_id res chain seq x y z
N ARG A 40 -24.14 60.23 -43.20
CA ARG A 40 -22.97 59.37 -42.97
C ARG A 40 -23.25 58.26 -41.96
N ARG A 41 -22.59 57.11 -42.12
CA ARG A 41 -22.75 55.98 -41.20
C ARG A 41 -21.94 56.19 -39.90
N THR A 42 -22.32 55.47 -38.84
CA THR A 42 -21.67 55.54 -37.54
C THR A 42 -20.90 54.24 -37.29
N TYR A 43 -19.97 54.24 -36.31
CA TYR A 43 -19.19 53.06 -35.95
C TYR A 43 -20.15 52.22 -35.10
N THR A 44 -20.58 51.07 -35.64
CA THR A 44 -21.58 50.21 -35.02
C THR A 44 -21.01 49.08 -34.14
N LEU A 45 -21.92 48.31 -33.49
CA LEU A 45 -21.56 47.18 -32.64
C LEU A 45 -20.95 46.08 -33.49
N THR A 46 -21.54 45.85 -34.68
CA THR A 46 -21.11 44.86 -35.68
C THR A 46 -19.69 45.22 -36.16
N ASP A 47 -19.42 46.53 -36.41
CA ASP A 47 -18.11 47.02 -36.83
C ASP A 47 -17.08 46.63 -35.79
N TYR A 48 -17.40 46.84 -34.50
CA TYR A 48 -16.50 46.51 -33.41
C TYR A 48 -16.27 45.01 -33.27
N LEU A 49 -17.37 44.23 -33.14
CA LEU A 49 -17.35 42.78 -32.91
C LEU A 49 -16.76 41.97 -34.07
N LYS A 50 -17.11 42.32 -35.32
CA LYS A 50 -16.58 41.63 -36.51
C LYS A 50 -15.25 42.22 -37.02
N SER A 51 -14.72 43.25 -36.34
CA SER A 51 -13.47 43.97 -36.64
C SER A 51 -13.35 44.40 -38.12
N THR A 52 -14.44 45.02 -38.64
CA THR A 52 -14.53 45.49 -40.03
C THR A 52 -13.49 46.60 -40.32
N PHE A 53 -13.13 47.38 -39.29
CA PHE A 53 -12.11 48.43 -39.38
C PHE A 53 -10.85 47.87 -38.73
N ARG A 54 -9.91 47.41 -39.57
CA ARG A 54 -8.68 46.76 -39.13
C ARG A 54 -7.54 47.72 -38.85
N VAL A 55 -6.96 47.60 -37.65
CA VAL A 55 -5.80 48.38 -37.23
C VAL A 55 -4.59 47.50 -37.55
N LYS A 56 -3.83 47.88 -38.59
CA LYS A 56 -2.65 47.15 -39.03
C LYS A 56 -1.46 47.46 -38.14
N PHE A 57 -0.57 46.47 -37.99
CA PHE A 57 0.66 46.56 -37.21
C PHE A 57 1.82 46.00 -38.01
N TYR A 58 3.02 46.06 -37.43
CA TYR A 58 4.24 45.58 -38.08
C TYR A 58 5.07 44.87 -37.02
N THR A 59 5.03 43.55 -37.04
CA THR A 59 5.78 42.73 -36.09
C THR A 59 7.06 42.25 -36.74
N LEU A 60 8.19 42.49 -36.10
CA LEU A 60 9.47 42.05 -36.63
C LEU A 60 10.34 41.36 -35.57
N GLN A 61 11.28 40.51 -36.01
CA GLN A 61 12.21 39.81 -35.11
C GLN A 61 13.64 40.16 -35.48
N TRP A 62 14.32 40.98 -34.65
CA TRP A 62 15.72 41.35 -34.86
C TRP A 62 16.57 40.10 -34.65
N ILE A 63 17.36 39.73 -35.67
CA ILE A 63 18.20 38.52 -35.60
C ILE A 63 19.72 38.85 -35.69
N SER A 64 20.05 40.14 -35.82
CA SER A 64 21.41 40.69 -35.83
C SER A 64 21.35 42.18 -35.46
N ASP A 65 22.49 42.87 -35.53
CA ASP A 65 22.60 44.29 -35.24
C ASP A 65 22.00 45.16 -36.37
N HIS A 66 21.78 44.58 -37.57
CA HIS A 66 21.26 45.31 -38.75
C HIS A 66 20.20 44.55 -39.57
N GLU A 67 19.84 43.31 -39.17
CA GLU A 67 18.85 42.48 -39.87
C GLU A 67 17.65 42.08 -39.01
N TYR A 68 16.47 41.95 -39.66
CA TYR A 68 15.24 41.52 -39.00
C TYR A 68 14.38 40.63 -39.90
N LEU A 69 13.57 39.75 -39.28
CA LEU A 69 12.65 38.85 -39.98
C LEU A 69 11.22 39.36 -39.89
N TYR A 70 10.50 39.29 -41.01
CA TYR A 70 9.13 39.77 -41.11
C TYR A 70 8.28 38.78 -41.90
N LYS A 71 7.11 38.41 -41.35
CA LYS A 71 6.16 37.50 -41.98
C LYS A 71 5.15 38.32 -42.82
N GLN A 72 5.31 38.29 -44.16
CA GLN A 72 4.47 39.00 -45.13
C GLN A 72 3.91 38.00 -46.15
N GLU A 73 2.55 37.82 -46.15
CA GLU A 73 1.81 36.87 -47.02
C GLU A 73 2.32 35.44 -46.79
N ASN A 74 2.54 35.08 -45.49
CA ASN A 74 3.05 33.81 -44.98
C ASN A 74 4.50 33.49 -45.44
N ASN A 75 5.22 34.51 -45.97
CA ASN A 75 6.62 34.37 -46.36
C ASN A 75 7.44 35.02 -45.26
N ILE A 76 8.54 34.38 -44.86
CA ILE A 76 9.44 34.95 -43.86
C ILE A 76 10.50 35.68 -44.68
N LEU A 77 10.43 37.01 -44.70
CA LEU A 77 11.39 37.85 -45.43
C LEU A 77 12.44 38.35 -44.46
N LEU A 78 13.69 38.43 -44.93
CA LEU A 78 14.81 38.92 -44.15
C LEU A 78 15.11 40.32 -44.66
N PHE A 79 14.84 41.31 -43.82
CA PHE A 79 15.06 42.71 -44.17
C PHE A 79 16.38 43.18 -43.62
N ASN A 80 17.08 43.99 -44.41
CA ASN A 80 18.34 44.60 -44.05
C ASN A 80 18.03 46.07 -43.81
N ALA A 81 18.16 46.52 -42.55
CA ALA A 81 17.88 47.90 -42.15
C ALA A 81 18.96 48.85 -42.71
N GLU A 82 20.23 48.36 -42.77
CA GLU A 82 21.41 49.08 -43.23
C GLU A 82 21.29 49.59 -44.67
N TYR A 83 20.67 48.78 -45.57
CA TYR A 83 20.54 49.14 -47.00
C TYR A 83 19.09 49.29 -47.49
N GLY A 84 18.11 48.83 -46.70
CA GLY A 84 16.69 48.90 -47.04
C GLY A 84 16.12 47.68 -47.74
N ASN A 85 16.97 46.96 -48.49
CA ASN A 85 16.64 45.75 -49.27
C ASN A 85 16.19 44.55 -48.44
N SER A 86 15.36 43.68 -49.05
CA SER A 86 14.83 42.46 -48.44
C SER A 86 15.00 41.24 -49.35
N SER A 87 15.09 40.05 -48.76
CA SER A 87 15.23 38.76 -49.45
C SER A 87 14.34 37.72 -48.80
N ILE A 88 13.95 36.67 -49.54
CA ILE A 88 13.11 35.61 -48.97
C ILE A 88 13.97 34.67 -48.12
N PHE A 89 13.66 34.58 -46.81
CA PHE A 89 14.35 33.70 -45.86
C PHE A 89 13.70 32.32 -45.90
N LEU A 90 12.37 32.26 -45.96
CA LEU A 90 11.60 31.04 -46.08
C LEU A 90 10.32 31.37 -46.86
N GLU A 91 10.13 30.65 -47.99
CA GLU A 91 8.98 30.80 -48.89
C GLU A 91 7.71 30.27 -48.26
N ASN A 92 6.55 30.89 -48.60
CA ASN A 92 5.24 30.48 -48.10
C ASN A 92 4.83 29.09 -48.59
N SER A 93 5.51 28.61 -49.66
CA SER A 93 5.32 27.30 -50.27
C SER A 93 5.79 26.17 -49.33
N THR A 94 6.74 26.47 -48.41
CA THR A 94 7.26 25.54 -47.41
C THR A 94 6.22 25.34 -46.29
N PHE A 95 5.40 26.39 -46.01
CA PHE A 95 4.34 26.37 -45.00
C PHE A 95 3.18 25.48 -45.44
N ASP A 96 2.79 25.57 -46.72
CA ASP A 96 1.68 24.83 -47.32
C ASP A 96 1.95 23.31 -47.38
N GLU A 97 3.24 22.90 -47.45
CA GLU A 97 3.62 21.49 -47.51
C GLU A 97 3.86 20.86 -46.12
N LEU A 98 3.94 21.69 -45.03
CA LEU A 98 4.13 21.22 -43.65
C LEU A 98 3.01 20.25 -43.21
N GLY A 99 1.78 20.52 -43.65
CA GLY A 99 0.61 19.70 -43.33
C GLY A 99 -0.21 20.26 -42.18
N TYR A 100 0.22 21.41 -41.62
CA TYR A 100 -0.42 22.10 -40.51
C TYR A 100 -0.21 23.62 -40.58
N SER A 101 -1.09 24.38 -39.88
CA SER A 101 -1.04 25.84 -39.81
C SER A 101 0.08 26.31 -38.88
N THR A 102 0.98 27.16 -39.40
CA THR A 102 2.13 27.67 -38.64
C THR A 102 1.79 29.01 -37.97
N ASN A 103 1.29 28.93 -36.72
CA ASN A 103 0.93 30.08 -35.89
C ASN A 103 2.16 30.80 -35.32
N ASP A 104 3.30 30.09 -35.18
CA ASP A 104 4.54 30.65 -34.64
C ASP A 104 5.78 29.96 -35.21
N TYR A 105 6.85 30.76 -35.43
CA TYR A 105 8.14 30.32 -35.93
C TYR A 105 9.29 30.90 -35.09
N SER A 106 10.37 30.13 -34.94
CA SER A 106 11.55 30.55 -34.20
C SER A 106 12.79 30.08 -34.94
N VAL A 107 13.60 31.03 -35.40
CA VAL A 107 14.84 30.74 -36.11
C VAL A 107 15.96 30.62 -35.08
N SER A 108 16.83 29.60 -35.21
CA SER A 108 17.97 29.46 -34.32
C SER A 108 18.91 30.65 -34.52
N PRO A 109 19.57 31.17 -33.45
CA PRO A 109 20.46 32.34 -33.63
C PRO A 109 21.53 32.23 -34.73
N ASP A 110 21.99 30.99 -35.06
CA ASP A 110 22.98 30.78 -36.13
C ASP A 110 22.36 30.67 -37.53
N ARG A 111 21.01 30.84 -37.63
CA ARG A 111 20.22 30.81 -38.87
C ARG A 111 20.34 29.46 -39.63
N GLN A 112 20.73 28.39 -38.93
CA GLN A 112 20.89 27.04 -39.49
C GLN A 112 19.58 26.25 -39.40
N PHE A 113 18.69 26.60 -38.44
CA PHE A 113 17.43 25.88 -38.24
C PHE A 113 16.26 26.82 -37.97
N ILE A 114 15.05 26.28 -38.12
CA ILE A 114 13.81 26.98 -37.86
C ILE A 114 12.80 25.99 -37.20
N LEU A 115 12.24 26.44 -36.09
CA LEU A 115 11.28 25.73 -35.25
C LEU A 115 9.88 26.13 -35.66
N PHE A 116 9.01 25.15 -35.91
CA PHE A 116 7.63 25.40 -36.31
C PHE A 116 6.65 24.91 -35.27
N GLU A 117 5.79 25.83 -34.80
CA GLU A 117 4.76 25.60 -33.79
C GLU A 117 3.41 25.31 -34.46
N TYR A 118 2.83 24.15 -34.16
CA TYR A 118 1.52 23.69 -34.63
C TYR A 118 0.85 22.90 -33.50
N ASN A 119 -0.48 22.58 -33.65
CA ASN A 119 -1.29 21.88 -32.63
C ASN A 119 -1.35 22.69 -31.31
N TYR A 120 -1.55 24.02 -31.44
CA TYR A 120 -1.62 24.98 -30.34
C TYR A 120 -2.80 24.69 -29.40
N VAL A 121 -2.48 24.28 -28.15
CA VAL A 121 -3.48 23.99 -27.11
C VAL A 121 -3.24 24.95 -25.93
N LYS A 122 -3.97 26.08 -25.93
CA LYS A 122 -3.89 27.15 -24.91
C LYS A 122 -4.29 26.64 -23.51
N GLN A 123 -3.53 27.08 -22.48
CA GLN A 123 -3.79 26.73 -21.08
C GLN A 123 -4.28 27.99 -20.32
N TRP A 124 -3.37 28.79 -19.72
CA TRP A 124 -3.74 30.01 -18.99
C TRP A 124 -3.49 31.29 -19.85
N ARG A 125 -3.08 32.41 -19.22
CA ARG A 125 -2.84 33.70 -19.89
C ARG A 125 -1.68 33.68 -20.93
N HIS A 126 -0.57 32.98 -20.61
CA HIS A 126 0.63 32.88 -21.45
C HIS A 126 1.03 31.44 -21.79
N SER A 127 0.56 30.46 -20.98
CA SER A 127 0.84 29.03 -21.13
C SER A 127 0.07 28.33 -22.24
N TYR A 128 0.72 27.32 -22.86
CA TYR A 128 0.21 26.47 -23.94
C TYR A 128 1.11 25.25 -24.18
N THR A 129 0.52 24.14 -24.65
CA THR A 129 1.24 22.92 -25.04
C THR A 129 1.06 22.77 -26.54
N ALA A 130 2.14 22.46 -27.26
CA ALA A 130 2.10 22.32 -28.72
C ALA A 130 3.05 21.25 -29.27
N SER A 131 2.89 20.93 -30.56
CA SER A 131 3.73 19.98 -31.30
C SER A 131 4.73 20.80 -32.11
N TYR A 132 5.98 20.32 -32.21
CA TYR A 132 7.04 21.08 -32.88
C TYR A 132 7.80 20.28 -33.92
N ASP A 133 8.15 20.97 -35.01
CA ASP A 133 8.95 20.45 -36.11
C ASP A 133 10.17 21.35 -36.31
N ILE A 134 11.34 20.72 -36.58
CA ILE A 134 12.56 21.46 -36.84
C ILE A 134 12.87 21.27 -38.32
N TYR A 135 13.12 22.38 -39.00
CA TYR A 135 13.46 22.41 -40.40
C TYR A 135 14.88 22.95 -40.55
N ASP A 136 15.75 22.10 -41.11
CA ASP A 136 17.16 22.40 -41.38
C ASP A 136 17.21 23.35 -42.58
N LEU A 137 17.64 24.59 -42.35
CA LEU A 137 17.73 25.63 -43.39
C LEU A 137 18.93 25.43 -44.33
N ASN A 138 19.98 24.71 -43.87
CA ASN A 138 21.18 24.44 -44.69
C ASN A 138 20.86 23.43 -45.78
N LYS A 139 20.39 22.23 -45.39
CA LYS A 139 20.07 21.15 -46.31
C LYS A 139 18.58 21.19 -46.79
N ARG A 140 17.83 22.25 -46.42
CA ARG A 140 16.41 22.51 -46.75
C ARG A 140 15.51 21.26 -46.54
N GLN A 141 15.84 20.47 -45.51
CA GLN A 141 15.15 19.25 -45.11
C GLN A 141 14.50 19.46 -43.76
N LEU A 142 13.54 18.61 -43.42
CA LEU A 142 12.82 18.62 -42.15
C LEU A 142 13.48 17.53 -41.30
N ILE A 143 13.57 17.75 -39.98
CA ILE A 143 14.12 16.76 -39.05
C ILE A 143 13.03 15.72 -38.76
N THR A 144 13.31 14.47 -39.15
CA THR A 144 12.38 13.32 -39.04
C THR A 144 12.72 12.41 -37.87
N GLU A 145 14.02 12.29 -37.54
CA GLU A 145 14.48 11.46 -36.44
C GLU A 145 14.65 12.27 -35.16
N GLU A 146 14.43 11.62 -33.99
CA GLU A 146 14.55 12.20 -32.65
C GLU A 146 13.79 13.55 -32.50
N ARG A 147 12.56 13.60 -33.04
CA ARG A 147 11.66 14.77 -33.03
C ARG A 147 11.27 15.26 -31.63
N ILE A 148 10.78 16.52 -31.56
CA ILE A 148 10.31 17.13 -30.32
C ILE A 148 8.97 16.43 -30.00
N PRO A 149 8.76 15.94 -28.75
CA PRO A 149 7.53 15.21 -28.45
C PRO A 149 6.27 16.06 -28.48
N ASN A 150 5.13 15.38 -28.58
CA ASN A 150 3.80 15.96 -28.58
C ASN A 150 3.55 16.41 -27.13
N ASN A 151 2.84 17.54 -26.95
CA ASN A 151 2.47 18.13 -25.65
C ASN A 151 3.66 18.78 -24.96
N THR A 152 4.59 19.34 -25.76
CA THR A 152 5.76 20.07 -25.29
C THR A 152 5.24 21.41 -24.74
N GLN A 153 5.50 21.65 -23.45
CA GLN A 153 5.03 22.81 -22.71
C GLN A 153 5.74 24.10 -23.08
N TRP A 154 7.06 24.03 -23.31
CA TRP A 154 7.89 25.17 -23.68
C TRP A 154 9.12 24.68 -24.39
N ILE A 155 9.64 25.50 -25.31
CA ILE A 155 10.84 25.20 -26.08
C ILE A 155 11.56 26.50 -26.41
N THR A 156 12.89 26.46 -26.33
CA THR A 156 13.73 27.62 -26.61
C THR A 156 15.07 27.20 -27.17
N TRP A 157 15.58 28.02 -28.10
CA TRP A 157 16.91 27.85 -28.68
C TRP A 157 17.89 28.44 -27.68
N SER A 158 19.16 28.04 -27.76
CA SER A 158 20.22 28.64 -26.94
C SER A 158 20.46 30.06 -27.54
N PRO A 159 21.11 31.04 -26.86
CA PRO A 159 21.26 32.38 -27.46
C PRO A 159 22.25 32.42 -28.62
N VAL A 160 23.07 31.35 -28.75
CA VAL A 160 24.04 31.15 -29.83
C VAL A 160 23.90 29.70 -30.32
N GLY A 161 24.28 29.46 -31.56
CA GLY A 161 24.24 28.14 -32.17
C GLY A 161 22.83 27.62 -32.36
N HIS A 162 22.65 26.32 -32.09
CA HIS A 162 21.39 25.62 -32.31
C HIS A 162 21.04 24.56 -31.25
N LYS A 163 21.38 24.81 -29.97
CA LYS A 163 21.01 23.90 -28.88
C LYS A 163 19.54 24.17 -28.56
N LEU A 164 18.82 23.15 -28.12
CA LEU A 164 17.41 23.28 -27.75
C LEU A 164 17.19 22.81 -26.33
N ALA A 165 16.36 23.54 -25.61
CA ALA A 165 15.93 23.18 -24.27
C ALA A 165 14.41 23.20 -24.32
N TYR A 166 13.79 22.10 -23.92
CA TYR A 166 12.34 22.02 -23.91
C TYR A 166 11.81 21.37 -22.66
N VAL A 167 10.54 21.65 -22.39
CA VAL A 167 9.84 21.12 -21.23
C VAL A 167 8.77 20.17 -21.72
N TRP A 168 8.81 18.96 -21.20
CA TRP A 168 7.86 17.91 -21.55
C TRP A 168 7.56 17.10 -20.28
N ASN A 169 6.28 17.01 -19.90
CA ASN A 169 5.81 16.32 -18.69
C ASN A 169 6.48 16.87 -17.42
N ASN A 170 6.54 18.21 -17.34
CA ASN A 170 7.12 19.01 -16.26
C ASN A 170 8.66 18.78 -16.08
N ASP A 171 9.30 18.13 -17.06
CA ASP A 171 10.73 17.89 -17.03
C ASP A 171 11.50 18.58 -18.17
N ILE A 172 12.77 18.94 -17.89
CA ILE A 172 13.66 19.60 -18.84
C ILE A 172 14.47 18.57 -19.62
N TYR A 173 14.55 18.78 -20.93
CA TYR A 173 15.31 17.97 -21.87
C TYR A 173 16.15 18.91 -22.72
N VAL A 174 17.39 18.52 -23.02
CA VAL A 174 18.28 19.31 -23.85
C VAL A 174 18.71 18.53 -25.09
N LYS A 175 18.63 19.16 -26.26
CA LYS A 175 19.10 18.59 -27.52
C LYS A 175 20.27 19.47 -27.98
N ASN A 176 21.50 18.91 -27.96
CA ASN A 176 22.69 19.66 -28.40
C ASN A 176 22.67 19.86 -29.93
N GLU A 177 22.06 18.88 -30.63
CA GLU A 177 21.87 18.85 -32.08
C GLU A 177 20.40 18.47 -32.36
N PRO A 178 19.71 19.14 -33.32
CA PRO A 178 18.30 18.80 -33.58
C PRO A 178 18.04 17.38 -34.11
N ASN A 179 19.05 16.70 -34.68
CA ASN A 179 18.92 15.32 -35.19
C ASN A 179 19.27 14.29 -34.10
N LEU A 180 19.96 14.76 -33.05
CA LEU A 180 20.43 13.97 -31.91
C LEU A 180 19.35 13.77 -30.84
N SER A 181 19.49 12.70 -30.03
CA SER A 181 18.61 12.34 -28.93
C SER A 181 18.66 13.40 -27.82
N SER A 182 17.53 13.65 -27.16
CA SER A 182 17.48 14.60 -26.07
C SER A 182 17.99 14.00 -24.78
N GLN A 183 18.57 14.84 -23.93
CA GLN A 183 19.15 14.51 -22.65
C GLN A 183 18.26 15.01 -21.55
N ARG A 184 17.80 14.10 -20.67
CA ARG A 184 16.94 14.41 -19.54
C ARG A 184 17.71 15.16 -18.45
N ILE A 185 17.22 16.36 -18.07
CA ILE A 185 17.82 17.24 -17.08
C ILE A 185 17.20 17.03 -15.70
N THR A 186 15.89 16.84 -15.64
CA THR A 186 15.16 16.69 -14.38
C THR A 186 14.35 15.39 -14.32
N TRP A 187 14.19 14.84 -13.11
CA TRP A 187 13.46 13.60 -12.84
C TRP A 187 12.29 13.83 -11.88
N THR A 188 12.19 15.04 -11.33
CA THR A 188 11.23 15.43 -10.30
C THR A 188 9.83 15.86 -10.81
N GLY A 189 9.73 16.24 -12.08
CA GLY A 189 8.50 16.71 -12.71
C GLY A 189 7.31 15.82 -12.45
N LYS A 190 6.23 16.43 -12.00
CA LYS A 190 4.98 15.76 -11.67
C LYS A 190 3.82 16.72 -11.92
N GLU A 191 2.83 16.27 -12.73
CA GLU A 191 1.63 17.02 -13.10
C GLU A 191 0.97 17.61 -11.86
N ASN A 192 0.73 18.93 -11.86
CA ASN A 192 0.13 19.71 -10.77
C ASN A 192 0.96 19.78 -9.48
N VAL A 193 2.16 19.19 -9.44
CA VAL A 193 2.94 19.17 -8.21
C VAL A 193 4.32 19.84 -8.40
N ILE A 194 5.20 19.25 -9.22
CA ILE A 194 6.54 19.76 -9.47
C ILE A 194 6.65 20.26 -10.90
N TYR A 195 7.12 21.50 -11.08
CA TYR A 195 7.28 22.14 -12.40
C TYR A 195 8.73 22.54 -12.60
N ASN A 196 9.43 21.92 -13.54
CA ASN A 196 10.81 22.26 -13.85
C ASN A 196 10.85 22.96 -15.21
N GLY A 197 11.41 24.18 -15.25
CA GLY A 197 11.56 24.94 -16.49
C GLY A 197 10.33 25.69 -17.01
N VAL A 198 9.22 25.52 -16.33
CA VAL A 198 7.94 26.20 -16.58
C VAL A 198 7.36 26.68 -15.24
N THR A 199 6.65 27.79 -15.27
CA THR A 199 6.02 28.36 -14.09
C THR A 199 4.77 27.58 -13.66
N ASP A 200 4.41 27.71 -12.39
CA ASP A 200 3.17 27.14 -11.88
C ASP A 200 2.10 28.22 -12.20
N TRP A 201 0.85 28.06 -11.71
CA TRP A 201 -0.17 29.07 -12.00
C TRP A 201 0.20 30.51 -11.56
N VAL A 202 0.58 30.71 -10.28
CA VAL A 202 0.83 32.02 -9.69
C VAL A 202 2.13 32.71 -10.18
N TYR A 203 3.18 31.95 -10.55
CA TYR A 203 4.40 32.55 -11.06
C TYR A 203 4.17 33.06 -12.45
N GLU A 204 3.31 32.39 -13.21
CA GLU A 204 2.98 32.82 -14.55
C GLU A 204 2.12 34.09 -14.52
N GLU A 205 1.04 34.03 -13.76
CA GLU A 205 0.12 35.14 -13.71
C GLU A 205 0.68 36.40 -13.06
N GLU A 206 1.36 36.25 -11.90
CA GLU A 206 1.77 37.37 -11.07
C GLU A 206 3.25 37.69 -10.94
N VAL A 207 4.15 36.73 -11.18
CA VAL A 207 5.56 37.01 -10.94
C VAL A 207 6.34 37.29 -12.24
N PHE A 208 6.31 36.35 -13.19
CA PHE A 208 7.05 36.38 -14.44
C PHE A 208 6.26 36.93 -15.60
N SER A 209 4.93 36.79 -15.61
CA SER A 209 4.05 37.16 -16.73
C SER A 209 4.47 36.38 -18.01
N ALA A 210 4.92 35.14 -17.78
CA ALA A 210 5.43 34.21 -18.79
C ALA A 210 5.32 32.78 -18.26
N TYR A 211 5.22 31.81 -19.20
CA TYR A 211 5.15 30.39 -18.85
C TYR A 211 6.55 29.82 -18.63
N SER A 212 7.55 30.40 -19.28
CA SER A 212 8.94 29.98 -19.22
C SER A 212 9.63 30.28 -17.87
N ALA A 213 10.46 29.32 -17.43
CA ALA A 213 11.31 29.40 -16.23
C ALA A 213 12.67 28.73 -16.56
N LEU A 214 13.15 28.98 -17.79
CA LEU A 214 14.40 28.50 -18.38
C LEU A 214 15.17 29.69 -18.87
N TRP A 215 16.47 29.75 -18.56
CA TRP A 215 17.35 30.83 -18.98
C TRP A 215 18.71 30.28 -19.35
N TRP A 216 19.02 30.30 -20.64
CA TRP A 216 20.30 29.88 -21.19
C TRP A 216 21.29 31.00 -20.93
N SER A 217 22.57 30.65 -20.70
CA SER A 217 23.64 31.64 -20.54
C SER A 217 23.96 32.24 -21.94
N PRO A 218 24.59 33.44 -22.06
CA PRO A 218 24.84 34.04 -23.40
C PRO A 218 25.44 33.14 -24.49
N ASN A 219 26.40 32.27 -24.14
CA ASN A 219 27.06 31.37 -25.09
C ASN A 219 26.61 29.93 -24.94
N GLY A 220 25.46 29.73 -24.28
CA GLY A 220 24.80 28.45 -24.06
C GLY A 220 25.51 27.38 -23.25
N THR A 221 26.53 27.73 -22.46
CA THR A 221 27.28 26.79 -21.62
C THR A 221 26.37 26.25 -20.52
N PHE A 222 25.64 27.19 -19.88
CA PHE A 222 24.76 26.90 -18.79
C PHE A 222 23.30 27.09 -19.13
N LEU A 223 22.46 26.23 -18.53
CA LEU A 223 21.02 26.31 -18.61
C LEU A 223 20.52 26.45 -17.18
N ALA A 224 20.14 27.66 -16.83
CA ALA A 224 19.58 27.99 -15.52
C ALA A 224 18.07 27.74 -15.61
N TYR A 225 17.50 27.19 -14.53
CA TYR A 225 16.07 26.93 -14.45
C TYR A 225 15.56 27.01 -13.04
N ALA A 226 14.27 27.23 -12.92
CA ALA A 226 13.58 27.24 -11.63
C ALA A 226 12.70 26.00 -11.57
N GLN A 227 12.50 25.47 -10.35
CA GLN A 227 11.63 24.34 -10.06
C GLN A 227 10.65 24.84 -9.03
N PHE A 228 9.36 24.73 -9.36
CA PHE A 228 8.29 25.16 -8.49
C PHE A 228 7.64 23.94 -7.88
N ASN A 229 7.57 23.94 -6.56
CA ASN A 229 7.00 22.85 -5.81
C ASN A 229 5.65 23.29 -5.22
N ASP A 230 4.55 22.71 -5.73
CA ASP A 230 3.18 23.05 -5.32
C ASP A 230 2.50 21.99 -4.44
N THR A 231 3.30 21.09 -3.83
CA THR A 231 2.84 20.01 -2.92
C THR A 231 1.86 20.53 -1.86
N GLU A 232 2.24 21.58 -1.12
CA GLU A 232 1.45 22.12 -0.02
C GLU A 232 0.46 23.22 -0.41
N VAL A 233 0.37 23.56 -1.72
CA VAL A 233 -0.55 24.58 -2.21
C VAL A 233 -1.96 24.00 -2.33
N PRO A 234 -3.00 24.61 -1.70
CA PRO A 234 -4.35 24.06 -1.85
C PRO A 234 -4.85 24.19 -3.28
N LEU A 235 -5.78 23.32 -3.66
CA LEU A 235 -6.28 23.32 -5.03
C LEU A 235 -7.57 24.12 -5.19
N ILE A 236 -7.68 24.82 -6.31
CA ILE A 236 -8.94 25.44 -6.72
C ILE A 236 -9.60 24.40 -7.63
N GLU A 237 -10.84 24.07 -7.32
CA GLU A 237 -11.59 23.11 -8.09
C GLU A 237 -12.85 23.77 -8.60
N TYR A 238 -13.15 23.54 -9.88
CA TYR A 238 -14.33 24.04 -10.59
C TYR A 238 -14.67 23.08 -11.72
N SER A 239 -15.95 23.06 -12.11
CA SER A 239 -16.44 22.18 -13.17
C SER A 239 -16.18 22.76 -14.51
N PHE A 240 -15.76 21.89 -15.44
CA PHE A 240 -15.59 22.17 -16.86
C PHE A 240 -16.57 21.22 -17.53
N TYR A 241 -17.51 21.79 -18.28
CA TYR A 241 -18.61 21.06 -18.88
C TYR A 241 -18.27 20.42 -20.20
N SER A 242 -17.30 21.00 -20.93
CA SER A 242 -16.80 20.53 -22.22
C SER A 242 -17.90 20.51 -23.28
N ASP A 243 -17.69 19.78 -24.39
CA ASP A 243 -18.68 19.67 -25.45
C ASP A 243 -19.96 19.02 -24.92
N GLU A 244 -21.11 19.41 -25.49
CA GLU A 244 -22.45 18.92 -25.21
C GLU A 244 -22.50 17.38 -25.09
N SER A 245 -21.70 16.68 -25.89
CA SER A 245 -21.64 15.21 -25.92
C SER A 245 -21.08 14.61 -24.61
N LEU A 246 -20.28 15.38 -23.84
CA LEU A 246 -19.72 14.91 -22.58
C LEU A 246 -20.81 14.79 -21.52
N GLN A 247 -21.15 13.53 -21.17
CA GLN A 247 -22.22 13.17 -20.26
C GLN A 247 -22.04 13.69 -18.82
N TYR A 248 -20.82 13.57 -18.25
CA TYR A 248 -20.53 14.02 -16.89
C TYR A 248 -19.49 15.13 -16.96
N PRO A 249 -19.67 16.26 -16.23
CA PRO A 249 -18.66 17.32 -16.27
C PRO A 249 -17.37 16.87 -15.59
N LYS A 250 -16.24 17.45 -16.05
CA LYS A 250 -14.95 17.14 -15.46
C LYS A 250 -14.62 18.20 -14.42
N THR A 251 -13.85 17.81 -13.38
CA THR A 251 -13.44 18.73 -12.32
C THR A 251 -12.01 19.14 -12.59
N VAL A 252 -11.79 20.44 -12.84
CA VAL A 252 -10.45 20.99 -13.04
C VAL A 252 -9.91 21.25 -11.63
N ARG A 253 -8.67 20.82 -11.36
CA ARG A 253 -7.99 21.03 -10.07
C ARG A 253 -6.67 21.72 -10.35
N ILE A 254 -6.49 22.97 -9.86
CA ILE A 254 -5.27 23.74 -10.08
C ILE A 254 -4.69 24.13 -8.74
N PRO A 255 -3.38 23.89 -8.46
CA PRO A 255 -2.79 24.41 -7.20
C PRO A 255 -2.71 25.93 -7.36
N TYR A 256 -3.48 26.63 -6.53
CA TYR A 256 -3.63 28.08 -6.60
C TYR A 256 -3.60 28.60 -5.19
N PRO A 257 -2.59 29.41 -4.81
CA PRO A 257 -2.57 29.91 -3.43
C PRO A 257 -3.40 31.17 -3.28
N LYS A 258 -4.38 31.13 -2.38
CA LYS A 258 -5.21 32.32 -2.14
C LYS A 258 -4.52 33.11 -1.04
N ALA A 259 -4.94 34.37 -0.82
CA ALA A 259 -4.35 35.25 0.18
C ALA A 259 -4.15 34.57 1.53
N GLY A 260 -2.89 34.47 1.96
CA GLY A 260 -2.51 33.86 3.23
C GLY A 260 -2.27 32.36 3.21
N ALA A 261 -2.61 31.67 2.11
CA ALA A 261 -2.45 30.22 1.98
C ALA A 261 -1.00 29.81 1.73
N GLU A 262 -0.73 28.50 1.80
CA GLU A 262 0.59 27.93 1.54
C GLU A 262 0.98 28.20 0.09
N ASN A 263 2.15 28.78 -0.08
CA ASN A 263 2.68 29.21 -1.36
C ASN A 263 3.60 28.18 -2.01
N PRO A 264 3.77 28.20 -3.36
CA PRO A 264 4.72 27.29 -3.96
C PRO A 264 6.14 27.63 -3.52
N THR A 265 7.00 26.61 -3.35
CA THR A 265 8.39 26.85 -3.03
C THR A 265 9.17 26.84 -4.33
N VAL A 266 10.30 27.55 -4.36
CA VAL A 266 11.13 27.67 -5.55
C VAL A 266 12.58 27.24 -5.23
N LYS A 267 13.16 26.48 -6.17
CA LYS A 267 14.55 26.06 -6.19
C LYS A 267 15.13 26.58 -7.50
N PHE A 268 16.31 27.24 -7.46
CA PHE A 268 16.95 27.72 -8.68
C PHE A 268 18.26 26.96 -8.90
N PHE A 269 18.42 26.33 -10.08
CA PHE A 269 19.63 25.58 -10.42
C PHE A 269 20.30 26.13 -11.67
N VAL A 270 21.60 25.91 -11.78
CA VAL A 270 22.37 26.20 -12.97
C VAL A 270 22.95 24.85 -13.40
N VAL A 271 22.59 24.38 -14.61
CA VAL A 271 23.08 23.13 -15.19
C VAL A 271 24.24 23.44 -16.15
N ASP A 272 25.34 22.71 -16.02
CA ASP A 272 26.48 22.80 -16.91
C ASP A 272 26.18 21.82 -18.07
N THR A 273 25.73 22.36 -19.24
CA THR A 273 25.31 21.55 -20.40
C THR A 273 26.48 20.80 -21.07
N ARG A 274 27.73 21.17 -20.76
CA ARG A 274 28.92 20.54 -21.35
C ARG A 274 29.10 19.08 -20.99
N THR A 275 28.69 18.68 -19.78
CA THR A 275 28.81 17.30 -19.28
C THR A 275 27.60 16.41 -19.65
N LEU A 276 26.64 16.95 -20.44
CA LEU A 276 25.48 16.20 -20.87
C LEU A 276 25.87 15.09 -21.84
N SER A 277 25.67 13.85 -21.39
CA SER A 277 25.99 12.62 -22.08
C SER A 277 24.98 11.55 -21.62
N PRO A 278 24.57 10.58 -22.49
CA PRO A 278 23.56 9.60 -22.06
C PRO A 278 23.92 8.79 -20.81
N ASN A 279 25.19 8.44 -20.61
CA ASN A 279 25.61 7.66 -19.45
C ASN A 279 26.25 8.51 -18.33
N ALA A 280 25.97 9.82 -18.33
CA ALA A 280 26.49 10.74 -17.33
C ALA A 280 25.35 11.35 -16.53
N SER A 281 25.65 11.72 -15.28
CA SER A 281 24.72 12.39 -14.39
C SER A 281 24.64 13.85 -14.83
N VAL A 282 23.62 14.56 -14.38
CA VAL A 282 23.48 15.98 -14.68
C VAL A 282 24.32 16.76 -13.66
N THR A 283 25.19 17.68 -14.16
CA THR A 283 25.99 18.57 -13.35
C THR A 283 25.13 19.83 -13.14
N SER A 284 24.71 20.06 -11.90
CA SER A 284 23.92 21.23 -11.58
C SER A 284 24.25 21.76 -10.20
N TYR A 285 24.11 23.07 -10.04
CA TYR A 285 24.37 23.76 -8.79
C TYR A 285 23.13 24.53 -8.43
N GLN A 286 22.67 24.35 -7.21
CA GLN A 286 21.51 25.04 -6.70
C GLN A 286 21.93 26.35 -6.04
N ILE A 287 21.42 27.47 -6.56
CA ILE A 287 21.69 28.79 -5.99
C ILE A 287 20.54 29.11 -5.06
N VAL A 288 20.88 29.23 -3.77
CA VAL A 288 19.92 29.56 -2.70
C VAL A 288 19.85 31.10 -2.52
N PRO A 289 18.69 31.69 -2.15
CA PRO A 289 18.65 33.15 -1.96
C PRO A 289 19.52 33.62 -0.78
N PRO A 290 19.87 34.94 -0.68
CA PRO A 290 20.63 35.39 0.48
C PRO A 290 19.85 35.17 1.78
N ALA A 291 20.55 35.04 2.90
CA ALA A 291 19.99 34.80 4.23
C ALA A 291 18.81 35.70 4.61
N SER A 292 18.85 36.99 4.21
CA SER A 292 17.85 38.00 4.49
C SER A 292 16.47 37.71 3.86
N VAL A 293 16.45 36.88 2.82
CA VAL A 293 15.24 36.46 2.09
C VAL A 293 14.91 34.98 2.41
N LEU A 294 15.96 34.15 2.59
CA LEU A 294 15.91 32.72 2.90
C LEU A 294 15.31 32.38 4.27
N ILE A 295 15.24 33.35 5.20
CA ILE A 295 14.70 33.16 6.56
C ILE A 295 13.18 32.90 6.58
N GLY A 296 12.49 33.27 5.51
CA GLY A 296 11.05 33.10 5.40
C GLY A 296 10.60 32.82 3.98
N ASP A 297 9.29 32.94 3.74
CA ASP A 297 8.70 32.72 2.43
C ASP A 297 9.15 33.81 1.47
N HIS A 298 9.60 33.39 0.30
CA HIS A 298 10.12 34.28 -0.71
C HIS A 298 9.67 33.88 -2.12
N TYR A 299 10.09 34.67 -3.11
CA TYR A 299 9.86 34.45 -4.52
C TYR A 299 11.12 34.83 -5.29
N LEU A 300 11.32 34.15 -6.42
CA LEU A 300 12.33 34.48 -7.40
C LEU A 300 11.53 35.35 -8.37
N CYS A 301 11.92 36.61 -8.54
CA CYS A 301 11.13 37.45 -9.44
C CYS A 301 11.86 37.84 -10.73
N GLY A 302 13.16 37.57 -10.80
CA GLY A 302 13.97 37.90 -11.95
C GLY A 302 15.28 37.16 -12.06
N VAL A 303 15.65 36.82 -13.32
CA VAL A 303 16.88 36.12 -13.67
C VAL A 303 17.50 36.86 -14.86
N THR A 304 18.76 37.30 -14.70
CA THR A 304 19.50 38.03 -15.73
C THR A 304 20.92 37.51 -15.79
N TRP A 305 21.29 36.94 -16.93
CA TRP A 305 22.64 36.50 -17.19
C TRP A 305 23.44 37.77 -17.48
N VAL A 306 24.59 37.92 -16.83
CA VAL A 306 25.43 39.12 -16.97
C VAL A 306 26.55 38.79 -17.99
N THR A 307 27.30 37.71 -17.72
CA THR A 307 28.35 37.12 -18.55
C THR A 307 28.15 35.60 -18.46
N GLU A 308 29.05 34.83 -19.09
CA GLU A 308 28.99 33.35 -19.06
C GLU A 308 29.24 32.79 -17.67
N GLU A 309 29.95 33.57 -16.83
CA GLU A 309 30.34 33.17 -15.49
C GLU A 309 29.76 34.06 -14.41
N ARG A 310 28.73 34.87 -14.74
CA ARG A 310 28.07 35.78 -13.81
C ARG A 310 26.56 35.85 -14.08
N ILE A 311 25.74 35.53 -13.06
CA ILE A 311 24.30 35.55 -13.13
C ILE A 311 23.74 36.45 -12.00
N SER A 312 22.70 37.24 -12.31
CA SER A 312 22.02 38.12 -11.38
C SER A 312 20.64 37.53 -11.06
N LEU A 313 20.39 37.30 -9.77
CA LEU A 313 19.12 36.78 -9.32
C LEU A 313 18.41 37.82 -8.50
N GLN A 314 17.12 38.05 -8.79
CA GLN A 314 16.34 39.00 -8.04
C GLN A 314 15.31 38.23 -7.21
N TRP A 315 15.45 38.32 -5.89
CA TRP A 315 14.57 37.68 -4.94
C TRP A 315 13.77 38.73 -4.21
N ILE A 316 12.54 38.39 -3.88
CA ILE A 316 11.64 39.24 -3.13
C ILE A 316 11.08 38.38 -2.01
N ARG A 317 10.86 38.97 -0.83
CA ARG A 317 10.22 38.32 0.32
C ARG A 317 8.73 38.21 -0.02
N ARG A 318 7.99 37.29 0.65
CA ARG A 318 6.56 37.14 0.44
C ARG A 318 5.80 38.47 0.67
N ALA A 319 6.22 39.26 1.68
CA ALA A 319 5.65 40.58 2.00
C ALA A 319 5.71 41.56 0.80
N GLN A 320 6.79 41.48 0.00
CA GLN A 320 7.03 42.25 -1.24
C GLN A 320 7.37 43.75 -1.03
N ASN A 321 8.02 44.04 0.10
CA ASN A 321 8.47 45.38 0.47
C ASN A 321 9.99 45.32 0.72
N TYR A 322 10.60 44.18 0.34
CA TYR A 322 12.01 43.86 0.49
C TYR A 322 12.42 42.96 -0.66
N SER A 323 13.34 43.48 -1.47
CA SER A 323 13.89 42.84 -2.65
C SER A 323 15.41 42.86 -2.55
N ILE A 324 16.08 41.88 -3.17
CA ILE A 324 17.53 41.81 -3.15
C ILE A 324 18.06 41.16 -4.42
N ILE A 325 19.00 41.86 -5.06
CA ILE A 325 19.70 41.40 -6.26
C ILE A 325 20.98 40.72 -5.76
N ASP A 326 21.13 39.43 -6.08
CA ASP A 326 22.29 38.64 -5.71
C ASP A 326 23.00 38.26 -7.01
N ILE A 327 24.23 38.77 -7.17
CA ILE A 327 25.06 38.57 -8.36
C ILE A 327 26.08 37.46 -8.05
N CYS A 328 25.86 36.28 -8.62
CA CYS A 328 26.67 35.08 -8.37
C CYS A 328 27.68 34.83 -9.45
N ASP A 329 28.91 34.52 -9.04
CA ASP A 329 30.04 34.25 -9.91
C ASP A 329 30.43 32.75 -9.92
N TYR A 330 30.68 32.20 -11.12
CA TYR A 330 31.08 30.81 -11.32
C TYR A 330 32.52 30.57 -10.90
N ASP A 331 32.74 29.56 -10.04
CA ASP A 331 34.06 29.14 -9.59
C ASP A 331 34.47 28.00 -10.49
N GLU A 332 35.47 28.23 -11.32
CA GLU A 332 35.95 27.26 -12.31
C GLU A 332 36.49 25.96 -11.72
N SER A 333 37.12 26.02 -10.55
CA SER A 333 37.74 24.87 -9.89
C SER A 333 36.75 23.91 -9.19
N THR A 334 35.55 24.40 -8.84
CA THR A 334 34.55 23.63 -8.11
C THR A 334 33.18 23.52 -8.80
N GLY A 335 32.89 24.38 -9.76
CA GLY A 335 31.61 24.37 -10.45
C GLY A 335 30.50 25.09 -9.69
N ARG A 336 30.84 25.69 -8.55
CA ARG A 336 29.92 26.44 -7.68
C ARG A 336 29.62 27.83 -8.23
N TRP A 337 28.46 28.38 -7.88
CA TRP A 337 28.06 29.76 -8.19
C TRP A 337 28.05 30.47 -6.86
N ILE A 338 29.14 31.20 -6.59
CA ILE A 338 29.40 31.87 -5.33
C ILE A 338 28.85 33.31 -5.27
N SER A 339 28.13 33.59 -4.18
CA SER A 339 27.57 34.90 -3.93
C SER A 339 28.42 35.64 -2.89
N SER A 340 28.35 36.96 -2.90
CA SER A 340 29.10 37.85 -2.00
C SER A 340 28.20 38.96 -1.51
N VAL A 341 28.36 39.34 -0.22
CA VAL A 341 27.61 40.42 0.43
C VAL A 341 27.79 41.73 -0.37
N ALA A 342 29.02 41.99 -0.85
CA ALA A 342 29.39 43.16 -1.67
C ALA A 342 28.57 43.24 -2.96
N ARG A 343 28.23 42.08 -3.54
CA ARG A 343 27.47 41.96 -4.78
C ARG A 343 25.94 41.89 -4.55
N GLN A 344 25.49 42.16 -3.31
CA GLN A 344 24.08 42.15 -2.97
C GLN A 344 23.51 43.56 -2.90
N HIS A 345 22.37 43.77 -3.60
CA HIS A 345 21.69 45.06 -3.69
C HIS A 345 20.26 44.97 -3.22
N ILE A 346 20.00 45.59 -2.06
CA ILE A 346 18.70 45.61 -1.41
C ILE A 346 17.88 46.80 -1.88
N GLU A 347 16.58 46.56 -2.09
CA GLU A 347 15.59 47.56 -2.44
C GLU A 347 14.43 47.33 -1.46
N ILE A 348 14.14 48.36 -0.63
CA ILE A 348 13.12 48.35 0.43
C ILE A 348 12.06 49.43 0.20
N SER A 349 10.80 49.15 0.55
CA SER A 349 9.70 50.11 0.50
C SER A 349 9.04 50.12 1.87
N THR A 350 8.96 51.31 2.49
CA THR A 350 8.34 51.49 3.80
C THR A 350 6.93 52.03 3.63
N THR A 351 6.67 52.67 2.46
CA THR A 351 5.41 53.32 2.08
C THR A 351 4.45 52.38 1.36
N GLY A 352 4.96 51.26 0.84
CA GLY A 352 4.16 50.28 0.15
C GLY A 352 4.97 49.09 -0.32
N TRP A 353 4.83 48.76 -1.60
CA TRP A 353 5.51 47.64 -2.25
C TRP A 353 6.69 48.08 -3.12
N VAL A 354 7.59 47.14 -3.43
CA VAL A 354 8.77 47.37 -4.27
C VAL A 354 8.35 47.29 -5.76
N GLY A 355 8.78 48.28 -6.55
CA GLY A 355 8.47 48.37 -7.97
C GLY A 355 7.03 48.72 -8.28
N ARG A 356 6.59 48.40 -9.51
CA ARG A 356 5.23 48.67 -9.97
C ARG A 356 4.32 47.46 -9.70
N PHE A 357 4.68 46.29 -10.27
CA PHE A 357 3.99 45.03 -10.07
C PHE A 357 5.03 43.99 -9.61
N ARG A 358 6.30 44.42 -9.59
CA ARG A 358 7.50 43.66 -9.25
C ARG A 358 8.67 44.63 -9.28
N PRO A 359 9.79 44.36 -8.58
CA PRO A 359 10.96 45.27 -8.71
C PRO A 359 11.44 45.33 -10.17
N ALA A 360 11.95 46.50 -10.60
CA ALA A 360 12.44 46.67 -11.98
C ALA A 360 13.68 45.81 -12.22
N GLU A 361 13.87 45.37 -13.47
CA GLU A 361 14.99 44.49 -13.82
C GLU A 361 16.32 45.23 -13.98
N PRO A 362 17.45 44.66 -13.51
CA PRO A 362 18.74 45.33 -13.69
C PRO A 362 19.23 45.21 -15.14
N HIS A 363 19.81 46.29 -15.69
CA HIS A 363 20.35 46.33 -17.04
C HIS A 363 21.86 46.51 -16.95
N PHE A 364 22.60 45.38 -17.09
CA PHE A 364 24.06 45.31 -16.97
C PHE A 364 24.85 45.77 -18.17
N THR A 365 26.08 46.25 -17.91
CA THR A 365 27.07 46.61 -18.94
C THR A 365 27.65 45.28 -19.49
N SER A 366 28.31 45.31 -20.66
CA SER A 366 28.90 44.11 -21.28
C SER A 366 29.89 43.37 -20.35
N ASP A 367 30.68 44.15 -19.58
CA ASP A 367 31.68 43.67 -18.62
C ASP A 367 31.00 43.10 -17.38
N GLY A 368 29.84 43.65 -17.06
CA GLY A 368 29.04 43.26 -15.90
C GLY A 368 29.53 43.82 -14.57
N ASN A 369 30.37 44.87 -14.61
CA ASN A 369 30.91 45.50 -13.40
C ASN A 369 30.02 46.62 -12.87
N SER A 370 29.00 47.01 -13.66
CA SER A 370 28.02 48.01 -13.25
C SER A 370 26.65 47.73 -13.92
N PHE A 371 25.57 48.25 -13.35
CA PHE A 371 24.22 48.07 -13.93
C PHE A 371 23.35 49.31 -13.74
N TYR A 372 22.28 49.40 -14.53
CA TYR A 372 21.32 50.50 -14.51
C TYR A 372 19.96 49.91 -14.20
N LYS A 373 19.26 50.48 -13.20
CA LYS A 373 17.96 49.99 -12.78
C LYS A 373 17.04 51.13 -12.33
N ILE A 374 15.73 50.98 -12.65
CA ILE A 374 14.70 51.92 -12.24
C ILE A 374 14.34 51.66 -10.78
N ILE A 375 14.52 52.67 -9.93
CA ILE A 375 14.17 52.63 -8.51
C ILE A 375 13.49 53.97 -8.19
N SER A 376 12.77 54.04 -7.07
CA SER A 376 12.11 55.27 -6.63
C SER A 376 13.14 56.17 -6.02
N ASN A 377 13.09 57.47 -6.38
CA ASN A 377 13.99 58.46 -5.84
C ASN A 377 13.44 59.06 -4.52
N GLU A 378 14.11 60.10 -3.99
CA GLU A 378 13.72 60.78 -2.74
C GLU A 378 12.35 61.44 -2.85
N GLU A 379 11.93 61.85 -4.07
CA GLU A 379 10.66 62.49 -4.39
C GLU A 379 9.53 61.48 -4.66
N GLY A 380 9.87 60.20 -4.71
CA GLY A 380 8.92 59.13 -4.99
C GLY A 380 8.77 58.75 -6.46
N TYR A 381 9.55 59.39 -7.34
CA TYR A 381 9.47 59.11 -8.77
C TYR A 381 10.44 58.06 -9.26
N LYS A 382 9.99 57.16 -10.15
CA LYS A 382 10.79 56.08 -10.74
C LYS A 382 11.72 56.65 -11.83
N HIS A 383 13.03 56.65 -11.53
CA HIS A 383 14.11 57.16 -12.39
C HIS A 383 15.25 56.16 -12.50
N ILE A 384 16.15 56.33 -13.47
CA ILE A 384 17.24 55.38 -13.64
C ILE A 384 18.40 55.68 -12.67
N CYS A 385 18.79 54.65 -11.88
CA CYS A 385 19.93 54.70 -10.96
C CYS A 385 21.05 53.83 -11.51
N HIS A 386 22.26 54.35 -11.49
CA HIS A 386 23.45 53.64 -11.92
C HIS A 386 24.13 53.03 -10.69
N PHE A 387 24.25 51.71 -10.69
CA PHE A 387 24.86 50.94 -9.60
C PHE A 387 26.13 50.28 -10.05
N GLN A 388 27.04 50.07 -9.10
CA GLN A 388 28.26 49.32 -9.31
C GLN A 388 27.97 47.95 -8.72
N THR A 389 28.37 46.88 -9.42
CA THR A 389 28.12 45.49 -9.02
C THR A 389 28.62 45.17 -7.59
N ASP A 390 29.81 45.68 -7.19
CA ASP A 390 30.36 45.40 -5.85
C ASP A 390 30.23 46.57 -4.84
N LYS A 391 29.39 47.58 -5.13
CA LYS A 391 29.16 48.73 -4.26
C LYS A 391 27.66 48.93 -4.00
N SER A 392 27.32 49.40 -2.78
CA SER A 392 25.93 49.62 -2.34
C SER A 392 25.27 50.90 -2.89
N ASN A 393 26.05 51.98 -3.01
CA ASN A 393 25.60 53.29 -3.49
C ASN A 393 25.25 53.34 -4.98
N CYS A 394 24.21 54.11 -5.33
CA CYS A 394 23.82 54.34 -6.72
C CYS A 394 23.70 55.82 -7.03
N THR A 395 23.79 56.17 -8.32
CA THR A 395 23.71 57.54 -8.78
C THR A 395 22.54 57.68 -9.74
N PHE A 396 21.60 58.57 -9.42
CA PHE A 396 20.46 58.82 -10.29
C PHE A 396 20.89 59.56 -11.53
N ILE A 397 20.58 59.01 -12.71
CA ILE A 397 20.94 59.58 -14.01
C ILE A 397 19.74 60.37 -14.61
N THR A 398 18.51 60.13 -14.11
CA THR A 398 17.31 60.89 -14.55
C THR A 398 16.69 61.53 -13.31
N LYS A 399 15.85 62.57 -13.51
CA LYS A 399 15.14 63.32 -12.44
C LYS A 399 14.00 64.15 -13.01
N GLY A 400 12.99 64.42 -12.18
CA GLY A 400 11.82 65.21 -12.57
C GLY A 400 10.51 64.65 -12.06
N ALA A 401 9.44 65.49 -12.10
CA ALA A 401 8.08 65.10 -11.69
C ALA A 401 7.38 64.40 -12.86
N TRP A 402 7.95 63.25 -13.22
CA TRP A 402 7.58 62.29 -14.28
C TRP A 402 8.32 60.99 -13.99
N GLU A 403 8.05 59.94 -14.75
CA GLU A 403 8.66 58.65 -14.48
C GLU A 403 9.23 57.99 -15.69
N VAL A 404 10.26 57.17 -15.48
CA VAL A 404 10.87 56.32 -16.49
C VAL A 404 10.06 55.02 -16.45
N ILE A 405 9.54 54.61 -17.61
CA ILE A 405 8.73 53.40 -17.75
C ILE A 405 9.62 52.16 -17.83
N GLY A 406 10.64 52.22 -18.69
CA GLY A 406 11.58 51.12 -18.89
C GLY A 406 12.86 51.48 -19.61
N ILE A 407 13.94 50.72 -19.32
CA ILE A 407 15.23 50.84 -19.99
C ILE A 407 15.11 49.90 -21.19
N GLU A 408 15.20 50.46 -22.41
CA GLU A 408 15.05 49.69 -23.64
C GLU A 408 16.34 49.04 -24.14
N ALA A 409 17.41 49.85 -24.25
CA ALA A 409 18.70 49.40 -24.74
C ALA A 409 19.85 50.07 -23.98
N LEU A 410 21.02 49.42 -23.97
CA LEU A 410 22.20 49.92 -23.30
C LEU A 410 23.45 49.58 -24.10
N THR A 411 24.20 50.64 -24.48
CA THR A 411 25.47 50.55 -25.18
C THR A 411 26.55 51.11 -24.25
N SER A 412 27.81 51.11 -24.70
CA SER A 412 28.91 51.63 -23.90
C SER A 412 28.79 53.15 -23.70
N ASP A 413 28.16 53.83 -24.67
CA ASP A 413 28.00 55.29 -24.68
C ASP A 413 26.60 55.79 -24.34
N TYR A 414 25.56 55.04 -24.70
CA TYR A 414 24.18 55.48 -24.50
C TYR A 414 23.27 54.49 -23.80
N LEU A 415 22.22 55.03 -23.18
CA LEU A 415 21.12 54.30 -22.60
C LEU A 415 19.84 54.83 -23.25
N TYR A 416 19.00 53.92 -23.74
CA TYR A 416 17.73 54.28 -24.36
C TYR A 416 16.61 53.87 -23.41
N TYR A 417 15.63 54.78 -23.21
CA TYR A 417 14.52 54.55 -22.28
C TYR A 417 13.22 55.21 -22.73
N ILE A 418 12.09 54.68 -22.20
CA ILE A 418 10.74 55.20 -22.40
C ILE A 418 10.34 55.95 -21.13
N SER A 419 9.73 57.13 -21.29
CA SER A 419 9.25 57.95 -20.18
C SER A 419 8.03 58.76 -20.60
N ASN A 420 7.31 59.31 -19.61
CA ASN A 420 6.11 60.12 -19.81
C ASN A 420 6.38 61.60 -19.55
N GLU A 421 7.64 62.03 -19.72
CA GLU A 421 8.08 63.39 -19.49
C GLU A 421 7.41 64.43 -20.41
N HIS A 422 7.30 64.12 -21.71
CA HIS A 422 6.78 65.03 -22.73
C HIS A 422 5.43 65.63 -22.41
N LYS A 423 5.35 66.98 -22.44
CA LYS A 423 4.18 67.83 -22.18
C LYS A 423 3.56 67.61 -20.79
N GLY A 424 4.33 66.99 -19.89
CA GLY A 424 3.91 66.64 -18.54
C GLY A 424 2.74 65.69 -18.49
N MET A 425 2.57 64.88 -19.57
CA MET A 425 1.47 63.92 -19.74
C MET A 425 1.86 62.53 -19.26
N PRO A 426 1.32 62.04 -18.12
CA PRO A 426 1.68 60.69 -17.66
C PRO A 426 1.13 59.56 -18.55
N GLY A 427 0.16 59.89 -19.41
CA GLY A 427 -0.47 58.98 -20.36
C GLY A 427 0.17 58.98 -21.74
N GLY A 428 1.31 59.66 -21.86
CA GLY A 428 2.12 59.73 -23.06
C GLY A 428 3.36 58.89 -22.86
N ARG A 429 3.97 58.39 -23.96
CA ARG A 429 5.20 57.62 -23.89
C ARG A 429 6.11 58.05 -25.02
N ASN A 430 7.38 58.33 -24.70
CA ASN A 430 8.35 58.74 -25.71
C ASN A 430 9.72 58.10 -25.49
N LEU A 431 10.48 57.91 -26.58
CA LEU A 431 11.82 57.33 -26.51
C LEU A 431 12.83 58.43 -26.33
N TYR A 432 13.68 58.23 -25.32
CA TYR A 432 14.73 59.13 -24.95
C TYR A 432 16.06 58.40 -24.94
N ARG A 433 17.13 59.13 -25.22
CA ARG A 433 18.49 58.61 -25.17
C ARG A 433 19.34 59.52 -24.26
N ILE A 434 20.01 58.92 -23.27
CA ILE A 434 20.87 59.61 -22.32
C ILE A 434 22.34 59.22 -22.54
N GLN A 435 23.23 60.22 -22.54
CA GLN A 435 24.67 60.00 -22.72
C GLN A 435 25.27 59.57 -21.38
N LEU A 436 25.88 58.37 -21.34
CA LEU A 436 26.42 57.79 -20.11
C LEU A 436 27.61 58.56 -19.49
N ASN A 437 28.35 59.36 -20.28
CA ASN A 437 29.46 60.16 -19.75
C ASN A 437 29.00 61.60 -19.36
N ASP A 438 27.74 61.96 -19.70
CA ASP A 438 27.15 63.27 -19.46
C ASP A 438 25.61 63.16 -19.40
N TYR A 439 25.09 62.98 -18.18
CA TYR A 439 23.68 62.80 -17.88
C TYR A 439 22.80 64.04 -18.20
N THR A 440 23.43 65.17 -18.56
CA THR A 440 22.73 66.40 -18.95
C THR A 440 22.30 66.31 -20.41
N LYS A 441 23.05 65.50 -21.20
CA LYS A 441 22.79 65.30 -22.62
C LYS A 441 21.73 64.22 -22.83
N VAL A 442 20.47 64.64 -22.83
CA VAL A 442 19.29 63.81 -23.03
C VAL A 442 18.56 64.28 -24.28
N THR A 443 18.32 63.36 -25.22
CA THR A 443 17.62 63.65 -26.48
C THR A 443 16.31 62.86 -26.56
N CYS A 444 15.19 63.53 -26.92
CA CYS A 444 13.95 62.82 -27.16
C CYS A 444 13.92 62.44 -28.64
N LEU A 445 14.06 61.16 -28.90
CA LEU A 445 14.11 60.61 -30.25
C LEU A 445 12.76 60.60 -30.98
N SER A 446 11.64 60.49 -30.24
CA SER A 446 10.30 60.38 -30.83
C SER A 446 9.34 61.59 -30.64
N CYS A 447 9.57 62.45 -29.64
CA CYS A 447 8.74 63.60 -29.25
C CYS A 447 8.10 64.40 -30.38
N GLU A 448 8.92 64.92 -31.30
CA GLU A 448 8.42 65.81 -32.35
C GLU A 448 8.41 65.20 -33.77
N LEU A 449 8.27 63.87 -33.88
CA LEU A 449 8.18 63.18 -35.18
C LEU A 449 6.84 63.52 -35.84
N ASN A 450 5.73 63.26 -35.13
CA ASN A 450 4.34 63.56 -35.50
C ASN A 450 3.71 64.00 -34.17
N PRO A 451 3.90 65.27 -33.72
CA PRO A 451 3.42 65.65 -32.38
C PRO A 451 1.91 65.54 -32.16
N GLU A 452 1.09 65.75 -33.20
CA GLU A 452 -0.37 65.68 -33.09
C GLU A 452 -0.89 64.25 -33.17
N ARG A 453 -0.28 63.43 -34.03
CA ARG A 453 -0.66 62.03 -34.28
C ARG A 453 -0.04 61.04 -33.30
N CYS A 454 1.20 61.31 -32.86
CA CYS A 454 1.98 60.38 -32.06
C CYS A 454 2.51 60.92 -30.75
N GLN A 455 1.93 60.41 -29.65
CA GLN A 455 2.28 60.76 -28.26
C GLN A 455 2.52 59.51 -27.39
N TYR A 456 2.26 58.31 -27.93
CA TYR A 456 2.41 57.04 -27.20
C TYR A 456 3.27 56.10 -28.01
N TYR A 457 4.49 55.88 -27.53
CA TYR A 457 5.48 55.09 -28.23
C TYR A 457 6.03 53.91 -27.46
N SER A 458 6.44 52.90 -28.22
CA SER A 458 7.12 51.69 -27.78
C SER A 458 8.29 51.55 -28.77
N ALA A 459 9.37 50.87 -28.36
CA ALA A 459 10.52 50.67 -29.23
C ALA A 459 11.12 49.27 -29.16
N SER A 460 11.70 48.81 -30.28
CA SER A 460 12.37 47.53 -30.41
C SER A 460 13.74 47.81 -31.03
N PHE A 461 14.83 47.50 -30.31
CA PHE A 461 16.19 47.74 -30.77
C PHE A 461 16.84 46.51 -31.37
N SER A 462 17.79 46.73 -32.30
CA SER A 462 18.59 45.69 -32.92
C SER A 462 19.61 45.18 -31.87
N ASN A 463 20.33 44.08 -32.19
CA ASN A 463 21.28 43.42 -31.29
C ASN A 463 22.34 44.34 -30.63
N LYS A 464 22.87 45.35 -31.33
CA LYS A 464 23.84 46.25 -30.71
C LYS A 464 23.27 47.68 -30.54
N ALA A 465 21.94 47.79 -30.60
CA ALA A 465 21.12 49.00 -30.54
C ALA A 465 21.48 49.99 -31.66
N LYS A 466 21.86 49.46 -32.84
CA LYS A 466 22.26 50.22 -34.02
C LYS A 466 21.06 50.75 -34.80
N TYR A 467 19.94 50.04 -34.69
CA TYR A 467 18.69 50.39 -35.34
C TYR A 467 17.57 50.14 -34.37
N TYR A 468 16.46 50.83 -34.59
CA TYR A 468 15.26 50.65 -33.78
C TYR A 468 13.99 50.88 -34.56
N GLN A 469 12.98 50.09 -34.22
CA GLN A 469 11.64 50.23 -34.75
C GLN A 469 10.91 51.06 -33.70
N LEU A 470 10.16 52.07 -34.14
CA LEU A 470 9.36 52.89 -33.26
C LEU A 470 7.90 52.58 -33.56
N ARG A 471 7.16 52.24 -32.51
CA ARG A 471 5.75 51.88 -32.57
C ARG A 471 4.94 53.00 -31.93
N CYS A 472 4.16 53.72 -32.73
CA CYS A 472 3.29 54.81 -32.31
C CYS A 472 1.90 54.18 -32.16
N PHE A 473 1.26 54.40 -31.01
CA PHE A 473 -0.03 53.80 -30.77
C PHE A 473 -1.19 54.78 -30.72
N GLY A 474 -0.91 56.07 -30.78
CA GLY A 474 -1.93 57.12 -30.74
C GLY A 474 -1.41 58.49 -30.34
N PRO A 475 -2.29 59.53 -30.22
CA PRO A 475 -3.77 59.54 -30.36
C PRO A 475 -4.33 59.24 -31.75
N GLY A 476 -3.56 59.51 -32.79
CA GLY A 476 -3.94 59.24 -34.16
C GLY A 476 -3.75 57.78 -34.51
N LEU A 477 -3.92 57.42 -35.79
CA LEU A 477 -3.76 56.05 -36.26
C LEU A 477 -2.36 55.52 -36.00
N PRO A 478 -2.21 54.27 -35.51
CA PRO A 478 -0.87 53.75 -35.21
C PRO A 478 0.09 53.81 -36.39
N LEU A 479 1.33 54.26 -36.13
CA LEU A 479 2.39 54.43 -37.12
C LEU A 479 3.67 53.67 -36.69
N TYR A 480 4.15 52.78 -37.57
CA TYR A 480 5.33 51.93 -37.34
C TYR A 480 6.41 52.41 -38.27
N THR A 481 7.58 52.70 -37.73
CA THR A 481 8.70 53.27 -38.49
C THR A 481 10.05 52.65 -38.14
N LEU A 482 11.00 52.70 -39.08
CA LEU A 482 12.36 52.21 -38.83
C LEU A 482 13.29 53.41 -38.72
N HIS A 483 14.22 53.36 -37.74
CA HIS A 483 15.20 54.42 -37.50
C HIS A 483 16.60 53.87 -37.26
N SER A 484 17.61 54.68 -37.62
CA SER A 484 19.04 54.39 -37.40
C SER A 484 19.40 55.08 -36.09
N SER A 485 20.15 54.40 -35.19
CA SER A 485 20.54 55.00 -33.92
C SER A 485 21.64 56.06 -34.04
N SER A 486 22.49 55.94 -35.06
CA SER A 486 23.60 56.86 -35.33
C SER A 486 23.15 58.27 -35.73
N SER A 487 22.16 58.38 -36.63
CA SER A 487 21.65 59.65 -37.16
C SER A 487 20.24 60.02 -36.65
N ASP A 488 19.49 59.03 -36.10
CA ASP A 488 18.11 59.16 -35.61
C ASP A 488 17.16 59.57 -36.74
N LYS A 489 17.59 59.27 -37.97
CA LYS A 489 16.89 59.50 -39.21
C LYS A 489 15.87 58.38 -39.40
N GLU A 490 14.67 58.73 -39.86
CA GLU A 490 13.62 57.77 -40.16
C GLU A 490 13.98 57.17 -41.51
N LEU A 491 14.38 55.89 -41.49
CA LEU A 491 14.79 55.17 -42.68
C LEU A 491 13.58 54.93 -43.59
N ARG A 492 12.46 54.46 -42.99
CA ARG A 492 11.22 54.18 -43.70
C ARG A 492 9.98 54.10 -42.79
N VAL A 493 8.82 54.16 -43.43
CA VAL A 493 7.51 54.01 -42.80
C VAL A 493 7.13 52.55 -43.05
N LEU A 494 7.08 51.76 -41.99
CA LEU A 494 6.78 50.34 -42.06
C LEU A 494 5.27 50.13 -42.27
N GLU A 495 4.47 50.80 -41.45
CA GLU A 495 3.02 50.74 -41.50
C GLU A 495 2.43 52.08 -41.07
N ASP A 496 1.63 52.71 -41.95
CA ASP A 496 1.00 54.00 -41.67
C ASP A 496 -0.53 53.96 -41.53
N ASN A 497 -1.14 52.76 -41.65
CA ASN A 497 -2.59 52.55 -41.56
C ASN A 497 -3.41 53.48 -42.48
N SER A 498 -2.91 53.68 -43.72
CA SER A 498 -3.54 54.54 -44.73
C SER A 498 -4.88 53.96 -45.21
N ALA A 499 -4.99 52.60 -45.25
CA ALA A 499 -6.21 51.89 -45.63
C ALA A 499 -7.30 52.16 -44.60
N LEU A 500 -6.92 52.20 -43.31
CA LEU A 500 -7.82 52.49 -42.21
C LEU A 500 -8.29 53.96 -42.25
N ASP A 501 -7.36 54.90 -42.56
CA ASP A 501 -7.66 56.32 -42.69
C ASP A 501 -8.77 56.57 -43.73
N LYS A 502 -8.67 55.90 -44.90
CA LYS A 502 -9.62 55.99 -45.99
C LYS A 502 -11.00 55.46 -45.57
N MET A 503 -11.03 54.33 -44.82
CA MET A 503 -12.25 53.70 -44.31
C MET A 503 -13.00 54.57 -43.31
N LEU A 504 -12.26 55.22 -42.39
CA LEU A 504 -12.81 56.05 -41.31
C LEU A 504 -13.30 57.41 -41.75
N GLN A 505 -12.91 57.85 -42.97
CA GLN A 505 -13.33 59.15 -43.52
C GLN A 505 -14.84 59.22 -43.77
N ASP A 506 -15.47 58.08 -44.14
CA ASP A 506 -16.90 58.04 -44.41
C ASP A 506 -17.74 57.66 -43.18
N VAL A 507 -17.08 57.45 -42.03
CA VAL A 507 -17.72 57.10 -40.77
C VAL A 507 -17.66 58.28 -39.78
N GLN A 508 -18.80 58.54 -39.09
CA GLN A 508 -18.89 59.58 -38.07
C GLN A 508 -18.19 59.04 -36.83
N MET A 509 -16.87 59.29 -36.73
CA MET A 509 -16.07 58.80 -35.61
C MET A 509 -16.17 59.70 -34.39
N PRO A 510 -16.11 59.13 -33.16
CA PRO A 510 -16.14 59.98 -31.97
C PRO A 510 -14.77 60.64 -31.72
N SER A 511 -14.74 61.69 -30.89
CA SER A 511 -13.50 62.40 -30.55
C SER A 511 -13.04 62.05 -29.15
N LYS A 512 -11.73 61.83 -28.95
CA LYS A 512 -11.16 61.49 -27.65
C LYS A 512 -10.43 62.71 -27.09
N LYS A 513 -10.98 63.28 -26.02
CA LYS A 513 -10.45 64.46 -25.35
C LYS A 513 -9.78 64.03 -24.04
N LEU A 514 -8.52 64.45 -23.82
CA LEU A 514 -7.77 64.21 -22.58
C LEU A 514 -7.62 65.53 -21.84
N ASP A 515 -7.95 65.55 -20.55
CA ASP A 515 -7.82 66.75 -19.73
C ASP A 515 -7.53 66.44 -18.26
N VAL A 516 -7.50 67.48 -17.44
CA VAL A 516 -7.18 67.39 -16.02
C VAL A 516 -8.29 67.98 -15.17
N ILE A 517 -8.45 67.43 -13.95
CA ILE A 517 -9.34 67.89 -12.90
C ILE A 517 -8.57 67.85 -11.58
N ASN A 518 -8.97 68.72 -10.62
CA ASN A 518 -8.36 68.75 -9.30
C ASN A 518 -9.20 68.01 -8.27
N LEU A 519 -8.59 67.01 -7.61
CA LEU A 519 -9.19 66.24 -6.53
C LEU A 519 -8.26 66.38 -5.35
N HIS A 520 -8.77 66.89 -4.19
CA HIS A 520 -8.01 67.13 -2.95
C HIS A 520 -6.63 67.79 -3.21
N GLY A 521 -6.65 68.85 -4.00
CA GLY A 521 -5.45 69.60 -4.35
C GLY A 521 -4.51 68.97 -5.36
N THR A 522 -4.80 67.72 -5.79
CA THR A 522 -3.97 67.01 -6.77
C THR A 522 -4.61 67.03 -8.14
N LYS A 523 -3.79 67.26 -9.18
CA LYS A 523 -4.25 67.25 -10.57
C LYS A 523 -4.24 65.79 -11.06
N PHE A 524 -5.40 65.32 -11.51
CA PHE A 524 -5.52 63.97 -12.02
C PHE A 524 -6.04 64.03 -13.45
N TRP A 525 -5.71 63.02 -14.23
CA TRP A 525 -6.08 62.93 -15.63
C TRP A 525 -7.33 62.13 -15.92
N TYR A 526 -8.10 62.62 -16.89
CA TYR A 526 -9.29 61.97 -17.38
C TYR A 526 -9.34 62.03 -18.90
N GLN A 527 -10.14 61.14 -19.49
CA GLN A 527 -10.36 61.12 -20.93
C GLN A 527 -11.85 60.97 -21.20
N MET A 528 -12.32 61.48 -22.34
CA MET A 528 -13.74 61.40 -22.73
C MET A 528 -13.85 61.08 -24.20
N ILE A 529 -14.53 59.97 -24.52
CA ILE A 529 -14.83 59.61 -25.90
C ILE A 529 -16.16 60.36 -26.13
N LEU A 530 -16.13 61.42 -26.93
CA LEU A 530 -17.31 62.26 -27.18
C LEU A 530 -18.00 61.91 -28.48
N PRO A 531 -19.34 61.78 -28.47
CA PRO A 531 -20.09 61.47 -29.70
C PRO A 531 -19.86 62.46 -30.87
N PRO A 532 -20.02 62.03 -32.15
CA PRO A 532 -19.85 62.98 -33.28
C PRO A 532 -20.93 64.06 -33.28
N HIS A 533 -20.60 65.25 -33.82
CA HIS A 533 -21.44 66.44 -33.85
C HIS A 533 -21.91 66.79 -32.45
N PHE A 534 -20.97 66.68 -31.49
CA PHE A 534 -21.17 66.89 -30.07
C PHE A 534 -21.70 68.29 -29.78
N ASP A 535 -22.94 68.33 -29.27
CA ASP A 535 -23.66 69.54 -28.91
C ASP A 535 -23.62 69.74 -27.41
N LYS A 536 -22.93 70.81 -26.96
CA LYS A 536 -22.78 71.17 -25.55
C LYS A 536 -24.12 71.50 -24.86
N SER A 537 -25.16 71.88 -25.64
CA SER A 537 -26.50 72.18 -25.12
C SER A 537 -27.27 70.91 -24.78
N LYS A 538 -27.10 69.86 -25.60
CA LYS A 538 -27.71 68.55 -25.41
C LYS A 538 -27.08 67.87 -24.18
N LYS A 539 -27.89 67.10 -23.44
CA LYS A 539 -27.42 66.36 -22.26
C LYS A 539 -27.29 64.87 -22.62
N TYR A 540 -26.05 64.41 -22.76
CA TYR A 540 -25.70 63.05 -23.14
C TYR A 540 -25.56 62.12 -21.96
N PRO A 541 -26.04 60.86 -22.03
CA PRO A 541 -25.78 59.90 -20.94
C PRO A 541 -24.28 59.62 -20.83
N LEU A 542 -23.80 59.35 -19.63
CA LEU A 542 -22.37 59.14 -19.37
C LEU A 542 -22.04 57.73 -18.88
N LEU A 543 -21.02 57.09 -19.49
CA LEU A 543 -20.52 55.79 -19.07
C LEU A 543 -19.09 55.93 -18.60
N ILE A 544 -18.85 55.47 -17.38
CA ILE A 544 -17.51 55.48 -16.81
C ILE A 544 -16.92 54.11 -17.04
N GLU A 545 -15.75 54.08 -17.69
CA GLU A 545 -14.99 52.83 -17.89
C GLU A 545 -13.86 52.87 -16.86
N VAL A 546 -13.86 51.92 -15.93
CA VAL A 546 -12.88 51.92 -14.84
C VAL A 546 -11.99 50.67 -14.79
N TYR A 547 -10.74 50.85 -14.33
CA TYR A 547 -9.73 49.86 -13.97
C TYR A 547 -9.43 50.23 -12.48
N ALA A 548 -8.74 51.37 -12.23
CA ALA A 548 -8.45 51.94 -10.89
C ALA A 548 -7.66 51.05 -9.93
N GLY A 549 -7.04 49.98 -10.45
CA GLY A 549 -6.21 49.09 -9.65
C GLY A 549 -4.84 49.67 -9.38
N PRO A 550 -4.12 49.19 -8.34
CA PRO A 550 -2.78 49.75 -8.06
C PRO A 550 -1.86 49.73 -9.27
N CYS A 551 -1.33 50.92 -9.64
CA CYS A 551 -0.46 51.18 -10.79
C CYS A 551 -1.22 51.18 -12.14
N SER A 552 -2.54 51.35 -12.08
CA SER A 552 -3.39 51.39 -13.27
C SER A 552 -3.25 52.66 -14.08
N GLN A 553 -3.43 52.54 -15.38
CA GLN A 553 -3.50 53.69 -16.26
C GLN A 553 -4.58 53.51 -17.35
N LYS A 554 -5.79 54.00 -17.08
CA LYS A 554 -6.93 53.95 -18.00
C LYS A 554 -6.91 55.14 -18.95
N VAL A 555 -6.25 56.23 -18.53
CA VAL A 555 -6.12 57.49 -19.27
C VAL A 555 -4.76 57.58 -19.98
N ASP A 556 -4.80 57.44 -21.32
CA ASP A 556 -3.60 57.55 -22.16
C ASP A 556 -3.95 58.03 -23.58
N THR A 557 -2.92 58.24 -24.39
CA THR A 557 -3.05 58.69 -25.77
C THR A 557 -3.06 57.49 -26.75
N VAL A 558 -3.54 56.32 -26.33
CA VAL A 558 -3.57 55.16 -27.24
C VAL A 558 -4.85 55.25 -28.10
N PHE A 559 -4.74 55.04 -29.42
CA PHE A 559 -5.88 54.98 -30.32
C PHE A 559 -6.49 53.58 -30.18
N ARG A 560 -7.82 53.50 -30.00
CA ARG A 560 -8.53 52.23 -29.85
C ARG A 560 -9.86 52.23 -30.58
N LEU A 561 -10.17 51.11 -31.22
CA LEU A 561 -11.45 50.86 -31.85
C LEU A 561 -12.08 49.87 -30.88
N SER A 562 -12.68 50.45 -29.83
CA SER A 562 -13.26 49.74 -28.71
C SER A 562 -14.79 49.75 -28.75
N TRP A 563 -15.40 49.16 -27.73
CA TRP A 563 -16.84 49.15 -27.53
C TRP A 563 -17.32 50.61 -27.29
N ALA A 564 -16.48 51.41 -26.62
CA ALA A 564 -16.71 52.83 -26.31
C ALA A 564 -16.83 53.66 -27.59
N THR A 565 -16.13 53.26 -28.66
CA THR A 565 -16.18 53.91 -29.99
C THR A 565 -17.61 53.80 -30.51
N TYR A 566 -18.20 52.58 -30.41
CA TYR A 566 -19.57 52.29 -30.82
C TYR A 566 -20.58 53.08 -29.98
N LEU A 567 -20.42 53.04 -28.62
CA LEU A 567 -21.33 53.72 -27.70
C LEU A 567 -21.38 55.21 -27.97
N ALA A 568 -20.21 55.82 -28.25
CA ALA A 568 -20.13 57.24 -28.56
C ALA A 568 -20.66 57.55 -29.97
N SER A 569 -20.22 56.78 -30.99
CA SER A 569 -20.60 56.98 -32.40
C SER A 569 -22.08 56.70 -32.74
N THR A 570 -22.59 55.51 -32.37
CA THR A 570 -23.93 55.06 -32.68
C THR A 570 -24.94 55.45 -31.61
N GLU A 571 -24.59 55.26 -30.33
CA GLU A 571 -25.53 55.46 -29.22
C GLU A 571 -25.49 56.84 -28.56
N ASN A 572 -24.53 57.72 -28.92
CA ASN A 572 -24.39 59.07 -28.37
C ASN A 572 -24.24 59.07 -26.83
N ILE A 573 -23.33 58.19 -26.35
CA ILE A 573 -22.97 58.05 -24.96
C ILE A 573 -21.53 58.56 -24.78
N ILE A 574 -21.32 59.44 -23.78
CA ILE A 574 -19.97 59.91 -23.49
C ILE A 574 -19.33 58.79 -22.67
N VAL A 575 -18.15 58.34 -23.08
CA VAL A 575 -17.45 57.30 -22.32
C VAL A 575 -16.23 57.95 -21.70
N ALA A 576 -16.23 58.09 -20.38
CA ALA A 576 -15.12 58.69 -19.67
C ALA A 576 -14.34 57.67 -18.83
N SER A 577 -13.04 57.95 -18.65
CA SER A 577 -12.16 57.17 -17.79
C SER A 577 -11.41 58.17 -16.94
N PHE A 578 -11.00 57.76 -15.74
CA PHE A 578 -10.29 58.61 -14.80
C PHE A 578 -9.23 57.83 -13.98
N ASP A 579 -8.04 58.45 -13.77
CA ASP A 579 -6.92 57.89 -12.99
C ASP A 579 -6.67 58.75 -11.71
N GLY A 580 -7.17 58.31 -10.57
CA GLY A 580 -7.02 58.96 -9.27
C GLY A 580 -5.97 58.30 -8.39
N ARG A 581 -6.18 58.33 -7.07
CA ARG A 581 -5.23 57.73 -6.14
C ARG A 581 -5.08 56.24 -6.39
N GLY A 582 -3.84 55.76 -6.32
CA GLY A 582 -3.50 54.36 -6.55
C GLY A 582 -3.03 54.10 -7.96
N SER A 583 -3.38 55.02 -8.91
CA SER A 583 -2.99 54.89 -10.30
C SER A 583 -1.46 55.02 -10.48
N GLY A 584 -0.94 54.57 -11.60
CA GLY A 584 0.49 54.57 -11.83
C GLY A 584 1.06 55.66 -12.69
N TYR A 585 2.41 55.66 -12.77
CA TYR A 585 3.26 56.51 -13.62
C TYR A 585 3.18 58.00 -13.26
N GLN A 586 2.85 58.31 -11.98
CA GLN A 586 2.74 59.69 -11.45
C GLN A 586 3.41 59.84 -10.08
N GLY A 587 4.32 58.92 -9.74
CA GLY A 587 5.02 58.88 -8.45
C GLY A 587 4.41 57.92 -7.46
N ASP A 588 5.21 57.54 -6.45
CA ASP A 588 4.80 56.66 -5.36
C ASP A 588 3.78 57.28 -4.43
N LYS A 589 3.72 58.63 -4.34
CA LYS A 589 2.75 59.31 -3.49
C LYS A 589 1.32 58.97 -3.92
N ILE A 590 1.03 59.10 -5.22
CA ILE A 590 -0.26 58.75 -5.80
C ILE A 590 -0.45 57.23 -5.83
N MET A 591 0.58 56.48 -6.27
CA MET A 591 0.45 55.03 -6.39
C MET A 591 0.26 54.31 -5.06
N HIS A 592 1.11 54.61 -4.05
CA HIS A 592 1.02 53.95 -2.73
C HIS A 592 -0.12 54.46 -1.86
N ALA A 593 -0.93 55.45 -2.32
CA ALA A 593 -2.06 56.00 -1.55
C ALA A 593 -3.06 54.92 -1.07
N ILE A 594 -3.24 53.86 -1.88
CA ILE A 594 -4.16 52.76 -1.55
C ILE A 594 -3.43 51.56 -0.89
N ASN A 595 -2.20 51.77 -0.37
CA ASN A 595 -1.48 50.66 0.28
C ASN A 595 -2.24 50.23 1.52
N ARG A 596 -2.48 48.91 1.60
CA ARG A 596 -3.17 48.18 2.68
C ARG A 596 -4.63 48.59 2.85
N ARG A 597 -5.20 49.25 1.82
CA ARG A 597 -6.58 49.73 1.85
C ARG A 597 -7.19 49.77 0.46
N LEU A 598 -7.18 48.62 -0.23
CA LEU A 598 -7.83 48.48 -1.53
C LEU A 598 -9.36 48.65 -1.33
N GLY A 599 -10.00 49.32 -2.27
CA GLY A 599 -11.43 49.58 -2.25
C GLY A 599 -11.82 50.87 -1.57
N THR A 600 -10.82 51.70 -1.20
CA THR A 600 -11.08 52.96 -0.52
C THR A 600 -10.93 54.17 -1.48
N PHE A 601 -9.75 54.81 -1.51
CA PHE A 601 -9.44 56.03 -2.25
C PHE A 601 -9.70 55.98 -3.72
N GLU A 602 -9.32 54.88 -4.40
CA GLU A 602 -9.52 54.70 -5.84
C GLU A 602 -11.01 54.64 -6.20
N VAL A 603 -11.86 54.16 -5.25
CA VAL A 603 -13.32 54.05 -5.39
C VAL A 603 -13.94 55.43 -5.20
N GLU A 604 -13.57 56.07 -4.09
CA GLU A 604 -13.98 57.41 -3.70
C GLU A 604 -13.63 58.44 -4.80
N ASP A 605 -12.44 58.31 -5.42
CA ASP A 605 -12.01 59.22 -6.50
C ASP A 605 -12.81 59.02 -7.80
N GLN A 606 -13.28 57.78 -8.07
CA GLN A 606 -14.10 57.53 -9.25
C GLN A 606 -15.44 58.25 -9.09
N ILE A 607 -15.97 58.30 -7.85
CA ILE A 607 -17.24 58.97 -7.54
C ILE A 607 -17.10 60.50 -7.66
N GLU A 608 -16.07 61.08 -7.02
CA GLU A 608 -15.82 62.53 -7.03
C GLU A 608 -15.48 63.08 -8.43
N ALA A 609 -14.78 62.28 -9.26
CA ALA A 609 -14.47 62.69 -10.62
C ALA A 609 -15.73 62.73 -11.48
N THR A 610 -16.65 61.74 -11.30
CA THR A 610 -17.93 61.66 -11.99
C THR A 610 -18.86 62.83 -11.60
N ARG A 611 -18.86 63.20 -10.29
CA ARG A 611 -19.61 64.35 -9.76
C ARG A 611 -19.19 65.60 -10.52
N GLN A 612 -17.87 65.77 -10.73
CA GLN A 612 -17.34 66.91 -11.46
C GLN A 612 -17.71 66.87 -12.95
N PHE A 613 -17.63 65.66 -13.59
CA PHE A 613 -18.01 65.46 -14.99
C PHE A 613 -19.49 65.79 -15.20
N SER A 614 -20.35 65.41 -14.23
CA SER A 614 -21.78 65.66 -14.29
C SER A 614 -22.13 67.14 -14.15
N LYS A 615 -21.25 67.95 -13.48
CA LYS A 615 -21.44 69.40 -13.31
C LYS A 615 -21.39 70.10 -14.65
N MET A 616 -20.60 69.56 -15.60
CA MET A 616 -20.52 70.09 -16.97
C MET A 616 -21.93 69.91 -17.59
N GLY A 617 -22.48 70.98 -18.18
CA GLY A 617 -23.82 71.01 -18.73
C GLY A 617 -24.19 70.09 -19.88
N PHE A 618 -23.24 69.27 -20.35
CA PHE A 618 -23.45 68.34 -21.46
C PHE A 618 -23.67 66.86 -21.01
N VAL A 619 -23.79 66.63 -19.69
CA VAL A 619 -23.98 65.30 -19.09
C VAL A 619 -25.34 65.21 -18.44
N ASP A 620 -26.09 64.13 -18.70
CA ASP A 620 -27.38 63.94 -18.04
C ASP A 620 -27.08 63.21 -16.74
N ASP A 621 -27.22 63.93 -15.62
CA ASP A 621 -26.99 63.43 -14.26
C ASP A 621 -27.89 62.26 -13.89
N LYS A 622 -29.07 62.17 -14.54
CA LYS A 622 -30.05 61.10 -14.32
C LYS A 622 -29.62 59.84 -15.05
N ARG A 623 -28.68 59.97 -16.03
CA ARG A 623 -28.21 58.83 -16.81
C ARG A 623 -26.68 58.63 -16.77
N ILE A 624 -26.14 58.26 -15.60
CA ILE A 624 -24.72 57.93 -15.46
C ILE A 624 -24.55 56.46 -15.08
N ALA A 625 -23.71 55.73 -15.83
CA ALA A 625 -23.37 54.33 -15.58
C ALA A 625 -21.86 54.16 -15.40
N ILE A 626 -21.45 53.00 -14.87
CA ILE A 626 -20.05 52.64 -14.60
C ILE A 626 -19.84 51.17 -14.95
N TRP A 627 -18.72 50.82 -15.59
CA TRP A 627 -18.44 49.43 -15.90
C TRP A 627 -16.95 49.13 -15.84
N GLY A 628 -16.65 47.86 -15.57
CA GLY A 628 -15.29 47.36 -15.53
C GLY A 628 -15.14 45.85 -15.52
N TRP A 629 -13.92 45.40 -15.78
CA TRP A 629 -13.44 44.02 -15.83
C TRP A 629 -12.36 43.87 -14.76
N SER A 630 -12.29 42.69 -14.09
CA SER A 630 -11.29 42.37 -13.04
C SER A 630 -11.34 43.43 -11.93
N TYR A 631 -10.21 44.11 -11.63
CA TYR A 631 -10.17 45.19 -10.63
C TYR A 631 -11.19 46.30 -10.94
N GLY A 632 -11.46 46.54 -12.22
CA GLY A 632 -12.45 47.51 -12.68
C GLY A 632 -13.85 47.07 -12.35
N GLY A 633 -14.06 45.76 -12.30
CA GLY A 633 -15.34 45.17 -11.92
C GLY A 633 -15.53 45.33 -10.43
N TYR A 634 -14.44 45.06 -9.66
CA TYR A 634 -14.38 45.22 -8.20
C TYR A 634 -14.71 46.67 -7.85
N VAL A 635 -14.05 47.65 -8.51
CA VAL A 635 -14.27 49.08 -8.32
C VAL A 635 -15.73 49.47 -8.67
N THR A 636 -16.22 49.09 -9.86
CA THR A 636 -17.61 49.30 -10.30
C THR A 636 -18.57 48.82 -9.19
N SER A 637 -18.33 47.61 -8.63
CA SER A 637 -19.15 47.02 -7.58
C SER A 637 -19.04 47.80 -6.27
N MET A 638 -17.85 48.35 -5.97
CA MET A 638 -17.65 49.13 -4.75
C MET A 638 -18.30 50.52 -4.90
N VAL A 639 -18.22 51.10 -6.10
CA VAL A 639 -18.83 52.39 -6.47
C VAL A 639 -20.35 52.27 -6.38
N LEU A 640 -20.93 51.21 -7.00
CA LEU A 640 -22.38 50.98 -6.96
C LEU A 640 -22.92 50.74 -5.56
N GLY A 641 -22.10 50.08 -4.72
CA GLY A 641 -22.42 49.78 -3.34
C GLY A 641 -22.08 50.90 -2.36
N ALA A 642 -21.58 52.05 -2.88
CA ALA A 642 -21.20 53.21 -2.07
C ALA A 642 -22.41 54.06 -1.68
N GLY A 643 -23.51 53.93 -2.42
CA GLY A 643 -24.75 54.66 -2.18
C GLY A 643 -24.59 56.16 -2.34
N SER A 644 -23.92 56.60 -3.42
CA SER A 644 -23.66 58.00 -3.71
C SER A 644 -24.82 58.70 -4.43
N GLY A 645 -25.65 57.93 -5.13
CA GLY A 645 -26.77 58.44 -5.91
C GLY A 645 -26.37 58.96 -7.27
N VAL A 646 -25.05 58.99 -7.54
CA VAL A 646 -24.46 59.46 -8.80
C VAL A 646 -24.77 58.49 -9.96
N PHE A 647 -24.60 57.18 -9.71
CA PHE A 647 -24.77 56.15 -10.71
C PHE A 647 -26.12 55.46 -10.69
N LYS A 648 -26.73 55.36 -11.88
CA LYS A 648 -28.02 54.71 -12.12
C LYS A 648 -27.80 53.21 -12.22
N CYS A 649 -26.74 52.80 -12.94
CA CYS A 649 -26.44 51.40 -13.20
C CYS A 649 -24.96 51.12 -13.35
N GLY A 650 -24.63 49.84 -13.43
CA GLY A 650 -23.26 49.38 -13.60
C GLY A 650 -23.13 47.94 -14.03
N ILE A 651 -21.99 47.60 -14.65
CA ILE A 651 -21.66 46.24 -15.13
C ILE A 651 -20.30 45.81 -14.57
N ALA A 652 -20.27 44.66 -13.87
CA ALA A 652 -19.05 44.11 -13.31
C ALA A 652 -18.73 42.83 -14.06
N VAL A 653 -17.65 42.82 -14.85
CA VAL A 653 -17.27 41.61 -15.59
C VAL A 653 -16.13 40.91 -14.83
N ALA A 654 -16.31 39.62 -14.45
CA ALA A 654 -15.36 38.76 -13.71
C ALA A 654 -14.66 39.53 -12.57
N PRO A 655 -15.42 40.21 -11.66
CA PRO A 655 -14.76 40.99 -10.62
C PRO A 655 -14.25 40.19 -9.44
N VAL A 656 -13.35 40.81 -8.70
CA VAL A 656 -12.91 40.32 -7.41
C VAL A 656 -14.04 40.84 -6.51
N SER A 657 -14.51 40.03 -5.55
CA SER A 657 -15.56 40.44 -4.61
C SER A 657 -15.02 40.50 -3.18
N LYS A 658 -14.01 39.68 -2.88
CA LYS A 658 -13.40 39.52 -1.56
C LYS A 658 -11.93 39.14 -1.79
N TRP A 659 -10.99 39.95 -1.26
CA TRP A 659 -9.55 39.77 -1.48
C TRP A 659 -8.97 38.45 -0.95
N GLU A 660 -9.65 37.79 0.01
CA GLU A 660 -9.20 36.51 0.56
C GLU A 660 -9.33 35.37 -0.48
N TYR A 661 -10.16 35.57 -1.51
CA TYR A 661 -10.40 34.63 -2.61
C TYR A 661 -9.38 34.77 -3.71
N TYR A 662 -8.76 35.96 -3.84
CA TYR A 662 -7.76 36.20 -4.88
C TYR A 662 -6.39 35.60 -4.51
N ASP A 663 -5.48 35.42 -5.47
CA ASP A 663 -4.16 34.84 -5.22
C ASP A 663 -3.32 35.70 -4.29
N SER A 664 -2.33 35.06 -3.64
CA SER A 664 -1.41 35.59 -2.67
C SER A 664 -0.44 36.65 -3.19
N VAL A 665 0.22 36.40 -4.32
CA VAL A 665 1.23 37.31 -4.85
C VAL A 665 0.68 38.71 -5.05
N TYR A 666 -0.37 38.86 -5.90
CA TYR A 666 -1.02 40.14 -6.18
C TYR A 666 -1.62 40.76 -4.91
N THR A 667 -2.46 40.01 -4.19
CA THR A 667 -3.23 40.47 -3.02
C THR A 667 -2.38 40.90 -1.86
N GLU A 668 -1.39 40.08 -1.46
CA GLU A 668 -0.52 40.41 -0.32
C GLU A 668 0.39 41.60 -0.59
N ARG A 669 0.74 41.82 -1.85
CA ARG A 669 1.57 42.96 -2.29
C ARG A 669 0.95 44.28 -1.85
N TYR A 670 -0.38 44.40 -1.92
CA TYR A 670 -1.09 45.61 -1.55
C TYR A 670 -1.79 45.52 -0.20
N MET A 671 -2.21 44.30 0.21
CA MET A 671 -3.00 44.15 1.43
C MET A 671 -2.29 43.54 2.65
N GLY A 672 -1.14 42.92 2.44
CA GLY A 672 -0.43 42.22 3.51
C GLY A 672 -1.08 40.87 3.75
N LEU A 673 -0.98 40.34 4.97
CA LEU A 673 -1.60 39.06 5.29
C LEU A 673 -2.97 39.19 5.94
N PRO A 674 -3.94 38.29 5.62
CA PRO A 674 -5.27 38.40 6.24
C PRO A 674 -5.35 37.75 7.62
N THR A 675 -4.45 38.16 8.52
CA THR A 675 -4.38 37.68 9.89
C THR A 675 -4.74 38.83 10.83
N PRO A 676 -5.31 38.60 12.03
CA PRO A 676 -5.62 39.73 12.92
C PRO A 676 -4.37 40.51 13.37
N GLU A 677 -3.18 39.88 13.26
CA GLU A 677 -1.87 40.47 13.57
C GLU A 677 -1.49 41.47 12.48
N ASP A 678 -1.90 41.20 11.21
CA ASP A 678 -1.58 42.06 10.07
C ASP A 678 -2.78 42.91 9.59
N ASN A 679 -3.40 42.60 8.43
CA ASN A 679 -4.44 43.46 7.88
C ASN A 679 -5.82 42.83 7.69
N LEU A 680 -6.20 41.86 8.54
CA LEU A 680 -7.51 41.21 8.52
C LEU A 680 -8.70 42.21 8.51
N ASP A 681 -8.61 43.31 9.28
CA ASP A 681 -9.64 44.34 9.40
C ASP A 681 -9.98 45.06 8.10
N TYR A 682 -8.95 45.35 7.28
CA TYR A 682 -9.11 46.02 5.99
C TYR A 682 -9.45 45.04 4.86
N TYR A 683 -9.22 43.75 5.09
CA TYR A 683 -9.60 42.67 4.18
C TYR A 683 -11.10 42.50 4.36
N ARG A 684 -11.54 42.55 5.62
CA ARG A 684 -12.91 42.34 6.08
C ARG A 684 -13.90 43.40 5.58
N ASN A 685 -13.50 44.68 5.63
CA ASN A 685 -14.42 45.76 5.24
C ASN A 685 -14.25 46.21 3.78
N SER A 686 -13.42 45.49 2.99
CA SER A 686 -13.21 45.81 1.57
C SER A 686 -13.92 44.83 0.62
N THR A 687 -14.78 43.95 1.15
CA THR A 687 -15.56 43.01 0.33
C THR A 687 -16.73 43.78 -0.30
N VAL A 688 -17.16 43.37 -1.50
CA VAL A 688 -18.33 44.00 -2.14
C VAL A 688 -19.58 43.62 -1.33
N MET A 689 -19.61 42.38 -0.78
CA MET A 689 -20.69 41.80 0.03
C MET A 689 -21.10 42.69 1.21
N SER A 690 -20.15 43.38 1.86
CA SER A 690 -20.42 44.28 2.99
C SER A 690 -21.25 45.52 2.58
N ARG A 691 -21.28 45.82 1.25
CA ARG A 691 -22.02 46.94 0.65
C ARG A 691 -23.31 46.53 -0.07
N ALA A 692 -23.73 45.26 0.11
CA ALA A 692 -24.90 44.64 -0.53
C ALA A 692 -26.20 45.44 -0.46
N GLU A 693 -26.51 46.04 0.71
CA GLU A 693 -27.73 46.81 0.93
C GLU A 693 -27.90 48.03 0.02
N ASN A 694 -26.79 48.73 -0.28
CA ASN A 694 -26.80 49.92 -1.15
C ASN A 694 -27.15 49.65 -2.62
N PHE A 695 -26.99 48.40 -3.09
CA PHE A 695 -27.31 47.99 -4.44
C PHE A 695 -28.79 48.13 -4.78
N LYS A 696 -29.64 48.32 -3.77
CA LYS A 696 -31.09 48.51 -3.89
C LYS A 696 -31.42 49.79 -4.66
N GLN A 697 -30.45 50.72 -4.74
CA GLN A 697 -30.62 52.01 -5.41
C GLN A 697 -30.15 51.99 -6.86
N VAL A 698 -29.51 50.89 -7.31
CA VAL A 698 -28.93 50.79 -8.65
C VAL A 698 -29.39 49.57 -9.44
N GLU A 699 -29.19 49.61 -10.78
CA GLU A 699 -29.41 48.51 -11.71
C GLU A 699 -28.03 47.87 -11.89
N TYR A 700 -27.87 46.60 -11.53
CA TYR A 700 -26.55 45.96 -11.57
C TYR A 700 -26.51 44.72 -12.44
N LEU A 701 -25.53 44.63 -13.35
CA LEU A 701 -25.32 43.45 -14.19
C LEU A 701 -23.97 42.81 -13.76
N LEU A 702 -24.04 41.57 -13.28
CA LEU A 702 -22.88 40.80 -12.83
C LEU A 702 -22.58 39.66 -13.80
N ILE A 703 -21.43 39.75 -14.48
CA ILE A 703 -21.01 38.75 -15.46
C ILE A 703 -19.76 37.97 -14.99
N HIS A 704 -19.72 36.66 -15.25
CA HIS A 704 -18.55 35.83 -14.90
C HIS A 704 -18.48 34.52 -15.71
N GLY A 705 -17.27 34.12 -16.09
CA GLY A 705 -17.03 32.87 -16.80
C GLY A 705 -16.91 31.74 -15.79
N THR A 706 -17.59 30.62 -16.05
CA THR A 706 -17.58 29.47 -15.12
C THR A 706 -16.20 28.78 -14.99
N ALA A 707 -15.40 28.81 -16.08
CA ALA A 707 -14.07 28.20 -16.12
C ALA A 707 -12.94 29.22 -15.91
N ASP A 708 -13.22 30.27 -15.12
CA ASP A 708 -12.26 31.31 -14.80
C ASP A 708 -11.28 30.80 -13.73
N ASP A 709 -10.00 30.72 -14.12
CA ASP A 709 -8.84 30.27 -13.32
C ASP A 709 -8.24 31.41 -12.50
N ASN A 710 -8.37 32.65 -13.02
CA ASN A 710 -7.82 33.86 -12.41
C ASN A 710 -8.69 34.32 -11.26
N VAL A 711 -9.82 34.94 -11.59
CA VAL A 711 -10.81 35.37 -10.62
C VAL A 711 -11.83 34.27 -10.71
N HIS A 712 -11.85 33.39 -9.71
CA HIS A 712 -12.71 32.24 -9.69
C HIS A 712 -14.18 32.60 -9.71
N PHE A 713 -15.01 31.75 -10.37
CA PHE A 713 -16.47 31.99 -10.43
C PHE A 713 -17.03 32.19 -9.01
N GLN A 714 -16.38 31.52 -8.01
CA GLN A 714 -16.62 31.58 -6.57
C GLN A 714 -16.83 33.01 -6.09
N GLN A 715 -16.03 33.94 -6.60
CA GLN A 715 -16.13 35.36 -6.26
C GLN A 715 -17.51 35.93 -6.59
N SER A 716 -18.01 35.75 -7.83
CA SER A 716 -19.35 36.23 -8.25
C SER A 716 -20.45 35.40 -7.63
N ALA A 717 -20.16 34.10 -7.39
CA ALA A 717 -21.09 33.18 -6.77
C ALA A 717 -21.31 33.63 -5.32
N GLN A 718 -20.27 34.06 -4.60
CA GLN A 718 -20.36 34.56 -3.21
C GLN A 718 -20.96 35.96 -3.14
N LEU A 719 -20.71 36.80 -4.15
CA LEU A 719 -21.28 38.13 -4.25
C LEU A 719 -22.79 38.07 -4.49
N SER A 720 -23.25 37.28 -5.50
CA SER A 720 -24.68 37.14 -5.80
C SER A 720 -25.45 36.63 -4.60
N LYS A 721 -24.89 35.64 -3.88
CA LYS A 721 -25.45 35.03 -2.67
C LYS A 721 -25.74 36.08 -1.60
N ALA A 722 -24.81 37.04 -1.40
CA ALA A 722 -24.94 38.12 -0.43
C ALA A 722 -26.01 39.12 -0.84
N LEU A 723 -26.18 39.35 -2.15
CA LEU A 723 -27.18 40.26 -2.71
C LEU A 723 -28.55 39.61 -2.59
N VAL A 724 -28.61 38.27 -2.74
CA VAL A 724 -29.84 37.49 -2.58
C VAL A 724 -30.23 37.55 -1.11
N ASP A 725 -29.25 37.37 -0.18
CA ASP A 725 -29.45 37.44 1.28
C ASP A 725 -29.87 38.83 1.74
N ALA A 726 -29.46 39.89 1.03
CA ALA A 726 -29.79 41.28 1.32
C ALA A 726 -31.15 41.69 0.72
N GLY A 727 -31.74 40.83 -0.09
CA GLY A 727 -33.03 41.07 -0.76
C GLY A 727 -32.94 42.09 -1.87
N VAL A 728 -31.81 42.10 -2.57
CA VAL A 728 -31.48 43.04 -3.64
C VAL A 728 -31.70 42.41 -5.00
N ASP A 729 -32.43 43.07 -5.92
CA ASP A 729 -32.57 42.55 -7.28
C ASP A 729 -31.44 43.10 -8.14
N PHE A 730 -30.93 42.25 -9.02
CA PHE A 730 -29.82 42.52 -9.91
C PHE A 730 -29.93 41.52 -11.06
N GLN A 731 -29.06 41.65 -12.05
CA GLN A 731 -29.03 40.73 -13.18
C GLN A 731 -27.69 40.02 -13.22
N THR A 732 -27.69 38.77 -13.69
CA THR A 732 -26.45 38.03 -13.87
C THR A 732 -26.36 37.55 -15.30
N MET A 733 -25.20 36.95 -15.64
CA MET A 733 -24.88 36.33 -16.91
C MET A 733 -23.63 35.49 -16.72
N TRP A 734 -23.80 34.17 -16.67
CA TRP A 734 -22.64 33.27 -16.57
C TRP A 734 -22.26 32.93 -18.00
N TYR A 735 -20.99 32.64 -18.24
CA TYR A 735 -20.49 32.21 -19.54
C TYR A 735 -19.82 30.87 -19.36
N THR A 736 -20.52 29.81 -19.77
CA THR A 736 -20.06 28.42 -19.63
C THR A 736 -18.74 28.18 -20.31
N ASP A 737 -17.80 27.57 -19.55
CA ASP A 737 -16.47 27.15 -20.00
C ASP A 737 -15.56 28.30 -20.44
N GLU A 738 -16.02 29.54 -20.27
CA GLU A 738 -15.23 30.73 -20.58
C GLU A 738 -14.29 31.01 -19.42
N ASP A 739 -13.07 31.47 -19.73
CA ASP A 739 -12.10 31.78 -18.68
C ASP A 739 -12.13 33.28 -18.37
N HIS A 740 -11.01 33.86 -17.90
CA HIS A 740 -10.95 35.26 -17.50
C HIS A 740 -11.19 36.27 -18.62
N GLY A 741 -10.74 35.94 -19.81
CA GLY A 741 -10.89 36.83 -20.94
C GLY A 741 -12.28 36.91 -21.52
N ILE A 742 -13.08 35.80 -21.47
CA ILE A 742 -14.40 35.65 -22.12
C ILE A 742 -14.15 36.09 -23.57
N ALA A 743 -13.04 35.55 -24.12
CA ALA A 743 -12.43 35.91 -25.40
C ALA A 743 -12.68 34.95 -26.55
N SER A 744 -13.48 33.89 -26.34
CA SER A 744 -13.85 33.02 -27.45
C SER A 744 -14.74 33.88 -28.37
N ASN A 745 -14.59 33.73 -29.69
CA ASN A 745 -15.32 34.51 -30.71
C ASN A 745 -16.80 34.70 -30.40
N MET A 746 -17.52 33.61 -30.07
CA MET A 746 -18.96 33.66 -29.77
C MET A 746 -19.27 34.35 -28.44
N ALA A 747 -18.50 34.06 -27.37
CA ALA A 747 -18.69 34.68 -26.05
C ALA A 747 -18.41 36.19 -26.05
N HIS A 748 -17.34 36.62 -26.76
CA HIS A 748 -16.93 38.00 -26.90
C HIS A 748 -18.05 38.81 -27.56
N GLN A 749 -18.61 38.28 -28.63
CA GLN A 749 -19.70 38.94 -29.34
C GLN A 749 -20.93 39.06 -28.46
N HIS A 750 -21.25 37.98 -27.69
CA HIS A 750 -22.41 37.88 -26.83
C HIS A 750 -22.37 38.83 -25.66
N ILE A 751 -21.21 38.93 -24.97
CA ILE A 751 -21.03 39.79 -23.81
C ILE A 751 -21.31 41.25 -24.16
N TYR A 752 -20.66 41.79 -25.22
CA TYR A 752 -20.83 43.20 -25.61
C TYR A 752 -22.22 43.47 -26.12
N THR A 753 -22.86 42.48 -26.77
CA THR A 753 -24.24 42.66 -27.24
C THR A 753 -25.17 42.74 -26.02
N HIS A 754 -24.93 41.87 -25.02
CA HIS A 754 -25.68 41.83 -23.76
C HIS A 754 -25.53 43.13 -22.96
N MET A 755 -24.28 43.64 -22.80
CA MET A 755 -24.00 44.89 -22.08
C MET A 755 -24.54 46.10 -22.81
N SER A 756 -24.59 46.05 -24.15
CA SER A 756 -25.14 47.13 -24.97
C SER A 756 -26.63 47.24 -24.72
N HIS A 757 -27.34 46.08 -24.64
CA HIS A 757 -28.78 46.03 -24.38
C HIS A 757 -29.09 46.55 -22.99
N PHE A 758 -28.29 46.13 -21.98
CA PHE A 758 -28.41 46.56 -20.59
C PHE A 758 -28.26 48.08 -20.46
N LEU A 759 -27.23 48.66 -21.10
CA LEU A 759 -26.94 50.09 -21.09
C LEU A 759 -28.05 50.89 -21.74
N LYS A 760 -28.55 50.42 -22.91
CA LYS A 760 -29.63 51.09 -23.64
C LYS A 760 -30.90 51.08 -22.80
N GLN A 761 -31.22 49.96 -22.11
CA GLN A 761 -32.37 49.83 -21.21
C GLN A 761 -32.22 50.88 -20.08
N CYS A 762 -31.01 50.95 -19.46
CA CYS A 762 -30.65 51.88 -18.39
C CYS A 762 -30.71 53.35 -18.82
N PHE A 763 -30.30 53.66 -20.05
CA PHE A 763 -30.29 55.02 -20.58
C PHE A 763 -31.50 55.39 -21.42
N SER A 764 -32.54 54.50 -21.43
CA SER A 764 -33.81 54.68 -22.18
C SER A 764 -33.52 54.97 -23.66
N LEU A 765 -32.60 54.18 -24.25
CA LEU A 765 -32.16 54.31 -25.63
C LEU A 765 -32.74 53.20 -26.52
N PRO A 766 -33.18 53.53 -27.76
CA PRO A 766 -33.75 52.49 -28.64
C PRO A 766 -32.68 51.56 -29.24
N ARG B 40 -60.57 48.18 -2.49
CA ARG B 40 -60.06 46.95 -1.90
C ARG B 40 -58.64 46.61 -2.35
N ARG B 41 -57.88 45.93 -1.45
CA ARG B 41 -56.51 45.53 -1.76
C ARG B 41 -56.46 44.26 -2.61
N THR B 42 -55.34 44.03 -3.26
CA THR B 42 -55.12 42.86 -4.12
C THR B 42 -54.14 41.91 -3.42
N TYR B 43 -54.05 40.66 -3.90
CA TYR B 43 -53.10 39.67 -3.38
C TYR B 43 -51.77 40.03 -4.02
N THR B 44 -50.85 40.58 -3.20
CA THR B 44 -49.54 41.12 -3.59
C THR B 44 -48.42 40.06 -3.63
N LEU B 45 -47.25 40.45 -4.18
CA LEU B 45 -46.05 39.62 -4.23
C LEU B 45 -45.57 39.33 -2.80
N THR B 46 -45.62 40.36 -1.93
CA THR B 46 -45.26 40.32 -0.51
C THR B 46 -46.15 39.32 0.22
N ASP B 47 -47.46 39.38 -0.06
CA ASP B 47 -48.48 38.49 0.47
C ASP B 47 -48.09 37.05 0.21
N TYR B 48 -47.70 36.73 -1.06
CA TYR B 48 -47.28 35.39 -1.47
C TYR B 48 -45.95 34.97 -0.84
N LEU B 49 -44.90 35.79 -0.98
CA LEU B 49 -43.55 35.50 -0.49
C LEU B 49 -43.43 35.40 1.03
N LYS B 50 -44.07 36.33 1.78
CA LYS B 50 -44.03 36.31 3.25
C LYS B 50 -45.12 35.39 3.87
N SER B 51 -45.96 34.74 3.02
CA SER B 51 -47.06 33.83 3.38
C SER B 51 -48.00 34.43 4.43
N THR B 52 -48.40 35.70 4.21
CA THR B 52 -49.30 36.45 5.08
C THR B 52 -50.68 35.78 5.17
N PHE B 53 -51.10 35.10 4.10
CA PHE B 53 -52.36 34.36 4.07
C PHE B 53 -52.02 32.86 4.22
N ARG B 54 -52.20 32.36 5.45
CA ARG B 54 -51.83 30.99 5.80
C ARG B 54 -52.94 29.98 5.57
N VAL B 55 -52.61 28.89 4.87
CA VAL B 55 -53.54 27.80 4.61
C VAL B 55 -53.26 26.78 5.72
N LYS B 56 -54.20 26.63 6.65
CA LYS B 56 -54.09 25.69 7.78
C LYS B 56 -54.43 24.28 7.32
N PHE B 57 -53.80 23.30 7.97
CA PHE B 57 -54.01 21.88 7.72
C PHE B 57 -54.20 21.13 9.03
N TYR B 58 -54.44 19.82 8.95
CA TYR B 58 -54.65 18.98 10.11
C TYR B 58 -53.91 17.67 9.89
N THR B 59 -52.71 17.56 10.49
CA THR B 59 -51.89 16.36 10.36
C THR B 59 -52.12 15.49 11.59
N LEU B 60 -52.47 14.22 11.37
CA LEU B 60 -52.66 13.30 12.48
C LEU B 60 -51.94 11.96 12.26
N GLN B 61 -51.64 11.24 13.34
CA GLN B 61 -50.97 9.95 13.28
C GLN B 61 -51.87 8.89 13.95
N TRP B 62 -52.50 8.01 13.14
CA TRP B 62 -53.35 6.92 13.66
C TRP B 62 -52.45 5.92 14.36
N ILE B 63 -52.69 5.67 15.64
CA ILE B 63 -51.87 4.77 16.46
C ILE B 63 -52.66 3.52 16.94
N SER B 64 -53.95 3.43 16.54
CA SER B 64 -54.87 2.33 16.80
C SER B 64 -56.04 2.40 15.79
N ASP B 65 -57.02 1.51 15.94
CA ASP B 65 -58.20 1.46 15.09
C ASP B 65 -59.18 2.62 15.39
N HIS B 66 -59.03 3.30 16.56
CA HIS B 66 -59.93 4.38 17.01
C HIS B 66 -59.22 5.60 17.63
N GLU B 67 -57.88 5.56 17.78
CA GLU B 67 -57.12 6.68 18.37
C GLU B 67 -56.08 7.26 17.41
N TYR B 68 -55.81 8.56 17.53
CA TYR B 68 -54.80 9.27 16.74
C TYR B 68 -54.08 10.34 17.57
N LEU B 69 -52.83 10.67 17.19
CA LEU B 69 -52.02 11.70 17.84
C LEU B 69 -52.01 12.96 17.00
N TYR B 70 -52.13 14.12 17.68
CA TYR B 70 -52.16 15.42 17.02
C TYR B 70 -51.31 16.44 17.78
N LYS B 71 -50.43 17.17 17.06
CA LYS B 71 -49.57 18.21 17.63
C LYS B 71 -50.30 19.57 17.55
N GLN B 72 -50.81 20.05 18.72
CA GLN B 72 -51.56 21.32 18.86
C GLN B 72 -50.88 22.19 19.89
N GLU B 73 -50.31 23.36 19.45
CA GLU B 73 -49.58 24.34 20.28
C GLU B 73 -48.38 23.65 20.98
N ASN B 74 -47.66 22.81 20.21
CA ASN B 74 -46.50 22.01 20.60
C ASN B 74 -46.82 20.94 21.66
N ASN B 75 -48.11 20.65 21.88
CA ASN B 75 -48.56 19.58 22.78
C ASN B 75 -48.97 18.40 21.91
N ILE B 76 -48.58 17.18 22.31
CA ILE B 76 -48.99 15.97 21.61
C ILE B 76 -50.27 15.50 22.31
N LEU B 77 -51.43 15.71 21.67
CA LEU B 77 -52.72 15.30 22.22
C LEU B 77 -53.14 13.97 21.62
N LEU B 78 -53.74 13.11 22.44
CA LEU B 78 -54.24 11.81 21.99
C LEU B 78 -55.74 11.93 21.87
N PHE B 79 -56.23 11.88 20.64
CA PHE B 79 -57.65 12.00 20.35
C PHE B 79 -58.28 10.65 20.18
N ASN B 80 -59.49 10.51 20.69
CA ASN B 80 -60.28 9.29 20.58
C ASN B 80 -61.40 9.63 19.58
N ALA B 81 -61.37 8.99 18.40
CA ALA B 81 -62.37 9.19 17.34
C ALA B 81 -63.73 8.62 17.76
N GLU B 82 -63.73 7.49 18.48
CA GLU B 82 -64.89 6.75 18.96
C GLU B 82 -65.81 7.58 19.85
N TYR B 83 -65.24 8.45 20.72
CA TYR B 83 -66.03 9.28 21.66
C TYR B 83 -65.88 10.80 21.45
N GLY B 84 -64.89 11.23 20.68
CA GLY B 84 -64.64 12.65 20.41
C GLY B 84 -63.65 13.31 21.35
N ASN B 85 -63.55 12.82 22.60
CA ASN B 85 -62.67 13.32 23.66
C ASN B 85 -61.17 13.20 23.38
N SER B 86 -60.38 14.11 23.97
CA SER B 86 -58.92 14.16 23.83
C SER B 86 -58.23 14.32 25.19
N SER B 87 -56.98 13.84 25.30
CA SER B 87 -56.14 13.94 26.50
C SER B 87 -54.71 14.31 26.12
N ILE B 88 -53.96 14.91 27.04
CA ILE B 88 -52.57 15.30 26.76
C ILE B 88 -51.67 14.05 26.86
N PHE B 89 -51.02 13.68 25.74
CA PHE B 89 -50.12 12.54 25.66
C PHE B 89 -48.70 12.99 26.12
N LEU B 90 -48.29 14.17 25.65
CA LEU B 90 -47.02 14.81 26.00
C LEU B 90 -47.23 16.32 26.00
N GLU B 91 -46.94 16.95 27.15
CA GLU B 91 -47.09 18.39 27.39
C GLU B 91 -46.02 19.18 26.66
N ASN B 92 -46.34 20.41 26.20
CA ASN B 92 -45.40 21.27 25.49
C ASN B 92 -44.25 21.74 26.37
N SER B 93 -44.42 21.59 27.70
CA SER B 93 -43.42 21.92 28.73
C SER B 93 -42.23 20.95 28.68
N THR B 94 -42.45 19.72 28.17
CA THR B 94 -41.40 18.71 28.00
C THR B 94 -40.51 19.07 26.80
N PHE B 95 -41.08 19.75 25.79
CA PHE B 95 -40.37 20.21 24.58
C PHE B 95 -39.39 21.33 24.90
N ASP B 96 -39.83 22.29 25.75
CA ASP B 96 -39.07 23.47 26.18
C ASP B 96 -37.84 23.11 27.01
N GLU B 97 -37.89 21.97 27.73
CA GLU B 97 -36.79 21.50 28.57
C GLU B 97 -35.79 20.56 27.83
N LEU B 98 -36.15 20.07 26.61
CA LEU B 98 -35.29 19.19 25.79
C LEU B 98 -33.93 19.85 25.47
N GLY B 99 -33.96 21.16 25.21
CA GLY B 99 -32.76 21.95 24.90
C GLY B 99 -32.56 22.16 23.41
N TYR B 100 -33.49 21.65 22.59
CA TYR B 100 -33.49 21.73 21.13
C TYR B 100 -34.92 21.75 20.57
N SER B 101 -35.07 22.27 19.33
CA SER B 101 -36.34 22.36 18.61
C SER B 101 -36.74 20.98 18.09
N THR B 102 -37.97 20.53 18.44
CA THR B 102 -38.49 19.23 18.03
C THR B 102 -39.33 19.36 16.74
N ASN B 103 -38.64 19.19 15.60
CA ASN B 103 -39.25 19.25 14.27
C ASN B 103 -40.05 17.99 13.93
N ASP B 104 -39.73 16.85 14.58
CA ASP B 104 -40.41 15.57 14.35
C ASP B 104 -40.40 14.67 15.58
N TYR B 105 -41.50 13.92 15.79
CA TYR B 105 -41.69 12.97 16.88
C TYR B 105 -42.24 11.64 16.35
N SER B 106 -41.86 10.54 17.01
CA SER B 106 -42.34 9.20 16.66
C SER B 106 -42.57 8.42 17.95
N VAL B 107 -43.82 8.02 18.20
CA VAL B 107 -44.16 7.26 19.39
C VAL B 107 -44.05 5.78 19.06
N SER B 108 -43.41 5.01 19.97
CA SER B 108 -43.27 3.55 19.85
C SER B 108 -44.70 2.95 19.85
N PRO B 109 -45.00 1.96 18.99
CA PRO B 109 -46.39 1.43 18.92
C PRO B 109 -47.04 1.03 20.25
N ASP B 110 -46.23 0.58 21.23
CA ASP B 110 -46.69 0.17 22.55
C ASP B 110 -46.91 1.37 23.52
N ARG B 111 -46.65 2.60 23.02
CA ARG B 111 -46.82 3.89 23.71
C ARG B 111 -45.96 4.03 24.99
N GLN B 112 -44.84 3.27 25.07
CA GLN B 112 -43.90 3.28 26.20
C GLN B 112 -42.76 4.28 26.00
N PHE B 113 -42.45 4.62 24.74
CA PHE B 113 -41.36 5.54 24.40
C PHE B 113 -41.72 6.52 23.30
N ILE B 114 -40.91 7.56 23.15
CA ILE B 114 -41.04 8.59 22.12
C ILE B 114 -39.66 8.99 21.63
N LEU B 115 -39.56 9.06 20.32
CA LEU B 115 -38.36 9.40 19.60
C LEU B 115 -38.44 10.88 19.23
N PHE B 116 -37.38 11.64 19.56
CA PHE B 116 -37.33 13.06 19.25
C PHE B 116 -36.22 13.38 18.27
N GLU B 117 -36.61 14.01 17.14
CA GLU B 117 -35.71 14.41 16.07
C GLU B 117 -35.30 15.87 16.23
N TYR B 118 -33.99 16.11 16.31
CA TYR B 118 -33.35 17.42 16.42
C TYR B 118 -32.03 17.40 15.62
N ASN B 119 -31.40 18.59 15.40
CA ASN B 119 -30.16 18.75 14.61
C ASN B 119 -30.39 18.27 13.15
N TYR B 120 -31.55 18.67 12.57
CA TYR B 120 -31.98 18.31 11.21
C TYR B 120 -31.01 18.87 10.15
N VAL B 121 -30.30 17.97 9.46
CA VAL B 121 -29.36 18.30 8.39
C VAL B 121 -29.86 17.64 7.09
N LYS B 122 -30.65 18.41 6.30
CA LYS B 122 -31.24 18.00 5.03
C LYS B 122 -30.17 17.64 3.99
N GLN B 123 -30.41 16.54 3.23
CA GLN B 123 -29.52 16.08 2.18
C GLN B 123 -30.21 16.31 0.83
N TRP B 124 -30.97 15.31 0.30
CA TRP B 124 -31.66 15.44 -0.98
C TRP B 124 -33.16 15.76 -0.79
N ARG B 125 -34.06 15.25 -1.66
CA ARG B 125 -35.51 15.52 -1.60
C ARG B 125 -36.21 14.98 -0.33
N HIS B 126 -35.82 13.76 0.12
CA HIS B 126 -36.42 13.08 1.29
C HIS B 126 -35.38 12.71 2.36
N SER B 127 -34.09 12.64 1.98
CA SER B 127 -32.98 12.28 2.86
C SER B 127 -32.52 13.40 3.78
N TYR B 128 -32.08 13.00 4.99
CA TYR B 128 -31.56 13.86 6.05
C TYR B 128 -30.85 13.05 7.14
N THR B 129 -29.85 13.68 7.80
CA THR B 129 -29.14 13.08 8.93
C THR B 129 -29.48 13.93 10.15
N ALA B 130 -29.82 13.28 11.28
CA ALA B 130 -30.21 13.98 12.50
C ALA B 130 -29.75 13.28 13.77
N SER B 131 -29.87 13.99 14.91
CA SER B 131 -29.57 13.50 16.24
C SER B 131 -30.89 13.10 16.90
N TYR B 132 -30.89 11.99 17.65
CA TYR B 132 -32.12 11.47 18.24
C TYR B 132 -32.01 11.20 19.71
N ASP B 133 -33.12 11.49 20.41
CA ASP B 133 -33.29 11.27 21.83
C ASP B 133 -34.52 10.39 22.04
N ILE B 134 -34.41 9.43 22.97
CA ILE B 134 -35.54 8.57 23.33
C ILE B 134 -35.99 8.99 24.72
N TYR B 135 -37.28 9.25 24.86
CA TYR B 135 -37.88 9.67 26.10
C TYR B 135 -38.83 8.56 26.55
N ASP B 136 -38.53 8.00 27.74
CA ASP B 136 -39.30 6.96 28.39
C ASP B 136 -40.58 7.59 28.94
N LEU B 137 -41.73 7.23 28.35
CA LEU B 137 -43.05 7.75 28.75
C LEU B 137 -43.56 7.17 30.07
N ASN B 138 -43.06 5.97 30.46
CA ASN B 138 -43.44 5.30 31.72
C ASN B 138 -42.82 6.01 32.91
N LYS B 139 -41.48 6.12 32.95
CA LYS B 139 -40.74 6.77 34.03
C LYS B 139 -40.52 8.29 33.81
N ARG B 140 -41.11 8.85 32.72
CA ARG B 140 -41.05 10.28 32.33
C ARG B 140 -39.61 10.85 32.34
N GLN B 141 -38.63 9.99 32.01
CA GLN B 141 -37.20 10.29 31.95
C GLN B 141 -36.70 10.20 30.50
N LEU B 142 -35.51 10.74 30.23
CA LEU B 142 -34.86 10.73 28.92
C LEU B 142 -33.71 9.72 28.95
N ILE B 143 -33.65 8.83 27.93
CA ILE B 143 -32.61 7.79 27.81
C ILE B 143 -31.25 8.47 27.63
N THR B 144 -30.36 8.28 28.61
CA THR B 144 -29.02 8.90 28.66
C THR B 144 -27.91 7.93 28.27
N GLU B 145 -28.09 6.64 28.57
CA GLU B 145 -27.14 5.58 28.25
C GLU B 145 -27.48 4.90 26.92
N GLU B 146 -26.43 4.46 26.19
CA GLU B 146 -26.52 3.78 24.90
C GLU B 146 -27.42 4.52 23.88
N ARG B 147 -27.28 5.86 23.82
CA ARG B 147 -28.03 6.76 22.94
C ARG B 147 -27.86 6.49 21.44
N ILE B 148 -28.80 7.03 20.64
CA ILE B 148 -28.76 6.92 19.17
C ILE B 148 -27.62 7.84 18.72
N PRO B 149 -26.68 7.36 17.87
CA PRO B 149 -25.55 8.21 17.49
C PRO B 149 -25.93 9.42 16.65
N ASN B 150 -24.99 10.38 16.63
CA ASN B 150 -25.10 11.60 15.85
C ASN B 150 -24.90 11.21 14.39
N ASN B 151 -25.60 11.89 13.47
CA ASN B 151 -25.55 11.68 12.02
C ASN B 151 -26.27 10.37 11.59
N THR B 152 -27.33 10.02 12.35
CA THR B 152 -28.17 8.88 12.06
C THR B 152 -29.00 9.24 10.85
N GLN B 153 -28.88 8.41 9.80
CA GLN B 153 -29.48 8.57 8.49
C GLN B 153 -30.95 8.29 8.46
N TRP B 154 -31.36 7.26 9.17
CA TRP B 154 -32.75 6.84 9.25
C TRP B 154 -32.95 6.04 10.51
N ILE B 155 -34.16 6.10 11.07
CA ILE B 155 -34.55 5.39 12.28
C ILE B 155 -36.04 5.08 12.22
N THR B 156 -36.39 3.89 12.69
CA THR B 156 -37.77 3.42 12.68
C THR B 156 -38.01 2.46 13.83
N TRP B 157 -39.21 2.56 14.41
CA TRP B 157 -39.65 1.64 15.44
C TRP B 157 -40.13 0.38 14.73
N SER B 158 -40.21 -0.74 15.45
CA SER B 158 -40.78 -1.98 14.91
C SER B 158 -42.32 -1.73 14.81
N PRO B 159 -43.14 -2.48 14.04
CA PRO B 159 -44.58 -2.15 14.00
C PRO B 159 -45.34 -2.47 15.30
N VAL B 160 -44.71 -3.27 16.18
CA VAL B 160 -45.20 -3.64 17.50
C VAL B 160 -44.04 -3.48 18.51
N GLY B 161 -44.37 -3.31 19.79
CA GLY B 161 -43.38 -3.17 20.85
C GLY B 161 -42.61 -1.88 20.78
N HIS B 162 -41.31 -1.95 21.11
CA HIS B 162 -40.39 -0.80 21.13
C HIS B 162 -38.96 -1.14 20.62
N LYS B 163 -38.85 -2.01 19.61
CA LYS B 163 -37.55 -2.31 18.99
C LYS B 163 -37.23 -1.17 18.04
N LEU B 164 -35.94 -0.85 17.88
CA LEU B 164 -35.49 0.20 16.99
C LEU B 164 -34.52 -0.34 15.96
N ALA B 165 -34.64 0.14 14.73
CA ALA B 165 -33.73 -0.16 13.66
C ALA B 165 -33.29 1.20 13.12
N TYR B 166 -31.99 1.43 13.08
CA TYR B 166 -31.45 2.69 12.57
C TYR B 166 -30.28 2.47 11.64
N VAL B 167 -30.02 3.46 10.77
CA VAL B 167 -28.93 3.44 9.81
C VAL B 167 -27.93 4.51 10.19
N TRP B 168 -26.70 4.08 10.46
CA TRP B 168 -25.60 4.97 10.84
C TRP B 168 -24.35 4.52 10.09
N ASN B 169 -23.73 5.45 9.34
CA ASN B 169 -22.54 5.20 8.49
C ASN B 169 -22.81 4.10 7.46
N ASN B 170 -23.98 4.18 6.79
CA ASN B 170 -24.48 3.26 5.76
C ASN B 170 -24.63 1.78 6.25
N ASP B 171 -24.71 1.57 7.58
CA ASP B 171 -24.89 0.24 8.18
C ASP B 171 -26.13 0.20 9.06
N ILE B 172 -26.73 -0.99 9.26
CA ILE B 172 -27.94 -1.16 10.09
C ILE B 172 -27.58 -1.65 11.48
N TYR B 173 -28.26 -1.08 12.48
CA TYR B 173 -28.12 -1.40 13.89
C TYR B 173 -29.51 -1.60 14.45
N VAL B 174 -29.66 -2.58 15.34
CA VAL B 174 -30.94 -2.89 15.99
C VAL B 174 -30.81 -2.76 17.51
N LYS B 175 -31.74 -2.04 18.13
CA LYS B 175 -31.82 -1.92 19.59
C LYS B 175 -33.11 -2.63 19.99
N ASN B 176 -33.01 -3.78 20.70
CA ASN B 176 -34.19 -4.50 21.17
C ASN B 176 -34.86 -3.73 22.31
N GLU B 177 -34.05 -2.97 23.08
CA GLU B 177 -34.46 -2.10 24.20
C GLU B 177 -33.77 -0.74 24.05
N PRO B 178 -34.49 0.41 24.27
CA PRO B 178 -33.85 1.73 24.10
C PRO B 178 -32.70 2.05 25.08
N ASN B 179 -32.61 1.37 26.22
CA ASN B 179 -31.53 1.57 27.20
C ASN B 179 -30.36 0.61 26.92
N LEU B 180 -30.61 -0.44 26.13
CA LEU B 180 -29.65 -1.48 25.76
C LEU B 180 -28.77 -1.09 24.56
N SER B 181 -27.58 -1.73 24.46
CA SER B 181 -26.62 -1.52 23.37
C SER B 181 -27.19 -1.99 22.04
N SER B 182 -26.82 -1.31 20.94
CA SER B 182 -27.30 -1.70 19.62
C SER B 182 -26.49 -2.88 19.06
N GLN B 183 -27.15 -3.69 18.23
CA GLN B 183 -26.61 -4.87 17.57
C GLN B 183 -26.36 -4.51 16.11
N ARG B 184 -25.11 -4.65 15.65
CA ARG B 184 -24.73 -4.35 14.29
C ARG B 184 -25.21 -5.48 13.38
N ILE B 185 -25.94 -5.11 12.34
CA ILE B 185 -26.55 -6.05 11.39
C ILE B 185 -25.67 -6.18 10.16
N THR B 186 -25.13 -5.05 9.66
CA THR B 186 -24.32 -5.03 8.43
C THR B 186 -22.92 -4.47 8.68
N TRP B 187 -21.94 -4.98 7.90
CA TRP B 187 -20.52 -4.60 7.97
C TRP B 187 -20.01 -3.98 6.67
N THR B 188 -20.86 -3.97 5.63
CA THR B 188 -20.52 -3.57 4.27
C THR B 188 -20.61 -2.07 3.97
N GLY B 189 -21.34 -1.34 4.81
CA GLY B 189 -21.58 0.10 4.66
C GLY B 189 -20.34 0.92 4.41
N LYS B 190 -20.35 1.69 3.31
CA LYS B 190 -19.24 2.55 2.89
C LYS B 190 -19.80 3.80 2.23
N GLU B 191 -19.38 4.99 2.71
CA GLU B 191 -19.80 6.31 2.23
C GLU B 191 -19.67 6.38 0.73
N ASN B 192 -20.77 6.76 0.03
CA ASN B 192 -20.89 6.89 -1.42
C ASN B 192 -20.73 5.57 -2.21
N VAL B 193 -20.56 4.43 -1.53
CA VAL B 193 -20.34 3.16 -2.23
C VAL B 193 -21.43 2.12 -1.89
N ILE B 194 -21.49 1.67 -0.62
CA ILE B 194 -22.45 0.67 -0.18
C ILE B 194 -23.44 1.30 0.76
N TYR B 195 -24.74 1.10 0.50
CA TYR B 195 -25.80 1.63 1.34
C TYR B 195 -26.66 0.45 1.85
N ASN B 196 -26.74 0.27 3.18
CA ASN B 196 -27.55 -0.77 3.83
C ASN B 196 -28.67 -0.10 4.62
N GLY B 197 -29.92 -0.36 4.23
CA GLY B 197 -31.07 0.19 4.93
C GLY B 197 -31.51 1.59 4.55
N VAL B 198 -30.76 2.23 3.66
CA VAL B 198 -31.05 3.56 3.09
C VAL B 198 -30.79 3.49 1.59
N THR B 199 -31.55 4.25 0.82
CA THR B 199 -31.43 4.33 -0.62
C THR B 199 -30.22 5.15 -1.07
N ASP B 200 -29.77 4.93 -2.30
CA ASP B 200 -28.72 5.73 -2.92
C ASP B 200 -29.47 6.95 -3.56
N TRP B 201 -28.77 7.83 -4.28
CA TRP B 201 -29.42 9.01 -4.87
C TRP B 201 -30.65 8.65 -5.75
N VAL B 202 -30.48 7.75 -6.76
CA VAL B 202 -31.49 7.42 -7.76
C VAL B 202 -32.66 6.61 -7.23
N TYR B 203 -32.43 5.78 -6.21
CA TYR B 203 -33.50 4.99 -5.64
C TYR B 203 -34.35 5.90 -4.83
N GLU B 204 -33.74 6.92 -4.22
CA GLU B 204 -34.45 7.89 -3.41
C GLU B 204 -35.33 8.79 -4.27
N GLU B 205 -34.76 9.35 -5.30
CA GLU B 205 -35.47 10.28 -6.15
C GLU B 205 -36.51 9.65 -7.06
N GLU B 206 -36.17 8.51 -7.71
CA GLU B 206 -36.99 7.88 -8.75
C GLU B 206 -37.65 6.56 -8.45
N VAL B 207 -37.14 5.77 -7.48
CA VAL B 207 -37.74 4.45 -7.30
C VAL B 207 -38.67 4.38 -6.08
N PHE B 208 -38.16 4.73 -4.89
CA PHE B 208 -38.89 4.65 -3.63
C PHE B 208 -39.57 5.93 -3.21
N SER B 209 -39.04 7.10 -3.63
CA SER B 209 -39.53 8.43 -3.22
C SER B 209 -39.44 8.55 -1.69
N ALA B 210 -38.39 7.91 -1.12
CA ALA B 210 -38.08 7.82 0.29
C ALA B 210 -36.61 7.50 0.48
N TYR B 211 -36.07 7.88 1.63
CA TYR B 211 -34.67 7.60 1.96
C TYR B 211 -34.53 6.19 2.56
N SER B 212 -35.59 5.69 3.18
CA SER B 212 -35.63 4.40 3.84
C SER B 212 -35.62 3.20 2.88
N ALA B 213 -34.86 2.14 3.26
CA ALA B 213 -34.79 0.86 2.58
C ALA B 213 -34.76 -0.26 3.66
N LEU B 214 -35.59 -0.06 4.71
CA LEU B 214 -35.77 -0.95 5.87
C LEU B 214 -37.26 -1.24 6.00
N TRP B 215 -37.60 -2.52 6.19
CA TRP B 215 -39.00 -2.95 6.35
C TRP B 215 -39.08 -4.03 7.41
N TRP B 216 -39.65 -3.68 8.56
CA TRP B 216 -39.90 -4.59 9.67
C TRP B 216 -41.12 -5.45 9.33
N SER B 217 -41.13 -6.72 9.76
CA SER B 217 -42.27 -7.62 9.55
C SER B 217 -43.40 -7.19 10.53
N PRO B 218 -44.72 -7.47 10.27
CA PRO B 218 -45.79 -6.97 11.17
C PRO B 218 -45.57 -7.10 12.70
N ASN B 219 -45.00 -8.22 13.16
CA ASN B 219 -44.75 -8.46 14.57
C ASN B 219 -43.26 -8.33 14.95
N GLY B 220 -42.49 -7.66 14.07
CA GLY B 220 -41.07 -7.39 14.26
C GLY B 220 -40.11 -8.56 14.37
N THR B 221 -40.51 -9.76 13.90
CA THR B 221 -39.65 -10.94 13.94
C THR B 221 -38.50 -10.72 12.97
N PHE B 222 -38.84 -10.26 11.77
CA PHE B 222 -37.90 -10.02 10.70
C PHE B 222 -37.72 -8.55 10.37
N LEU B 223 -36.49 -8.22 9.97
CA LEU B 223 -36.10 -6.91 9.49
C LEU B 223 -35.54 -7.12 8.09
N ALA B 224 -36.36 -6.80 7.10
CA ALA B 224 -35.98 -6.88 5.71
C ALA B 224 -35.29 -5.57 5.33
N TYR B 225 -34.27 -5.64 4.49
CA TYR B 225 -33.54 -4.46 4.02
C TYR B 225 -32.95 -4.67 2.67
N ALA B 226 -32.76 -3.57 1.96
CA ALA B 226 -32.13 -3.54 0.66
C ALA B 226 -30.72 -3.00 0.83
N GLN B 227 -29.82 -3.47 -0.02
CA GLN B 227 -28.43 -3.03 -0.07
C GLN B 227 -28.19 -2.49 -1.46
N PHE B 228 -27.73 -1.24 -1.58
CA PHE B 228 -27.41 -0.61 -2.86
C PHE B 228 -25.90 -0.50 -2.99
N ASN B 229 -25.38 -1.00 -4.11
CA ASN B 229 -23.97 -1.00 -4.45
C ASN B 229 -23.74 -0.01 -5.62
N ASP B 230 -23.07 1.10 -5.33
CA ASP B 230 -22.78 2.19 -6.27
C ASP B 230 -21.33 2.25 -6.74
N THR B 231 -20.57 1.15 -6.57
CA THR B 231 -19.15 1.03 -6.97
C THR B 231 -18.91 1.48 -8.42
N GLU B 232 -19.69 0.96 -9.36
CA GLU B 232 -19.53 1.21 -10.79
C GLU B 232 -20.31 2.42 -11.34
N VAL B 233 -21.06 3.13 -10.47
CA VAL B 233 -21.86 4.30 -10.83
C VAL B 233 -20.94 5.52 -10.95
N PRO B 234 -20.93 6.23 -12.11
CA PRO B 234 -20.08 7.43 -12.23
C PRO B 234 -20.52 8.54 -11.29
N LEU B 235 -19.61 9.42 -10.93
CA LEU B 235 -19.93 10.49 -10.00
C LEU B 235 -20.31 11.80 -10.69
N ILE B 236 -21.28 12.51 -10.10
CA ILE B 236 -21.61 13.86 -10.52
C ILE B 236 -20.83 14.74 -9.56
N GLU B 237 -20.04 15.66 -10.10
CA GLU B 237 -19.24 16.56 -9.32
C GLU B 237 -19.60 17.98 -9.65
N TYR B 238 -19.77 18.81 -8.64
CA TYR B 238 -20.10 20.24 -8.73
C TYR B 238 -19.58 20.96 -7.50
N SER B 239 -19.31 22.27 -7.64
CA SER B 239 -18.77 23.09 -6.57
C SER B 239 -19.85 23.55 -5.63
N PHE B 240 -19.54 23.50 -4.33
CA PHE B 240 -20.36 24.03 -3.25
C PHE B 240 -19.48 25.09 -2.62
N TYR B 241 -19.97 26.32 -2.63
CA TYR B 241 -19.21 27.49 -2.20
C TYR B 241 -19.23 27.71 -0.69
N SER B 242 -20.32 27.27 -0.02
CA SER B 242 -20.54 27.36 1.43
C SER B 242 -20.55 28.81 1.90
N ASP B 243 -20.37 29.05 3.21
CA ASP B 243 -20.32 30.39 3.77
C ASP B 243 -19.15 31.18 3.19
N GLU B 244 -19.33 32.50 3.06
CA GLU B 244 -18.36 33.48 2.57
C GLU B 244 -16.96 33.29 3.19
N SER B 245 -16.89 32.85 4.45
CA SER B 245 -15.63 32.62 5.16
C SER B 245 -14.81 31.45 4.57
N LEU B 246 -15.47 30.49 3.88
CA LEU B 246 -14.77 29.34 3.28
C LEU B 246 -13.95 29.82 2.09
N GLN B 247 -12.61 29.77 2.25
CA GLN B 247 -11.62 30.27 1.29
C GLN B 247 -11.63 29.54 -0.04
N TYR B 248 -11.70 28.20 -0.03
CA TYR B 248 -11.71 27.38 -1.25
C TYR B 248 -13.03 26.65 -1.34
N PRO B 249 -13.71 26.65 -2.51
CA PRO B 249 -14.96 25.88 -2.62
C PRO B 249 -14.72 24.37 -2.50
N LYS B 250 -15.71 23.65 -1.96
CA LYS B 250 -15.62 22.21 -1.84
C LYS B 250 -16.28 21.57 -3.07
N THR B 251 -15.82 20.36 -3.44
CA THR B 251 -16.37 19.62 -4.55
C THR B 251 -17.27 18.52 -3.99
N VAL B 252 -18.56 18.60 -4.32
CA VAL B 252 -19.55 17.59 -3.93
C VAL B 252 -19.43 16.49 -4.99
N ARG B 253 -19.37 15.22 -4.57
CA ARG B 253 -19.28 14.04 -5.47
C ARG B 253 -20.39 13.07 -5.06
N ILE B 254 -21.33 12.82 -5.97
CA ILE B 254 -22.48 11.94 -5.72
C ILE B 254 -22.52 10.85 -6.80
N PRO B 255 -22.61 9.55 -6.44
CA PRO B 255 -22.79 8.52 -7.49
C PRO B 255 -24.20 8.71 -8.03
N TYR B 256 -24.29 9.22 -9.28
CA TYR B 256 -25.55 9.53 -9.95
C TYR B 256 -25.50 8.90 -11.32
N PRO B 257 -26.38 7.91 -11.66
CA PRO B 257 -26.34 7.34 -13.01
C PRO B 257 -27.15 8.17 -14.00
N LYS B 258 -26.49 8.63 -15.06
CA LYS B 258 -27.17 9.39 -16.09
C LYS B 258 -27.70 8.37 -17.12
N ALA B 259 -28.61 8.79 -18.03
CA ALA B 259 -29.21 7.93 -19.05
C ALA B 259 -28.15 7.04 -19.70
N GLY B 260 -28.33 5.73 -19.63
CA GLY B 260 -27.43 4.73 -20.24
C GLY B 260 -26.19 4.36 -19.45
N ALA B 261 -25.91 5.07 -18.33
CA ALA B 261 -24.72 4.81 -17.51
C ALA B 261 -24.88 3.60 -16.62
N GLU B 262 -23.80 3.16 -15.98
CA GLU B 262 -23.80 2.04 -15.05
C GLU B 262 -24.67 2.39 -13.87
N ASN B 263 -25.62 1.49 -13.55
CA ASN B 263 -26.63 1.66 -12.52
C ASN B 263 -26.25 1.00 -11.21
N PRO B 264 -26.79 1.49 -10.06
CA PRO B 264 -26.52 0.78 -8.79
C PRO B 264 -27.14 -0.62 -8.79
N THR B 265 -26.47 -1.58 -8.13
CA THR B 265 -27.01 -2.91 -8.00
C THR B 265 -27.67 -3.01 -6.64
N VAL B 266 -28.63 -3.90 -6.50
CA VAL B 266 -29.39 -4.11 -5.29
C VAL B 266 -29.30 -5.57 -4.84
N LYS B 267 -29.31 -5.76 -3.53
CA LYS B 267 -29.39 -7.07 -2.90
C LYS B 267 -30.47 -6.91 -1.84
N PHE B 268 -31.35 -7.90 -1.67
CA PHE B 268 -32.42 -7.83 -0.68
C PHE B 268 -32.26 -8.95 0.31
N PHE B 269 -32.28 -8.60 1.61
CA PHE B 269 -32.09 -9.56 2.70
C PHE B 269 -33.20 -9.48 3.69
N VAL B 270 -33.42 -10.60 4.39
CA VAL B 270 -34.38 -10.72 5.48
C VAL B 270 -33.57 -11.25 6.67
N VAL B 271 -33.47 -10.41 7.71
CA VAL B 271 -32.76 -10.74 8.95
C VAL B 271 -33.77 -11.26 9.99
N ASP B 272 -33.45 -12.40 10.63
CA ASP B 272 -34.22 -12.96 11.73
C ASP B 272 -33.70 -12.27 13.01
N THR B 273 -34.44 -11.26 13.54
CA THR B 273 -34.03 -10.46 14.70
C THR B 273 -34.00 -11.24 16.02
N ARG B 274 -34.62 -12.45 16.05
CA ARG B 274 -34.68 -13.31 17.24
C ARG B 274 -33.32 -13.81 17.72
N THR B 275 -32.39 -14.05 16.78
CA THR B 275 -31.05 -14.57 17.07
C THR B 275 -30.04 -13.45 17.36
N LEU B 276 -30.49 -12.18 17.38
CA LEU B 276 -29.62 -11.06 17.67
C LEU B 276 -29.14 -11.08 19.12
N SER B 277 -27.85 -11.28 19.29
CA SER B 277 -27.14 -11.38 20.57
C SER B 277 -25.73 -10.87 20.34
N PRO B 278 -25.08 -10.21 21.32
CA PRO B 278 -23.73 -9.67 21.08
C PRO B 278 -22.68 -10.66 20.58
N ASN B 279 -22.73 -11.91 21.06
CA ASN B 279 -21.76 -12.93 20.65
C ASN B 279 -22.31 -13.92 19.58
N ALA B 280 -23.36 -13.51 18.86
CA ALA B 280 -23.95 -14.31 17.80
C ALA B 280 -23.84 -13.62 16.46
N SER B 281 -23.75 -14.42 15.39
CA SER B 281 -23.71 -13.93 14.03
C SER B 281 -25.10 -13.46 13.62
N VAL B 282 -25.21 -12.69 12.55
CA VAL B 282 -26.49 -12.23 12.03
C VAL B 282 -27.08 -13.36 11.17
N THR B 283 -28.34 -13.75 11.46
CA THR B 283 -29.07 -14.74 10.68
C THR B 283 -29.83 -13.94 9.61
N SER B 284 -29.45 -14.13 8.36
CA SER B 284 -30.11 -13.45 7.25
C SER B 284 -30.18 -14.33 6.01
N TYR B 285 -31.22 -14.10 5.21
CA TYR B 285 -31.45 -14.83 3.99
C TYR B 285 -31.55 -13.84 2.86
N GLN B 286 -30.81 -14.08 1.78
CA GLN B 286 -30.85 -13.18 0.63
C GLN B 286 -31.89 -13.66 -0.35
N ILE B 287 -32.87 -12.79 -0.65
CA ILE B 287 -33.89 -13.09 -1.64
C ILE B 287 -33.45 -12.46 -2.96
N VAL B 288 -33.19 -13.32 -3.96
CA VAL B 288 -32.78 -12.91 -5.32
C VAL B 288 -34.03 -12.73 -6.22
N PRO B 289 -34.04 -11.82 -7.22
CA PRO B 289 -35.24 -11.69 -8.06
C PRO B 289 -35.51 -12.95 -8.93
N PRO B 290 -36.74 -13.11 -9.49
CA PRO B 290 -36.99 -14.27 -10.37
C PRO B 290 -36.10 -14.19 -11.62
N ALA B 291 -35.81 -15.35 -12.22
CA ALA B 291 -34.97 -15.51 -13.39
C ALA B 291 -35.27 -14.55 -14.54
N SER B 292 -36.56 -14.24 -14.77
CA SER B 292 -37.05 -13.36 -15.84
C SER B 292 -36.55 -11.91 -15.74
N VAL B 293 -36.21 -11.44 -14.52
CA VAL B 293 -35.67 -10.09 -14.30
C VAL B 293 -34.15 -10.17 -13.97
N LEU B 294 -33.73 -11.25 -13.26
CA LEU B 294 -32.34 -11.55 -12.86
C LEU B 294 -31.36 -11.71 -14.04
N ILE B 295 -31.86 -12.00 -15.26
CA ILE B 295 -31.04 -12.16 -16.48
C ILE B 295 -30.36 -10.86 -16.98
N GLY B 296 -30.82 -9.72 -16.49
CA GLY B 296 -30.25 -8.43 -16.86
C GLY B 296 -30.35 -7.40 -15.76
N ASP B 297 -30.15 -6.11 -16.11
CA ASP B 297 -30.22 -5.01 -15.16
C ASP B 297 -31.65 -4.84 -14.70
N HIS B 298 -31.84 -4.75 -13.38
CA HIS B 298 -33.14 -4.62 -12.78
C HIS B 298 -33.14 -3.59 -11.63
N TYR B 299 -34.33 -3.40 -11.03
CA TYR B 299 -34.57 -2.58 -9.86
C TYR B 299 -35.55 -3.28 -8.94
N LEU B 300 -35.41 -3.04 -7.64
CA LEU B 300 -36.34 -3.44 -6.61
C LEU B 300 -37.21 -2.19 -6.49
N CYS B 301 -38.50 -2.29 -6.82
CA CYS B 301 -39.32 -1.08 -6.76
C CYS B 301 -40.35 -1.09 -5.64
N GLY B 302 -40.53 -2.23 -4.97
CA GLY B 302 -41.49 -2.36 -3.88
C GLY B 302 -41.31 -3.53 -2.98
N VAL B 303 -41.59 -3.33 -1.67
CA VAL B 303 -41.51 -4.33 -0.61
C VAL B 303 -42.77 -4.24 0.22
N THR B 304 -43.48 -5.36 0.38
CA THR B 304 -44.72 -5.43 1.14
C THR B 304 -44.76 -6.72 1.95
N TRP B 305 -44.79 -6.57 3.27
CA TRP B 305 -44.96 -7.68 4.19
C TRP B 305 -46.44 -8.09 4.10
N VAL B 306 -46.70 -9.37 3.90
CA VAL B 306 -48.05 -9.91 3.76
C VAL B 306 -48.51 -10.46 5.12
N THR B 307 -47.70 -11.37 5.69
CA THR B 307 -47.85 -11.96 7.02
C THR B 307 -46.43 -12.03 7.59
N GLU B 308 -46.27 -12.61 8.79
CA GLU B 308 -44.97 -12.78 9.44
C GLU B 308 -44.06 -13.72 8.70
N GLU B 309 -44.65 -14.63 7.90
CA GLU B 309 -43.94 -15.66 7.14
C GLU B 309 -44.12 -15.55 5.63
N ARG B 310 -44.60 -14.38 5.15
CA ARG B 310 -44.83 -14.12 3.73
C ARG B 310 -44.53 -12.67 3.36
N ILE B 311 -43.62 -12.48 2.40
CA ILE B 311 -43.19 -11.16 1.92
C ILE B 311 -43.36 -11.08 0.39
N SER B 312 -43.83 -9.94 -0.10
CA SER B 312 -44.04 -9.67 -1.51
C SER B 312 -42.99 -8.68 -1.99
N LEU B 313 -42.25 -9.08 -3.04
CA LEU B 313 -41.22 -8.23 -3.63
C LEU B 313 -41.60 -7.89 -5.02
N GLN B 314 -41.46 -6.63 -5.38
CA GLN B 314 -41.80 -6.17 -6.70
C GLN B 314 -40.52 -5.72 -7.37
N TRP B 315 -40.17 -6.40 -8.45
CA TRP B 315 -38.99 -6.15 -9.26
C TRP B 315 -39.40 -5.65 -10.62
N ILE B 316 -38.60 -4.74 -11.19
CA ILE B 316 -38.80 -4.21 -12.52
C ILE B 316 -37.48 -4.34 -13.26
N ARG B 317 -37.52 -4.63 -14.56
CA ARG B 317 -36.34 -4.70 -15.43
C ARG B 317 -35.92 -3.25 -15.68
N ARG B 318 -34.64 -3.02 -16.07
CA ARG B 318 -34.13 -1.67 -16.38
C ARG B 318 -34.98 -0.99 -17.48
N ALA B 319 -35.46 -1.75 -18.50
CA ALA B 319 -36.36 -1.26 -19.57
C ALA B 319 -37.66 -0.60 -19.02
N GLN B 320 -38.21 -1.17 -17.93
CA GLN B 320 -39.37 -0.69 -17.17
C GLN B 320 -40.72 -0.87 -17.90
N ASN B 321 -40.82 -1.92 -18.72
CA ASN B 321 -42.03 -2.30 -19.44
C ASN B 321 -42.37 -3.75 -19.03
N TYR B 322 -41.64 -4.26 -18.01
CA TYR B 322 -41.74 -5.61 -17.44
C TYR B 322 -41.48 -5.54 -15.94
N SER B 323 -42.48 -5.93 -15.18
CA SER B 323 -42.49 -5.95 -13.72
C SER B 323 -42.94 -7.32 -13.26
N ILE B 324 -42.41 -7.78 -12.12
CA ILE B 324 -42.77 -9.06 -11.54
C ILE B 324 -42.93 -8.93 -10.03
N ILE B 325 -44.01 -9.53 -9.48
CA ILE B 325 -44.29 -9.62 -8.05
C ILE B 325 -43.92 -11.06 -7.67
N ASP B 326 -42.97 -11.21 -6.75
CA ASP B 326 -42.51 -12.48 -6.24
C ASP B 326 -42.88 -12.54 -4.76
N ILE B 327 -43.78 -13.47 -4.42
CA ILE B 327 -44.30 -13.69 -3.07
C ILE B 327 -43.55 -14.88 -2.43
N CYS B 328 -42.65 -14.59 -1.48
CA CYS B 328 -41.77 -15.56 -0.81
C CYS B 328 -42.25 -15.97 0.57
N ASP B 329 -42.25 -17.27 0.80
CA ASP B 329 -42.71 -17.89 2.03
C ASP B 329 -41.57 -18.43 2.88
N TYR B 330 -41.64 -18.18 4.20
CA TYR B 330 -40.65 -18.60 5.16
C TYR B 330 -40.77 -20.10 5.45
N ASP B 331 -39.64 -20.82 5.32
CA ASP B 331 -39.55 -22.26 5.62
C ASP B 331 -39.01 -22.34 7.04
N GLU B 332 -39.84 -22.80 7.96
CA GLU B 332 -39.52 -22.88 9.38
C GLU B 332 -38.35 -23.81 9.72
N SER B 333 -38.19 -24.90 8.96
CA SER B 333 -37.16 -25.91 9.17
C SER B 333 -35.75 -25.50 8.71
N THR B 334 -35.65 -24.54 7.78
CA THR B 334 -34.37 -24.11 7.21
C THR B 334 -34.07 -22.61 7.34
N GLY B 335 -35.09 -21.79 7.61
CA GLY B 335 -34.91 -20.34 7.70
C GLY B 335 -34.88 -19.63 6.35
N ARG B 336 -35.11 -20.38 5.27
CA ARG B 336 -35.14 -19.90 3.90
C ARG B 336 -36.45 -19.20 3.56
N TRP B 337 -36.40 -18.29 2.59
CA TRP B 337 -37.57 -17.60 2.06
C TRP B 337 -37.71 -18.08 0.64
N ILE B 338 -38.58 -19.06 0.46
CA ILE B 338 -38.77 -19.77 -0.80
C ILE B 338 -39.80 -19.10 -1.71
N SER B 339 -39.41 -18.92 -2.97
CA SER B 339 -40.27 -18.38 -4.01
C SER B 339 -40.79 -19.52 -4.90
N SER B 340 -41.94 -19.31 -5.53
CA SER B 340 -42.60 -20.27 -6.39
C SER B 340 -43.12 -19.59 -7.64
N VAL B 341 -43.04 -20.29 -8.79
CA VAL B 341 -43.50 -19.81 -10.09
C VAL B 341 -45.00 -19.43 -10.01
N ALA B 342 -45.79 -20.25 -9.28
CA ALA B 342 -47.22 -20.06 -9.05
C ALA B 342 -47.51 -18.73 -8.34
N ARG B 343 -46.59 -18.30 -7.46
CA ARG B 343 -46.69 -17.06 -6.68
C ARG B 343 -46.07 -15.85 -7.39
N GLN B 344 -45.72 -16.00 -8.68
CA GLN B 344 -45.14 -14.91 -9.46
C GLN B 344 -46.16 -14.26 -10.38
N HIS B 345 -46.25 -12.92 -10.33
CA HIS B 345 -47.21 -12.13 -11.10
C HIS B 345 -46.52 -11.08 -11.95
N ILE B 346 -46.61 -11.28 -13.27
CA ILE B 346 -46.00 -10.42 -14.27
C ILE B 346 -46.97 -9.29 -14.67
N GLU B 347 -46.42 -8.10 -14.88
CA GLU B 347 -47.12 -6.93 -15.37
C GLU B 347 -46.24 -6.38 -16.49
N ILE B 348 -46.82 -6.26 -17.68
CA ILE B 348 -46.11 -5.75 -18.85
C ILE B 348 -46.87 -4.58 -19.49
N SER B 349 -46.14 -3.80 -20.29
CA SER B 349 -46.68 -2.71 -21.10
C SER B 349 -46.03 -2.80 -22.47
N THR B 350 -46.88 -2.85 -23.51
CA THR B 350 -46.45 -2.93 -24.90
C THR B 350 -46.46 -1.56 -25.55
N THR B 351 -47.29 -0.64 -25.01
CA THR B 351 -47.50 0.73 -25.47
C THR B 351 -46.59 1.77 -24.82
N GLY B 352 -45.96 1.40 -23.71
CA GLY B 352 -45.06 2.28 -23.00
C GLY B 352 -44.45 1.64 -21.79
N TRP B 353 -44.52 2.34 -20.64
CA TRP B 353 -44.00 1.89 -19.34
C TRP B 353 -45.07 1.29 -18.42
N VAL B 354 -44.61 0.55 -17.38
CA VAL B 354 -45.45 -0.07 -16.36
C VAL B 354 -45.76 0.98 -15.25
N GLY B 355 -47.03 1.12 -14.89
CA GLY B 355 -47.51 2.06 -13.89
C GLY B 355 -47.46 3.51 -14.33
N ARG B 356 -47.47 4.42 -13.35
CA ARG B 356 -47.43 5.87 -13.60
C ARG B 356 -46.00 6.38 -13.56
N PHE B 357 -45.32 6.19 -12.42
CA PHE B 357 -43.91 6.53 -12.21
C PHE B 357 -43.18 5.26 -11.75
N ARG B 358 -43.96 4.20 -11.51
CA ARG B 358 -43.54 2.89 -11.02
C ARG B 358 -44.76 1.99 -11.03
N PRO B 359 -44.61 0.64 -11.08
CA PRO B 359 -45.83 -0.22 -10.98
C PRO B 359 -46.55 0.02 -9.66
N ALA B 360 -47.89 -0.06 -9.66
CA ALA B 360 -48.70 0.14 -8.46
C ALA B 360 -48.42 -0.95 -7.44
N GLU B 361 -48.57 -0.62 -6.15
CA GLU B 361 -48.26 -1.53 -5.06
C GLU B 361 -49.37 -2.56 -4.81
N PRO B 362 -49.04 -3.84 -4.53
CA PRO B 362 -50.10 -4.81 -4.25
C PRO B 362 -50.68 -4.58 -2.85
N HIS B 363 -52.02 -4.72 -2.72
CA HIS B 363 -52.70 -4.56 -1.44
C HIS B 363 -53.30 -5.92 -1.05
N PHE B 364 -52.61 -6.62 -0.14
CA PHE B 364 -52.96 -7.97 0.33
C PHE B 364 -54.05 -8.04 1.37
N THR B 365 -54.77 -9.18 1.39
CA THR B 365 -55.77 -9.51 2.40
C THR B 365 -55.00 -9.92 3.68
N SER B 366 -55.68 -9.96 4.85
CA SER B 366 -55.05 -10.34 6.13
C SER B 366 -54.39 -11.74 6.08
N ASP B 367 -55.04 -12.69 5.39
CA ASP B 367 -54.58 -14.07 5.19
C ASP B 367 -53.42 -14.14 4.22
N GLY B 368 -53.40 -13.19 3.27
CA GLY B 368 -52.38 -13.08 2.24
C GLY B 368 -52.54 -14.06 1.09
N ASN B 369 -53.73 -14.65 0.94
CA ASN B 369 -54.02 -15.61 -0.14
C ASN B 369 -54.51 -14.94 -1.41
N SER B 370 -54.82 -13.63 -1.34
CA SER B 370 -55.22 -12.84 -2.49
C SER B 370 -54.77 -11.38 -2.32
N PHE B 371 -54.68 -10.61 -3.42
CA PHE B 371 -54.30 -9.20 -3.36
C PHE B 371 -55.03 -8.37 -4.41
N TYR B 372 -55.06 -7.05 -4.20
CA TYR B 372 -55.71 -6.10 -5.09
C TYR B 372 -54.67 -5.10 -5.55
N LYS B 373 -54.60 -4.89 -6.86
CA LYS B 373 -53.61 -4.01 -7.45
C LYS B 373 -54.17 -3.25 -8.67
N ILE B 374 -53.72 -1.98 -8.83
CA ILE B 374 -54.08 -1.13 -9.97
C ILE B 374 -53.16 -1.50 -11.12
N ILE B 375 -53.78 -1.94 -12.21
CA ILE B 375 -53.13 -2.30 -13.48
C ILE B 375 -53.98 -1.69 -14.59
N SER B 376 -53.39 -1.57 -15.78
CA SER B 376 -54.08 -1.05 -16.95
C SER B 376 -54.92 -2.15 -17.51
N ASN B 377 -56.17 -1.84 -17.87
CA ASN B 377 -57.06 -2.82 -18.45
C ASN B 377 -56.87 -2.93 -19.97
N GLU B 378 -57.72 -3.73 -20.64
CA GLU B 378 -57.71 -3.97 -22.09
C GLU B 378 -57.95 -2.65 -22.87
N GLU B 379 -58.72 -1.70 -22.28
CA GLU B 379 -59.09 -0.40 -22.85
C GLU B 379 -58.04 0.71 -22.60
N GLY B 380 -57.06 0.40 -21.76
CA GLY B 380 -55.95 1.29 -21.40
C GLY B 380 -56.19 2.17 -20.19
N TYR B 381 -57.15 1.79 -19.30
CA TYR B 381 -57.43 2.58 -18.10
C TYR B 381 -56.95 1.88 -16.83
N LYS B 382 -56.39 2.66 -15.91
CA LYS B 382 -55.83 2.13 -14.68
C LYS B 382 -56.92 1.90 -13.66
N HIS B 383 -57.19 0.61 -13.41
CA HIS B 383 -58.23 0.10 -12.52
C HIS B 383 -57.73 -1.02 -11.60
N ILE B 384 -58.52 -1.32 -10.55
CA ILE B 384 -58.22 -2.37 -9.57
C ILE B 384 -58.55 -3.76 -10.10
N CYS B 385 -57.55 -4.64 -10.08
CA CYS B 385 -57.65 -6.05 -10.43
C CYS B 385 -57.44 -6.87 -9.17
N HIS B 386 -58.27 -7.88 -8.99
CA HIS B 386 -58.18 -8.79 -7.86
C HIS B 386 -57.42 -10.03 -8.32
N PHE B 387 -56.30 -10.31 -7.65
CA PHE B 387 -55.43 -11.44 -7.94
C PHE B 387 -55.41 -12.42 -6.81
N GLN B 388 -55.19 -13.68 -7.14
CA GLN B 388 -55.03 -14.75 -6.16
C GLN B 388 -53.51 -14.94 -6.11
N THR B 389 -52.96 -15.09 -4.91
CA THR B 389 -51.52 -15.23 -4.66
C THR B 389 -50.88 -16.39 -5.46
N ASP B 390 -51.55 -17.55 -5.58
CA ASP B 390 -51.01 -18.70 -6.32
C ASP B 390 -51.64 -18.93 -7.72
N LYS B 391 -52.37 -17.93 -8.27
CA LYS B 391 -52.99 -18.00 -9.60
C LYS B 391 -52.61 -16.79 -10.46
N SER B 392 -52.45 -17.00 -11.77
CA SER B 392 -52.05 -15.98 -12.73
C SER B 392 -53.16 -14.99 -13.12
N ASN B 393 -54.39 -15.49 -13.27
CA ASN B 393 -55.56 -14.70 -13.68
C ASN B 393 -56.03 -13.68 -12.63
N CYS B 394 -56.47 -12.50 -13.10
CA CYS B 394 -57.04 -11.48 -12.24
C CYS B 394 -58.43 -11.04 -12.73
N THR B 395 -59.20 -10.47 -11.82
CA THR B 395 -60.55 -10.01 -12.13
C THR B 395 -60.63 -8.53 -11.85
N PHE B 396 -61.00 -7.74 -12.87
CA PHE B 396 -61.14 -6.30 -12.69
C PHE B 396 -62.36 -5.99 -11.87
N ILE B 397 -62.21 -5.24 -10.77
CA ILE B 397 -63.29 -4.88 -9.87
C ILE B 397 -63.81 -3.44 -10.18
N THR B 398 -63.01 -2.63 -10.92
CA THR B 398 -63.38 -1.28 -11.38
C THR B 398 -63.25 -1.20 -12.90
N LYS B 399 -64.08 -0.34 -13.54
CA LYS B 399 -64.13 -0.13 -14.98
C LYS B 399 -64.75 1.23 -15.36
N GLY B 400 -64.32 1.79 -16.49
CA GLY B 400 -64.80 3.08 -16.99
C GLY B 400 -63.72 3.91 -17.62
N ALA B 401 -64.13 4.97 -18.37
CA ALA B 401 -63.19 5.91 -19.01
C ALA B 401 -62.78 6.98 -18.00
N TRP B 402 -62.10 6.52 -16.93
CA TRP B 402 -61.57 7.27 -15.78
C TRP B 402 -60.55 6.34 -15.12
N GLU B 403 -59.82 6.79 -14.11
CA GLU B 403 -58.81 5.93 -13.49
C GLU B 403 -58.81 5.97 -11.98
N VAL B 404 -58.39 4.86 -11.39
CA VAL B 404 -58.21 4.71 -9.97
C VAL B 404 -56.83 5.28 -9.67
N ILE B 405 -56.75 6.22 -8.73
CA ILE B 405 -55.51 6.87 -8.33
C ILE B 405 -54.71 6.00 -7.35
N GLY B 406 -55.40 5.44 -6.36
CA GLY B 406 -54.81 4.57 -5.35
C GLY B 406 -55.78 3.82 -4.48
N ILE B 407 -55.36 2.65 -3.97
CA ILE B 407 -56.10 1.83 -3.01
C ILE B 407 -55.69 2.37 -1.65
N GLU B 408 -56.64 2.92 -0.90
CA GLU B 408 -56.39 3.53 0.42
C GLU B 408 -56.40 2.53 1.57
N ALA B 409 -57.47 1.73 1.68
CA ALA B 409 -57.65 0.76 2.76
C ALA B 409 -58.32 -0.49 2.24
N LEU B 410 -58.14 -1.59 2.97
CA LEU B 410 -58.71 -2.89 2.63
C LEU B 410 -59.10 -3.67 3.87
N THR B 411 -60.40 -3.96 4.01
CA THR B 411 -60.96 -4.80 5.08
C THR B 411 -61.42 -6.10 4.43
N SER B 412 -61.92 -7.06 5.22
CA SER B 412 -62.44 -8.33 4.72
C SER B 412 -63.66 -8.13 3.81
N ASP B 413 -64.44 -7.06 4.06
CA ASP B 413 -65.66 -6.75 3.31
C ASP B 413 -65.55 -5.63 2.30
N TYR B 414 -64.71 -4.61 2.56
CA TYR B 414 -64.61 -3.45 1.69
C TYR B 414 -63.20 -3.09 1.29
N LEU B 415 -63.08 -2.37 0.15
CA LEU B 415 -61.85 -1.79 -0.34
C LEU B 415 -62.21 -0.33 -0.54
N TYR B 416 -61.33 0.57 -0.05
CA TYR B 416 -61.49 2.02 -0.18
C TYR B 416 -60.45 2.52 -1.16
N TYR B 417 -60.85 3.40 -2.11
CA TYR B 417 -59.96 3.92 -3.14
C TYR B 417 -60.31 5.35 -3.56
N ILE B 418 -59.31 6.05 -4.16
CA ILE B 418 -59.43 7.41 -4.71
C ILE B 418 -59.49 7.26 -6.24
N SER B 419 -60.38 8.01 -6.88
CA SER B 419 -60.53 8.01 -8.33
C SER B 419 -61.02 9.38 -8.82
N ASN B 420 -60.89 9.62 -10.13
CA ASN B 420 -61.31 10.86 -10.77
C ASN B 420 -62.59 10.68 -11.60
N GLU B 421 -63.41 9.68 -11.23
CA GLU B 421 -64.65 9.33 -11.90
C GLU B 421 -65.70 10.46 -11.89
N HIS B 422 -65.90 11.12 -10.72
CA HIS B 422 -66.92 12.14 -10.52
C HIS B 422 -66.92 13.26 -11.55
N LYS B 423 -68.10 13.46 -12.22
CA LYS B 423 -68.38 14.48 -13.24
C LYS B 423 -67.45 14.38 -14.46
N GLY B 424 -66.81 13.22 -14.63
CA GLY B 424 -65.86 12.94 -15.70
C GLY B 424 -64.64 13.88 -15.69
N MET B 425 -64.31 14.44 -14.51
CA MET B 425 -63.21 15.38 -14.30
C MET B 425 -61.93 14.65 -13.87
N PRO B 426 -60.93 14.56 -14.76
CA PRO B 426 -59.66 13.89 -14.36
C PRO B 426 -58.85 14.65 -13.30
N GLY B 427 -59.17 15.93 -13.10
CA GLY B 427 -58.54 16.81 -12.13
C GLY B 427 -59.22 16.86 -10.79
N GLY B 428 -60.21 16.00 -10.61
CA GLY B 428 -60.95 15.83 -9.36
C GLY B 428 -60.54 14.54 -8.70
N ARG B 429 -60.70 14.45 -7.37
CA ARG B 429 -60.37 13.24 -6.62
C ARG B 429 -61.45 13.00 -5.59
N ASN B 430 -61.96 11.76 -5.51
CA ASN B 430 -62.99 11.42 -4.54
C ASN B 430 -62.78 10.04 -3.93
N LEU B 431 -63.23 9.85 -2.68
CA LEU B 431 -63.13 8.58 -1.97
C LEU B 431 -64.34 7.72 -2.28
N TYR B 432 -64.05 6.49 -2.71
CA TYR B 432 -65.03 5.50 -3.05
C TYR B 432 -64.80 4.25 -2.24
N ARG B 433 -65.87 3.51 -1.96
CA ARG B 433 -65.81 2.23 -1.27
C ARG B 433 -66.52 1.18 -2.14
N ILE B 434 -65.84 0.06 -2.39
CA ILE B 434 -66.36 -1.05 -3.18
C ILE B 434 -66.57 -2.30 -2.29
N GLN B 435 -67.73 -2.97 -2.42
CA GLN B 435 -68.05 -4.18 -1.66
C GLN B 435 -67.35 -5.38 -2.33
N LEU B 436 -66.50 -6.08 -1.57
CA LEU B 436 -65.68 -7.18 -2.11
C LEU B 436 -66.47 -8.42 -2.54
N ASN B 437 -67.70 -8.63 -2.01
CA ASN B 437 -68.55 -9.75 -2.42
C ASN B 437 -69.52 -9.36 -3.58
N ASP B 438 -69.56 -8.06 -3.93
CA ASP B 438 -70.43 -7.49 -4.97
C ASP B 438 -69.83 -6.18 -5.49
N TYR B 439 -69.05 -6.29 -6.57
CA TYR B 439 -68.35 -5.18 -7.22
C TYR B 439 -69.26 -4.14 -7.87
N THR B 440 -70.58 -4.40 -7.92
CA THR B 440 -71.57 -3.49 -8.46
C THR B 440 -71.91 -2.44 -7.39
N LYS B 441 -71.76 -2.83 -6.11
CA LYS B 441 -72.03 -1.97 -4.95
C LYS B 441 -70.84 -1.06 -4.65
N VAL B 442 -70.81 0.11 -5.32
CA VAL B 442 -69.78 1.14 -5.18
C VAL B 442 -70.44 2.41 -4.65
N THR B 443 -69.92 2.95 -3.54
CA THR B 443 -70.44 4.18 -2.92
C THR B 443 -69.37 5.27 -2.95
N CYS B 444 -69.75 6.50 -3.36
CA CYS B 444 -68.83 7.62 -3.27
C CYS B 444 -69.05 8.27 -1.93
N LEU B 445 -68.06 8.12 -1.05
CA LEU B 445 -68.11 8.64 0.31
C LEU B 445 -67.95 10.16 0.42
N SER B 446 -67.24 10.81 -0.54
CA SER B 446 -66.94 12.24 -0.49
C SER B 446 -67.63 13.12 -1.55
N CYS B 447 -68.06 12.57 -2.69
CA CYS B 447 -68.66 13.26 -3.85
C CYS B 447 -69.59 14.46 -3.55
N GLU B 448 -70.63 14.24 -2.73
CA GLU B 448 -71.62 15.28 -2.49
C GLU B 448 -71.61 15.86 -1.06
N LEU B 449 -70.44 15.87 -0.40
CA LEU B 449 -70.31 16.45 0.95
C LEU B 449 -70.43 17.98 0.86
N ASN B 450 -69.57 18.60 0.02
CA ASN B 450 -69.53 20.03 -0.29
C ASN B 450 -69.22 20.05 -1.80
N PRO B 451 -70.22 19.83 -2.70
CA PRO B 451 -69.90 19.70 -4.13
C PRO B 451 -69.24 20.93 -4.78
N GLU B 452 -69.55 22.15 -4.31
CA GLU B 452 -68.98 23.37 -4.88
C GLU B 452 -67.60 23.68 -4.32
N ARG B 453 -67.40 23.45 -3.02
CA ARG B 453 -66.16 23.72 -2.29
C ARG B 453 -65.13 22.59 -2.41
N CYS B 454 -65.59 21.33 -2.47
CA CYS B 454 -64.74 20.16 -2.41
C CYS B 454 -64.89 19.17 -3.56
N GLN B 455 -63.86 19.12 -4.41
CA GLN B 455 -63.78 18.22 -5.58
C GLN B 455 -62.44 17.45 -5.63
N TYR B 456 -61.50 17.77 -4.72
CA TYR B 456 -60.18 17.15 -4.66
C TYR B 456 -59.93 16.63 -3.25
N TYR B 457 -59.96 15.31 -3.12
CA TYR B 457 -59.84 14.65 -1.83
C TYR B 457 -58.68 13.68 -1.70
N SER B 458 -58.23 13.54 -0.46
CA SER B 458 -57.23 12.57 -0.01
C SER B 458 -57.83 11.96 1.27
N ALA B 459 -57.43 10.74 1.66
CA ALA B 459 -57.93 10.11 2.88
C ALA B 459 -56.87 9.37 3.68
N SER B 460 -57.04 9.30 5.00
CA SER B 460 -56.16 8.60 5.94
C SER B 460 -57.05 7.72 6.81
N PHE B 461 -56.85 6.42 6.78
CA PHE B 461 -57.64 5.46 7.54
C PHE B 461 -56.98 5.00 8.83
N SER B 462 -57.81 4.62 9.81
CA SER B 462 -57.36 4.07 11.09
C SER B 462 -56.86 2.64 10.87
N ASN B 463 -56.23 2.01 11.90
CA ASN B 463 -55.60 0.68 11.82
C ASN B 463 -56.49 -0.43 11.21
N LYS B 464 -57.80 -0.45 11.52
CA LYS B 464 -58.66 -1.49 10.94
C LYS B 464 -59.68 -0.89 9.96
N ALA B 465 -59.38 0.33 9.46
CA ALA B 465 -60.18 1.17 8.55
C ALA B 465 -61.57 1.47 9.12
N LYS B 466 -61.65 1.62 10.46
CA LYS B 466 -62.86 1.90 11.22
C LYS B 466 -63.23 3.37 11.17
N TYR B 467 -62.23 4.23 11.02
CA TYR B 467 -62.39 5.67 10.92
C TYR B 467 -61.48 6.18 9.82
N TYR B 468 -61.81 7.36 9.28
CA TYR B 468 -61.00 8.01 8.27
C TYR B 468 -61.10 9.51 8.34
N GLN B 469 -59.99 10.17 8.07
CA GLN B 469 -59.95 11.60 7.95
C GLN B 469 -60.04 11.86 6.44
N LEU B 470 -60.84 12.84 6.05
CA LEU B 470 -60.98 13.26 4.67
C LEU B 470 -60.33 14.62 4.52
N ARG B 471 -59.43 14.75 3.55
CA ARG B 471 -58.68 15.97 3.28
C ARG B 471 -59.17 16.53 1.95
N CYS B 472 -59.88 17.67 1.99
CA CYS B 472 -60.38 18.34 0.80
C CYS B 472 -59.43 19.51 0.48
N PHE B 473 -58.83 19.51 -0.71
CA PHE B 473 -57.84 20.49 -1.09
C PHE B 473 -58.33 21.60 -2.02
N GLY B 474 -59.59 21.54 -2.43
CA GLY B 474 -60.16 22.56 -3.31
C GLY B 474 -61.38 22.12 -4.09
N PRO B 475 -61.96 22.97 -4.99
CA PRO B 475 -61.54 24.33 -5.41
C PRO B 475 -61.61 25.41 -4.34
N GLY B 476 -62.47 25.25 -3.35
CA GLY B 476 -62.61 26.20 -2.25
C GLY B 476 -61.52 26.00 -1.21
N LEU B 477 -61.62 26.69 -0.06
CA LEU B 477 -60.63 26.58 1.02
C LEU B 477 -60.50 25.15 1.53
N PRO B 478 -59.27 24.64 1.77
CA PRO B 478 -59.13 23.25 2.25
C PRO B 478 -59.91 22.95 3.52
N LEU B 479 -60.59 21.80 3.52
CA LEU B 479 -61.45 21.34 4.63
C LEU B 479 -61.04 19.92 5.07
N TYR B 480 -60.73 19.78 6.37
CA TYR B 480 -60.29 18.52 6.98
C TYR B 480 -61.39 18.05 7.91
N THR B 481 -61.90 16.85 7.68
CA THR B 481 -63.02 16.28 8.44
C THR B 481 -62.74 14.83 8.87
N LEU B 482 -63.43 14.34 9.92
CA LEU B 482 -63.30 12.98 10.41
C LEU B 482 -64.60 12.25 10.24
N HIS B 483 -64.52 10.99 9.77
CA HIS B 483 -65.68 10.14 9.54
C HIS B 483 -65.53 8.76 10.13
N SER B 484 -66.67 8.13 10.41
CA SER B 484 -66.80 6.75 10.85
C SER B 484 -67.00 5.92 9.57
N SER B 485 -66.31 4.78 9.44
CA SER B 485 -66.46 3.94 8.25
C SER B 485 -67.78 3.14 8.24
N SER B 486 -68.29 2.80 9.43
CA SER B 486 -69.53 2.05 9.62
C SER B 486 -70.78 2.79 9.16
N SER B 487 -70.91 4.08 9.52
CA SER B 487 -72.06 4.93 9.19
C SER B 487 -71.79 5.99 8.11
N ASP B 488 -70.50 6.30 7.84
CA ASP B 488 -70.03 7.33 6.89
C ASP B 488 -70.53 8.73 7.29
N LYS B 489 -70.83 8.86 8.60
CA LYS B 489 -71.28 10.07 9.26
C LYS B 489 -70.05 10.92 9.56
N GLU B 490 -70.18 12.25 9.35
CA GLU B 490 -69.10 13.18 9.64
C GLU B 490 -69.14 13.41 11.14
N LEU B 491 -68.12 12.90 11.83
CA LEU B 491 -67.98 13.02 13.28
C LEU B 491 -67.72 14.47 13.67
N ARG B 492 -66.76 15.12 12.99
CA ARG B 492 -66.39 16.51 13.25
C ARG B 492 -65.61 17.17 12.13
N VAL B 493 -65.51 18.51 12.20
CA VAL B 493 -64.73 19.35 11.29
C VAL B 493 -63.41 19.61 12.03
N LEU B 494 -62.32 19.05 11.52
CA LEU B 494 -60.99 19.17 12.14
C LEU B 494 -60.36 20.53 11.84
N GLU B 495 -60.48 21.01 10.59
CA GLU B 495 -59.98 22.30 10.12
C GLU B 495 -60.83 22.79 8.95
N ASP B 496 -61.44 23.97 9.08
CA ASP B 496 -62.26 24.56 8.02
C ASP B 496 -61.67 25.84 7.40
N ASN B 497 -60.46 26.26 7.84
CA ASN B 497 -59.76 27.47 7.35
C ASN B 497 -60.63 28.74 7.43
N SER B 498 -61.40 28.89 8.52
CA SER B 498 -62.29 30.04 8.74
C SER B 498 -61.51 31.34 8.94
N ALA B 499 -60.29 31.25 9.54
CA ALA B 499 -59.38 32.39 9.76
C ALA B 499 -58.91 32.94 8.40
N LEU B 500 -58.62 32.03 7.45
CA LEU B 500 -58.22 32.37 6.09
C LEU B 500 -59.38 33.01 5.33
N ASP B 501 -60.61 32.47 5.49
CA ASP B 501 -61.81 32.99 4.85
C ASP B 501 -62.04 34.46 5.21
N LYS B 502 -61.89 34.81 6.50
CA LYS B 502 -62.03 36.15 7.04
C LYS B 502 -60.99 37.11 6.43
N MET B 503 -59.73 36.64 6.28
CA MET B 503 -58.62 37.40 5.71
C MET B 503 -58.83 37.73 4.23
N LEU B 504 -59.32 36.74 3.45
CA LEU B 504 -59.51 36.85 2.00
C LEU B 504 -60.71 37.68 1.58
N GLN B 505 -61.59 38.05 2.54
CA GLN B 505 -62.78 38.87 2.30
C GLN B 505 -62.40 40.30 1.96
N ASP B 506 -61.29 40.76 2.55
CA ASP B 506 -60.72 42.08 2.40
C ASP B 506 -59.77 42.18 1.17
N VAL B 507 -59.66 41.09 0.38
CA VAL B 507 -58.76 41.04 -0.77
C VAL B 507 -59.49 40.67 -2.08
N GLN B 508 -59.17 41.37 -3.18
CA GLN B 508 -59.71 41.10 -4.51
C GLN B 508 -59.00 39.85 -5.04
N MET B 509 -59.59 38.68 -4.77
CA MET B 509 -59.02 37.42 -5.17
C MET B 509 -59.34 37.04 -6.61
N PRO B 510 -58.41 36.34 -7.33
CA PRO B 510 -58.72 35.93 -8.70
C PRO B 510 -59.62 34.69 -8.71
N SER B 511 -60.25 34.41 -9.86
CA SER B 511 -61.12 33.25 -10.03
C SER B 511 -60.45 32.16 -10.86
N LYS B 512 -60.60 30.89 -10.47
CA LYS B 512 -60.00 29.77 -11.21
C LYS B 512 -61.10 29.03 -11.96
N LYS B 513 -61.04 29.10 -13.29
CA LYS B 513 -62.00 28.46 -14.18
C LYS B 513 -61.35 27.23 -14.83
N LEU B 514 -62.03 26.08 -14.77
CA LEU B 514 -61.60 24.84 -15.41
C LEU B 514 -62.54 24.52 -16.56
N ASP B 515 -61.99 24.23 -17.74
CA ASP B 515 -62.77 23.89 -18.92
C ASP B 515 -62.05 22.94 -19.87
N VAL B 516 -62.68 22.65 -21.01
CA VAL B 516 -62.18 21.72 -22.02
C VAL B 516 -62.05 22.38 -23.38
N ILE B 517 -61.10 21.89 -24.17
CA ILE B 517 -60.85 22.25 -25.56
C ILE B 517 -60.55 20.97 -26.35
N ASN B 518 -60.82 20.99 -27.65
CA ASN B 518 -60.54 19.84 -28.52
C ASN B 518 -59.26 20.04 -29.31
N LEU B 519 -58.32 19.09 -29.17
CA LEU B 519 -57.06 19.05 -29.91
C LEU B 519 -57.03 17.70 -30.60
N HIS B 520 -56.90 17.68 -31.96
CA HIS B 520 -56.87 16.46 -32.80
C HIS B 520 -57.95 15.43 -32.39
N GLY B 521 -59.19 15.92 -32.25
CA GLY B 521 -60.34 15.11 -31.89
C GLY B 521 -60.43 14.66 -30.44
N THR B 522 -59.41 14.98 -29.61
CA THR B 522 -59.40 14.61 -28.20
C THR B 522 -59.74 15.82 -27.32
N LYS B 523 -60.55 15.58 -26.28
CA LYS B 523 -60.91 16.62 -25.31
C LYS B 523 -59.84 16.68 -24.24
N PHE B 524 -59.25 17.86 -24.07
CA PHE B 524 -58.21 18.05 -23.08
C PHE B 524 -58.64 19.16 -22.15
N TRP B 525 -58.13 19.10 -20.92
CA TRP B 525 -58.46 20.05 -19.88
C TRP B 525 -57.50 21.18 -19.71
N TYR B 526 -58.04 22.36 -19.44
CA TYR B 526 -57.27 23.56 -19.15
C TYR B 526 -57.88 24.30 -17.95
N GLN B 527 -57.08 25.16 -17.34
CA GLN B 527 -57.50 26.01 -16.22
C GLN B 527 -56.99 27.42 -16.47
N MET B 528 -57.70 28.41 -15.93
CA MET B 528 -57.31 29.80 -16.05
C MET B 528 -57.53 30.52 -14.75
N ILE B 529 -56.46 31.13 -14.20
CA ILE B 529 -56.56 31.99 -13.02
C ILE B 529 -56.90 33.35 -13.65
N LEU B 530 -58.13 33.80 -13.48
CA LEU B 530 -58.62 35.04 -14.07
C LEU B 530 -58.58 36.22 -13.10
N PRO B 531 -58.06 37.38 -13.54
CA PRO B 531 -58.02 38.57 -12.66
C PRO B 531 -59.38 39.00 -12.09
N PRO B 532 -59.43 39.68 -10.91
CA PRO B 532 -60.73 40.13 -10.37
C PRO B 532 -61.37 41.18 -11.27
N HIS B 533 -62.71 41.24 -11.26
CA HIS B 533 -63.53 42.14 -12.09
C HIS B 533 -63.21 41.92 -13.57
N PHE B 534 -63.03 40.64 -13.93
CA PHE B 534 -62.68 40.17 -15.26
C PHE B 534 -63.71 40.58 -16.31
N ASP B 535 -63.29 41.43 -17.23
CA ASP B 535 -64.10 41.95 -18.33
C ASP B 535 -63.71 41.26 -19.63
N LYS B 536 -64.64 40.49 -20.23
CA LYS B 536 -64.45 39.76 -21.48
C LYS B 536 -64.17 40.67 -22.70
N SER B 537 -64.58 41.96 -22.63
CA SER B 537 -64.33 42.94 -23.68
C SER B 537 -62.88 43.43 -23.66
N LYS B 538 -62.30 43.57 -22.45
CA LYS B 538 -60.91 43.99 -22.22
C LYS B 538 -59.97 42.86 -22.67
N LYS B 539 -58.78 43.22 -23.20
CA LYS B 539 -57.77 42.25 -23.63
C LYS B 539 -56.62 42.17 -22.62
N TYR B 540 -56.48 41.01 -21.97
CA TYR B 540 -55.51 40.76 -20.91
C TYR B 540 -54.26 40.02 -21.37
N PRO B 541 -53.07 40.28 -20.77
CA PRO B 541 -51.89 39.46 -21.11
C PRO B 541 -52.06 38.05 -20.52
N LEU B 542 -51.45 37.05 -21.16
CA LEU B 542 -51.56 35.64 -20.79
C LEU B 542 -50.20 35.01 -20.43
N LEU B 543 -50.14 34.28 -19.30
CA LEU B 543 -48.95 33.54 -18.88
C LEU B 543 -49.31 32.04 -18.78
N ILE B 544 -48.64 31.22 -19.56
CA ILE B 544 -48.83 29.78 -19.52
C ILE B 544 -47.89 29.20 -18.45
N GLU B 545 -48.45 28.46 -17.49
CA GLU B 545 -47.69 27.77 -16.46
C GLU B 545 -47.68 26.31 -16.89
N VAL B 546 -46.50 25.76 -17.12
CA VAL B 546 -46.40 24.42 -17.69
C VAL B 546 -45.58 23.42 -16.84
N TYR B 547 -46.00 22.13 -16.90
CA TYR B 547 -45.33 20.94 -16.37
C TYR B 547 -45.21 20.04 -17.63
N ALA B 548 -46.33 19.47 -18.12
CA ALA B 548 -46.48 18.66 -19.34
C ALA B 548 -45.60 17.40 -19.42
N GLY B 549 -45.05 16.97 -18.28
CA GLY B 549 -44.25 15.76 -18.19
C GLY B 549 -45.07 14.50 -18.24
N PRO B 550 -44.47 13.33 -18.58
CA PRO B 550 -45.26 12.08 -18.61
C PRO B 550 -45.96 11.83 -17.27
N CYS B 551 -47.30 11.66 -17.36
CA CYS B 551 -48.25 11.46 -16.26
C CYS B 551 -48.42 12.70 -15.38
N SER B 552 -48.23 13.88 -15.96
CA SER B 552 -48.40 15.14 -15.24
C SER B 552 -49.87 15.51 -15.15
N GLN B 553 -50.19 16.42 -14.21
CA GLN B 553 -51.51 17.00 -14.05
C GLN B 553 -51.38 18.39 -13.48
N LYS B 554 -51.31 19.38 -14.39
CA LYS B 554 -51.23 20.79 -14.02
C LYS B 554 -52.63 21.34 -13.83
N VAL B 555 -53.63 20.69 -14.45
CA VAL B 555 -55.04 21.07 -14.40
C VAL B 555 -55.82 20.21 -13.39
N ASP B 556 -56.16 20.83 -12.26
CA ASP B 556 -56.91 20.21 -11.19
C ASP B 556 -57.73 21.24 -10.44
N THR B 557 -58.48 20.78 -9.45
CA THR B 557 -59.34 21.60 -8.63
C THR B 557 -58.68 21.98 -7.29
N VAL B 558 -57.35 21.87 -7.14
CA VAL B 558 -56.66 22.19 -5.89
C VAL B 558 -56.63 23.72 -5.66
N PHE B 559 -56.96 24.18 -4.44
CA PHE B 559 -56.87 25.59 -4.08
C PHE B 559 -55.41 25.88 -3.75
N ARG B 560 -54.86 26.97 -4.34
CA ARG B 560 -53.47 27.39 -4.15
C ARG B 560 -53.33 28.87 -4.03
N LEU B 561 -52.46 29.31 -3.12
CA LEU B 561 -52.06 30.70 -2.94
C LEU B 561 -50.65 30.71 -3.51
N SER B 562 -50.61 30.84 -4.84
CA SER B 562 -49.41 30.75 -5.65
C SER B 562 -48.97 32.11 -6.19
N TRP B 563 -47.88 32.12 -6.97
CA TRP B 563 -47.37 33.32 -7.62
C TRP B 563 -48.41 33.81 -8.66
N ALA B 564 -49.12 32.84 -9.29
CA ALA B 564 -50.21 33.07 -10.25
C ALA B 564 -51.36 33.87 -9.64
N THR B 565 -51.61 33.69 -8.31
CA THR B 565 -52.64 34.40 -7.56
C THR B 565 -52.28 35.88 -7.59
N TYR B 566 -50.99 36.21 -7.32
CA TYR B 566 -50.48 37.59 -7.34
C TYR B 566 -50.57 38.21 -8.76
N LEU B 567 -50.10 37.46 -9.78
CA LEU B 567 -50.10 37.92 -11.17
C LEU B 567 -51.49 38.23 -11.65
N ALA B 568 -52.48 37.42 -11.28
CA ALA B 568 -53.86 37.64 -11.65
C ALA B 568 -54.50 38.78 -10.83
N SER B 569 -54.32 38.75 -9.50
CA SER B 569 -54.89 39.74 -8.58
C SER B 569 -54.32 41.17 -8.69
N THR B 570 -52.98 41.31 -8.62
CA THR B 570 -52.29 42.59 -8.67
C THR B 570 -51.94 43.05 -10.09
N GLU B 571 -51.41 42.14 -10.91
CA GLU B 571 -50.92 42.50 -12.25
C GLU B 571 -51.90 42.32 -13.40
N ASN B 572 -53.11 41.75 -13.16
CA ASN B 572 -54.17 41.53 -14.16
C ASN B 572 -53.68 40.70 -15.36
N ILE B 573 -53.02 39.61 -15.05
CA ILE B 573 -52.49 38.64 -16.00
C ILE B 573 -53.34 37.37 -15.84
N ILE B 574 -53.72 36.76 -16.97
CA ILE B 574 -54.44 35.50 -16.95
C ILE B 574 -53.34 34.44 -16.86
N VAL B 575 -53.43 33.53 -15.91
CA VAL B 575 -52.44 32.46 -15.81
C VAL B 575 -53.16 31.17 -16.18
N ALA B 576 -52.81 30.59 -17.34
CA ALA B 576 -53.42 29.36 -17.80
C ALA B 576 -52.47 28.18 -17.74
N SER B 577 -53.04 26.97 -17.52
CA SER B 577 -52.33 25.70 -17.54
C SER B 577 -53.14 24.77 -18.44
N PHE B 578 -52.47 23.81 -19.07
CA PHE B 578 -53.08 22.87 -20.00
C PHE B 578 -52.43 21.49 -19.92
N ASP B 579 -53.26 20.43 -19.96
CA ASP B 579 -52.79 19.04 -19.95
C ASP B 579 -53.16 18.41 -21.29
N GLY B 580 -52.16 18.19 -22.12
CA GLY B 580 -52.32 17.59 -23.45
C GLY B 580 -51.82 16.16 -23.48
N ARG B 581 -51.27 15.74 -24.63
CA ARG B 581 -50.73 14.39 -24.78
C ARG B 581 -49.57 14.17 -23.82
N GLY B 582 -49.54 12.98 -23.21
CA GLY B 582 -48.54 12.59 -22.22
C GLY B 582 -48.96 12.83 -20.78
N SER B 583 -50.04 13.63 -20.56
CA SER B 583 -50.55 13.92 -19.22
C SER B 583 -51.19 12.64 -18.60
N GLY B 584 -51.36 12.65 -17.28
CA GLY B 584 -51.86 11.48 -16.57
C GLY B 584 -53.33 11.48 -16.26
N TYR B 585 -53.74 10.35 -15.68
CA TYR B 585 -55.06 10.11 -15.12
C TYR B 585 -56.19 10.22 -16.15
N GLN B 586 -55.92 9.90 -17.44
CA GLN B 586 -56.92 9.96 -18.53
C GLN B 586 -56.77 8.79 -19.50
N GLY B 587 -56.04 7.76 -19.08
CA GLY B 587 -55.82 6.57 -19.89
C GLY B 587 -54.44 6.52 -20.48
N ASP B 588 -54.02 5.32 -20.87
CA ASP B 588 -52.72 5.07 -21.45
C ASP B 588 -52.59 5.62 -22.88
N LYS B 589 -53.71 5.81 -23.60
CA LYS B 589 -53.69 6.39 -24.94
C LYS B 589 -53.07 7.78 -24.90
N ILE B 590 -53.55 8.64 -23.98
CA ILE B 590 -53.04 10.00 -23.79
C ILE B 590 -51.67 9.95 -23.12
N MET B 591 -51.50 9.14 -22.07
CA MET B 591 -50.26 9.09 -21.32
C MET B 591 -49.08 8.57 -22.13
N HIS B 592 -49.28 7.44 -22.83
CA HIS B 592 -48.19 6.84 -23.61
C HIS B 592 -47.95 7.50 -24.96
N ALA B 593 -48.72 8.56 -25.32
CA ALA B 593 -48.54 9.27 -26.60
C ALA B 593 -47.12 9.80 -26.81
N ILE B 594 -46.45 10.20 -25.71
CA ILE B 594 -45.08 10.71 -25.75
C ILE B 594 -44.04 9.60 -25.44
N ASN B 595 -44.41 8.31 -25.52
CA ASN B 595 -43.46 7.21 -25.30
C ASN B 595 -42.39 7.25 -26.38
N ARG B 596 -41.13 7.25 -25.92
CA ARG B 596 -39.87 7.28 -26.66
C ARG B 596 -39.71 8.53 -27.53
N ARG B 597 -40.44 9.60 -27.19
CA ARG B 597 -40.40 10.86 -27.93
C ARG B 597 -40.77 12.05 -27.04
N LEU B 598 -40.02 12.21 -25.94
CA LEU B 598 -40.20 13.36 -25.05
C LEU B 598 -39.76 14.64 -25.81
N GLY B 599 -40.49 15.72 -25.61
CA GLY B 599 -40.22 17.01 -26.24
C GLY B 599 -40.98 17.21 -27.53
N THR B 600 -41.88 16.27 -27.87
CA THR B 600 -42.65 16.35 -29.10
C THR B 600 -44.09 16.81 -28.86
N PHE B 601 -45.04 15.87 -28.72
CA PHE B 601 -46.48 16.11 -28.61
C PHE B 601 -46.89 17.02 -27.48
N GLU B 602 -46.30 16.84 -26.28
CA GLU B 602 -46.60 17.66 -25.11
C GLU B 602 -46.21 19.11 -25.31
N VAL B 603 -45.13 19.37 -26.09
CA VAL B 603 -44.63 20.70 -26.44
C VAL B 603 -45.61 21.32 -27.46
N GLU B 604 -45.85 20.60 -28.58
CA GLU B 604 -46.74 20.95 -29.67
C GLU B 604 -48.17 21.27 -29.18
N ASP B 605 -48.67 20.49 -28.18
CA ASP B 605 -50.00 20.70 -27.57
C ASP B 605 -50.06 21.97 -26.71
N GLN B 606 -48.93 22.38 -26.11
CA GLN B 606 -48.89 23.61 -25.34
C GLN B 606 -49.05 24.80 -26.29
N ILE B 607 -48.48 24.71 -27.51
CA ILE B 607 -48.56 25.77 -28.52
C ILE B 607 -49.97 25.88 -29.09
N GLU B 608 -50.56 24.74 -29.51
CA GLU B 608 -51.91 24.69 -30.10
C GLU B 608 -53.00 25.10 -29.10
N ALA B 609 -52.83 24.76 -27.80
CA ALA B 609 -53.79 25.16 -26.77
C ALA B 609 -53.75 26.68 -26.56
N THR B 610 -52.54 27.28 -26.56
CA THR B 610 -52.34 28.73 -26.43
C THR B 610 -52.93 29.50 -27.62
N ARG B 611 -52.77 28.95 -28.85
CA ARG B 611 -53.34 29.51 -30.08
C ARG B 611 -54.86 29.61 -29.93
N GLN B 612 -55.48 28.57 -29.37
CA GLN B 612 -56.91 28.54 -29.11
C GLN B 612 -57.31 29.53 -28.02
N PHE B 613 -56.52 29.63 -26.91
CA PHE B 613 -56.75 30.59 -25.81
C PHE B 613 -56.67 32.03 -26.33
N SER B 614 -55.74 32.29 -27.25
CA SER B 614 -55.55 33.62 -27.83
C SER B 614 -56.72 34.02 -28.76
N LYS B 615 -57.43 33.02 -29.36
CA LYS B 615 -58.59 33.24 -30.25
C LYS B 615 -59.73 33.86 -29.47
N MET B 616 -59.83 33.53 -28.16
CA MET B 616 -60.83 34.11 -27.25
C MET B 616 -60.51 35.61 -27.16
N GLY B 617 -61.51 36.45 -27.36
CA GLY B 617 -61.37 37.89 -27.40
C GLY B 617 -60.90 38.63 -26.16
N PHE B 618 -60.61 37.90 -25.07
CA PHE B 618 -60.16 38.49 -23.81
C PHE B 618 -58.63 38.37 -23.57
N VAL B 619 -57.89 37.89 -24.58
CA VAL B 619 -56.44 37.69 -24.53
C VAL B 619 -55.72 38.63 -25.51
N ASP B 620 -54.64 39.28 -25.03
CA ASP B 620 -53.79 40.13 -25.84
C ASP B 620 -52.73 39.20 -26.48
N ASP B 621 -52.91 38.90 -27.78
CA ASP B 621 -52.02 38.03 -28.56
C ASP B 621 -50.56 38.53 -28.62
N LYS B 622 -50.36 39.84 -28.45
CA LYS B 622 -49.04 40.47 -28.44
C LYS B 622 -48.34 40.29 -27.09
N ARG B 623 -49.09 39.93 -26.03
CA ARG B 623 -48.51 39.74 -24.69
C ARG B 623 -48.78 38.34 -24.12
N ILE B 624 -48.09 37.33 -24.69
CA ILE B 624 -48.18 35.94 -24.23
C ILE B 624 -46.81 35.42 -23.76
N ALA B 625 -46.76 34.89 -22.53
CA ALA B 625 -45.56 34.30 -21.98
C ALA B 625 -45.82 32.85 -21.52
N ILE B 626 -44.73 32.09 -21.28
CA ILE B 626 -44.75 30.71 -20.85
C ILE B 626 -43.64 30.51 -19.81
N TRP B 627 -43.92 29.79 -18.72
CA TRP B 627 -42.91 29.55 -17.71
C TRP B 627 -43.08 28.18 -17.08
N GLY B 628 -41.99 27.69 -16.52
CA GLY B 628 -41.99 26.41 -15.83
C GLY B 628 -40.70 26.03 -15.15
N TRP B 629 -40.82 25.01 -14.28
CA TRP B 629 -39.78 24.41 -13.45
C TRP B 629 -39.56 22.94 -13.87
N SER B 630 -38.31 22.43 -13.74
CA SER B 630 -37.89 21.05 -14.03
C SER B 630 -38.28 20.57 -15.41
N TYR B 631 -39.29 19.67 -15.51
CA TYR B 631 -39.80 19.22 -16.81
C TYR B 631 -40.49 20.41 -17.50
N GLY B 632 -41.22 21.23 -16.73
CA GLY B 632 -41.91 22.43 -17.20
C GLY B 632 -40.97 23.50 -17.74
N GLY B 633 -39.72 23.50 -17.26
CA GLY B 633 -38.69 24.42 -17.74
C GLY B 633 -38.19 23.98 -19.10
N TYR B 634 -38.15 22.63 -19.33
CA TYR B 634 -37.74 21.99 -20.58
C TYR B 634 -38.78 22.26 -21.65
N VAL B 635 -40.08 22.02 -21.32
CA VAL B 635 -41.22 22.27 -22.20
C VAL B 635 -41.27 23.75 -22.61
N THR B 636 -41.11 24.69 -21.65
CA THR B 636 -41.09 26.13 -21.88
C THR B 636 -40.08 26.47 -22.98
N SER B 637 -38.85 25.96 -22.81
CA SER B 637 -37.68 26.11 -23.67
C SER B 637 -37.87 25.48 -25.04
N MET B 638 -38.51 24.30 -25.10
CA MET B 638 -38.79 23.62 -26.37
C MET B 638 -39.92 24.38 -27.11
N VAL B 639 -40.84 25.01 -26.35
CA VAL B 639 -41.92 25.85 -26.88
C VAL B 639 -41.31 27.14 -27.44
N LEU B 640 -40.39 27.78 -26.69
CA LEU B 640 -39.74 29.02 -27.12
C LEU B 640 -38.81 28.82 -28.31
N GLY B 641 -38.27 27.61 -28.43
CA GLY B 641 -37.39 27.22 -29.51
C GLY B 641 -38.12 26.65 -30.69
N ALA B 642 -39.48 26.57 -30.62
CA ALA B 642 -40.34 26.07 -31.69
C ALA B 642 -40.57 27.09 -32.81
N GLY B 643 -40.37 28.37 -32.51
CA GLY B 643 -40.53 29.46 -33.46
C GLY B 643 -41.94 29.60 -33.99
N SER B 644 -42.92 29.56 -33.09
CA SER B 644 -44.34 29.65 -33.42
C SER B 644 -44.85 31.09 -33.57
N GLY B 645 -44.18 32.04 -32.93
CA GLY B 645 -44.56 33.45 -32.94
C GLY B 645 -45.65 33.78 -31.91
N VAL B 646 -46.18 32.75 -31.25
CA VAL B 646 -47.24 32.83 -30.24
C VAL B 646 -46.74 33.52 -28.96
N PHE B 647 -45.55 33.12 -28.49
CA PHE B 647 -44.96 33.60 -27.25
C PHE B 647 -43.95 34.71 -27.43
N LYS B 648 -44.09 35.76 -26.61
CA LYS B 648 -43.21 36.92 -26.59
C LYS B 648 -42.00 36.60 -25.72
N CYS B 649 -42.23 35.96 -24.58
CA CYS B 649 -41.19 35.63 -23.61
C CYS B 649 -41.45 34.34 -22.83
N GLY B 650 -40.47 33.95 -22.05
CA GLY B 650 -40.55 32.75 -21.24
C GLY B 650 -39.48 32.65 -20.19
N ILE B 651 -39.81 31.90 -19.13
CA ILE B 651 -38.92 31.70 -18.00
C ILE B 651 -38.72 30.21 -17.76
N ALA B 652 -37.48 29.75 -17.84
CA ALA B 652 -37.19 28.34 -17.58
C ALA B 652 -36.40 28.21 -16.28
N VAL B 653 -36.95 27.50 -15.28
CA VAL B 653 -36.30 27.35 -13.97
C VAL B 653 -35.83 25.91 -13.81
N ALA B 654 -34.51 25.73 -13.57
CA ALA B 654 -33.78 24.47 -13.43
C ALA B 654 -34.26 23.40 -14.46
N PRO B 655 -34.23 23.69 -15.78
CA PRO B 655 -34.77 22.72 -16.73
C PRO B 655 -33.79 21.67 -17.22
N VAL B 656 -34.34 20.53 -17.65
CA VAL B 656 -33.60 19.51 -18.35
C VAL B 656 -33.41 20.16 -19.74
N SER B 657 -32.19 20.08 -20.29
CA SER B 657 -31.90 20.61 -21.62
C SER B 657 -31.60 19.48 -22.63
N LYS B 658 -31.08 18.34 -22.13
CA LYS B 658 -30.64 17.17 -22.91
C LYS B 658 -30.83 15.93 -22.02
N TRP B 659 -31.65 14.98 -22.47
CA TRP B 659 -32.03 13.78 -21.72
C TRP B 659 -30.87 12.87 -21.33
N GLU B 660 -29.72 12.94 -22.03
CA GLU B 660 -28.54 12.13 -21.70
C GLU B 660 -27.89 12.58 -20.39
N TYR B 661 -28.21 13.82 -19.94
CA TYR B 661 -27.71 14.42 -18.71
C TYR B 661 -28.55 14.04 -17.51
N TYR B 662 -29.82 13.69 -17.74
CA TYR B 662 -30.74 13.32 -16.66
C TYR B 662 -30.54 11.87 -16.20
N ASP B 663 -31.04 11.51 -15.00
CA ASP B 663 -30.84 10.16 -14.43
C ASP B 663 -31.48 9.07 -15.23
N SER B 664 -30.88 7.87 -15.11
CA SER B 664 -31.26 6.67 -15.83
C SER B 664 -32.67 6.19 -15.62
N VAL B 665 -33.15 6.13 -14.34
CA VAL B 665 -34.46 5.55 -14.00
C VAL B 665 -35.59 6.33 -14.67
N TYR B 666 -35.67 7.65 -14.45
CA TYR B 666 -36.70 8.49 -15.01
C TYR B 666 -36.65 8.51 -16.53
N THR B 667 -35.51 8.90 -17.08
CA THR B 667 -35.23 9.10 -18.51
C THR B 667 -35.52 7.83 -19.36
N GLU B 668 -34.89 6.67 -19.02
CA GLU B 668 -35.05 5.41 -19.76
C GLU B 668 -36.48 4.84 -19.76
N ARG B 669 -37.24 5.15 -18.71
CA ARG B 669 -38.64 4.72 -18.56
C ARG B 669 -39.44 5.24 -19.75
N TYR B 670 -39.11 6.46 -20.21
CA TYR B 670 -39.83 7.08 -21.31
C TYR B 670 -39.07 7.07 -22.60
N MET B 671 -37.73 6.96 -22.55
CA MET B 671 -36.89 7.10 -23.73
C MET B 671 -36.12 5.89 -24.18
N GLY B 672 -36.04 4.87 -23.35
CA GLY B 672 -35.23 3.70 -23.64
C GLY B 672 -33.77 4.04 -23.45
N LEU B 673 -32.88 3.32 -24.14
CA LEU B 673 -31.45 3.57 -24.01
C LEU B 673 -30.90 4.52 -25.10
N PRO B 674 -29.92 5.40 -24.76
CA PRO B 674 -29.36 6.30 -25.78
C PRO B 674 -28.25 5.66 -26.61
N THR B 675 -28.58 4.51 -27.21
CA THR B 675 -27.66 3.75 -28.08
C THR B 675 -28.21 3.78 -29.50
N PRO B 676 -27.37 3.70 -30.56
CA PRO B 676 -27.93 3.69 -31.93
C PRO B 676 -28.84 2.50 -32.22
N GLU B 677 -28.70 1.42 -31.40
CA GLU B 677 -29.52 0.20 -31.46
C GLU B 677 -30.93 0.50 -30.92
N ASP B 678 -31.03 1.41 -29.92
CA ASP B 678 -32.29 1.75 -29.29
C ASP B 678 -32.84 3.15 -29.72
N ASN B 679 -32.73 4.19 -28.85
CA ASN B 679 -33.38 5.46 -29.12
C ASN B 679 -32.47 6.71 -29.30
N LEU B 680 -31.14 6.53 -29.53
CA LEU B 680 -30.24 7.66 -29.77
C LEU B 680 -30.81 8.81 -30.63
N ASP B 681 -31.48 8.48 -31.74
CA ASP B 681 -32.05 9.45 -32.68
C ASP B 681 -33.04 10.43 -32.06
N TYR B 682 -33.89 9.94 -31.15
CA TYR B 682 -34.91 10.75 -30.49
C TYR B 682 -34.37 11.46 -29.25
N TYR B 683 -33.23 10.99 -28.74
CA TYR B 683 -32.49 11.60 -27.64
C TYR B 683 -31.79 12.82 -28.24
N ARG B 684 -31.25 12.63 -29.45
CA ARG B 684 -30.47 13.61 -30.22
C ARG B 684 -31.28 14.84 -30.65
N ASN B 685 -32.51 14.63 -31.17
CA ASN B 685 -33.33 15.73 -31.68
C ASN B 685 -34.34 16.30 -30.63
N SER B 686 -34.22 15.86 -29.36
CA SER B 686 -35.08 16.36 -28.28
C SER B 686 -34.35 17.31 -27.32
N THR B 687 -33.12 17.71 -27.64
CA THR B 687 -32.36 18.66 -26.82
C THR B 687 -32.91 20.08 -27.08
N VAL B 688 -32.84 20.96 -26.08
CA VAL B 688 -33.27 22.35 -26.26
C VAL B 688 -32.25 23.03 -27.20
N MET B 689 -30.95 22.65 -27.06
CA MET B 689 -29.81 23.14 -27.85
C MET B 689 -30.02 23.07 -29.37
N SER B 690 -30.68 22.01 -29.87
CA SER B 690 -30.99 21.84 -31.30
C SER B 690 -31.97 22.90 -31.83
N ARG B 691 -32.68 23.61 -30.92
CA ARG B 691 -33.66 24.66 -31.23
C ARG B 691 -33.15 26.07 -30.93
N ALA B 692 -31.84 26.19 -30.62
CA ALA B 692 -31.17 27.45 -30.25
C ALA B 692 -31.43 28.64 -31.16
N GLU B 693 -31.41 28.45 -32.48
CA GLU B 693 -31.62 29.53 -33.46
C GLU B 693 -32.97 30.25 -33.34
N ASN B 694 -34.04 29.52 -32.99
CA ASN B 694 -35.38 30.10 -32.86
C ASN B 694 -35.58 31.04 -31.66
N PHE B 695 -34.69 30.92 -30.65
CA PHE B 695 -34.74 31.74 -29.44
C PHE B 695 -34.51 33.21 -29.71
N LYS B 696 -34.05 33.52 -30.93
CA LYS B 696 -33.78 34.87 -31.44
C LYS B 696 -35.08 35.70 -31.61
N GLN B 697 -36.24 35.04 -31.59
CA GLN B 697 -37.54 35.69 -31.71
C GLN B 697 -38.20 35.96 -30.35
N VAL B 698 -37.62 35.46 -29.24
CA VAL B 698 -38.22 35.59 -27.91
C VAL B 698 -37.29 36.22 -26.86
N GLU B 699 -37.88 36.66 -25.72
CA GLU B 699 -37.18 37.16 -24.54
C GLU B 699 -37.11 35.93 -23.61
N TYR B 700 -35.92 35.48 -23.25
CA TYR B 700 -35.78 34.25 -22.47
C TYR B 700 -35.04 34.47 -21.17
N LEU B 701 -35.59 33.96 -20.07
CA LEU B 701 -34.97 34.04 -18.76
C LEU B 701 -34.65 32.60 -18.29
N LEU B 702 -33.36 32.27 -18.15
CA LEU B 702 -32.90 30.93 -17.76
C LEU B 702 -32.34 30.98 -16.33
N ILE B 703 -32.99 30.27 -15.39
CA ILE B 703 -32.61 30.23 -13.98
C ILE B 703 -32.18 28.83 -13.56
N HIS B 704 -31.15 28.72 -12.70
CA HIS B 704 -30.66 27.45 -12.19
C HIS B 704 -29.83 27.60 -10.91
N GLY B 705 -30.00 26.67 -9.96
CA GLY B 705 -29.21 26.65 -8.74
C GLY B 705 -27.90 25.93 -8.97
N THR B 706 -26.78 26.49 -8.49
CA THR B 706 -25.45 25.88 -8.72
C THR B 706 -25.29 24.51 -8.06
N ALA B 707 -25.90 24.32 -6.88
CA ALA B 707 -25.83 23.07 -6.11
C ALA B 707 -27.01 22.12 -6.37
N ASP B 708 -27.54 22.13 -7.62
CA ASP B 708 -28.61 21.23 -8.07
C ASP B 708 -28.05 19.80 -8.34
N ASP B 709 -28.45 18.86 -7.47
CA ASP B 709 -28.08 17.43 -7.42
C ASP B 709 -28.95 16.57 -8.32
N ASN B 710 -30.15 17.10 -8.64
CA ASN B 710 -31.18 16.45 -9.45
C ASN B 710 -30.98 16.82 -10.91
N VAL B 711 -31.27 18.07 -11.28
CA VAL B 711 -31.09 18.56 -12.65
C VAL B 711 -29.84 19.35 -12.55
N HIS B 712 -28.73 18.75 -12.84
CA HIS B 712 -27.46 19.41 -12.61
C HIS B 712 -27.35 20.77 -13.33
N PHE B 713 -26.58 21.73 -12.75
CA PHE B 713 -26.34 23.06 -13.32
C PHE B 713 -25.84 22.92 -14.75
N GLN B 714 -25.08 21.81 -15.01
CA GLN B 714 -24.55 21.37 -16.31
C GLN B 714 -25.61 21.51 -17.43
N GLN B 715 -26.84 21.11 -17.13
CA GLN B 715 -27.97 21.17 -18.05
C GLN B 715 -28.17 22.58 -18.60
N SER B 716 -28.29 23.56 -17.71
CA SER B 716 -28.38 24.98 -18.01
C SER B 716 -27.10 25.60 -18.63
N ALA B 717 -25.89 25.19 -18.13
CA ALA B 717 -24.58 25.62 -18.58
C ALA B 717 -24.35 25.17 -20.02
N GLN B 718 -24.85 23.98 -20.38
CA GLN B 718 -24.74 23.48 -21.76
C GLN B 718 -25.76 24.15 -22.68
N LEU B 719 -26.93 24.51 -22.15
CA LEU B 719 -27.98 25.21 -22.89
C LEU B 719 -27.54 26.64 -23.23
N SER B 720 -27.06 27.41 -22.22
CA SER B 720 -26.62 28.79 -22.41
C SER B 720 -25.50 28.86 -23.44
N LYS B 721 -24.54 27.92 -23.36
CA LYS B 721 -23.38 27.79 -24.26
C LYS B 721 -23.82 27.68 -25.73
N ALA B 722 -24.86 26.89 -26.00
CA ALA B 722 -25.43 26.69 -27.33
C ALA B 722 -26.10 27.95 -27.84
N LEU B 723 -26.72 28.73 -26.95
CA LEU B 723 -27.40 29.97 -27.28
C LEU B 723 -26.38 31.06 -27.53
N VAL B 724 -25.27 31.03 -26.80
CA VAL B 724 -24.16 31.94 -27.00
C VAL B 724 -23.57 31.64 -28.38
N ASP B 725 -23.34 30.33 -28.70
CA ASP B 725 -22.82 29.85 -29.99
C ASP B 725 -23.75 30.16 -31.16
N ALA B 726 -25.07 30.22 -30.92
CA ALA B 726 -26.08 30.54 -31.93
C ALA B 726 -26.26 32.04 -32.10
N GLY B 727 -25.66 32.81 -31.19
CA GLY B 727 -25.72 34.27 -31.16
C GLY B 727 -27.05 34.79 -30.68
N VAL B 728 -27.67 34.10 -29.71
CA VAL B 728 -28.98 34.49 -29.16
C VAL B 728 -28.82 35.30 -27.88
N ASP B 729 -29.45 36.48 -27.77
CA ASP B 729 -29.42 37.16 -26.48
C ASP B 729 -30.57 36.64 -25.63
N PHE B 730 -30.28 36.47 -24.35
CA PHE B 730 -31.18 35.93 -23.34
C PHE B 730 -30.68 36.42 -21.99
N GLN B 731 -31.42 36.13 -20.93
CA GLN B 731 -31.03 36.51 -19.58
C GLN B 731 -30.84 35.27 -18.75
N THR B 732 -29.88 35.31 -17.83
CA THR B 732 -29.68 34.21 -16.89
C THR B 732 -29.80 34.71 -15.47
N MET B 733 -29.78 33.76 -14.53
CA MET B 733 -29.81 33.98 -13.10
C MET B 733 -29.38 32.70 -12.42
N TRP B 734 -28.15 32.66 -11.91
CA TRP B 734 -27.69 31.49 -11.17
C TRP B 734 -28.03 31.77 -9.72
N TYR B 735 -28.28 30.71 -8.94
CA TYR B 735 -28.53 30.82 -7.51
C TYR B 735 -27.49 29.99 -6.79
N THR B 736 -26.49 30.64 -6.23
CA THR B 736 -25.37 30.02 -5.51
C THR B 736 -25.83 29.14 -4.37
N ASP B 737 -25.34 27.89 -4.36
CA ASP B 737 -25.55 26.88 -3.33
C ASP B 737 -27.01 26.42 -3.18
N GLU B 738 -27.88 26.89 -4.09
CA GLU B 738 -29.28 26.49 -4.11
C GLU B 738 -29.41 25.18 -4.85
N ASP B 739 -30.30 24.29 -4.37
CA ASP B 739 -30.51 23.02 -5.03
C ASP B 739 -31.68 23.09 -6.01
N HIS B 740 -32.37 21.96 -6.25
CA HIS B 740 -33.46 21.90 -7.21
C HIS B 740 -34.69 22.73 -6.83
N GLY B 741 -34.97 22.84 -5.55
CA GLY B 741 -36.12 23.61 -5.09
C GLY B 741 -35.96 25.11 -5.16
N ILE B 742 -34.72 25.64 -4.96
CA ILE B 742 -34.41 27.09 -4.84
C ILE B 742 -35.40 27.58 -3.77
N ALA B 743 -35.47 26.79 -2.67
CA ALA B 743 -36.43 26.87 -1.58
C ALA B 743 -35.92 27.50 -0.30
N SER B 744 -34.65 27.97 -0.27
CA SER B 744 -34.17 28.69 0.90
C SER B 744 -34.98 30.00 0.94
N ASN B 745 -35.37 30.46 2.15
CA ASN B 745 -36.20 31.65 2.36
C ASN B 745 -35.79 32.85 1.49
N MET B 746 -34.48 33.19 1.47
CA MET B 746 -33.97 34.32 0.71
C MET B 746 -33.99 34.09 -0.79
N ALA B 747 -33.58 32.88 -1.26
CA ALA B 747 -33.59 32.53 -2.70
C ALA B 747 -34.98 32.48 -3.31
N HIS B 748 -35.95 31.91 -2.56
CA HIS B 748 -37.37 31.79 -2.94
C HIS B 748 -37.95 33.18 -3.18
N GLN B 749 -37.69 34.12 -2.26
CA GLN B 749 -38.18 35.48 -2.37
C GLN B 749 -37.56 36.18 -3.58
N HIS B 750 -36.25 35.96 -3.79
CA HIS B 750 -35.48 36.59 -4.85
C HIS B 750 -35.90 36.16 -6.25
N ILE B 751 -36.09 34.84 -6.43
CA ILE B 751 -36.45 34.27 -7.74
C ILE B 751 -37.81 34.76 -8.20
N TYR B 752 -38.81 34.82 -7.32
CA TYR B 752 -40.14 35.26 -7.71
C TYR B 752 -40.22 36.77 -7.91
N THR B 753 -39.34 37.53 -7.23
CA THR B 753 -39.25 38.99 -7.41
C THR B 753 -38.59 39.27 -8.77
N HIS B 754 -37.57 38.47 -9.10
CA HIS B 754 -36.83 38.56 -10.37
C HIS B 754 -37.72 38.21 -11.55
N MET B 755 -38.50 37.12 -11.41
CA MET B 755 -39.45 36.62 -12.42
C MET B 755 -40.59 37.57 -12.66
N SER B 756 -41.00 38.30 -11.61
CA SER B 756 -42.08 39.30 -11.65
C SER B 756 -41.62 40.52 -12.41
N HIS B 757 -40.37 40.97 -12.19
CA HIS B 757 -39.77 42.10 -12.90
C HIS B 757 -39.65 41.81 -14.38
N PHE B 758 -39.14 40.61 -14.72
CA PHE B 758 -38.98 40.14 -16.09
C PHE B 758 -40.33 40.12 -16.85
N LEU B 759 -41.38 39.55 -16.23
CA LEU B 759 -42.72 39.47 -16.80
C LEU B 759 -43.34 40.84 -17.04
N LYS B 760 -43.20 41.75 -16.06
CA LYS B 760 -43.73 43.10 -16.14
C LYS B 760 -43.02 43.86 -17.27
N GLN B 761 -41.69 43.68 -17.42
CA GLN B 761 -40.89 44.27 -18.50
C GLN B 761 -41.44 43.78 -19.85
N CYS B 762 -41.64 42.45 -19.96
CA CYS B 762 -42.16 41.75 -21.14
C CYS B 762 -43.59 42.18 -21.49
N PHE B 763 -44.45 42.41 -20.49
CA PHE B 763 -45.84 42.79 -20.71
C PHE B 763 -46.10 44.30 -20.63
N SER B 764 -45.01 45.11 -20.56
CA SER B 764 -45.06 46.59 -20.48
C SER B 764 -45.95 47.03 -19.30
N LEU B 765 -45.74 46.39 -18.14
CA LEU B 765 -46.50 46.64 -16.92
C LEU B 765 -45.67 47.41 -15.89
N PRO B 766 -46.26 48.42 -15.19
CA PRO B 766 -45.49 49.18 -14.19
C PRO B 766 -45.22 48.40 -12.90
N ARG C 40 63.81 -35.32 26.80
CA ARG C 40 63.27 -34.10 26.22
C ARG C 40 61.75 -34.17 25.96
N ARG C 41 61.09 -33.01 26.07
CA ARG C 41 59.65 -32.91 25.85
C ARG C 41 59.30 -32.87 24.35
N THR C 42 58.06 -33.21 24.03
CA THR C 42 57.56 -33.22 22.66
C THR C 42 56.60 -32.04 22.45
N TYR C 43 56.29 -31.70 21.19
CA TYR C 43 55.34 -30.63 20.86
C TYR C 43 53.96 -31.27 21.05
N THR C 44 53.23 -30.84 22.08
CA THR C 44 51.94 -31.42 22.47
C THR C 44 50.72 -30.71 21.87
N LEU C 45 49.51 -31.27 22.14
CA LEU C 45 48.24 -30.74 21.68
C LEU C 45 47.97 -29.38 22.34
N THR C 46 48.28 -29.28 23.63
CA THR C 46 48.15 -28.07 24.46
C THR C 46 49.07 -26.97 23.90
N ASP C 47 50.31 -27.33 23.51
CA ASP C 47 51.27 -26.40 22.90
C ASP C 47 50.67 -25.80 21.65
N TYR C 48 50.06 -26.63 20.79
CA TYR C 48 49.43 -26.16 19.56
C TYR C 48 48.22 -25.30 19.82
N LEU C 49 47.25 -25.80 20.60
CA LEU C 49 45.98 -25.14 20.89
C LEU C 49 46.11 -23.83 21.69
N LYS C 50 46.96 -23.81 22.73
CA LYS C 50 47.18 -22.61 23.55
C LYS C 50 48.25 -21.67 22.97
N SER C 51 48.84 -22.04 21.82
CA SER C 51 49.89 -21.30 21.09
C SER C 51 51.06 -20.87 22.00
N THR C 52 51.55 -21.83 22.81
CA THR C 52 52.66 -21.62 23.75
C THR C 52 53.96 -21.27 23.01
N PHE C 53 54.11 -21.75 21.76
CA PHE C 53 55.25 -21.44 20.91
C PHE C 53 54.77 -20.41 19.88
N ARG C 54 55.08 -19.13 20.13
CA ARG C 54 54.61 -18.01 19.31
C ARG C 54 55.53 -17.67 18.15
N VAL C 55 54.95 -17.58 16.95
CA VAL C 55 55.64 -17.19 15.73
C VAL C 55 55.41 -15.67 15.57
N LYS C 56 56.46 -14.89 15.81
CA LYS C 56 56.43 -13.42 15.70
C LYS C 56 56.55 -12.99 14.25
N PHE C 57 55.96 -11.83 13.93
CA PHE C 57 55.97 -11.21 12.61
C PHE C 57 56.31 -9.72 12.72
N TYR C 58 56.40 -9.02 11.57
CA TYR C 58 56.72 -7.60 11.52
C TYR C 58 55.82 -6.96 10.48
N THR C 59 54.77 -6.29 10.96
CA THR C 59 53.81 -5.61 10.08
C THR C 59 54.17 -4.14 10.00
N LEU C 60 54.35 -3.61 8.79
CA LEU C 60 54.66 -2.20 8.60
C LEU C 60 53.80 -1.56 7.53
N GLN C 61 53.65 -0.23 7.59
CA GLN C 61 52.86 0.53 6.64
C GLN C 61 53.72 1.60 5.99
N TRP C 62 54.09 1.38 4.71
CA TRP C 62 54.87 2.35 3.94
C TRP C 62 53.99 3.58 3.69
N ILE C 63 54.45 4.75 4.15
CA ILE C 63 53.68 6.00 4.01
C ILE C 63 54.39 7.02 3.08
N SER C 64 55.57 6.64 2.56
CA SER C 64 56.37 7.40 1.60
C SER C 64 57.33 6.44 0.89
N ASP C 65 58.21 6.99 0.05
CA ASP C 65 59.22 6.24 -0.68
C ASP C 65 60.36 5.76 0.23
N HIS C 66 60.51 6.34 1.45
CA HIS C 66 61.60 6.03 2.39
C HIS C 66 61.18 5.90 3.87
N GLU C 67 59.89 6.13 4.19
CA GLU C 67 59.39 6.04 5.56
C GLU C 67 58.27 5.00 5.73
N TYR C 68 58.19 4.39 6.93
CA TYR C 68 57.15 3.42 7.28
C TYR C 68 56.71 3.54 8.74
N LEU C 69 55.47 3.14 9.01
CA LEU C 69 54.89 3.15 10.35
C LEU C 69 54.87 1.74 10.93
N TYR C 70 55.23 1.62 12.20
CA TYR C 70 55.27 0.34 12.90
C TYR C 70 54.68 0.47 14.30
N LYS C 71 53.76 -0.43 14.67
CA LYS C 71 53.10 -0.47 15.98
C LYS C 71 53.93 -1.38 16.91
N GLN C 72 54.67 -0.75 17.85
CA GLN C 72 55.53 -1.43 18.83
C GLN C 72 55.13 -0.99 20.24
N GLU C 73 54.61 -1.94 21.06
CA GLU C 73 54.12 -1.73 22.45
C GLU C 73 53.00 -0.67 22.45
N ASN C 74 52.08 -0.78 21.46
CA ASN C 74 50.94 0.10 21.20
C ASN C 74 51.34 1.55 20.83
N ASN C 75 52.63 1.79 20.51
CA ASN C 75 53.13 3.08 20.05
C ASN C 75 53.27 2.99 18.54
N ILE C 76 52.85 4.05 17.82
CA ILE C 76 53.03 4.11 16.37
C ILE C 76 54.34 4.84 16.16
N LEU C 77 55.39 4.08 15.78
CA LEU C 77 56.72 4.63 15.51
C LEU C 77 56.89 4.85 14.03
N LEU C 78 57.52 5.96 13.66
CA LEU C 78 57.81 6.29 12.27
C LEU C 78 59.27 5.98 12.04
N PHE C 79 59.54 4.95 11.23
CA PHE C 79 60.89 4.54 10.91
C PHE C 79 61.31 5.13 9.57
N ASN C 80 62.55 5.58 9.51
CA ASN C 80 63.12 6.17 8.32
C ASN C 80 64.15 5.16 7.83
N ALA C 81 63.88 4.58 6.63
CA ALA C 81 64.71 3.57 5.98
C ALA C 81 66.03 4.16 5.45
N GLU C 82 66.01 5.46 5.07
CA GLU C 82 67.13 6.22 4.53
C GLU C 82 68.25 6.51 5.54
N TYR C 83 67.90 6.78 6.81
CA TYR C 83 68.87 7.10 7.87
C TYR C 83 68.95 6.07 9.01
N GLY C 84 67.96 5.17 9.10
CA GLY C 84 67.89 4.13 10.12
C GLY C 84 67.12 4.49 11.37
N ASN C 85 67.08 5.80 11.69
CA ASN C 85 66.43 6.38 12.86
C ASN C 85 64.91 6.20 12.89
N SER C 86 64.36 6.13 14.11
CA SER C 86 62.93 6.05 14.37
C SER C 86 62.50 7.11 15.40
N SER C 87 61.26 7.60 15.27
CA SER C 87 60.67 8.61 16.15
C SER C 87 59.24 8.20 16.50
N ILE C 88 58.72 8.67 17.63
CA ILE C 88 57.35 8.35 18.01
C ILE C 88 56.39 9.24 17.21
N PHE C 89 55.52 8.61 16.39
CA PHE C 89 54.53 9.29 15.56
C PHE C 89 53.27 9.56 16.41
N LEU C 90 52.87 8.54 17.20
CA LEU C 90 51.74 8.58 18.12
C LEU C 90 52.05 7.69 19.32
N GLU C 91 52.03 8.31 20.51
CA GLU C 91 52.32 7.68 21.80
C GLU C 91 51.19 6.73 22.20
N ASN C 92 51.55 5.64 22.92
CA ASN C 92 50.59 4.64 23.41
C ASN C 92 49.63 5.22 24.45
N SER C 93 50.01 6.38 25.03
CA SER C 93 49.23 7.14 26.01
C SER C 93 47.96 7.74 25.38
N THR C 94 47.99 7.98 24.05
CA THR C 94 46.84 8.51 23.29
C THR C 94 45.80 7.39 23.09
N PHE C 95 46.26 6.13 23.00
CA PHE C 95 45.41 4.93 22.84
C PHE C 95 44.61 4.63 24.09
N ASP C 96 45.26 4.74 25.27
CA ASP C 96 44.68 4.48 26.59
C ASP C 96 43.58 5.47 26.96
N GLU C 97 43.65 6.70 26.43
CA GLU C 97 42.66 7.75 26.70
C GLU C 97 41.48 7.76 25.70
N LEU C 98 41.59 7.02 24.56
CA LEU C 98 40.53 6.92 23.54
C LEU C 98 39.20 6.40 24.12
N GLY C 99 39.29 5.45 25.06
CA GLY C 99 38.14 4.85 25.73
C GLY C 99 37.72 3.53 25.12
N TYR C 100 38.46 3.07 24.09
CA TYR C 100 38.23 1.82 23.37
C TYR C 100 39.54 1.22 22.83
N SER C 101 39.52 -0.10 22.56
CA SER C 101 40.67 -0.85 22.03
C SER C 101 40.87 -0.53 20.54
N THR C 102 42.09 -0.08 20.17
CA THR C 102 42.42 0.28 18.80
C THR C 102 43.05 -0.91 18.06
N ASN C 103 42.18 -1.70 17.40
CA ASN C 103 42.56 -2.89 16.63
C ASN C 103 43.19 -2.51 15.28
N ASP C 104 42.87 -1.31 14.75
CA ASP C 104 43.39 -0.83 13.47
C ASP C 104 43.49 0.71 13.41
N TYR C 105 44.53 1.20 12.72
CA TYR C 105 44.79 2.63 12.52
C TYR C 105 45.13 2.92 11.06
N SER C 106 44.80 4.13 10.57
CA SER C 106 45.11 4.54 9.21
C SER C 106 45.47 6.02 9.22
N VAL C 107 46.70 6.34 8.83
CA VAL C 107 47.17 7.73 8.78
C VAL C 107 46.89 8.32 7.41
N SER C 108 46.34 9.55 7.37
CA SER C 108 46.06 10.27 6.12
C SER C 108 47.39 10.48 5.39
N PRO C 109 47.46 10.29 4.04
CA PRO C 109 48.76 10.41 3.35
C PRO C 109 49.57 11.69 3.60
N ASP C 110 48.89 12.81 3.88
CA ASP C 110 49.54 14.10 4.17
C ASP C 110 50.02 14.20 5.63
N ARG C 111 49.77 13.14 6.44
CA ARG C 111 50.15 12.98 7.86
C ARG C 111 49.55 14.04 8.79
N GLN C 112 48.42 14.64 8.39
CA GLN C 112 47.67 15.66 9.14
C GLN C 112 46.60 15.04 10.04
N PHE C 113 46.11 13.85 9.69
CA PHE C 113 45.06 13.16 10.45
C PHE C 113 45.31 11.66 10.57
N ILE C 114 44.70 11.02 11.59
CA ILE C 114 44.77 9.58 11.81
C ILE C 114 43.35 9.04 12.12
N LEU C 115 43.01 7.89 11.54
CA LEU C 115 41.73 7.20 11.64
C LEU C 115 41.86 6.05 12.63
N PHE C 116 40.96 5.97 13.60
CA PHE C 116 40.97 4.90 14.60
C PHE C 116 39.75 4.01 14.50
N GLU C 117 39.98 2.70 14.34
CA GLU C 117 38.98 1.65 14.22
C GLU C 117 38.72 1.00 15.58
N TYR C 118 37.45 1.04 16.03
CA TYR C 118 36.96 0.44 17.27
C TYR C 118 35.54 -0.10 17.04
N ASN C 119 34.98 -0.88 17.99
CA ASN C 119 33.64 -1.52 17.88
C ASN C 119 33.60 -2.48 16.67
N TYR C 120 34.67 -3.27 16.49
CA TYR C 120 34.84 -4.24 15.40
C TYR C 120 33.77 -5.35 15.44
N VAL C 121 32.86 -5.34 14.43
CA VAL C 121 31.79 -6.33 14.28
C VAL C 121 32.01 -7.08 12.94
N LYS C 122 32.71 -8.24 13.02
CA LYS C 122 33.05 -9.10 11.87
C LYS C 122 31.79 -9.67 11.19
N GLN C 123 31.81 -9.70 9.84
CA GLN C 123 30.72 -10.23 9.03
C GLN C 123 31.18 -11.54 8.36
N TRP C 124 31.76 -11.47 7.13
CA TRP C 124 32.24 -12.66 6.43
C TRP C 124 33.77 -12.82 6.55
N ARG C 125 34.45 -13.34 5.50
CA ARG C 125 35.90 -13.57 5.48
C ARG C 125 36.75 -12.28 5.59
N HIS C 126 36.33 -11.18 4.92
CA HIS C 126 37.05 -9.89 4.88
C HIS C 126 36.19 -8.69 5.37
N SER C 127 34.85 -8.85 5.34
CA SER C 127 33.88 -7.82 5.72
C SER C 127 33.69 -7.66 7.21
N TYR C 128 33.41 -6.40 7.63
CA TYR C 128 33.16 -5.96 9.00
C TYR C 128 32.56 -4.54 9.05
N THR C 129 31.76 -4.24 10.09
CA THR C 129 31.20 -2.90 10.34
C THR C 129 31.82 -2.42 11.63
N ALA C 130 32.29 -1.15 11.66
CA ALA C 130 32.94 -0.57 12.84
C ALA C 130 32.64 0.92 13.04
N SER C 131 33.05 1.43 14.21
CA SER C 131 32.94 2.83 14.61
C SER C 131 34.30 3.50 14.40
N TYR C 132 34.30 4.75 13.91
CA TYR C 132 35.56 5.43 13.60
C TYR C 132 35.68 6.80 14.21
N ASP C 133 36.90 7.11 14.65
CA ASP C 133 37.30 8.40 15.22
C ASP C 133 38.46 8.98 14.42
N ILE C 134 38.44 10.29 14.17
CA ILE C 134 39.53 10.97 13.47
C ILE C 134 40.26 11.85 14.49
N TYR C 135 41.58 11.72 14.54
CA TYR C 135 42.42 12.48 15.43
C TYR C 135 43.30 13.42 14.59
N ASP C 136 43.15 14.73 14.82
CA ASP C 136 43.90 15.79 14.15
C ASP C 136 45.31 15.79 14.72
N LEU C 137 46.32 15.43 13.90
CA LEU C 137 47.71 15.36 14.32
C LEU C 137 48.38 16.74 14.43
N ASN C 138 47.83 17.77 13.75
CA ASN C 138 48.34 19.14 13.80
C ASN C 138 48.01 19.80 15.14
N LYS C 139 46.71 19.87 15.49
CA LYS C 139 46.25 20.46 16.74
C LYS C 139 46.16 19.45 17.91
N ARG C 140 46.63 18.20 17.69
CA ARG C 140 46.65 17.07 18.65
C ARG C 140 45.31 16.88 19.39
N GLN C 141 44.21 17.17 18.69
CA GLN C 141 42.82 17.06 19.16
C GLN C 141 42.09 15.97 18.41
N LEU C 142 40.95 15.52 18.94
CA LEU C 142 40.12 14.52 18.30
C LEU C 142 38.90 15.22 17.70
N ILE C 143 38.51 14.83 16.46
CA ILE C 143 37.36 15.38 15.73
C ILE C 143 36.06 14.94 16.45
N THR C 144 35.33 15.93 16.97
CA THR C 144 34.09 15.73 17.73
C THR C 144 32.84 16.05 16.91
N GLU C 145 32.96 17.01 15.98
CA GLU C 145 31.85 17.41 15.11
C GLU C 145 31.89 16.67 13.77
N GLU C 146 30.70 16.41 13.20
CA GLU C 146 30.51 15.73 11.91
C GLU C 146 31.29 14.40 11.80
N ARG C 147 31.28 13.60 12.89
CA ARG C 147 31.97 12.31 13.01
C ARG C 147 31.53 11.25 11.99
N ILE C 148 32.36 10.19 11.82
CA ILE C 148 32.05 9.07 10.94
C ILE C 148 30.92 8.27 11.63
N PRO C 149 29.81 7.92 10.90
CA PRO C 149 28.70 7.22 11.55
C PRO C 149 29.03 5.84 12.08
N ASN C 150 28.23 5.38 13.04
CA ASN C 150 28.29 4.06 13.66
C ASN C 150 27.83 3.08 12.57
N ASN C 151 28.43 1.88 12.53
CA ASN C 151 28.11 0.80 11.57
C ASN C 151 28.58 1.11 10.14
N THR C 152 29.72 1.82 10.05
CA THR C 152 30.38 2.15 8.80
C THR C 152 31.02 0.86 8.28
N GLN C 153 30.59 0.43 7.09
CA GLN C 153 31.01 -0.82 6.45
C GLN C 153 32.44 -0.78 5.91
N TRP C 154 32.88 0.37 5.38
CA TRP C 154 34.22 0.56 4.82
C TRP C 154 34.57 2.03 4.82
N ILE C 155 35.85 2.36 4.95
CA ILE C 155 36.37 3.72 4.97
C ILE C 155 37.80 3.72 4.43
N THR C 156 38.12 4.73 3.65
CA THR C 156 39.44 4.88 3.04
C THR C 156 39.79 6.35 2.84
N TRP C 157 41.06 6.67 3.03
CA TRP C 157 41.59 8.00 2.77
C TRP C 157 41.84 8.07 1.27
N SER C 158 41.92 9.29 0.73
CA SER C 158 42.29 9.49 -0.67
C SER C 158 43.80 9.15 -0.77
N PRO C 159 44.42 8.86 -1.95
CA PRO C 159 45.85 8.49 -1.95
C PRO C 159 46.78 9.68 -1.64
N VAL C 160 46.25 10.91 -1.72
CA VAL C 160 46.93 12.17 -1.38
C VAL C 160 45.96 13.03 -0.54
N GLY C 161 46.50 13.98 0.23
CA GLY C 161 45.71 14.85 1.08
C GLY C 161 45.06 14.15 2.23
N HIS C 162 43.82 14.56 2.57
CA HIS C 162 43.05 14.01 3.70
C HIS C 162 41.53 13.89 3.41
N LYS C 163 41.17 13.53 2.16
CA LYS C 163 39.77 13.31 1.81
C LYS C 163 39.39 11.92 2.30
N LEU C 164 38.13 11.71 2.68
CA LEU C 164 37.62 10.42 3.15
C LEU C 164 36.45 9.96 2.32
N ALA C 165 36.40 8.68 2.02
CA ALA C 165 35.29 8.05 1.33
C ALA C 165 34.88 6.88 2.20
N TYR C 166 33.62 6.82 2.58
CA TYR C 166 33.13 5.73 3.42
C TYR C 166 31.79 5.23 2.93
N VAL C 167 31.45 4.01 3.31
CA VAL C 167 30.21 3.36 2.94
C VAL C 167 29.43 3.16 4.22
N TRP C 168 28.20 3.66 4.24
CA TRP C 168 27.30 3.56 5.38
C TRP C 168 25.89 3.31 4.84
N ASN C 169 25.23 2.22 5.33
CA ASN C 169 23.91 1.77 4.91
C ASN C 169 23.87 1.51 3.39
N ASN C 170 24.95 0.89 2.88
CA ASN C 170 25.19 0.50 1.48
C ASN C 170 25.33 1.70 0.52
N ASP C 171 25.47 2.91 1.05
CA ASP C 171 25.68 4.12 0.24
C ASP C 171 27.08 4.74 0.44
N ILE C 172 27.56 5.52 -0.54
CA ILE C 172 28.88 6.21 -0.48
C ILE C 172 28.71 7.66 -0.05
N TYR C 173 29.62 8.10 0.85
CA TYR C 173 29.70 9.43 1.39
C TYR C 173 31.15 9.90 1.29
N VAL C 174 31.37 11.17 0.96
CA VAL C 174 32.71 11.75 0.85
C VAL C 174 32.85 12.94 1.79
N LYS C 175 33.94 12.97 2.57
CA LYS C 175 34.28 14.09 3.44
C LYS C 175 35.54 14.71 2.87
N ASN C 176 35.46 15.94 2.34
CA ASN C 176 36.64 16.63 1.78
C ASN C 176 37.55 17.08 2.92
N GLU C 177 36.95 17.38 4.10
CA GLU C 177 37.61 17.79 5.34
C GLU C 177 37.05 16.95 6.49
N PRO C 178 37.89 16.44 7.42
CA PRO C 178 37.36 15.61 8.53
C PRO C 178 36.43 16.32 9.52
N ASN C 179 36.47 17.66 9.59
CA ASN C 179 35.58 18.45 10.48
C ASN C 179 34.29 18.85 9.74
N LEU C 180 34.30 18.77 8.40
CA LEU C 180 33.20 19.11 7.51
C LEU C 180 32.18 17.99 7.35
N SER C 181 30.93 18.35 6.98
CA SER C 181 29.82 17.42 6.74
C SER C 181 30.11 16.54 5.53
N SER C 182 29.64 15.28 5.57
CA SER C 182 29.87 14.38 4.44
C SER C 182 28.86 14.65 3.32
N GLN C 183 29.29 14.37 2.09
CA GLN C 183 28.54 14.56 0.85
C GLN C 183 28.09 13.19 0.38
N ARG C 184 26.76 13.01 0.24
CA ARG C 184 26.17 11.76 -0.22
C ARG C 184 26.40 11.61 -1.72
N ILE C 185 26.98 10.47 -2.13
CA ILE C 185 27.36 10.12 -3.51
C ILE C 185 26.31 9.27 -4.20
N THR C 186 25.71 8.32 -3.45
CA THR C 186 24.73 7.38 -3.96
C THR C 186 23.46 7.41 -3.13
N TRP C 187 22.33 7.04 -3.75
CA TRP C 187 21.00 7.02 -3.15
C TRP C 187 20.33 5.64 -3.23
N THR C 188 20.97 4.70 -3.94
CA THR C 188 20.42 3.37 -4.25
C THR C 188 20.61 2.26 -3.18
N GLY C 189 21.57 2.42 -2.27
CA GLY C 189 21.88 1.45 -1.21
C GLY C 189 20.68 0.93 -0.45
N LYS C 190 20.54 -0.41 -0.39
CA LYS C 190 19.48 -1.16 0.28
C LYS C 190 20.04 -2.47 0.84
N GLU C 191 19.81 -2.72 2.13
CA GLU C 191 20.27 -3.90 2.87
C GLU C 191 19.89 -5.17 2.13
N ASN C 192 20.91 -6.04 1.88
CA ASN C 192 20.78 -7.32 1.15
C ASN C 192 20.39 -7.19 -0.33
N VAL C 193 20.24 -5.96 -0.86
CA VAL C 193 19.77 -5.78 -2.24
C VAL C 193 20.78 -5.01 -3.09
N ILE C 194 21.00 -3.72 -2.78
CA ILE C 194 21.90 -2.85 -3.53
C ILE C 194 23.12 -2.50 -2.67
N TYR C 195 24.32 -2.67 -3.21
CA TYR C 195 25.59 -2.38 -2.53
C TYR C 195 26.38 -1.39 -3.37
N ASN C 196 26.64 -0.17 -2.83
CA ASN C 196 27.49 0.85 -3.51
C ASN C 196 28.80 1.00 -2.73
N GLY C 197 29.93 0.71 -3.36
CA GLY C 197 31.24 0.89 -2.72
C GLY C 197 31.74 -0.25 -1.86
N VAL C 198 30.93 -1.30 -1.70
CA VAL C 198 31.24 -2.52 -0.97
C VAL C 198 30.72 -3.69 -1.77
N THR C 199 31.41 -4.82 -1.67
CA THR C 199 31.02 -6.04 -2.38
C THR C 199 29.84 -6.76 -1.74
N ASP C 200 29.16 -7.60 -2.52
CA ASP C 200 28.12 -8.48 -2.00
C ASP C 200 28.88 -9.79 -1.56
N TRP C 201 28.17 -10.84 -1.13
CA TRP C 201 28.81 -12.06 -0.64
C TRP C 201 29.80 -12.70 -1.64
N VAL C 202 29.36 -12.97 -2.89
CA VAL C 202 30.15 -13.70 -3.88
C VAL C 202 31.34 -12.89 -4.47
N TYR C 203 31.24 -11.54 -4.52
CA TYR C 203 32.32 -10.70 -5.01
C TYR C 203 33.39 -10.59 -3.96
N GLU C 204 33.01 -10.71 -2.68
CA GLU C 204 33.94 -10.65 -1.57
C GLU C 204 34.72 -11.97 -1.46
N GLU C 205 34.00 -13.09 -1.53
CA GLU C 205 34.59 -14.41 -1.37
C GLU C 205 35.40 -14.88 -2.57
N GLU C 206 34.85 -14.71 -3.78
CA GLU C 206 35.40 -15.28 -5.02
C GLU C 206 35.98 -14.35 -6.07
N VAL C 207 35.63 -13.07 -6.09
CA VAL C 207 36.09 -12.19 -7.16
C VAL C 207 37.19 -11.25 -6.69
N PHE C 208 36.90 -10.40 -5.68
CA PHE C 208 37.81 -9.37 -5.17
C PHE C 208 38.67 -9.83 -4.03
N SER C 209 38.19 -10.79 -3.21
CA SER C 209 38.85 -11.25 -1.97
C SER C 209 39.02 -10.06 -1.01
N ALA C 210 38.05 -9.13 -1.05
CA ALA C 210 37.99 -7.90 -0.29
C ALA C 210 36.55 -7.42 -0.18
N TYR C 211 36.26 -6.64 0.87
CA TYR C 211 34.94 -6.06 1.09
C TYR C 211 34.78 -4.76 0.29
N SER C 212 35.89 -4.05 0.07
CA SER C 212 35.94 -2.78 -0.65
C SER C 212 35.67 -2.88 -2.16
N ALA C 213 34.89 -1.91 -2.67
CA ALA C 213 34.56 -1.72 -4.09
C ALA C 213 34.62 -0.21 -4.42
N LEU C 214 35.63 0.45 -3.83
CA LEU C 214 35.93 1.89 -3.94
C LEU C 214 37.38 2.03 -4.37
N TRP C 215 37.64 2.89 -5.36
CA TRP C 215 38.98 3.15 -5.84
C TRP C 215 39.15 4.62 -6.15
N TRP C 216 39.96 5.30 -5.33
CA TRP C 216 40.30 6.72 -5.50
C TRP C 216 41.34 6.82 -6.62
N SER C 217 41.32 7.93 -7.41
CA SER C 217 42.31 8.22 -8.46
C SER C 217 43.63 8.61 -7.78
N PRO C 218 44.85 8.42 -8.37
CA PRO C 218 46.10 8.76 -7.64
C PRO C 218 46.17 10.10 -6.89
N ASN C 219 45.61 11.17 -7.45
CA ASN C 219 45.60 12.49 -6.83
C ASN C 219 44.22 12.87 -6.23
N GLY C 220 43.41 11.85 -5.95
CA GLY C 220 42.09 11.99 -5.35
C GLY C 220 41.07 12.87 -6.08
N THR C 221 41.18 13.02 -7.42
CA THR C 221 40.22 13.84 -8.21
C THR C 221 38.93 13.04 -8.38
N PHE C 222 39.09 11.77 -8.75
CA PHE C 222 38.00 10.87 -8.98
C PHE C 222 37.88 9.77 -7.94
N LEU C 223 36.64 9.35 -7.69
CA LEU C 223 36.31 8.24 -6.83
C LEU C 223 35.50 7.28 -7.66
N ALA C 224 36.14 6.19 -8.09
CA ALA C 224 35.52 5.15 -8.88
C ALA C 224 34.93 4.14 -7.90
N TYR C 225 33.75 3.60 -8.25
CA TYR C 225 33.07 2.61 -7.42
C TYR C 225 32.21 1.68 -8.24
N ALA C 226 31.93 0.52 -7.66
CA ALA C 226 31.06 -0.48 -8.27
C ALA C 226 29.79 -0.53 -7.46
N GLN C 227 28.70 -0.82 -8.14
CA GLN C 227 27.41 -0.99 -7.56
C GLN C 227 27.02 -2.41 -7.88
N PHE C 228 26.63 -3.16 -6.85
CA PHE C 228 26.18 -4.54 -6.96
C PHE C 228 24.66 -4.61 -6.74
N ASN C 229 23.96 -5.36 -7.60
CA ASN C 229 22.51 -5.52 -7.51
C ASN C 229 22.17 -7.00 -7.32
N ASP C 230 21.69 -7.35 -6.12
CA ASP C 230 21.35 -8.72 -5.73
C ASP C 230 19.84 -9.02 -5.69
N THR C 231 19.02 -8.18 -6.35
CA THR C 231 17.56 -8.32 -6.41
C THR C 231 17.12 -9.73 -6.80
N GLU C 232 17.67 -10.26 -7.90
CA GLU C 232 17.29 -11.56 -8.46
C GLU C 232 18.07 -12.75 -7.91
N VAL C 233 19.05 -12.53 -7.00
CA VAL C 233 19.86 -13.58 -6.39
C VAL C 233 19.07 -14.29 -5.30
N PRO C 234 18.92 -15.64 -5.35
CA PRO C 234 18.17 -16.33 -4.28
C PRO C 234 18.91 -16.26 -2.96
N LEU C 235 18.17 -16.37 -1.85
CA LEU C 235 18.78 -16.28 -0.53
C LEU C 235 19.14 -17.62 0.06
N ILE C 236 20.29 -17.68 0.77
CA ILE C 236 20.64 -18.82 1.57
C ILE C 236 20.14 -18.46 2.97
N GLU C 237 19.35 -19.36 3.55
CA GLU C 237 18.78 -19.17 4.87
C GLU C 237 19.20 -20.30 5.76
N TYR C 238 19.63 -19.96 6.99
CA TYR C 238 20.07 -20.88 8.03
C TYR C 238 19.83 -20.25 9.39
N SER C 239 19.68 -21.07 10.42
CA SER C 239 19.43 -20.59 11.78
C SER C 239 20.71 -20.19 12.48
N PHE C 240 20.65 -19.08 13.21
CA PHE C 240 21.69 -18.58 14.09
C PHE C 240 21.05 -18.59 15.45
N TYR C 241 21.65 -19.34 16.37
CA TYR C 241 21.10 -19.59 17.69
C TYR C 241 21.42 -18.49 18.69
N SER C 242 22.58 -17.80 18.51
CA SER C 242 23.06 -16.69 19.33
C SER C 242 23.29 -17.14 20.77
N ASP C 243 23.34 -16.18 21.73
CA ASP C 243 23.52 -16.47 23.14
C ASP C 243 22.35 -17.29 23.67
N GLU C 244 22.64 -18.15 24.65
CA GLU C 244 21.71 -19.03 25.36
C GLU C 244 20.42 -18.30 25.77
N SER C 245 20.52 -17.01 26.12
CA SER C 245 19.38 -16.18 26.54
C SER C 245 18.36 -15.94 25.41
N LEU C 246 18.78 -16.03 24.13
CA LEU C 246 17.88 -15.80 23.00
C LEU C 246 16.90 -16.97 22.89
N GLN C 247 15.62 -16.68 23.17
CA GLN C 247 14.54 -17.66 23.23
C GLN C 247 14.23 -18.33 21.89
N TYR C 248 14.17 -17.54 20.80
CA TYR C 248 13.89 -18.07 19.46
C TYR C 248 15.10 -17.85 18.57
N PRO C 249 15.55 -18.86 17.79
CA PRO C 249 16.70 -18.63 16.89
C PRO C 249 16.33 -17.66 15.78
N LYS C 250 17.34 -16.91 15.30
CA LYS C 250 17.14 -15.97 14.22
C LYS C 250 17.49 -16.64 12.91
N THR C 251 16.85 -16.23 11.82
CA THR C 251 17.11 -16.76 10.49
C THR C 251 17.98 -15.77 9.74
N VAL C 252 19.19 -16.19 9.40
CA VAL C 252 20.14 -15.41 8.61
C VAL C 252 19.74 -15.63 7.15
N ARG C 253 19.61 -14.55 6.37
CA ARG C 253 19.26 -14.58 4.95
C ARG C 253 20.34 -13.79 4.20
N ILE C 254 21.08 -14.46 3.31
CA ILE C 254 22.15 -13.85 2.54
C ILE C 254 21.89 -14.10 1.05
N PRO C 255 21.95 -13.07 0.17
CA PRO C 255 21.82 -13.35 -1.28
C PRO C 255 23.11 -14.05 -1.69
N TYR C 256 23.02 -15.35 -1.97
CA TYR C 256 24.16 -16.21 -2.32
C TYR C 256 23.79 -16.99 -3.58
N PRO C 257 24.50 -16.77 -4.72
CA PRO C 257 24.15 -17.54 -5.93
C PRO C 257 24.84 -18.89 -5.94
N LYS C 258 24.06 -19.97 -6.03
CA LYS C 258 24.60 -21.32 -6.11
C LYS C 258 24.82 -21.62 -7.58
N ALA C 259 25.59 -22.68 -7.91
CA ALA C 259 25.92 -23.05 -9.29
C ALA C 259 24.68 -23.03 -10.21
N GLY C 260 24.72 -22.18 -11.22
CA GLY C 260 23.63 -22.02 -12.19
C GLY C 260 22.52 -21.04 -11.84
N ALA C 261 22.52 -20.53 -10.61
CA ALA C 261 21.49 -19.59 -10.15
C ALA C 261 21.71 -18.18 -10.67
N GLU C 262 20.71 -17.31 -10.48
CA GLU C 262 20.77 -15.90 -10.89
C GLU C 262 21.88 -15.21 -10.11
N ASN C 263 22.76 -14.53 -10.85
CA ASN C 263 23.94 -13.86 -10.33
C ASN C 263 23.74 -12.38 -10.07
N PRO C 264 24.53 -11.75 -9.16
CA PRO C 264 24.42 -10.29 -8.98
C PRO C 264 24.83 -9.54 -10.25
N THR C 265 24.17 -8.41 -10.53
CA THR C 265 24.56 -7.58 -11.66
C THR C 265 25.45 -6.46 -11.14
N VAL C 266 26.30 -5.89 -12.01
CA VAL C 266 27.27 -4.87 -11.64
C VAL C 266 27.21 -3.64 -12.57
N LYS C 267 27.31 -2.44 -11.98
CA LYS C 267 27.42 -1.14 -12.65
C LYS C 267 28.71 -0.47 -12.11
N PHE C 268 29.49 0.17 -12.96
CA PHE C 268 30.74 0.83 -12.55
C PHE C 268 30.63 2.33 -12.87
N PHE C 269 30.93 3.18 -11.86
CA PHE C 269 30.88 4.64 -11.99
C PHE C 269 32.17 5.29 -11.59
N VAL C 270 32.42 6.49 -12.15
CA VAL C 270 33.53 7.35 -11.82
C VAL C 270 32.93 8.70 -11.45
N VAL C 271 33.08 9.09 -10.17
CA VAL C 271 32.60 10.36 -9.62
C VAL C 271 33.72 11.40 -9.65
N ASP C 272 33.41 12.61 -10.15
CA ASP C 272 34.32 13.76 -10.13
C ASP C 272 34.10 14.46 -8.78
N THR C 273 35.01 14.23 -7.81
CA THR C 273 34.89 14.76 -6.44
C THR C 273 35.07 16.29 -6.34
N ARG C 274 35.56 16.94 -7.39
CA ARG C 274 35.80 18.39 -7.41
C ARG C 274 34.53 19.23 -7.35
N THR C 275 33.42 18.71 -7.93
CA THR C 275 32.12 19.41 -7.94
C THR C 275 31.29 19.11 -6.69
N LEU C 276 31.83 18.33 -5.73
CA LEU C 276 31.11 17.99 -4.51
C LEU C 276 30.96 19.20 -3.61
N SER C 277 29.71 19.62 -3.43
CA SER C 277 29.28 20.77 -2.66
C SER C 277 27.87 20.45 -2.13
N PRO C 278 27.47 20.92 -0.93
CA PRO C 278 26.15 20.56 -0.40
C PRO C 278 24.96 20.88 -1.32
N ASN C 279 25.01 22.00 -2.07
CA ASN C 279 23.91 22.35 -2.95
C ASN C 279 24.17 22.00 -4.43
N ALA C 280 25.08 21.05 -4.68
CA ALA C 280 25.40 20.60 -6.03
C ALA C 280 25.08 19.13 -6.20
N SER C 281 24.74 18.75 -7.43
CA SER C 281 24.47 17.37 -7.80
C SER C 281 25.79 16.62 -7.89
N VAL C 282 25.75 15.29 -7.85
CA VAL C 282 26.93 14.45 -8.01
C VAL C 282 27.26 14.34 -9.51
N THR C 283 28.52 14.63 -9.88
CA THR C 283 28.99 14.49 -11.25
C THR C 283 29.57 13.07 -11.35
N SER C 284 28.93 12.20 -12.12
CA SER C 284 29.42 10.84 -12.28
C SER C 284 29.20 10.32 -13.68
N TYR C 285 30.07 9.40 -14.11
CA TYR C 285 29.99 8.79 -15.42
C TYR C 285 29.95 7.30 -15.26
N GLN C 286 29.00 6.64 -15.93
CA GLN C 286 28.90 5.18 -15.85
C GLN C 286 29.69 4.55 -16.99
N ILE C 287 30.69 3.71 -16.61
CA ILE C 287 31.50 2.97 -17.57
C ILE C 287 30.90 1.56 -17.71
N VAL C 288 30.41 1.26 -18.92
CA VAL C 288 29.80 -0.04 -19.23
C VAL C 288 30.87 -1.01 -19.79
N PRO C 289 30.78 -2.35 -19.60
CA PRO C 289 31.81 -3.23 -20.20
C PRO C 289 31.81 -3.24 -21.74
N PRO C 290 32.89 -3.71 -22.41
CA PRO C 290 32.84 -3.80 -23.88
C PRO C 290 31.74 -4.78 -24.33
N ALA C 291 31.24 -4.59 -25.57
CA ALA C 291 30.15 -5.41 -26.14
C ALA C 291 30.37 -6.93 -26.06
N SER C 292 31.64 -7.39 -26.17
CA SER C 292 32.02 -8.80 -26.12
C SER C 292 31.73 -9.50 -24.79
N VAL C 293 31.60 -8.70 -23.73
CA VAL C 293 31.32 -9.13 -22.36
C VAL C 293 29.85 -8.75 -21.96
N LEU C 294 29.36 -7.57 -22.44
CA LEU C 294 27.99 -7.06 -22.23
C LEU C 294 26.86 -7.94 -22.81
N ILE C 295 27.16 -8.77 -23.81
CA ILE C 295 26.16 -9.62 -24.47
C ILE C 295 25.57 -10.70 -23.55
N GLY C 296 26.24 -10.99 -22.44
CA GLY C 296 25.79 -11.98 -21.47
C GLY C 296 26.14 -11.63 -20.05
N ASP C 297 25.99 -12.61 -19.15
CA ASP C 297 26.33 -12.45 -17.73
C ASP C 297 27.84 -12.30 -17.62
N HIS C 298 28.26 -11.29 -16.86
CA HIS C 298 29.66 -10.97 -16.67
C HIS C 298 29.95 -10.61 -15.23
N TYR C 299 31.24 -10.34 -14.94
CA TYR C 299 31.76 -9.88 -13.67
C TYR C 299 32.81 -8.80 -13.93
N LEU C 300 32.93 -7.86 -12.97
CA LEU C 300 34.00 -6.89 -12.91
C LEU C 300 34.98 -7.59 -11.99
N CYS C 301 36.19 -7.91 -12.47
CA CYS C 301 37.13 -8.63 -11.61
C CYS C 301 38.33 -7.80 -11.17
N GLY C 302 38.50 -6.63 -11.76
CA GLY C 302 39.63 -5.76 -11.45
C GLY C 302 39.50 -4.31 -11.87
N VAL C 303 40.03 -3.41 -11.04
CA VAL C 303 40.05 -1.96 -11.26
C VAL C 303 41.46 -1.44 -10.97
N THR C 304 42.06 -0.76 -11.92
CA THR C 304 43.40 -0.19 -11.79
C THR C 304 43.45 1.21 -12.38
N TRP C 305 43.73 2.20 -11.54
CA TRP C 305 43.94 3.57 -11.97
C TRP C 305 45.33 3.60 -12.60
N VAL C 306 45.41 4.15 -13.80
CA VAL C 306 46.66 4.23 -14.56
C VAL C 306 47.29 5.60 -14.32
N THR C 307 46.53 6.66 -14.61
CA THR C 307 46.87 8.07 -14.37
C THR C 307 45.59 8.72 -13.85
N GLU C 308 45.61 10.04 -13.64
CA GLU C 308 44.43 10.78 -13.17
C GLU C 308 43.32 10.80 -14.20
N GLU C 309 43.65 10.61 -15.48
CA GLU C 309 42.71 10.66 -16.60
C GLU C 309 42.64 9.35 -17.38
N ARG C 310 43.12 8.25 -16.79
CA ARG C 310 43.10 6.93 -17.40
C ARG C 310 42.88 5.83 -16.36
N ILE C 311 41.83 5.03 -16.57
CA ILE C 311 41.44 3.90 -15.71
C ILE C 311 41.36 2.60 -16.52
N SER C 312 41.83 1.49 -15.94
CA SER C 312 41.82 0.16 -16.54
C SER C 312 40.79 -0.70 -15.81
N LEU C 313 39.84 -1.25 -16.56
CA LEU C 313 38.80 -2.13 -16.01
C LEU C 313 38.98 -3.52 -16.56
N GLN C 314 38.95 -4.53 -15.69
CA GLN C 314 39.06 -5.92 -16.09
C GLN C 314 37.71 -6.62 -15.91
N TRP C 315 37.13 -7.04 -17.03
CA TRP C 315 35.86 -7.73 -17.05
C TRP C 315 36.06 -9.19 -17.47
N ILE C 316 35.27 -10.09 -16.89
CA ILE C 316 35.30 -11.50 -17.22
C ILE C 316 33.85 -11.92 -17.49
N ARG C 317 33.64 -12.83 -18.45
CA ARG C 317 32.32 -13.39 -18.76
C ARG C 317 31.99 -14.37 -17.64
N ARG C 318 30.69 -14.73 -17.45
CA ARG C 318 30.29 -15.69 -16.43
C ARG C 318 30.99 -17.05 -16.60
N ALA C 319 31.21 -17.48 -17.87
CA ALA C 319 31.91 -18.73 -18.23
C ALA C 319 33.34 -18.79 -17.65
N GLN C 320 34.04 -17.61 -17.61
CA GLN C 320 35.37 -17.38 -17.03
C GLN C 320 36.53 -17.98 -17.85
N ASN C 321 36.36 -18.05 -19.17
CA ASN C 321 37.36 -18.53 -20.12
C ASN C 321 37.60 -17.40 -21.15
N TYR C 322 37.05 -16.19 -20.83
CA TYR C 322 37.13 -14.97 -21.62
C TYR C 322 37.15 -13.77 -20.69
N SER C 323 38.24 -13.02 -20.77
CA SER C 323 38.52 -11.83 -19.98
C SER C 323 38.89 -10.69 -20.92
N ILE C 324 38.52 -9.45 -20.55
CA ILE C 324 38.83 -8.24 -21.33
C ILE C 324 39.29 -7.11 -20.41
N ILE C 325 40.39 -6.41 -20.82
CA ILE C 325 40.90 -5.23 -20.14
C ILE C 325 40.48 -4.05 -21.03
N ASP C 326 39.69 -3.11 -20.46
CA ASP C 326 39.20 -1.93 -21.14
C ASP C 326 39.82 -0.72 -20.45
N ILE C 327 40.68 0.00 -21.17
CA ILE C 327 41.41 1.18 -20.70
C ILE C 327 40.68 2.46 -21.16
N CYS C 328 40.00 3.14 -20.23
CA CYS C 328 39.19 4.32 -20.50
C CYS C 328 39.88 5.60 -20.20
N ASP C 329 39.77 6.57 -21.13
CA ASP C 329 40.38 7.90 -21.04
C ASP C 329 39.37 9.01 -20.81
N TYR C 330 39.70 9.91 -19.86
CA TYR C 330 38.86 11.04 -19.49
C TYR C 330 38.90 12.14 -20.56
N ASP C 331 37.70 12.56 -21.02
CA ASP C 331 37.54 13.65 -21.98
C ASP C 331 37.28 14.90 -21.16
N GLU C 332 38.23 15.82 -21.17
CA GLU C 332 38.19 17.05 -20.39
C GLU C 332 37.02 17.99 -20.72
N SER C 333 36.60 18.02 -21.99
CA SER C 333 35.54 18.89 -22.48
C SER C 333 34.13 18.44 -22.13
N THR C 334 33.93 17.13 -21.88
CA THR C 334 32.61 16.55 -21.62
C THR C 334 32.49 15.81 -20.29
N GLY C 335 33.61 15.43 -19.67
CA GLY C 335 33.58 14.67 -18.42
C GLY C 335 33.36 13.17 -18.59
N ARG C 336 33.31 12.71 -19.86
CA ARG C 336 33.12 11.32 -20.23
C ARG C 336 34.40 10.51 -20.10
N TRP C 337 34.26 9.21 -19.90
CA TRP C 337 35.37 8.25 -19.83
C TRP C 337 35.20 7.37 -21.06
N ILE C 338 35.94 7.71 -22.11
CA ILE C 338 35.84 7.08 -23.41
C ILE C 338 36.74 5.86 -23.57
N SER C 339 36.15 4.76 -24.04
CA SER C 339 36.86 3.51 -24.31
C SER C 339 37.11 3.39 -25.82
N SER C 340 38.12 2.62 -26.20
CA SER C 340 38.53 2.42 -27.58
C SER C 340 38.88 0.95 -27.80
N VAL C 341 38.53 0.43 -28.98
CA VAL C 341 38.81 -0.95 -29.39
C VAL C 341 40.33 -1.24 -29.30
N ALA C 342 41.16 -0.25 -29.72
CA ALA C 342 42.62 -0.31 -29.68
C ALA C 342 43.16 -0.52 -28.26
N ARG C 343 42.45 0.04 -27.26
CA ARG C 343 42.81 -0.04 -25.85
C ARG C 343 42.18 -1.27 -25.15
N GLN C 344 41.60 -2.19 -25.91
CA GLN C 344 40.97 -3.40 -25.36
C GLN C 344 41.88 -4.64 -25.52
N HIS C 345 42.09 -5.37 -24.41
CA HIS C 345 42.96 -6.53 -24.37
C HIS C 345 42.25 -7.77 -23.87
N ILE C 346 42.07 -8.73 -24.78
CA ILE C 346 41.38 -9.99 -24.52
C ILE C 346 42.37 -11.05 -24.03
N GLU C 347 41.92 -11.86 -23.07
CA GLU C 347 42.62 -13.01 -22.56
C GLU C 347 41.62 -14.16 -22.57
N ILE C 348 41.96 -15.24 -23.26
CA ILE C 348 41.11 -16.42 -23.38
C ILE C 348 41.81 -17.69 -22.92
N SER C 349 41.00 -18.72 -22.60
CA SER C 349 41.48 -20.05 -22.25
C SER C 349 40.61 -21.07 -22.96
N THR C 350 41.24 -21.93 -23.73
CA THR C 350 40.55 -22.98 -24.47
C THR C 350 40.62 -24.30 -23.70
N THR C 351 41.64 -24.43 -22.83
CA THR C 351 41.96 -25.62 -22.02
C THR C 351 41.27 -25.64 -20.65
N GLY C 352 40.80 -24.48 -20.20
CA GLY C 352 40.14 -24.33 -18.92
C GLY C 352 39.68 -22.92 -18.65
N TRP C 353 40.07 -22.37 -17.50
CA TRP C 353 39.73 -21.03 -17.04
C TRP C 353 40.90 -20.03 -17.18
N VAL C 354 40.58 -18.72 -17.17
CA VAL C 354 41.53 -17.61 -17.25
C VAL C 354 42.14 -17.35 -15.85
N GLY C 355 43.47 -17.24 -15.79
CA GLY C 355 44.21 -17.02 -14.55
C GLY C 355 44.25 -18.21 -13.62
N ARG C 356 44.49 -17.95 -12.34
CA ARG C 356 44.57 -18.97 -11.30
C ARG C 356 43.21 -19.13 -10.61
N PHE C 357 42.71 -18.04 -10.02
CA PHE C 357 41.40 -17.95 -9.37
C PHE C 357 40.66 -16.76 -9.99
N ARG C 358 41.37 -16.00 -10.84
CA ARG C 358 40.92 -14.81 -11.54
C ARG C 358 42.03 -14.41 -12.51
N PRO C 359 41.75 -13.66 -13.60
CA PRO C 359 42.85 -13.20 -14.45
C PRO C 359 43.83 -12.31 -13.66
N ALA C 360 45.13 -12.36 -13.98
CA ALA C 360 46.11 -11.55 -13.27
C ALA C 360 45.91 -10.06 -13.53
N GLU C 361 46.29 -9.21 -12.58
CA GLU C 361 46.08 -7.77 -12.66
C GLU C 361 47.14 -7.08 -13.55
N PRO C 362 46.74 -6.08 -14.37
CA PRO C 362 47.75 -5.39 -15.18
C PRO C 362 48.58 -4.42 -14.32
N HIS C 363 49.87 -4.35 -14.57
CA HIS C 363 50.79 -3.44 -13.85
C HIS C 363 51.31 -2.42 -14.85
N PHE C 364 50.75 -1.20 -14.79
CA PHE C 364 51.04 -0.09 -15.71
C PHE C 364 52.28 0.71 -15.36
N THR C 365 52.89 1.32 -16.39
CA THR C 365 54.02 2.24 -16.27
C THR C 365 53.43 3.59 -15.78
N SER C 366 54.29 4.50 -15.26
CA SER C 366 53.86 5.82 -14.77
C SER C 366 53.10 6.63 -15.83
N ASP C 367 53.55 6.56 -17.10
CA ASP C 367 52.94 7.24 -18.25
C ASP C 367 51.61 6.59 -18.63
N GLY C 368 51.51 5.27 -18.40
CA GLY C 368 50.35 4.46 -18.71
C GLY C 368 50.22 4.08 -20.17
N ASN C 369 51.30 4.17 -20.94
CA ASN C 369 51.30 3.83 -22.36
C ASN C 369 51.63 2.36 -22.61
N SER C 370 52.05 1.64 -21.56
CA SER C 370 52.32 0.21 -21.61
C SER C 370 52.06 -0.45 -20.25
N PHE C 371 51.84 -1.77 -20.22
CA PHE C 371 51.61 -2.51 -18.97
C PHE C 371 52.22 -3.89 -18.99
N TYR C 372 52.42 -4.47 -17.81
CA TYR C 372 52.99 -5.81 -17.63
C TYR C 372 51.98 -6.67 -16.90
N LYS C 373 51.70 -7.86 -17.44
CA LYS C 373 50.70 -8.77 -16.88
C LYS C 373 51.12 -10.24 -17.03
N ILE C 374 50.81 -11.04 -16.02
CA ILE C 374 51.05 -12.48 -16.02
C ILE C 374 49.91 -13.14 -16.83
N ILE C 375 50.30 -13.87 -17.88
CA ILE C 375 49.40 -14.64 -18.74
C ILE C 375 50.10 -15.98 -18.98
N SER C 376 49.35 -16.97 -19.44
CA SER C 376 49.90 -18.28 -19.73
C SER C 376 50.63 -18.23 -21.06
N ASN C 377 51.83 -18.82 -21.12
CA ASN C 377 52.60 -18.90 -22.37
C ASN C 377 52.19 -20.14 -23.19
N GLU C 378 52.83 -20.34 -24.33
CA GLU C 378 52.61 -21.42 -25.30
C GLU C 378 52.68 -22.82 -24.64
N GLU C 379 53.57 -23.00 -23.65
CA GLU C 379 53.80 -24.25 -22.92
C GLU C 379 52.87 -24.48 -21.73
N GLY C 380 52.06 -23.48 -21.39
CA GLY C 380 51.10 -23.53 -20.29
C GLY C 380 51.58 -22.87 -19.01
N TYR C 381 52.80 -22.33 -18.99
CA TYR C 381 53.39 -21.69 -17.82
C TYR C 381 53.09 -20.18 -17.76
N LYS C 382 52.72 -19.72 -16.55
CA LYS C 382 52.36 -18.34 -16.26
C LYS C 382 53.59 -17.49 -16.06
N HIS C 383 53.85 -16.60 -17.04
CA HIS C 383 54.99 -15.70 -17.12
C HIS C 383 54.54 -14.26 -17.44
N ILE C 384 55.44 -13.27 -17.24
CA ILE C 384 55.12 -11.85 -17.46
C ILE C 384 55.18 -11.48 -18.95
N CYS C 385 54.08 -10.90 -19.46
CA CYS C 385 54.00 -10.39 -20.83
C CYS C 385 53.95 -8.87 -20.76
N HIS C 386 54.69 -8.21 -21.66
CA HIS C 386 54.71 -6.76 -21.78
C HIS C 386 53.76 -6.36 -22.91
N PHE C 387 52.73 -5.56 -22.57
CA PHE C 387 51.72 -5.08 -23.50
C PHE C 387 51.82 -3.59 -23.68
N GLN C 388 51.41 -3.11 -24.86
CA GLN C 388 51.30 -1.70 -25.16
C GLN C 388 49.81 -1.41 -25.00
N THR C 389 49.47 -0.28 -24.38
CA THR C 389 48.09 0.13 -24.11
C THR C 389 47.20 0.17 -25.38
N ASP C 390 47.73 0.65 -26.52
CA ASP C 390 46.94 0.75 -27.76
C ASP C 390 47.29 -0.32 -28.83
N LYS C 391 48.01 -1.39 -28.43
CA LYS C 391 48.38 -2.50 -29.33
C LYS C 391 47.97 -3.85 -28.74
N SER C 392 47.57 -4.80 -29.60
CA SER C 392 47.10 -6.14 -29.21
C SER C 392 48.22 -7.12 -28.82
N ASN C 393 49.37 -7.05 -29.51
CA ASN C 393 50.53 -7.94 -29.30
C ASN C 393 51.27 -7.69 -27.98
N CYS C 394 51.76 -8.78 -27.37
CA CYS C 394 52.57 -8.70 -26.16
C CYS C 394 53.87 -9.48 -26.31
N THR C 395 54.85 -9.15 -25.47
CA THR C 395 56.16 -9.78 -25.51
C THR C 395 56.46 -10.38 -24.16
N PHE C 396 56.82 -11.67 -24.15
CA PHE C 396 57.16 -12.36 -22.91
C PHE C 396 58.53 -11.93 -22.44
N ILE C 397 58.60 -11.49 -21.18
CA ILE C 397 59.84 -11.02 -20.56
C ILE C 397 60.45 -12.13 -19.66
N THR C 398 59.63 -13.15 -19.28
CA THR C 398 60.05 -14.32 -18.51
C THR C 398 59.69 -15.61 -19.27
N LYS C 399 60.44 -16.71 -19.04
CA LYS C 399 60.23 -18.03 -19.69
C LYS C 399 60.85 -19.17 -18.85
N GLY C 400 60.32 -20.39 -19.01
CA GLY C 400 60.82 -21.57 -18.32
C GLY C 400 59.76 -22.47 -17.74
N ALA C 401 60.19 -23.68 -17.30
CA ALA C 401 59.33 -24.69 -16.69
C ALA C 401 59.21 -24.41 -15.17
N TRP C 402 58.65 -23.24 -14.86
CA TRP C 402 58.36 -22.64 -13.55
C TRP C 402 57.40 -21.49 -13.82
N GLU C 403 56.78 -20.95 -12.78
CA GLU C 403 55.79 -19.90 -12.96
C GLU C 403 56.07 -18.67 -12.13
N VAL C 404 55.65 -17.51 -12.67
CA VAL C 404 55.70 -16.21 -11.99
C VAL C 404 54.42 -16.18 -11.15
N ILE C 405 54.56 -15.94 -9.85
CA ILE C 405 53.43 -15.88 -8.91
C ILE C 405 52.71 -14.52 -8.97
N GLY C 406 53.45 -13.43 -8.89
CA GLY C 406 52.91 -12.08 -8.96
C GLY C 406 53.98 -11.04 -9.23
N ILE C 407 53.57 -9.89 -9.81
CA ILE C 407 54.40 -8.70 -10.08
C ILE C 407 54.26 -7.85 -8.80
N GLU C 408 55.37 -7.61 -8.10
CA GLU C 408 55.36 -6.88 -6.83
C GLU C 408 55.46 -5.36 -6.98
N ALA C 409 56.42 -4.88 -7.75
CA ALA C 409 56.67 -3.46 -7.98
C ALA C 409 57.13 -3.21 -9.39
N LEU C 410 56.96 -1.98 -9.86
CA LEU C 410 57.39 -1.57 -11.19
C LEU C 410 57.89 -0.13 -11.19
N THR C 411 59.18 0.05 -11.54
CA THR C 411 59.80 1.37 -11.69
C THR C 411 60.05 1.57 -13.19
N SER C 412 60.60 2.73 -13.57
CA SER C 412 60.94 3.03 -14.96
C SER C 412 62.01 2.08 -15.52
N ASP C 413 62.89 1.58 -14.63
CA ASP C 413 64.00 0.71 -14.99
C ASP C 413 63.83 -0.76 -14.64
N TYR C 414 63.13 -1.06 -13.54
CA TYR C 414 62.99 -2.45 -13.08
C TYR C 414 61.58 -2.89 -12.79
N LEU C 415 61.36 -4.20 -12.82
CA LEU C 415 60.13 -4.88 -12.47
C LEU C 415 60.51 -5.94 -11.44
N TYR C 416 59.80 -5.96 -10.31
CA TYR C 416 60.04 -6.90 -9.23
C TYR C 416 58.96 -7.94 -9.22
N TYR C 417 59.34 -9.22 -9.09
CA TYR C 417 58.34 -10.29 -9.08
C TYR C 417 58.74 -11.47 -8.20
N ILE C 418 57.73 -12.28 -7.82
CA ILE C 418 57.88 -13.52 -7.04
C ILE C 418 57.69 -14.69 -8.01
N SER C 419 58.55 -15.71 -7.90
CA SER C 419 58.49 -16.92 -8.73
C SER C 419 59.01 -18.12 -7.97
N ASN C 420 58.74 -19.33 -8.49
CA ASN C 420 59.14 -20.61 -7.89
C ASN C 420 60.26 -21.27 -8.69
N GLU C 421 61.05 -20.46 -9.40
CA GLU C 421 62.15 -20.90 -10.24
C GLU C 421 63.28 -21.60 -9.47
N HIS C 422 63.67 -21.05 -8.31
CA HIS C 422 64.78 -21.53 -7.50
C HIS C 422 64.71 -23.00 -7.12
N LYS C 423 65.79 -23.74 -7.47
CA LYS C 423 65.99 -25.18 -7.23
C LYS C 423 64.92 -26.06 -7.90
N GLY C 424 64.19 -25.49 -8.85
CA GLY C 424 63.09 -26.13 -9.56
C GLY C 424 61.95 -26.57 -8.65
N MET C 425 61.82 -25.92 -7.49
CA MET C 425 60.81 -26.22 -6.46
C MET C 425 59.57 -25.35 -6.62
N PRO C 426 58.43 -25.95 -7.03
CA PRO C 426 57.20 -25.13 -7.16
C PRO C 426 56.63 -24.64 -5.82
N GLY C 427 57.09 -25.23 -4.72
CA GLY C 427 56.69 -24.89 -3.35
C GLY C 427 57.59 -23.87 -2.67
N GLY C 428 58.53 -23.31 -3.44
CA GLY C 428 59.42 -22.25 -3.00
C GLY C 428 59.00 -20.93 -3.62
N ARG C 429 59.36 -19.80 -2.99
CA ARG C 429 59.04 -18.46 -3.49
C ARG C 429 60.23 -17.56 -3.29
N ASN C 430 60.64 -16.84 -4.34
CA ASN C 430 61.77 -15.91 -4.24
C ASN C 430 61.52 -14.61 -4.99
N LEU C 431 62.14 -13.51 -4.53
CA LEU C 431 62.03 -12.20 -5.14
C LEU C 431 63.09 -12.05 -6.20
N TYR C 432 62.65 -11.68 -7.39
CA TYR C 432 63.49 -11.48 -8.55
C TYR C 432 63.26 -10.09 -9.08
N ARG C 433 64.30 -9.52 -9.70
CA ARG C 433 64.24 -8.22 -10.33
C ARG C 433 64.72 -8.38 -11.78
N ILE C 434 63.91 -7.90 -12.72
CA ILE C 434 64.21 -7.93 -14.15
C ILE C 434 64.41 -6.50 -14.69
N GLN C 435 65.47 -6.30 -15.48
CA GLN C 435 65.79 -5.01 -16.10
C GLN C 435 64.90 -4.82 -17.32
N LEU C 436 64.09 -3.75 -17.34
CA LEU C 436 63.12 -3.50 -18.41
C LEU C 436 63.73 -3.21 -19.80
N ASN C 437 64.97 -2.72 -19.86
CA ASN C 437 65.66 -2.46 -21.12
C ASN C 437 66.49 -3.66 -21.59
N ASP C 438 66.61 -4.71 -20.73
CA ASP C 438 67.38 -5.93 -20.98
C ASP C 438 66.84 -7.09 -20.14
N TYR C 439 65.92 -7.88 -20.73
CA TYR C 439 65.24 -9.01 -20.09
C TYR C 439 66.15 -10.18 -19.75
N THR C 440 67.43 -10.11 -20.17
CA THR C 440 68.44 -11.13 -19.87
C THR C 440 68.99 -10.90 -18.48
N LYS C 441 68.99 -9.62 -18.04
CA LYS C 441 69.48 -9.20 -16.73
C LYS C 441 68.41 -9.42 -15.66
N VAL C 442 68.40 -10.64 -15.08
CA VAL C 442 67.49 -11.06 -14.02
C VAL C 442 68.32 -11.42 -12.78
N THR C 443 68.02 -10.78 -11.64
CA THR C 443 68.71 -11.00 -10.37
C THR C 443 67.75 -11.57 -9.34
N CYS C 444 68.17 -12.64 -8.62
CA CYS C 444 67.37 -13.12 -7.52
C CYS C 444 67.83 -12.41 -6.28
N LEU C 445 66.99 -11.53 -5.76
CA LEU C 445 67.30 -10.70 -4.60
C LEU C 445 67.29 -11.45 -3.28
N SER C 446 66.49 -12.55 -3.18
CA SER C 446 66.30 -13.33 -1.96
C SER C 446 66.90 -14.76 -1.91
N CYS C 447 67.13 -15.40 -3.08
CA CYS C 447 67.61 -16.78 -3.25
C CYS C 447 68.69 -17.25 -2.29
N GLU C 448 69.83 -16.54 -2.20
CA GLU C 448 70.95 -16.97 -1.41
C GLU C 448 71.22 -16.12 -0.15
N LEU C 449 70.18 -15.50 0.44
CA LEU C 449 70.32 -14.73 1.68
C LEU C 449 70.58 -15.70 2.84
N ASN C 450 69.69 -16.69 3.02
CA ASN C 450 69.74 -17.76 4.00
C ASN C 450 69.22 -18.97 3.24
N PRO C 451 70.04 -19.65 2.40
CA PRO C 451 69.50 -20.74 1.55
C PRO C 451 68.90 -21.93 2.29
N GLU C 452 69.41 -22.26 3.49
CA GLU C 452 68.88 -23.39 4.28
C GLU C 452 67.63 -23.03 5.06
N ARG C 453 67.59 -21.80 5.61
CA ARG C 453 66.49 -21.28 6.43
C ARG C 453 65.35 -20.68 5.61
N CYS C 454 65.68 -20.04 4.48
CA CYS C 454 64.73 -19.27 3.71
C CYS C 454 64.61 -19.65 2.24
N GLN C 455 63.45 -20.25 1.88
CA GLN C 455 63.09 -20.70 0.53
C GLN C 455 61.68 -20.20 0.11
N TYR C 456 60.93 -19.58 1.05
CA TYR C 456 59.58 -19.08 0.79
C TYR C 456 59.49 -17.62 1.19
N TYR C 457 59.41 -16.74 0.20
CA TYR C 457 59.42 -15.30 0.42
C TYR C 457 58.21 -14.56 -0.11
N SER C 458 57.91 -13.44 0.54
CA SER C 458 56.90 -12.45 0.19
C SER C 458 57.63 -11.09 0.31
N ALA C 459 57.17 -10.05 -0.40
CA ALA C 459 57.80 -8.73 -0.33
C ALA C 459 56.81 -7.58 -0.28
N SER C 460 57.21 -6.48 0.39
CA SER C 460 56.43 -5.24 0.51
C SER C 460 57.36 -4.10 0.11
N PHE C 461 57.00 -3.30 -0.92
CA PHE C 461 57.81 -2.19 -1.43
C PHE C 461 57.33 -0.82 -0.98
N SER C 462 58.26 0.14 -0.89
CA SER C 462 57.98 1.53 -0.55
C SER C 462 57.28 2.21 -1.76
N ASN C 463 56.78 3.45 -1.59
CA ASN C 463 56.00 4.19 -2.60
C ASN C 463 56.65 4.27 -4.00
N LYS C 464 57.99 4.40 -4.10
CA LYS C 464 58.63 4.46 -5.42
C LYS C 464 59.53 3.23 -5.65
N ALA C 465 59.28 2.16 -4.86
CA ALA C 465 60.01 0.89 -4.83
C ALA C 465 61.51 1.09 -4.50
N LYS C 466 61.81 2.10 -3.65
CA LYS C 466 63.16 2.47 -3.23
C LYS C 466 63.67 1.57 -2.09
N TYR C 467 62.73 1.01 -1.31
CA TYR C 467 62.99 0.11 -0.19
C TYR C 467 61.98 -1.01 -0.17
N TYR C 468 62.37 -2.17 0.35
CA TYR C 468 61.46 -3.31 0.46
C TYR C 468 61.69 -4.14 1.71
N GLN C 469 60.59 -4.63 2.26
CA GLN C 469 60.56 -5.56 3.36
C GLN C 469 60.50 -6.96 2.74
N LEU C 470 61.35 -7.88 3.19
CA LEU C 470 61.36 -9.26 2.72
C LEU C 470 60.85 -10.12 3.84
N ARG C 471 59.83 -10.92 3.56
CA ARG C 471 59.18 -11.79 4.53
C ARG C 471 59.53 -13.23 4.17
N CYS C 472 60.33 -13.89 5.00
CA CYS C 472 60.74 -15.27 4.81
C CYS C 472 59.79 -16.09 5.68
N PHE C 473 59.16 -17.13 5.13
CA PHE C 473 58.20 -17.93 5.88
C PHE C 473 58.65 -19.37 6.19
N GLY C 474 59.81 -19.76 5.68
CA GLY C 474 60.34 -21.10 5.93
C GLY C 474 61.37 -21.58 4.92
N PRO C 475 61.90 -22.83 5.01
CA PRO C 475 61.59 -23.92 5.97
C PRO C 475 61.93 -23.66 7.42
N GLY C 476 62.91 -22.78 7.69
CA GLY C 476 63.31 -22.43 9.04
C GLY C 476 62.37 -21.41 9.64
N LEU C 477 62.72 -20.86 10.80
CA LEU C 477 61.90 -19.86 11.49
C LEU C 477 61.71 -18.61 10.66
N PRO C 478 60.48 -18.05 10.58
CA PRO C 478 60.26 -16.85 9.75
C PRO C 478 61.18 -15.69 10.08
N LEU C 479 61.76 -15.07 9.04
CA LEU C 479 62.71 -13.97 9.13
C LEU C 479 62.21 -12.76 8.30
N TYR C 480 62.09 -11.60 8.98
CA TYR C 480 61.61 -10.35 8.37
C TYR C 480 62.78 -9.39 8.32
N THR C 481 63.11 -8.92 7.12
CA THR C 481 64.25 -8.02 6.91
C THR C 481 63.86 -6.82 6.03
N LEU C 482 64.67 -5.75 6.11
CA LEU C 482 64.47 -4.51 5.35
C LEU C 482 65.66 -4.29 4.45
N HIS C 483 65.38 -4.05 3.16
CA HIS C 483 66.38 -3.84 2.11
C HIS C 483 66.20 -2.56 1.33
N SER C 484 67.33 -2.01 0.81
CA SER C 484 67.38 -0.85 -0.07
C SER C 484 67.36 -1.44 -1.49
N SER C 485 66.55 -0.87 -2.39
CA SER C 485 66.47 -1.37 -3.78
C SER C 485 67.68 -1.02 -4.63
N SER C 486 68.34 0.11 -4.32
CA SER C 486 69.52 0.60 -5.04
C SER C 486 70.75 -0.32 -4.89
N SER C 487 71.04 -0.77 -3.64
CA SER C 487 72.20 -1.60 -3.31
C SER C 487 71.86 -3.07 -3.00
N ASP C 488 70.57 -3.36 -2.69
CA ASP C 488 70.04 -4.68 -2.30
C ASP C 488 70.69 -5.18 -1.01
N LYS C 489 71.22 -4.20 -0.24
CA LYS C 489 71.87 -4.39 1.04
C LYS C 489 70.81 -4.49 2.11
N GLU C 490 71.03 -5.40 3.07
CA GLU C 490 70.12 -5.61 4.17
C GLU C 490 70.38 -4.51 5.18
N LEU C 491 69.43 -3.57 5.29
CA LEU C 491 69.52 -2.44 6.18
C LEU C 491 69.39 -2.89 7.63
N ARG C 492 68.32 -3.69 7.95
CA ARG C 492 68.08 -4.20 9.30
C ARG C 492 67.23 -5.47 9.38
N VAL C 493 67.45 -6.30 10.43
CA VAL C 493 66.69 -7.52 10.72
C VAL C 493 65.52 -7.01 11.56
N LEU C 494 64.33 -7.05 10.98
CA LEU C 494 63.10 -6.58 11.59
C LEU C 494 62.56 -7.55 12.64
N GLU C 495 62.64 -8.87 12.37
CA GLU C 495 62.20 -9.95 13.26
C GLU C 495 62.90 -11.24 12.83
N ASP C 496 63.64 -11.86 13.76
CA ASP C 496 64.37 -13.10 13.51
C ASP C 496 63.83 -14.31 14.30
N ASN C 497 62.76 -14.12 15.11
CA ASN C 497 62.14 -15.17 15.91
C ASN C 497 63.14 -15.91 16.82
N SER C 498 64.07 -15.16 17.44
CA SER C 498 65.11 -15.69 18.32
C SER C 498 64.52 -16.29 19.60
N ALA C 499 63.40 -15.71 20.09
CA ALA C 499 62.69 -16.16 21.28
C ALA C 499 62.12 -17.56 21.03
N LEU C 500 61.56 -17.79 19.83
CA LEU C 500 61.02 -19.07 19.41
C LEU C 500 62.13 -20.11 19.24
N ASP C 501 63.28 -19.72 18.65
CA ASP C 501 64.45 -20.58 18.46
C ASP C 501 64.90 -21.20 19.78
N LYS C 502 64.98 -20.36 20.83
CA LYS C 502 65.38 -20.74 22.18
C LYS C 502 64.39 -21.73 22.79
N MET C 503 63.08 -21.51 22.56
CA MET C 503 62.00 -22.36 23.07
C MET C 503 62.01 -23.76 22.44
N LEU C 504 62.25 -23.83 21.11
CA LEU C 504 62.21 -25.07 20.33
C LEU C 504 63.42 -25.99 20.51
N GLN C 505 64.52 -25.51 21.12
CA GLN C 505 65.69 -26.38 21.31
C GLN C 505 65.50 -27.32 22.50
N ASP C 506 64.51 -27.03 23.36
CA ASP C 506 64.12 -27.87 24.50
C ASP C 506 62.98 -28.86 24.09
N VAL C 507 62.58 -28.88 22.81
CA VAL C 507 61.49 -29.71 22.30
C VAL C 507 61.95 -30.62 21.14
N GLN C 508 61.52 -31.89 21.18
CA GLN C 508 61.79 -32.87 20.13
C GLN C 508 60.87 -32.54 18.96
N MET C 509 61.35 -31.69 18.05
CA MET C 509 60.57 -31.24 16.91
C MET C 509 60.60 -32.23 15.76
N PRO C 510 59.49 -32.34 14.98
CA PRO C 510 59.50 -33.25 13.82
C PRO C 510 60.26 -32.63 12.65
N SER C 511 60.66 -33.45 11.68
CA SER C 511 61.36 -32.98 10.48
C SER C 511 60.42 -32.98 9.27
N LYS C 512 60.48 -31.92 8.46
CA LYS C 512 59.65 -31.81 7.26
C LYS C 512 60.51 -32.09 6.03
N LYS C 513 60.25 -33.22 5.37
CA LYS C 513 60.97 -33.66 4.18
C LYS C 513 60.10 -33.43 2.95
N LEU C 514 60.66 -32.78 1.93
CA LEU C 514 59.99 -32.54 0.64
C LEU C 514 60.68 -33.38 -0.42
N ASP C 515 59.92 -34.14 -1.19
CA ASP C 515 60.45 -34.98 -2.27
C ASP C 515 59.47 -35.13 -3.44
N VAL C 516 59.86 -35.93 -4.41
CA VAL C 516 59.10 -36.15 -5.64
C VAL C 516 58.78 -37.64 -5.84
N ILE C 517 57.64 -37.89 -6.49
CA ILE C 517 57.17 -39.19 -6.93
C ILE C 517 56.62 -39.05 -8.35
N ASN C 518 56.67 -40.14 -9.12
CA ASN C 518 56.19 -40.15 -10.49
C ASN C 518 54.81 -40.78 -10.58
N LEU C 519 53.85 -40.04 -11.15
CA LEU C 519 52.49 -40.50 -11.41
C LEU C 519 52.24 -40.21 -12.87
N HIS C 520 51.86 -41.24 -13.65
CA HIS C 520 51.58 -41.16 -15.09
C HIS C 520 52.69 -40.43 -15.88
N GLY C 521 53.95 -40.75 -15.55
CA GLY C 521 55.12 -40.15 -16.19
C GLY C 521 55.47 -38.74 -15.77
N THR C 522 54.65 -38.12 -14.90
CA THR C 522 54.87 -36.76 -14.42
C THR C 522 55.39 -36.79 -12.98
N LYS C 523 56.36 -35.91 -12.70
CA LYS C 523 56.92 -35.77 -11.37
C LYS C 523 56.02 -34.82 -10.55
N PHE C 524 55.51 -35.33 -9.42
CA PHE C 524 54.66 -34.58 -8.50
C PHE C 524 55.34 -34.49 -7.14
N TRP C 525 55.09 -33.40 -6.43
CA TRP C 525 55.69 -33.13 -5.14
C TRP C 525 54.86 -33.57 -3.96
N TYR C 526 55.56 -34.07 -2.94
CA TYR C 526 54.98 -34.47 -1.67
C TYR C 526 55.84 -33.98 -0.53
N GLN C 527 55.26 -33.90 0.66
CA GLN C 527 55.95 -33.53 1.88
C GLN C 527 55.57 -34.50 2.98
N MET C 528 56.47 -34.70 3.95
CA MET C 528 56.22 -35.60 5.07
C MET C 528 56.73 -34.97 6.34
N ILE C 529 55.84 -34.80 7.34
CA ILE C 529 56.23 -34.33 8.66
C ILE C 529 56.60 -35.65 9.35
N LEU C 530 57.89 -35.86 9.59
CA LEU C 530 58.39 -37.10 10.16
C LEU C 530 58.64 -36.98 11.66
N PRO C 531 58.19 -37.97 12.45
CA PRO C 531 58.43 -37.95 13.90
C PRO C 531 59.91 -37.83 14.31
N PRO C 532 60.23 -37.26 15.51
CA PRO C 532 61.65 -37.19 15.94
C PRO C 532 62.25 -38.57 16.15
N HIS C 533 63.58 -38.69 15.92
CA HIS C 533 64.36 -39.94 16.04
C HIS C 533 63.73 -41.02 15.13
N PHE C 534 63.33 -40.57 13.92
CA PHE C 534 62.69 -41.38 12.90
C PHE C 534 63.55 -42.56 12.46
N ASP C 535 63.04 -43.77 12.74
CA ASP C 535 63.69 -45.03 12.41
C ASP C 535 63.01 -45.67 11.19
N LYS C 536 63.75 -45.79 10.08
CA LYS C 536 63.28 -46.38 8.82
C LYS C 536 62.87 -47.87 8.94
N SER C 537 63.41 -48.58 9.95
CA SER C 537 63.07 -49.98 10.22
C SER C 537 61.69 -50.11 10.89
N LYS C 538 61.36 -49.15 11.78
CA LYS C 538 60.08 -49.09 12.48
C LYS C 538 58.96 -48.72 11.49
N LYS C 539 57.73 -49.26 11.70
CA LYS C 539 56.58 -48.97 10.86
C LYS C 539 55.63 -48.00 11.56
N TYR C 540 55.50 -46.79 11.01
CA TYR C 540 54.71 -45.69 11.55
C TYR C 540 53.33 -45.55 10.92
N PRO C 541 52.29 -45.12 11.69
CA PRO C 541 51.00 -44.83 11.05
C PRO C 541 51.12 -43.56 10.20
N LEU C 542 50.32 -43.46 9.13
CA LEU C 542 50.34 -42.36 8.18
C LEU C 542 49.02 -41.61 8.11
N LEU C 543 49.12 -40.28 8.14
CA LEU C 543 47.98 -39.38 8.00
C LEU C 543 48.22 -38.53 6.77
N ILE C 544 47.24 -38.50 5.87
CA ILE C 544 47.30 -37.67 4.67
C ILE C 544 46.51 -36.40 4.95
N GLU C 545 47.15 -35.24 4.76
CA GLU C 545 46.52 -33.94 4.91
C GLU C 545 46.28 -33.44 3.49
N VAL C 546 45.01 -33.22 3.13
CA VAL C 546 44.66 -32.89 1.75
C VAL C 546 43.89 -31.56 1.58
N TYR C 547 44.15 -30.91 0.42
CA TYR C 547 43.47 -29.74 -0.12
C TYR C 547 43.04 -30.23 -1.51
N ALA C 548 43.99 -30.40 -2.46
CA ALA C 548 43.82 -30.94 -3.82
C ALA C 548 42.82 -30.19 -4.73
N GLY C 549 42.46 -28.97 -4.35
CA GLY C 549 41.56 -28.14 -5.15
C GLY C 549 42.23 -27.51 -6.35
N PRO C 550 41.47 -27.05 -7.37
CA PRO C 550 42.13 -26.41 -8.52
C PRO C 550 43.02 -25.25 -8.11
N CYS C 551 44.30 -25.30 -8.53
CA CYS C 551 45.39 -24.35 -8.23
C CYS C 551 45.91 -24.46 -6.77
N SER C 552 45.66 -25.62 -6.13
CA SER C 552 46.11 -25.87 -4.77
C SER C 552 47.62 -26.11 -4.64
N GLN C 553 48.16 -25.80 -3.45
CA GLN C 553 49.55 -26.05 -3.09
C GLN C 553 49.64 -26.39 -1.61
N LYS C 554 49.52 -27.69 -1.32
CA LYS C 554 49.64 -28.21 0.04
C LYS C 554 51.10 -28.47 0.35
N VAL C 555 51.92 -28.68 -0.69
CA VAL C 555 53.35 -28.97 -0.63
C VAL C 555 54.17 -27.69 -0.87
N ASP C 556 54.68 -27.12 0.22
CA ASP C 556 55.53 -25.93 0.16
C ASP C 556 56.59 -25.95 1.27
N THR C 557 57.49 -24.95 1.27
CA THR C 557 58.57 -24.85 2.26
C THR C 557 58.23 -23.90 3.43
N VAL C 558 56.94 -23.66 3.71
CA VAL C 558 56.50 -22.76 4.79
C VAL C 558 56.67 -23.46 6.14
N PHE C 559 57.20 -22.74 7.14
CA PHE C 559 57.35 -23.25 8.50
C PHE C 559 55.99 -23.08 9.17
N ARG C 560 55.48 -24.15 9.81
CA ARG C 560 54.19 -24.15 10.50
C ARG C 560 54.24 -24.91 11.80
N LEU C 561 53.59 -24.34 12.82
CA LEU C 561 53.38 -24.99 14.11
C LEU C 561 51.90 -25.36 14.05
N SER C 562 51.66 -26.50 13.41
CA SER C 562 50.34 -27.03 13.11
C SER C 562 49.97 -28.22 14.00
N TRP C 563 48.77 -28.78 13.77
CA TRP C 563 48.28 -29.97 14.45
C TRP C 563 49.19 -31.17 14.06
N ALA C 564 49.68 -31.18 12.80
CA ALA C 564 50.59 -32.18 12.25
C ALA C 564 51.92 -32.22 13.02
N THR C 565 52.36 -31.06 13.57
CA THR C 565 53.57 -30.95 14.38
C THR C 565 53.38 -31.80 15.61
N TYR C 566 52.21 -31.68 16.28
CA TYR C 566 51.85 -32.45 17.48
C TYR C 566 51.74 -33.95 17.15
N LEU C 567 51.05 -34.31 16.06
CA LEU C 567 50.84 -35.70 15.63
C LEU C 567 52.14 -36.41 15.33
N ALA C 568 53.11 -35.69 14.76
CA ALA C 568 54.43 -36.23 14.47
C ALA C 568 55.31 -36.27 15.72
N SER C 569 55.37 -35.17 16.48
CA SER C 569 56.19 -35.04 17.69
C SER C 569 55.77 -35.91 18.89
N THR C 570 54.47 -35.87 19.27
CA THR C 570 53.91 -36.59 20.43
C THR C 570 53.33 -37.95 20.07
N GLU C 571 52.62 -38.05 18.95
CA GLU C 571 51.94 -39.29 18.59
C GLU C 571 52.70 -40.22 17.64
N ASN C 572 53.85 -39.78 17.09
CA ASN C 572 54.68 -40.55 16.15
C ASN C 572 53.89 -41.00 14.90
N ILE C 573 53.15 -40.04 14.32
CA ILE C 573 52.36 -40.20 13.11
C ILE C 573 53.05 -39.41 11.99
N ILE C 574 53.26 -40.07 10.83
CA ILE C 574 53.83 -39.38 9.68
C ILE C 574 52.65 -38.61 9.07
N VAL C 575 52.82 -37.32 8.85
CA VAL C 575 51.76 -36.54 8.24
C VAL C 575 52.25 -36.15 6.84
N ALA C 576 51.65 -36.73 5.81
CA ALA C 576 52.04 -36.43 4.44
C ALA C 576 51.01 -35.62 3.69
N SER C 577 51.49 -34.82 2.73
CA SER C 577 50.68 -34.05 1.80
C SER C 577 51.21 -34.33 0.41
N PHE C 578 50.35 -34.15 -0.58
CA PHE C 578 50.66 -34.43 -1.96
C PHE C 578 49.88 -33.54 -2.90
N ASP C 579 50.53 -33.03 -3.93
CA ASP C 579 49.93 -32.17 -4.94
C ASP C 579 50.04 -32.84 -6.31
N GLY C 580 48.92 -33.41 -6.75
CA GLY C 580 48.81 -34.12 -8.02
C GLY C 580 48.15 -33.28 -9.09
N ARG C 581 47.39 -33.92 -9.99
CA ARG C 581 46.68 -33.22 -11.06
C ARG C 581 45.67 -32.23 -10.50
N GLY C 582 45.65 -31.03 -11.08
CA GLY C 582 44.80 -29.92 -10.64
C GLY C 582 45.50 -28.94 -9.70
N SER C 583 46.67 -29.32 -9.14
CA SER C 583 47.40 -28.42 -8.24
C SER C 583 48.07 -27.31 -9.05
N GLY C 584 48.32 -26.18 -8.41
CA GLY C 584 48.87 -25.02 -9.09
C GLY C 584 50.36 -24.83 -9.04
N TYR C 585 50.80 -23.75 -9.73
CA TYR C 585 52.16 -23.25 -9.82
C TYR C 585 53.13 -24.22 -10.52
N GLN C 586 52.60 -25.08 -11.42
CA GLN C 586 53.38 -26.09 -12.17
C GLN C 586 52.98 -26.18 -13.66
N GLY C 587 52.28 -25.17 -14.15
CA GLY C 587 51.82 -25.12 -15.53
C GLY C 587 50.36 -25.49 -15.65
N ASP C 588 49.73 -25.02 -16.73
CA ASP C 588 48.32 -25.26 -17.05
C ASP C 588 48.01 -26.71 -17.37
N LYS C 589 49.01 -27.51 -17.79
CA LYS C 589 48.79 -28.94 -18.09
C LYS C 589 48.35 -29.65 -16.84
N ILE C 590 49.06 -29.45 -15.72
CA ILE C 590 48.72 -30.04 -14.42
C ILE C 590 47.48 -29.38 -13.85
N MET C 591 47.42 -28.04 -13.89
CA MET C 591 46.33 -27.27 -13.31
C MET C 591 44.98 -27.52 -13.98
N HIS C 592 44.92 -27.48 -15.33
CA HIS C 592 43.67 -27.67 -16.06
C HIS C 592 43.27 -29.13 -16.24
N ALA C 593 44.05 -30.11 -15.71
CA ALA C 593 43.75 -31.54 -15.82
C ALA C 593 42.35 -31.91 -15.25
N ILE C 594 41.91 -31.20 -14.22
CA ILE C 594 40.62 -31.43 -13.59
C ILE C 594 39.53 -30.47 -14.12
N ASN C 595 39.76 -29.81 -15.28
CA ASN C 595 38.73 -28.92 -15.84
C ASN C 595 37.49 -29.73 -16.20
N ARG C 596 36.35 -29.25 -15.71
CA ARG C 596 34.98 -29.79 -15.91
C ARG C 596 34.80 -31.20 -15.33
N ARG C 597 35.72 -31.62 -14.44
CA ARG C 597 35.69 -32.94 -13.83
C ARG C 597 36.30 -32.92 -12.44
N LEU C 598 35.77 -32.07 -11.55
CA LEU C 598 36.21 -32.04 -10.15
C LEU C 598 35.78 -33.36 -9.49
N GLY C 599 36.64 -33.88 -8.63
CA GLY C 599 36.39 -35.12 -7.90
C GLY C 599 36.93 -36.35 -8.59
N THR C 600 37.66 -36.16 -9.70
CA THR C 600 38.22 -37.28 -10.47
C THR C 600 39.74 -37.46 -10.21
N PHE C 601 40.60 -36.86 -11.05
CA PHE C 601 42.05 -37.00 -11.05
C PHE C 601 42.74 -36.64 -9.76
N GLU C 602 42.35 -35.53 -9.13
CA GLU C 602 42.92 -35.06 -7.88
C GLU C 602 42.68 -36.04 -6.72
N VAL C 603 41.54 -36.78 -6.77
CA VAL C 603 41.11 -37.79 -5.80
C VAL C 603 41.91 -39.07 -6.05
N GLU C 604 41.93 -39.52 -7.31
CA GLU C 604 42.64 -40.69 -7.79
C GLU C 604 44.14 -40.57 -7.49
N ASP C 605 44.71 -39.35 -7.66
CA ASP C 605 46.14 -39.07 -7.37
C ASP C 605 46.46 -39.10 -5.88
N GLN C 606 45.49 -38.79 -5.02
CA GLN C 606 45.70 -38.87 -3.57
C GLN C 606 45.82 -40.34 -3.17
N ILE C 607 45.03 -41.23 -3.81
CA ILE C 607 45.05 -42.67 -3.55
C ILE C 607 46.34 -43.33 -4.04
N GLU C 608 46.75 -43.05 -5.30
CA GLU C 608 47.95 -43.62 -5.91
C GLU C 608 49.24 -43.13 -5.22
N ALA C 609 49.25 -41.87 -4.73
CA ALA C 609 50.41 -41.34 -4.01
C ALA C 609 50.57 -42.05 -2.66
N THR C 610 49.44 -42.32 -1.96
CA THR C 610 49.42 -43.04 -0.68
C THR C 610 49.86 -44.50 -0.84
N ARG C 611 49.45 -45.15 -1.95
CA ARG C 611 49.85 -46.51 -2.29
C ARG C 611 51.37 -46.58 -2.39
N GLN C 612 51.97 -45.57 -3.03
CA GLN C 612 53.42 -45.47 -3.16
C GLN C 612 54.09 -45.19 -1.81
N PHE C 613 53.51 -44.28 -0.99
CA PHE C 613 54.03 -43.97 0.35
C PHE C 613 53.99 -45.20 1.25
N SER C 614 52.96 -46.03 1.12
CA SER C 614 52.81 -47.26 1.90
C SER C 614 53.82 -48.35 1.50
N LYS C 615 54.32 -48.31 0.22
CA LYS C 615 55.32 -49.26 -0.29
C LYS C 615 56.64 -49.07 0.45
N MET C 616 56.95 -47.83 0.87
CA MET C 616 58.13 -47.51 1.66
C MET C 616 57.97 -48.27 3.00
N GLY C 617 59.01 -49.00 3.38
CA GLY C 617 59.02 -49.85 4.57
C GLY C 617 58.85 -49.21 5.94
N PHE C 618 58.67 -47.89 6.00
CA PHE C 618 58.52 -47.16 7.26
C PHE C 618 57.05 -46.77 7.57
N VAL C 619 56.09 -47.25 6.75
CA VAL C 619 54.66 -46.97 6.89
C VAL C 619 53.89 -48.25 7.23
N ASP C 620 52.98 -48.16 8.24
CA ASP C 620 52.09 -49.25 8.63
C ASP C 620 50.85 -49.14 7.72
N ASP C 621 50.77 -50.04 6.71
CA ASP C 621 49.68 -50.12 5.72
C ASP C 621 48.29 -50.32 6.34
N LYS C 622 48.25 -50.89 7.56
CA LYS C 622 47.01 -51.14 8.30
C LYS C 622 46.53 -49.86 9.02
N ARG C 623 47.42 -48.87 9.20
CA ARG C 623 47.07 -47.63 9.89
C ARG C 623 47.31 -46.38 9.05
N ILE C 624 46.47 -46.16 8.03
CA ILE C 624 46.54 -44.98 7.15
C ILE C 624 45.20 -44.25 7.20
N ALA C 625 45.25 -42.93 7.47
CA ALA C 625 44.10 -42.04 7.53
C ALA C 625 44.29 -40.83 6.57
N ILE C 626 43.21 -40.10 6.31
CA ILE C 626 43.16 -38.95 5.42
C ILE C 626 42.25 -37.89 6.04
N TRP C 627 42.65 -36.61 6.02
CA TRP C 627 41.80 -35.55 6.55
C TRP C 627 41.96 -34.27 5.75
N GLY C 628 40.93 -33.43 5.77
CA GLY C 628 40.95 -32.15 5.09
C GLY C 628 39.79 -31.26 5.46
N TRP C 629 39.92 -29.97 5.11
CA TRP C 629 38.99 -28.85 5.31
C TRP C 629 38.55 -28.33 3.93
N SER C 630 37.28 -27.84 3.81
CA SER C 630 36.68 -27.26 2.60
C SER C 630 36.80 -28.18 1.38
N TYR C 631 37.67 -27.82 0.40
CA TYR C 631 37.88 -28.68 -0.77
C TYR C 631 38.56 -30.00 -0.34
N GLY C 632 39.51 -29.93 0.62
CA GLY C 632 40.20 -31.07 1.18
C GLY C 632 39.27 -32.05 1.90
N GLY C 633 38.21 -31.51 2.50
CA GLY C 633 37.16 -32.27 3.17
C GLY C 633 36.38 -33.05 2.14
N TYR C 634 36.15 -32.40 0.97
CA TYR C 634 35.49 -33.03 -0.20
C TYR C 634 36.36 -34.16 -0.77
N VAL C 635 37.68 -33.94 -0.89
CA VAL C 635 38.61 -34.98 -1.37
C VAL C 635 38.69 -36.14 -0.37
N THR C 636 38.83 -35.88 0.95
CA THR C 636 38.86 -36.90 2.01
C THR C 636 37.67 -37.86 1.84
N SER C 637 36.47 -37.28 1.63
CA SER C 637 35.18 -37.95 1.44
C SER C 637 35.14 -38.77 0.16
N MET C 638 35.61 -38.17 -0.96
CA MET C 638 35.65 -38.87 -2.25
C MET C 638 36.65 -40.01 -2.19
N VAL C 639 37.81 -39.81 -1.52
CA VAL C 639 38.85 -40.80 -1.32
C VAL C 639 38.31 -41.95 -0.48
N LEU C 640 37.73 -41.63 0.69
CA LEU C 640 37.11 -42.63 1.58
C LEU C 640 35.94 -43.33 0.91
N GLY C 641 35.29 -42.66 -0.05
CA GLY C 641 34.17 -43.21 -0.82
C GLY C 641 34.59 -44.00 -2.05
N ALA C 642 35.88 -44.03 -2.36
CA ALA C 642 36.45 -44.69 -3.53
C ALA C 642 36.57 -46.20 -3.39
N GLY C 643 36.57 -46.70 -2.15
CA GLY C 643 36.67 -48.14 -1.88
C GLY C 643 37.99 -48.74 -2.32
N SER C 644 39.10 -48.07 -1.99
CA SER C 644 40.43 -48.51 -2.37
C SER C 644 41.04 -49.51 -1.41
N GLY C 645 40.60 -49.48 -0.15
CA GLY C 645 41.11 -50.35 0.91
C GLY C 645 42.40 -49.82 1.53
N VAL C 646 42.93 -48.71 0.98
CA VAL C 646 44.16 -48.05 1.42
C VAL C 646 43.94 -47.37 2.78
N PHE C 647 42.81 -46.63 2.92
CA PHE C 647 42.50 -45.86 4.11
C PHE C 647 41.59 -46.55 5.08
N LYS C 648 41.98 -46.51 6.37
CA LYS C 648 41.25 -47.07 7.49
C LYS C 648 40.17 -46.07 7.93
N CYS C 649 40.53 -44.79 7.98
CA CYS C 649 39.65 -43.74 8.46
C CYS C 649 39.92 -42.38 7.81
N GLY C 650 39.05 -41.41 8.12
CA GLY C 650 39.17 -40.05 7.62
C GLY C 650 38.27 -39.05 8.31
N ILE C 651 38.68 -37.76 8.27
CA ILE C 651 37.94 -36.65 8.87
C ILE C 651 37.67 -35.57 7.82
N ALA C 652 36.39 -35.25 7.58
CA ALA C 652 36.07 -34.20 6.60
C ALA C 652 35.50 -33.01 7.36
N VAL C 653 36.15 -31.83 7.21
CA VAL C 653 35.75 -30.63 7.96
C VAL C 653 35.19 -29.59 7.01
N ALA C 654 33.91 -29.20 7.26
CA ALA C 654 33.08 -28.30 6.44
C ALA C 654 33.29 -28.59 4.93
N PRO C 655 33.12 -29.87 4.49
CA PRO C 655 33.35 -30.19 3.08
C PRO C 655 32.21 -29.83 2.15
N VAL C 656 32.53 -29.68 0.85
CA VAL C 656 31.55 -29.56 -0.22
C VAL C 656 31.18 -31.04 -0.41
N SER C 657 29.89 -31.33 -0.63
CA SER C 657 29.43 -32.70 -0.85
C SER C 657 28.83 -32.86 -2.26
N LYS C 658 28.30 -31.75 -2.82
CA LYS C 658 27.63 -31.66 -4.12
C LYS C 658 27.87 -30.23 -4.65
N TRP C 659 28.49 -30.12 -5.82
CA TRP C 659 28.86 -28.84 -6.45
C TRP C 659 27.70 -27.89 -6.76
N GLU C 660 26.47 -28.41 -6.90
CA GLU C 660 25.29 -27.59 -7.17
C GLU C 660 24.91 -26.72 -5.97
N TYR C 661 25.42 -27.09 -4.77
CA TYR C 661 25.19 -26.39 -3.51
C TYR C 661 26.19 -25.25 -3.30
N TYR C 662 27.37 -25.34 -3.92
CA TYR C 662 28.41 -24.33 -3.79
C TYR C 662 28.13 -23.11 -4.69
N ASP C 663 28.84 -22.00 -4.46
CA ASP C 663 28.59 -20.76 -5.20
C ASP C 663 28.95 -20.85 -6.67
N SER C 664 28.31 -19.99 -7.46
CA SER C 664 28.44 -19.92 -8.90
C SER C 664 29.82 -19.53 -9.40
N VAL C 665 30.45 -18.48 -8.83
CA VAL C 665 31.74 -17.98 -9.33
C VAL C 665 32.81 -19.05 -9.27
N TYR C 666 33.04 -19.66 -8.09
CA TYR C 666 34.05 -20.70 -7.93
C TYR C 666 33.71 -21.96 -8.74
N THR C 667 32.51 -22.54 -8.53
CA THR C 667 32.08 -23.79 -9.16
C THR C 667 32.05 -23.73 -10.70
N GLU C 668 31.40 -22.72 -11.31
CA GLU C 668 31.28 -22.61 -12.77
C GLU C 668 32.61 -22.41 -13.49
N ARG C 669 33.57 -21.80 -12.80
CA ARG C 669 34.92 -21.58 -13.29
C ARG C 669 35.56 -22.92 -13.68
N TYR C 670 35.30 -23.98 -12.90
CA TYR C 670 35.83 -25.31 -13.13
C TYR C 670 34.84 -26.29 -13.69
N MET C 671 33.54 -26.13 -13.40
CA MET C 671 32.55 -27.11 -13.84
C MET C 671 31.56 -26.67 -14.92
N GLY C 672 31.56 -25.40 -15.31
CA GLY C 672 30.61 -24.89 -16.28
C GLY C 672 29.23 -24.78 -15.66
N LEU C 673 28.18 -24.88 -16.46
CA LEU C 673 26.82 -24.79 -15.93
C LEU C 673 26.19 -26.18 -15.66
N PRO C 674 25.38 -26.33 -14.58
CA PRO C 674 24.77 -27.64 -14.30
C PRO C 674 23.46 -27.86 -15.06
N THR C 675 23.53 -27.72 -16.38
CA THR C 675 22.40 -27.90 -17.30
C THR C 675 22.69 -29.11 -18.19
N PRO C 676 21.66 -29.85 -18.68
CA PRO C 676 21.96 -31.01 -19.56
C PRO C 676 22.66 -30.60 -20.87
N GLU C 677 22.56 -29.29 -21.23
CA GLU C 677 23.21 -28.70 -22.41
C GLU C 677 24.71 -28.54 -22.14
N ASP C 678 25.10 -28.32 -20.87
CA ASP C 678 26.50 -28.12 -20.48
C ASP C 678 27.10 -29.33 -19.71
N ASN C 679 27.35 -29.21 -18.38
CA ASN C 679 28.05 -30.27 -17.64
C ASN C 679 27.26 -30.95 -16.49
N LEU C 680 25.92 -31.05 -16.59
CA LEU C 680 25.11 -31.73 -15.56
C LEU C 680 25.61 -33.15 -15.22
N ASP C 681 26.02 -33.93 -16.23
CA ASP C 681 26.52 -35.31 -16.07
C ASP C 681 27.69 -35.45 -15.10
N TYR C 682 28.64 -34.51 -15.15
CA TYR C 682 29.83 -34.50 -14.31
C TYR C 682 29.57 -33.85 -12.95
N TYR C 683 28.50 -33.06 -12.84
CA TYR C 683 28.05 -32.47 -11.59
C TYR C 683 27.41 -33.64 -10.82
N ARG C 684 26.59 -34.45 -11.54
CA ARG C 684 25.80 -35.58 -11.05
C ARG C 684 26.64 -36.71 -10.45
N ASN C 685 27.75 -37.10 -11.10
CA ASN C 685 28.56 -38.21 -10.63
C ASN C 685 29.76 -37.79 -9.75
N SER C 686 29.86 -36.49 -9.40
CA SER C 686 30.92 -35.97 -8.55
C SER C 686 30.46 -35.67 -7.11
N THR C 687 29.24 -36.05 -6.74
CA THR C 687 28.73 -35.87 -5.38
C THR C 687 29.35 -36.93 -4.48
N VAL C 688 29.55 -36.62 -3.20
CA VAL C 688 30.07 -37.61 -2.24
C VAL C 688 28.98 -38.67 -2.01
N MET C 689 27.70 -38.23 -2.01
CA MET C 689 26.49 -39.06 -1.83
C MET C 689 26.42 -40.27 -2.74
N SER C 690 26.87 -40.14 -4.01
CA SER C 690 26.88 -41.23 -4.99
C SER C 690 27.84 -42.38 -4.58
N ARG C 691 28.81 -42.08 -3.67
CA ARG C 691 29.82 -43.02 -3.16
C ARG C 691 29.53 -43.53 -1.73
N ALA C 692 28.32 -43.22 -1.19
CA ALA C 692 27.86 -43.57 0.16
C ALA C 692 28.09 -45.02 0.59
N GLU C 693 27.83 -46.00 -0.31
CA GLU C 693 27.96 -47.43 0.00
C GLU C 693 29.38 -47.86 0.38
N ASN C 694 30.41 -47.27 -0.25
CA ASN C 694 31.80 -47.61 0.01
C ASN C 694 32.32 -47.18 1.40
N PHE C 695 31.63 -46.23 2.06
CA PHE C 695 31.97 -45.76 3.40
C PHE C 695 31.86 -46.87 4.45
N LYS C 696 31.21 -47.99 4.12
CA LYS C 696 31.03 -49.16 4.98
C LYS C 696 32.36 -49.82 5.33
N GLN C 697 33.40 -49.54 4.53
CA GLN C 697 34.75 -50.08 4.72
C GLN C 697 35.65 -49.17 5.56
N VAL C 698 35.20 -47.95 5.87
CA VAL C 698 36.02 -46.96 6.60
C VAL C 698 35.35 -46.40 7.87
N GLU C 699 36.16 -45.78 8.75
CA GLU C 699 35.74 -45.03 9.95
C GLU C 699 35.69 -43.56 9.49
N TYR C 700 34.53 -42.92 9.55
CA TYR C 700 34.39 -41.55 9.05
C TYR C 700 33.94 -40.57 10.10
N LEU C 701 34.61 -39.40 10.17
CA LEU C 701 34.22 -38.31 11.04
C LEU C 701 33.87 -37.11 10.16
N LEU C 702 32.62 -36.66 10.21
CA LEU C 702 32.11 -35.52 9.44
C LEU C 702 31.79 -34.33 10.36
N ILE C 703 32.56 -33.23 10.19
CA ILE C 703 32.44 -32.03 11.01
C ILE C 703 31.95 -30.84 10.19
N HIS C 704 31.07 -30.00 10.76
CA HIS C 704 30.54 -28.81 10.08
C HIS C 704 29.98 -27.77 11.07
N GLY C 705 30.25 -26.49 10.82
CA GLY C 705 29.67 -25.41 11.62
C GLY C 705 28.29 -25.05 11.11
N THR C 706 27.33 -24.84 12.01
CA THR C 706 25.94 -24.57 11.65
C THR C 706 25.73 -23.23 10.95
N ALA C 707 26.55 -22.22 11.30
CA ALA C 707 26.48 -20.87 10.74
C ALA C 707 27.49 -20.64 9.61
N ASP C 708 27.79 -21.72 8.85
CA ASP C 708 28.67 -21.63 7.70
C ASP C 708 27.91 -21.01 6.50
N ASP C 709 28.33 -19.80 6.12
CA ASP C 709 27.80 -18.98 5.04
C ASP C 709 28.49 -19.36 3.70
N ASN C 710 29.64 -20.02 3.80
CA ASN C 710 30.46 -20.40 2.65
C ASN C 710 30.06 -21.75 2.10
N VAL C 711 30.42 -22.84 2.82
CA VAL C 711 30.03 -24.22 2.50
C VAL C 711 28.92 -24.41 3.47
N HIS C 712 27.70 -24.16 3.05
CA HIS C 712 26.54 -24.26 3.93
C HIS C 712 26.41 -25.61 4.65
N PHE C 713 25.88 -25.61 5.88
CA PHE C 713 25.64 -26.81 6.69
C PHE C 713 24.88 -27.86 5.88
N GLN C 714 23.98 -27.38 4.97
CA GLN C 714 23.22 -28.14 3.97
C GLN C 714 24.07 -29.24 3.29
N GLN C 715 25.31 -28.93 2.97
CA GLN C 715 26.25 -29.82 2.33
C GLN C 715 26.55 -31.08 3.18
N SER C 716 26.83 -30.91 4.47
CA SER C 716 27.05 -32.05 5.38
C SER C 716 25.72 -32.68 5.80
N ALA C 717 24.63 -31.89 5.86
CA ALA C 717 23.29 -32.36 6.18
C ALA C 717 22.83 -33.31 5.08
N GLN C 718 23.08 -32.96 3.82
CA GLN C 718 22.70 -33.81 2.67
C GLN C 718 23.58 -35.04 2.54
N LEU C 719 24.86 -34.90 2.90
CA LEU C 719 25.80 -36.01 2.89
C LEU C 719 25.45 -37.06 3.96
N SER C 720 25.22 -36.62 5.22
CA SER C 720 24.89 -37.50 6.32
C SER C 720 23.63 -38.29 6.03
N LYS C 721 22.59 -37.61 5.48
CA LYS C 721 21.30 -38.17 5.08
C LYS C 721 21.48 -39.36 4.12
N ALA C 722 22.34 -39.22 3.10
CA ALA C 722 22.62 -40.28 2.14
C ALA C 722 23.45 -41.45 2.73
N LEU C 723 24.23 -41.20 3.78
CA LEU C 723 24.98 -42.23 4.50
C LEU C 723 24.03 -43.00 5.41
N VAL C 724 23.04 -42.27 5.98
CA VAL C 724 22.01 -42.85 6.83
C VAL C 724 21.14 -43.76 5.96
N ASP C 725 20.74 -43.25 4.77
CA ASP C 725 19.93 -44.00 3.80
C ASP C 725 20.66 -45.24 3.25
N ALA C 726 22.01 -45.19 3.18
CA ALA C 726 22.85 -46.29 2.70
C ALA C 726 23.12 -47.33 3.80
N GLY C 727 22.74 -47.01 5.05
CA GLY C 727 22.92 -47.88 6.21
C GLY C 727 24.37 -47.94 6.68
N VAL C 728 25.08 -46.82 6.51
CA VAL C 728 26.48 -46.66 6.82
C VAL C 728 26.65 -45.99 8.18
N ASP C 729 27.49 -46.57 9.07
CA ASP C 729 27.79 -45.89 10.34
C ASP C 729 29.00 -45.00 10.15
N PHE C 730 28.94 -43.85 10.79
CA PHE C 730 29.94 -42.79 10.74
C PHE C 730 29.73 -41.93 11.97
N GLN C 731 30.63 -40.98 12.20
CA GLN C 731 30.53 -40.06 13.31
C GLN C 731 30.36 -38.65 12.80
N THR C 732 29.61 -37.83 13.54
CA THR C 732 29.46 -36.43 13.19
C THR C 732 29.86 -35.55 14.35
N MET C 733 29.89 -34.24 14.10
CA MET C 733 30.18 -33.20 15.06
C MET C 733 29.77 -31.87 14.47
N TRP C 734 28.65 -31.32 14.94
CA TRP C 734 28.21 -30.00 14.49
C TRP C 734 28.83 -29.00 15.45
N TYR C 735 29.11 -27.78 14.97
CA TYR C 735 29.61 -26.69 15.79
C TYR C 735 28.66 -25.53 15.67
N THR C 736 27.85 -25.35 16.71
CA THR C 736 26.82 -24.32 16.82
C THR C 736 27.38 -22.92 16.63
N ASP C 737 26.77 -22.15 15.70
CA ASP C 737 27.06 -20.74 15.40
C ASP C 737 28.48 -20.49 14.87
N GLU C 738 29.22 -21.58 14.60
CA GLU C 738 30.55 -21.51 14.01
C GLU C 738 30.42 -21.35 12.51
N ASP C 739 31.28 -20.51 11.91
CA ASP C 739 31.26 -20.29 10.47
C ASP C 739 32.26 -21.23 9.80
N HIS C 740 32.79 -20.84 8.61
CA HIS C 740 33.67 -21.71 7.85
C HIS C 740 35.02 -22.01 8.51
N GLY C 741 35.52 -21.07 9.28
CA GLY C 741 36.80 -21.26 9.94
C GLY C 741 36.76 -22.16 11.16
N ILE C 742 35.63 -22.19 11.92
CA ILE C 742 35.48 -22.91 13.21
C ILE C 742 36.70 -22.42 14.04
N ALA C 743 36.87 -21.07 14.01
CA ALA C 743 38.00 -20.32 14.51
C ALA C 743 37.80 -19.62 15.85
N SER C 744 36.62 -19.76 16.48
CA SER C 744 36.42 -19.18 17.81
C SER C 744 37.33 -20.00 18.75
N ASN C 745 37.99 -19.34 19.72
CA ASN C 745 38.94 -19.94 20.66
C ASN C 745 38.48 -21.30 21.22
N MET C 746 37.23 -21.38 21.70
CA MET C 746 36.68 -22.62 22.27
C MET C 746 36.42 -23.71 21.23
N ALA C 747 35.84 -23.34 20.06
CA ALA C 747 35.56 -24.29 18.97
C ALA C 747 36.82 -24.87 18.34
N HIS C 748 37.85 -24.02 18.13
CA HIS C 748 39.15 -24.39 17.58
C HIS C 748 39.83 -25.44 18.46
N GLN C 749 39.82 -25.21 19.78
CA GLN C 749 40.40 -26.15 20.73
C GLN C 749 39.66 -27.47 20.73
N HIS C 750 38.33 -27.40 20.68
CA HIS C 750 37.44 -28.55 20.72
C HIS C 750 37.58 -29.46 19.50
N ILE C 751 37.54 -28.86 18.29
CA ILE C 751 37.65 -29.58 17.03
C ILE C 751 38.96 -30.40 16.94
N TYR C 752 40.11 -29.82 17.29
CA TYR C 752 41.40 -30.51 17.21
C TYR C 752 41.58 -31.57 18.30
N THR C 753 40.94 -31.38 19.49
CA THR C 753 40.95 -32.37 20.57
C THR C 753 40.08 -33.56 20.14
N HIS C 754 38.91 -33.28 19.51
CA HIS C 754 38.00 -34.28 19.00
C HIS C 754 38.63 -35.15 17.89
N MET C 755 39.28 -34.50 16.89
CA MET C 755 39.97 -35.19 15.80
C MET C 755 41.17 -36.02 16.33
N SER C 756 41.87 -35.52 17.37
CA SER C 756 43.01 -36.22 17.97
C SER C 756 42.55 -37.52 18.62
N HIS C 757 41.39 -37.48 19.31
CA HIS C 757 40.80 -38.65 19.94
C HIS C 757 40.41 -39.69 18.90
N PHE C 758 39.75 -39.22 17.82
CA PHE C 758 39.31 -40.04 16.69
C PHE C 758 40.49 -40.76 16.02
N LEU C 759 41.58 -40.02 15.74
CA LEU C 759 42.79 -40.55 15.11
C LEU C 759 43.49 -41.59 15.98
N LYS C 760 43.61 -41.31 17.29
CA LYS C 760 44.25 -42.22 18.23
C LYS C 760 43.44 -43.51 18.34
N GLN C 761 42.09 -43.40 18.37
CA GLN C 761 41.17 -44.55 18.39
C GLN C 761 41.42 -45.40 17.13
N CYS C 762 41.45 -44.74 15.95
CA CYS C 762 41.69 -45.34 14.64
C CYS C 762 43.06 -46.02 14.53
N PHE C 763 44.11 -45.42 15.09
CA PHE C 763 45.47 -45.93 15.01
C PHE C 763 45.87 -46.79 16.22
N SER C 764 44.93 -47.06 17.15
CA SER C 764 45.15 -47.83 18.38
C SER C 764 46.30 -47.22 19.21
N LEU C 765 46.24 -45.89 19.38
CA LEU C 765 47.23 -45.11 20.12
C LEU C 765 46.69 -44.66 21.48
N PRO C 766 47.50 -44.73 22.57
CA PRO C 766 47.01 -44.29 23.89
C PRO C 766 46.89 -42.78 24.03
N ARG D 40 21.10 -72.35 21.69
CA ARG D 40 19.96 -71.52 21.27
C ARG D 40 20.37 -70.10 20.87
N ARG D 41 19.61 -69.51 19.93
CA ARG D 41 19.87 -68.17 19.45
C ARG D 41 19.34 -67.10 20.41
N THR D 42 19.85 -65.86 20.30
CA THR D 42 19.47 -64.76 21.18
C THR D 42 18.71 -63.71 20.38
N TYR D 43 18.00 -62.79 21.05
CA TYR D 43 17.26 -61.72 20.38
C TYR D 43 18.30 -60.66 20.01
N THR D 44 18.55 -60.50 18.70
CA THR D 44 19.59 -59.61 18.18
C THR D 44 19.12 -58.19 17.81
N LEU D 45 20.10 -57.30 17.50
CA LEU D 45 19.84 -55.92 17.07
C LEU D 45 19.01 -55.89 15.75
N THR D 46 19.35 -56.81 14.78
CA THR D 46 18.69 -57.03 13.48
C THR D 46 17.25 -57.50 13.69
N ASP D 47 17.03 -58.41 14.68
CA ASP D 47 15.69 -58.90 15.01
C ASP D 47 14.84 -57.72 15.42
N TYR D 48 15.38 -56.82 16.29
CA TYR D 48 14.66 -55.63 16.74
C TYR D 48 14.37 -54.64 15.60
N LEU D 49 15.43 -54.22 14.86
CA LEU D 49 15.33 -53.23 13.79
C LEU D 49 14.48 -53.67 12.58
N LYS D 50 14.63 -54.94 12.13
CA LYS D 50 13.88 -55.48 11.00
C LYS D 50 12.52 -56.07 11.40
N SER D 51 12.19 -56.04 12.73
CA SER D 51 10.94 -56.54 13.34
C SER D 51 10.62 -57.98 12.92
N THR D 52 11.63 -58.86 12.97
CA THR D 52 11.51 -60.29 12.59
C THR D 52 10.49 -61.03 13.48
N PHE D 53 10.35 -60.60 14.75
CA PHE D 53 9.39 -61.15 15.70
C PHE D 53 8.24 -60.13 15.79
N ARG D 54 7.14 -60.45 15.08
CA ARG D 54 5.98 -59.58 14.96
C ARG D 54 4.96 -59.76 16.08
N VAL D 55 4.58 -58.66 16.72
CA VAL D 55 3.55 -58.63 17.76
C VAL D 55 2.25 -58.27 17.03
N LYS D 56 1.35 -59.25 16.89
CA LYS D 56 0.07 -59.08 16.23
C LYS D 56 -0.93 -58.40 17.17
N PHE D 57 -1.85 -57.63 16.60
CA PHE D 57 -2.91 -56.93 17.31
C PHE D 57 -4.25 -57.14 16.62
N TYR D 58 -5.31 -56.57 17.18
CA TYR D 58 -6.66 -56.68 16.64
C TYR D 58 -7.35 -55.32 16.77
N THR D 59 -7.39 -54.58 15.67
CA THR D 59 -8.02 -53.26 15.65
C THR D 59 -9.44 -53.40 15.09
N LEU D 60 -10.42 -52.89 15.82
CA LEU D 60 -11.81 -52.95 15.36
C LEU D 60 -12.53 -51.61 15.52
N GLN D 61 -13.60 -51.40 14.73
CA GLN D 61 -14.41 -50.18 14.80
C GLN D 61 -15.86 -50.55 15.11
N TRP D 62 -16.31 -50.28 16.35
CA TRP D 62 -17.69 -50.52 16.77
C TRP D 62 -18.58 -49.53 16.01
N ILE D 63 -19.56 -50.04 15.26
CA ILE D 63 -20.46 -49.20 14.45
C ILE D 63 -21.93 -49.31 14.92
N SER D 64 -22.17 -50.12 15.96
CA SER D 64 -23.46 -50.31 16.63
C SER D 64 -23.22 -50.89 18.04
N ASP D 65 -24.30 -51.22 18.74
CA ASP D 65 -24.25 -51.80 20.08
C ASP D 65 -23.81 -53.27 20.06
N HIS D 66 -23.84 -53.94 18.87
CA HIS D 66 -23.50 -55.36 18.72
C HIS D 66 -22.67 -55.70 17.48
N GLU D 67 -22.36 -54.71 16.61
CA GLU D 67 -21.56 -54.93 15.40
C GLU D 67 -20.28 -54.11 15.35
N TYR D 68 -19.23 -54.66 14.70
CA TYR D 68 -17.94 -54.00 14.52
C TYR D 68 -17.32 -54.31 13.15
N LEU D 69 -16.48 -53.38 12.66
CA LEU D 69 -15.78 -53.54 11.39
C LEU D 69 -14.32 -53.90 11.64
N TYR D 70 -13.80 -54.85 10.86
CA TYR D 70 -12.43 -55.33 10.96
C TYR D 70 -11.81 -55.49 9.59
N LYS D 71 -10.59 -54.94 9.40
CA LYS D 71 -9.83 -55.02 8.16
C LYS D 71 -8.92 -56.28 8.21
N GLN D 72 -9.30 -57.34 7.47
CA GLN D 72 -8.58 -58.62 7.39
C GLN D 72 -8.26 -58.93 5.93
N GLU D 73 -6.95 -58.96 5.57
CA GLU D 73 -6.42 -59.20 4.21
C GLU D 73 -6.99 -58.15 3.23
N ASN D 74 -7.02 -56.88 3.69
CA ASN D 74 -7.54 -55.69 2.99
C ASN D 74 -9.05 -55.76 2.69
N ASN D 75 -9.77 -56.70 3.34
CA ASN D 75 -11.23 -56.80 3.24
C ASN D 75 -11.81 -56.18 4.50
N ILE D 76 -12.89 -55.38 4.35
CA ILE D 76 -13.58 -54.81 5.50
C ILE D 76 -14.70 -55.79 5.83
N LEU D 77 -14.53 -56.56 6.91
CA LEU D 77 -15.51 -57.55 7.35
C LEU D 77 -16.36 -56.93 8.46
N LEU D 78 -17.66 -57.24 8.44
CA LEU D 78 -18.59 -56.77 9.46
C LEU D 78 -18.87 -57.96 10.37
N PHE D 79 -18.38 -57.86 11.61
CA PHE D 79 -18.56 -58.92 12.60
C PHE D 79 -19.73 -58.60 13.49
N ASN D 80 -20.50 -59.63 13.82
CA ASN D 80 -21.64 -59.53 14.70
C ASN D 80 -21.20 -60.23 15.99
N ALA D 81 -21.08 -59.46 17.07
CA ALA D 81 -20.65 -59.97 18.37
C ALA D 81 -21.75 -60.84 19.00
N GLU D 82 -23.02 -60.47 18.78
CA GLU D 82 -24.22 -61.13 19.29
C GLU D 82 -24.35 -62.61 18.86
N TYR D 83 -23.96 -62.93 17.60
CA TYR D 83 -24.07 -64.29 17.07
C TYR D 83 -22.72 -64.95 16.69
N GLY D 84 -21.64 -64.16 16.62
CA GLY D 84 -20.31 -64.65 16.28
C GLY D 84 -19.95 -64.56 14.80
N ASN D 85 -20.97 -64.67 13.92
CA ASN D 85 -20.87 -64.64 12.46
C ASN D 85 -20.32 -63.32 11.87
N SER D 86 -19.64 -63.42 10.72
CA SER D 86 -19.08 -62.29 9.98
C SER D 86 -19.47 -62.33 8.51
N SER D 87 -19.57 -61.15 7.88
CA SER D 87 -19.89 -60.99 6.46
C SER D 87 -18.98 -59.94 5.83
N ILE D 88 -18.78 -60.00 4.50
CA ILE D 88 -17.93 -59.03 3.81
C ILE D 88 -18.72 -57.73 3.62
N PHE D 89 -18.22 -56.63 4.22
CA PHE D 89 -18.82 -55.31 4.12
C PHE D 89 -18.31 -54.62 2.84
N LEU D 90 -17.00 -54.74 2.59
CA LEU D 90 -16.31 -54.24 1.41
C LEU D 90 -15.16 -55.18 1.06
N GLU D 91 -15.20 -55.71 -0.18
CA GLU D 91 -14.23 -56.66 -0.75
C GLU D 91 -12.90 -55.97 -1.02
N ASN D 92 -11.78 -56.70 -0.88
CA ASN D 92 -10.43 -56.16 -1.14
C ASN D 92 -10.21 -55.82 -2.62
N SER D 93 -11.08 -56.36 -3.49
CA SER D 93 -11.10 -56.12 -4.93
C SER D 93 -11.50 -54.67 -5.26
N THR D 94 -12.26 -54.01 -4.35
CA THR D 94 -12.68 -52.61 -4.49
C THR D 94 -11.48 -51.68 -4.20
N PHE D 95 -10.56 -52.13 -3.32
CA PHE D 95 -9.35 -51.39 -2.94
C PHE D 95 -8.34 -51.33 -4.09
N ASP D 96 -8.16 -52.48 -4.78
CA ASP D 96 -7.24 -52.65 -5.90
C ASP D 96 -7.61 -51.81 -7.13
N GLU D 97 -8.92 -51.52 -7.30
CA GLU D 97 -9.42 -50.73 -8.43
C GLU D 97 -9.49 -49.21 -8.14
N LEU D 98 -9.32 -48.78 -6.86
CA LEU D 98 -9.33 -47.37 -6.44
C LEU D 98 -8.25 -46.55 -7.18
N GLY D 99 -7.08 -47.15 -7.39
CA GLY D 99 -5.95 -46.53 -8.07
C GLY D 99 -4.92 -45.96 -7.12
N TYR D 100 -5.16 -46.11 -5.80
CA TYR D 100 -4.29 -45.64 -4.72
C TYR D 100 -4.39 -46.55 -3.48
N SER D 101 -3.35 -46.49 -2.62
CA SER D 101 -3.26 -47.26 -1.37
C SER D 101 -4.20 -46.67 -0.31
N THR D 102 -5.09 -47.52 0.24
CA THR D 102 -6.07 -47.10 1.26
C THR D 102 -5.52 -47.36 2.67
N ASN D 103 -4.85 -46.34 3.22
CA ASN D 103 -4.25 -46.35 4.56
C ASN D 103 -5.31 -46.19 5.66
N ASP D 104 -6.48 -45.57 5.33
CA ASP D 104 -7.57 -45.34 6.28
C ASP D 104 -8.95 -45.30 5.60
N TYR D 105 -9.96 -45.83 6.30
CA TYR D 105 -11.36 -45.87 5.86
C TYR D 105 -12.29 -45.41 6.98
N SER D 106 -13.40 -44.77 6.60
CA SER D 106 -14.42 -44.30 7.55
C SER D 106 -15.78 -44.51 6.95
N VAL D 107 -16.59 -45.36 7.59
CA VAL D 107 -17.95 -45.66 7.11
C VAL D 107 -18.91 -44.65 7.74
N SER D 108 -19.82 -44.07 6.92
CA SER D 108 -20.86 -43.15 7.39
C SER D 108 -21.74 -43.92 8.39
N PRO D 109 -22.16 -43.32 9.53
CA PRO D 109 -22.93 -44.08 10.53
C PRO D 109 -24.17 -44.83 10.02
N ASP D 110 -24.81 -44.32 8.94
CA ASP D 110 -25.98 -44.93 8.33
C ASP D 110 -25.63 -46.08 7.36
N ARG D 111 -24.31 -46.35 7.21
CA ARG D 111 -23.71 -47.42 6.39
C ARG D 111 -24.04 -47.30 4.87
N GLN D 112 -24.35 -46.08 4.41
CA GLN D 112 -24.67 -45.76 3.02
C GLN D 112 -23.44 -45.36 2.21
N PHE D 113 -22.40 -44.83 2.86
CA PHE D 113 -21.17 -44.40 2.16
C PHE D 113 -19.92 -44.74 2.94
N ILE D 114 -18.77 -44.72 2.24
CA ILE D 114 -17.47 -44.98 2.85
C ILE D 114 -16.46 -43.95 2.32
N LEU D 115 -15.70 -43.38 3.25
CA LEU D 115 -14.68 -42.39 3.00
C LEU D 115 -13.34 -43.08 2.88
N PHE D 116 -12.60 -42.79 1.80
CA PHE D 116 -11.28 -43.39 1.57
C PHE D 116 -10.19 -42.36 1.58
N GLU D 117 -9.19 -42.58 2.47
CA GLU D 117 -8.04 -41.72 2.67
C GLU D 117 -6.84 -42.24 1.85
N TYR D 118 -6.32 -41.36 0.98
CA TYR D 118 -5.15 -41.60 0.13
C TYR D 118 -4.35 -40.29 0.01
N ASN D 119 -3.11 -40.34 -0.56
CA ASN D 119 -2.19 -39.19 -0.68
C ASN D 119 -1.85 -38.60 0.70
N TYR D 120 -1.57 -39.50 1.66
CA TYR D 120 -1.24 -39.18 3.06
C TYR D 120 0.06 -38.36 3.15
N VAL D 121 -0.07 -37.09 3.57
CA VAL D 121 1.05 -36.16 3.75
C VAL D 121 1.09 -35.74 5.24
N LYS D 122 1.89 -36.47 6.05
CA LYS D 122 2.07 -36.27 7.48
C LYS D 122 2.67 -34.90 7.79
N GLN D 123 2.14 -34.24 8.85
CA GLN D 123 2.60 -32.94 9.31
C GLN D 123 3.31 -33.10 10.67
N TRP D 124 2.58 -32.98 11.80
CA TRP D 124 3.17 -33.12 13.13
C TRP D 124 2.88 -34.52 13.72
N ARG D 125 2.70 -34.62 15.06
CA ARG D 125 2.44 -35.89 15.77
C ARG D 125 1.13 -36.59 15.36
N HIS D 126 0.03 -35.82 15.17
CA HIS D 126 -1.31 -36.33 14.82
C HIS D 126 -1.88 -35.73 13.51
N SER D 127 -1.35 -34.56 13.09
CA SER D 127 -1.79 -33.83 11.89
C SER D 127 -1.26 -34.40 10.59
N TYR D 128 -2.09 -34.26 9.53
CA TYR D 128 -1.83 -34.69 8.15
C TYR D 128 -2.86 -34.09 7.17
N THR D 129 -2.44 -33.88 5.92
CA THR D 129 -3.31 -33.41 4.83
C THR D 129 -3.41 -34.56 3.82
N ALA D 130 -4.62 -34.85 3.35
CA ALA D 130 -4.83 -35.95 2.41
C ALA D 130 -5.94 -35.68 1.39
N SER D 131 -6.03 -36.55 0.38
CA SER D 131 -7.07 -36.51 -0.66
C SER D 131 -8.11 -37.57 -0.31
N TYR D 132 -9.40 -37.26 -0.53
CA TYR D 132 -10.48 -38.15 -0.14
C TYR D 132 -11.46 -38.47 -1.23
N ASP D 133 -11.93 -39.73 -1.23
CA ASP D 133 -12.93 -40.26 -2.14
C ASP D 133 -14.09 -40.82 -1.34
N ILE D 134 -15.32 -40.55 -1.81
CA ILE D 134 -16.53 -41.08 -1.18
C ILE D 134 -17.08 -42.16 -2.11
N TYR D 135 -17.22 -43.37 -1.56
CA TYR D 135 -17.75 -44.53 -2.26
C TYR D 135 -19.15 -44.85 -1.75
N ASP D 136 -20.14 -44.74 -2.65
CA ASP D 136 -21.55 -45.02 -2.41
C ASP D 136 -21.73 -46.53 -2.28
N LEU D 137 -22.07 -47.00 -1.06
CA LEU D 137 -22.26 -48.43 -0.77
C LEU D 137 -23.57 -48.98 -1.32
N ASN D 138 -24.60 -48.12 -1.52
CA ASN D 138 -25.91 -48.52 -2.04
C ASN D 138 -25.82 -48.86 -3.52
N LYS D 139 -25.38 -47.90 -4.36
CA LYS D 139 -25.25 -48.09 -5.81
C LYS D 139 -23.86 -48.60 -6.24
N ARG D 140 -22.99 -48.96 -5.26
CA ARG D 140 -21.62 -49.49 -5.45
C ARG D 140 -20.77 -48.65 -6.45
N GLN D 141 -21.03 -47.33 -6.48
CA GLN D 141 -20.37 -46.34 -7.33
C GLN D 141 -19.50 -45.39 -6.49
N LEU D 142 -18.55 -44.68 -7.13
CA LEU D 142 -17.65 -43.72 -6.50
C LEU D 142 -18.10 -42.29 -6.86
N ILE D 143 -18.28 -41.41 -5.84
CA ILE D 143 -18.72 -40.01 -6.02
C ILE D 143 -17.68 -39.27 -6.86
N THR D 144 -18.10 -38.82 -8.05
CA THR D 144 -17.26 -38.14 -9.04
C THR D 144 -17.48 -36.63 -9.05
N GLU D 145 -18.72 -36.19 -8.78
CA GLU D 145 -19.08 -34.77 -8.76
C GLU D 145 -19.00 -34.19 -7.34
N GLU D 146 -18.65 -32.89 -7.25
CA GLU D 146 -18.51 -32.13 -6.00
C GLU D 146 -17.64 -32.85 -4.95
N ARG D 147 -16.51 -33.43 -5.40
CA ARG D 147 -15.55 -34.19 -4.58
C ARG D 147 -14.91 -33.39 -3.43
N ILE D 148 -14.31 -34.11 -2.47
CA ILE D 148 -13.59 -33.50 -1.34
C ILE D 148 -12.28 -32.95 -1.94
N PRO D 149 -11.93 -31.67 -1.68
CA PRO D 149 -10.72 -31.12 -2.31
C PRO D 149 -9.42 -31.74 -1.82
N ASN D 150 -8.37 -31.51 -2.61
CA ASN D 150 -7.02 -31.97 -2.32
C ASN D 150 -6.48 -31.09 -1.22
N ASN D 151 -5.67 -31.66 -0.32
CA ASN D 151 -5.03 -31.00 0.83
C ASN D 151 -6.04 -30.70 1.94
N THR D 152 -7.03 -31.60 2.09
CA THR D 152 -8.04 -31.54 3.15
C THR D 152 -7.33 -31.93 4.44
N GLN D 153 -7.35 -31.01 5.39
CA GLN D 153 -6.68 -31.10 6.68
C GLN D 153 -7.33 -32.07 7.64
N TRP D 154 -8.67 -32.10 7.67
CA TRP D 154 -9.45 -32.98 8.52
C TRP D 154 -10.83 -33.14 7.91
N ILE D 155 -11.44 -34.31 8.14
CA ILE D 155 -12.76 -34.67 7.65
C ILE D 155 -13.42 -35.63 8.61
N THR D 156 -14.71 -35.44 8.85
CA THR D 156 -15.49 -36.26 9.75
C THR D 156 -16.93 -36.34 9.33
N TRP D 157 -17.53 -37.52 9.53
CA TRP D 157 -18.94 -37.75 9.28
C TRP D 157 -19.68 -37.19 10.49
N SER D 158 -20.98 -36.91 10.32
CA SER D 158 -21.84 -36.51 11.44
C SER D 158 -22.05 -37.79 12.30
N PRO D 159 -22.47 -37.75 13.59
CA PRO D 159 -22.59 -39.01 14.35
C PRO D 159 -23.75 -39.89 13.89
N VAL D 160 -24.69 -39.30 13.12
CA VAL D 160 -25.85 -39.97 12.51
C VAL D 160 -25.94 -39.52 11.03
N GLY D 161 -26.59 -40.33 10.19
CA GLY D 161 -26.74 -40.02 8.78
C GLY D 161 -25.46 -40.07 7.99
N HIS D 162 -25.30 -39.13 7.03
CA HIS D 162 -24.14 -39.04 6.14
C HIS D 162 -23.69 -37.59 5.83
N LYS D 163 -23.81 -36.68 6.81
CA LYS D 163 -23.34 -35.29 6.62
C LYS D 163 -21.82 -35.32 6.80
N LEU D 164 -21.11 -34.43 6.10
CA LEU D 164 -19.65 -34.32 6.18
C LEU D 164 -19.24 -32.93 6.58
N ALA D 165 -18.25 -32.83 7.44
CA ALA D 165 -17.63 -31.57 7.86
C ALA D 165 -16.15 -31.76 7.60
N TYR D 166 -15.56 -30.86 6.82
CA TYR D 166 -14.13 -30.93 6.51
C TYR D 166 -13.48 -29.59 6.61
N VAL D 167 -12.15 -29.62 6.83
CA VAL D 167 -11.32 -28.42 6.95
C VAL D 167 -10.40 -28.36 5.74
N TRP D 168 -10.51 -27.27 4.98
CA TRP D 168 -9.70 -27.04 3.81
C TRP D 168 -9.28 -25.57 3.80
N ASN D 169 -7.95 -25.32 3.74
CA ASN D 169 -7.34 -23.99 3.78
C ASN D 169 -7.75 -23.20 5.04
N ASN D 170 -7.77 -23.93 6.18
CA ASN D 170 -8.08 -23.47 7.52
C ASN D 170 -9.51 -22.94 7.69
N ASP D 171 -10.40 -23.30 6.75
CA ASP D 171 -11.81 -22.97 6.82
C ASP D 171 -12.64 -24.24 6.85
N ILE D 172 -13.83 -24.17 7.47
CA ILE D 172 -14.78 -25.30 7.60
C ILE D 172 -15.81 -25.27 6.48
N TYR D 173 -16.10 -26.44 5.92
CA TYR D 173 -17.08 -26.67 4.87
C TYR D 173 -17.96 -27.84 5.29
N VAL D 174 -19.27 -27.73 5.01
CA VAL D 174 -20.22 -28.79 5.35
C VAL D 174 -20.91 -29.30 4.08
N LYS D 175 -20.95 -30.63 3.91
CA LYS D 175 -21.68 -31.27 2.81
C LYS D 175 -22.82 -32.04 3.45
N ASN D 176 -24.08 -31.60 3.21
CA ASN D 176 -25.25 -32.28 3.75
C ASN D 176 -25.46 -33.63 3.03
N GLU D 177 -25.05 -33.68 1.75
CA GLU D 177 -25.09 -34.86 0.86
C GLU D 177 -23.74 -35.01 0.16
N PRO D 178 -23.17 -36.25 0.03
CA PRO D 178 -21.85 -36.39 -0.62
C PRO D 178 -21.78 -36.02 -2.10
N ASN D 179 -22.92 -36.00 -2.82
CA ASN D 179 -22.97 -35.62 -4.24
C ASN D 179 -23.24 -34.11 -4.39
N LEU D 180 -23.71 -33.46 -3.31
CA LEU D 180 -24.04 -32.04 -3.24
C LEU D 180 -22.83 -31.14 -2.97
N SER D 181 -22.93 -29.86 -3.36
CA SER D 181 -21.90 -28.84 -3.16
C SER D 181 -21.72 -28.54 -1.66
N SER D 182 -20.48 -28.23 -1.25
CA SER D 182 -20.21 -27.90 0.14
C SER D 182 -20.60 -26.46 0.48
N GLN D 183 -20.97 -26.24 1.74
CA GLN D 183 -21.37 -24.95 2.28
C GLN D 183 -20.23 -24.44 3.16
N ARG D 184 -19.71 -23.24 2.85
CA ARG D 184 -18.63 -22.60 3.60
C ARG D 184 -19.15 -22.08 4.93
N ILE D 185 -18.48 -22.46 6.03
CA ILE D 185 -18.83 -22.12 7.41
C ILE D 185 -18.04 -20.93 7.93
N THR D 186 -16.75 -20.85 7.56
CA THR D 186 -15.85 -19.81 8.06
C THR D 186 -15.14 -19.09 6.92
N TRP D 187 -14.79 -17.81 7.14
CA TRP D 187 -14.12 -16.95 6.16
C TRP D 187 -12.78 -16.43 6.67
N THR D 188 -12.45 -16.70 7.94
CA THR D 188 -11.29 -16.18 8.66
C THR D 188 -9.98 -16.97 8.48
N GLY D 189 -10.08 -18.23 8.05
CA GLY D 189 -8.94 -19.12 7.86
C GLY D 189 -7.80 -18.52 7.06
N LYS D 190 -6.58 -18.56 7.65
CA LYS D 190 -5.36 -18.02 7.07
C LYS D 190 -4.18 -18.89 7.48
N GLU D 191 -3.38 -19.35 6.49
CA GLU D 191 -2.20 -20.20 6.67
C GLU D 191 -1.28 -19.61 7.74
N ASN D 192 -0.95 -20.44 8.76
CA ASN D 192 -0.10 -20.09 9.92
C ASN D 192 -0.65 -19.00 10.84
N VAL D 193 -1.88 -18.49 10.58
CA VAL D 193 -2.43 -17.40 11.39
C VAL D 193 -3.75 -17.79 12.08
N ILE D 194 -4.81 -18.05 11.29
CA ILE D 194 -6.13 -18.42 11.81
C ILE D 194 -6.44 -19.85 11.43
N TYR D 195 -6.84 -20.67 12.42
CA TYR D 195 -7.17 -22.09 12.22
C TYR D 195 -8.60 -22.34 12.66
N ASN D 196 -9.50 -22.69 11.73
CA ASN D 196 -10.87 -23.05 12.08
C ASN D 196 -11.07 -24.55 11.93
N GLY D 197 -11.53 -25.23 12.98
CA GLY D 197 -11.83 -26.67 12.93
C GLY D 197 -10.66 -27.62 13.04
N VAL D 198 -9.44 -27.07 13.13
CA VAL D 198 -8.18 -27.80 13.33
C VAL D 198 -7.35 -27.04 14.34
N THR D 199 -6.58 -27.76 15.15
CA THR D 199 -5.69 -27.17 16.16
C THR D 199 -4.48 -26.51 15.54
N ASP D 200 -3.90 -25.54 16.26
CA ASP D 200 -2.61 -24.94 15.92
C ASP D 200 -1.52 -25.94 16.43
N TRP D 201 -0.22 -25.60 16.33
CA TRP D 201 0.83 -26.52 16.82
C TRP D 201 0.66 -26.95 18.29
N VAL D 202 0.53 -25.99 19.22
CA VAL D 202 0.50 -26.24 20.67
C VAL D 202 -0.81 -26.91 21.18
N TYR D 203 -1.97 -26.68 20.52
CA TYR D 203 -3.21 -27.31 20.92
C TYR D 203 -3.20 -28.76 20.52
N GLU D 204 -2.59 -29.05 19.39
CA GLU D 204 -2.44 -30.42 18.90
C GLU D 204 -1.44 -31.22 19.79
N GLU D 205 -0.26 -30.68 20.04
CA GLU D 205 0.75 -31.38 20.82
C GLU D 205 0.44 -31.53 22.30
N GLU D 206 -0.01 -30.43 22.96
CA GLU D 206 -0.18 -30.37 24.39
C GLU D 206 -1.57 -30.29 24.98
N VAL D 207 -2.57 -29.84 24.22
CA VAL D 207 -3.90 -29.68 24.81
C VAL D 207 -4.87 -30.83 24.42
N PHE D 208 -5.08 -31.04 23.12
CA PHE D 208 -6.04 -32.01 22.58
C PHE D 208 -5.46 -33.36 22.25
N SER D 209 -4.17 -33.42 21.92
CA SER D 209 -3.46 -34.63 21.47
C SER D 209 -4.16 -35.17 20.19
N ALA D 210 -4.68 -34.23 19.38
CA ALA D 210 -5.43 -34.46 18.14
C ALA D 210 -5.36 -33.23 17.25
N TYR D 211 -5.50 -33.42 15.94
CA TYR D 211 -5.48 -32.33 14.98
C TYR D 211 -6.88 -31.70 14.85
N SER D 212 -7.93 -32.47 15.13
CA SER D 212 -9.31 -32.04 15.05
C SER D 212 -9.73 -31.06 16.16
N ALA D 213 -10.53 -30.05 15.78
CA ALA D 213 -11.14 -29.05 16.64
C ALA D 213 -12.60 -28.81 16.15
N LEU D 214 -13.26 -29.92 15.74
CA LEU D 214 -14.63 -30.01 15.24
C LEU D 214 -15.38 -31.03 16.07
N TRP D 215 -16.58 -30.68 16.49
CA TRP D 215 -17.42 -31.58 17.28
C TRP D 215 -18.87 -31.45 16.84
N TRP D 216 -19.38 -32.49 16.18
CA TRP D 216 -20.77 -32.58 15.75
C TRP D 216 -21.59 -32.93 16.97
N SER D 217 -22.84 -32.45 17.02
CA SER D 217 -23.78 -32.76 18.10
C SER D 217 -24.27 -34.21 17.87
N PRO D 218 -24.78 -34.96 18.91
CA PRO D 218 -25.19 -36.36 18.67
C PRO D 218 -26.06 -36.68 17.44
N ASN D 219 -27.01 -35.80 17.09
CA ASN D 219 -27.91 -35.99 15.96
C ASN D 219 -27.56 -35.07 14.77
N GLY D 220 -26.34 -34.52 14.79
CA GLY D 220 -25.79 -33.67 13.75
C GLY D 220 -26.50 -32.35 13.45
N THR D 221 -27.27 -31.79 14.42
CA THR D 221 -27.96 -30.49 14.25
C THR D 221 -26.93 -29.38 14.29
N PHE D 222 -26.02 -29.47 15.26
CA PHE D 222 -24.97 -28.50 15.49
C PHE D 222 -23.59 -29.02 15.18
N LEU D 223 -22.75 -28.11 14.68
CA LEU D 223 -21.34 -28.36 14.45
C LEU D 223 -20.59 -27.32 15.25
N ALA D 224 -20.03 -27.78 16.38
CA ALA D 224 -19.25 -26.94 17.27
C ALA D 224 -17.83 -26.97 16.79
N TYR D 225 -17.13 -25.84 16.86
CA TYR D 225 -15.73 -25.75 16.44
C TYR D 225 -14.98 -24.68 17.20
N ALA D 226 -13.66 -24.85 17.25
CA ALA D 226 -12.77 -23.89 17.85
C ALA D 226 -12.02 -23.19 16.73
N GLN D 227 -11.74 -21.91 16.93
CA GLN D 227 -10.93 -21.10 16.03
C GLN D 227 -9.69 -20.72 16.83
N PHE D 228 -8.50 -20.86 16.22
CA PHE D 228 -7.22 -20.58 16.92
C PHE D 228 -6.50 -19.42 16.25
N ASN D 229 -6.25 -18.36 17.01
CA ASN D 229 -5.61 -17.17 16.46
C ASN D 229 -4.15 -17.09 16.90
N ASP D 230 -3.24 -17.27 15.94
CA ASP D 230 -1.79 -17.29 16.19
C ASP D 230 -1.05 -16.04 15.69
N THR D 231 -1.78 -14.93 15.46
CA THR D 231 -1.24 -13.64 15.00
C THR D 231 -0.03 -13.17 15.81
N GLU D 232 -0.18 -13.14 17.14
CA GLU D 232 0.85 -12.63 18.05
C GLU D 232 1.86 -13.69 18.55
N VAL D 233 1.72 -14.95 18.10
CA VAL D 233 2.61 -16.06 18.48
C VAL D 233 3.90 -15.97 17.67
N PRO D 234 5.09 -15.93 18.33
CA PRO D 234 6.35 -15.86 17.55
C PRO D 234 6.58 -17.14 16.78
N LEU D 235 7.32 -17.05 15.68
CA LEU D 235 7.57 -18.23 14.85
C LEU D 235 8.86 -18.96 15.20
N ILE D 236 8.83 -20.29 15.13
CA ILE D 236 10.04 -21.10 15.22
C ILE D 236 10.43 -21.32 13.76
N GLU D 237 11.68 -21.01 13.44
CA GLU D 237 12.19 -21.17 12.11
C GLU D 237 13.39 -22.10 12.16
N TYR D 238 13.44 -23.05 11.22
CA TYR D 238 14.50 -24.01 11.04
C TYR D 238 14.55 -24.44 9.59
N SER D 239 15.73 -24.89 9.14
CA SER D 239 15.93 -25.32 7.77
C SER D 239 15.49 -26.72 7.56
N PHE D 240 14.84 -26.96 6.43
CA PHE D 240 14.45 -28.27 5.93
C PHE D 240 15.22 -28.39 4.62
N TYR D 241 16.07 -29.40 4.54
CA TYR D 241 16.97 -29.59 3.41
C TYR D 241 16.32 -30.27 2.23
N SER D 242 15.33 -31.14 2.49
CA SER D 242 14.56 -31.91 1.49
C SER D 242 15.46 -32.85 0.70
N ASP D 243 15.00 -33.31 -0.47
CA ASP D 243 15.78 -34.19 -1.33
C ASP D 243 17.03 -33.46 -1.83
N GLU D 244 18.10 -34.24 -2.05
CA GLU D 244 19.40 -33.81 -2.57
C GLU D 244 19.27 -32.85 -3.78
N SER D 245 18.25 -33.05 -4.62
CA SER D 245 18.00 -32.22 -5.81
C SER D 245 17.63 -30.77 -5.47
N LEU D 246 17.06 -30.51 -4.27
CA LEU D 246 16.71 -29.15 -3.85
C LEU D 246 17.98 -28.32 -3.59
N GLN D 247 18.21 -27.32 -4.45
CA GLN D 247 19.41 -26.48 -4.45
C GLN D 247 19.55 -25.60 -3.20
N TYR D 248 18.46 -24.96 -2.77
CA TYR D 248 18.47 -24.09 -1.60
C TYR D 248 17.58 -24.70 -0.52
N PRO D 249 18.02 -24.79 0.76
CA PRO D 249 17.12 -25.33 1.79
C PRO D 249 15.94 -24.40 2.02
N LYS D 250 14.79 -25.00 2.40
CA LYS D 250 13.59 -24.24 2.67
C LYS D 250 13.54 -23.94 4.14
N THR D 251 12.94 -22.78 4.50
CA THR D 251 12.79 -22.38 5.91
C THR D 251 11.38 -22.69 6.35
N VAL D 252 11.24 -23.61 7.31
CA VAL D 252 9.97 -23.97 7.91
C VAL D 252 9.72 -22.89 8.98
N ARG D 253 8.51 -22.30 9.00
CA ARG D 253 8.11 -21.28 9.98
C ARG D 253 6.81 -21.76 10.61
N ILE D 254 6.83 -22.03 11.92
CA ILE D 254 5.67 -22.52 12.64
C ILE D 254 5.39 -21.56 13.81
N PRO D 255 4.12 -21.08 14.00
CA PRO D 255 3.83 -20.27 15.20
C PRO D 255 3.87 -21.24 16.38
N TYR D 256 4.90 -21.12 17.21
CA TYR D 256 5.15 -22.01 18.34
C TYR D 256 5.42 -21.14 19.56
N PRO D 257 4.57 -21.18 20.62
CA PRO D 257 4.85 -20.33 21.79
C PRO D 257 5.81 -21.04 22.75
N LYS D 258 6.93 -20.41 23.04
CA LYS D 258 7.88 -20.97 23.99
C LYS D 258 7.47 -20.43 25.38
N ALA D 259 8.02 -21.01 26.46
CA ALA D 259 7.70 -20.63 27.84
C ALA D 259 7.69 -19.11 28.04
N GLY D 260 6.52 -18.57 28.40
CA GLY D 260 6.33 -17.14 28.66
C GLY D 260 5.99 -16.28 27.46
N ALA D 261 6.05 -16.85 26.25
CA ALA D 261 5.76 -16.10 25.02
C ALA D 261 4.27 -15.91 24.80
N GLU D 262 3.91 -15.09 23.81
CA GLU D 262 2.52 -14.82 23.46
C GLU D 262 1.88 -16.11 22.97
N ASN D 263 0.75 -16.46 23.56
CA ASN D 263 0.03 -17.70 23.30
C ASN D 263 -1.09 -17.52 22.29
N PRO D 264 -1.51 -18.60 21.58
CA PRO D 264 -2.65 -18.47 20.68
C PRO D 264 -3.92 -18.15 21.46
N THR D 265 -4.81 -17.33 20.87
CA THR D 265 -6.09 -17.07 21.50
C THR D 265 -7.10 -18.05 20.90
N VAL D 266 -8.14 -18.36 21.66
CA VAL D 266 -9.15 -19.30 21.22
C VAL D 266 -10.57 -18.69 21.24
N LYS D 267 -11.37 -19.02 20.23
CA LYS D 267 -12.79 -18.67 20.11
C LYS D 267 -13.54 -19.98 19.88
N PHE D 268 -14.63 -20.20 20.61
CA PHE D 268 -15.45 -21.41 20.46
C PHE D 268 -16.82 -21.05 19.92
N PHE D 269 -17.23 -21.73 18.85
CA PHE D 269 -18.53 -21.51 18.19
C PHE D 269 -19.36 -22.77 18.05
N VAL D 270 -20.67 -22.59 18.00
CA VAL D 270 -21.64 -23.64 17.75
C VAL D 270 -22.49 -23.16 16.56
N VAL D 271 -22.32 -23.83 15.40
CA VAL D 271 -23.04 -23.55 14.16
C VAL D 271 -24.30 -24.40 14.08
N ASP D 272 -25.45 -23.77 13.77
CA ASP D 272 -26.71 -24.44 13.53
C ASP D 272 -26.72 -24.84 12.04
N THR D 273 -26.44 -26.14 11.74
CA THR D 273 -26.33 -26.64 10.36
C THR D 273 -27.67 -26.66 9.59
N ARG D 274 -28.80 -26.49 10.30
CA ARG D 274 -30.13 -26.50 9.69
C ARG D 274 -30.40 -25.32 8.74
N THR D 275 -29.82 -24.15 9.03
CA THR D 275 -29.99 -22.93 8.24
C THR D 275 -28.97 -22.81 7.10
N LEU D 276 -28.12 -23.85 6.91
CA LEU D 276 -27.12 -23.89 5.84
C LEU D 276 -27.79 -23.95 4.46
N SER D 277 -27.63 -22.85 3.71
CA SER D 277 -28.19 -22.65 2.38
C SER D 277 -27.21 -21.74 1.62
N PRO D 278 -27.05 -21.91 0.28
CA PRO D 278 -26.10 -21.04 -0.45
C PRO D 278 -26.32 -19.53 -0.31
N ASN D 279 -27.56 -19.07 -0.22
CA ASN D 279 -27.90 -17.65 -0.11
C ASN D 279 -28.22 -17.20 1.33
N ALA D 280 -27.80 -17.99 2.33
CA ALA D 280 -28.03 -17.69 3.72
C ALA D 280 -26.71 -17.52 4.45
N SER D 281 -26.71 -16.67 5.48
CA SER D 281 -25.58 -16.45 6.34
C SER D 281 -25.45 -17.66 7.26
N VAL D 282 -24.28 -17.83 7.87
CA VAL D 282 -24.06 -18.92 8.81
C VAL D 282 -24.64 -18.48 10.17
N THR D 283 -25.46 -19.35 10.77
CA THR D 283 -26.02 -19.14 12.10
C THR D 283 -25.02 -19.80 13.06
N SER D 284 -24.33 -18.97 13.84
CA SER D 284 -23.39 -19.45 14.83
C SER D 284 -23.41 -18.59 16.07
N TYR D 285 -23.19 -19.24 17.21
CA TYR D 285 -23.15 -18.57 18.48
C TYR D 285 -21.78 -18.80 19.09
N GLN D 286 -21.17 -17.72 19.55
CA GLN D 286 -19.86 -17.82 20.18
C GLN D 286 -20.03 -18.01 21.67
N ILE D 287 -19.49 -19.12 22.19
CA ILE D 287 -19.52 -19.40 23.62
C ILE D 287 -18.18 -18.93 24.19
N VAL D 288 -18.26 -17.92 25.07
CA VAL D 288 -17.11 -17.32 25.75
C VAL D 288 -16.87 -18.06 27.09
N PRO D 289 -15.62 -18.20 27.58
CA PRO D 289 -15.42 -18.88 28.87
C PRO D 289 -16.03 -18.11 30.06
N PRO D 290 -16.23 -18.76 31.24
CA PRO D 290 -16.74 -18.01 32.39
C PRO D 290 -15.76 -16.90 32.80
N ALA D 291 -16.26 -15.84 33.43
CA ALA D 291 -15.49 -14.68 33.88
C ALA D 291 -14.19 -15.00 34.63
N SER D 292 -14.21 -16.06 35.46
CA SER D 292 -13.09 -16.52 36.28
C SER D 292 -11.86 -16.97 35.47
N VAL D 293 -12.07 -17.34 34.19
CA VAL D 293 -11.05 -17.80 33.24
C VAL D 293 -10.82 -16.71 32.16
N LEU D 294 -11.89 -15.99 31.77
CA LEU D 294 -11.91 -14.93 30.77
C LEU D 294 -11.10 -13.67 31.15
N ILE D 295 -10.79 -13.48 32.45
CA ILE D 295 -10.03 -12.33 32.97
C ILE D 295 -8.55 -12.31 32.52
N GLY D 296 -8.05 -13.45 32.08
CA GLY D 296 -6.67 -13.58 31.63
C GLY D 296 -6.49 -14.61 30.54
N ASP D 297 -5.24 -15.01 30.30
CA ASP D 297 -4.89 -16.01 29.30
C ASP D 297 -5.42 -17.37 29.75
N HIS D 298 -6.12 -18.04 28.83
CA HIS D 298 -6.74 -19.31 29.08
C HIS D 298 -6.56 -20.27 27.90
N TYR D 299 -7.08 -21.49 28.04
CA TYR D 299 -7.12 -22.54 27.04
C TYR D 299 -8.46 -23.27 27.12
N LEU D 300 -8.90 -23.78 25.97
CA LEU D 300 -10.05 -24.66 25.86
C LEU D 300 -9.37 -26.03 25.90
N CYS D 301 -9.66 -26.85 26.90
CA CYS D 301 -8.99 -28.15 26.97
C CYS D 301 -9.91 -29.34 26.69
N GLY D 302 -11.22 -29.10 26.62
CA GLY D 302 -12.18 -30.17 26.38
C GLY D 302 -13.56 -29.72 25.93
N VAL D 303 -14.16 -30.50 25.01
CA VAL D 303 -15.50 -30.29 24.46
C VAL D 303 -16.25 -31.63 24.52
N THR D 304 -17.42 -31.62 25.17
CA THR D 304 -18.26 -32.82 25.32
C THR D 304 -19.71 -32.45 25.09
N TRP D 305 -20.31 -33.02 24.05
CA TRP D 305 -21.74 -32.88 23.78
C TRP D 305 -22.46 -33.77 24.79
N VAL D 306 -23.44 -33.21 25.49
CA VAL D 306 -24.19 -33.93 26.53
C VAL D 306 -25.49 -34.47 25.89
N THR D 307 -26.28 -33.57 25.29
CA THR D 307 -27.52 -33.84 24.53
C THR D 307 -27.44 -32.92 23.30
N GLU D 308 -28.50 -32.91 22.48
CA GLU D 308 -28.56 -32.05 21.30
C GLU D 308 -28.63 -30.58 21.64
N GLU D 309 -29.11 -30.26 22.86
CA GLU D 309 -29.29 -28.90 23.34
C GLU D 309 -28.46 -28.57 24.57
N ARG D 310 -27.44 -29.41 24.86
CA ARG D 310 -26.54 -29.21 25.99
C ARG D 310 -25.11 -29.62 25.65
N ILE D 311 -24.16 -28.68 25.83
CA ILE D 311 -22.74 -28.87 25.56
C ILE D 311 -21.91 -28.51 26.81
N SER D 312 -20.88 -29.31 27.10
CA SER D 312 -19.96 -29.10 28.22
C SER D 312 -18.62 -28.62 27.68
N LEU D 313 -18.17 -27.46 28.18
CA LEU D 313 -16.87 -26.91 27.79
C LEU D 313 -15.93 -26.90 28.97
N GLN D 314 -14.71 -27.37 28.78
CA GLN D 314 -13.72 -27.38 29.84
C GLN D 314 -12.63 -26.37 29.51
N TRP D 315 -12.52 -25.34 30.35
CA TRP D 315 -11.54 -24.28 30.21
C TRP D 315 -10.53 -24.35 31.35
N ILE D 316 -9.32 -23.94 31.05
CA ILE D 316 -8.22 -23.92 32.01
C ILE D 316 -7.49 -22.60 31.84
N ARG D 317 -7.06 -22.02 32.96
CA ARG D 317 -6.28 -20.78 32.96
C ARG D 317 -4.89 -21.13 32.44
N ARG D 318 -4.13 -20.13 31.94
CA ARG D 318 -2.76 -20.34 31.48
C ARG D 318 -1.87 -20.97 32.57
N ALA D 319 -2.06 -20.58 33.87
CA ALA D 319 -1.35 -21.12 35.04
C ALA D 319 -1.51 -22.64 35.19
N GLN D 320 -2.71 -23.17 34.85
CA GLN D 320 -3.10 -24.58 34.81
C GLN D 320 -3.26 -25.25 36.19
N ASN D 321 -3.69 -24.45 37.18
CA ASN D 321 -3.99 -24.90 38.54
C ASN D 321 -5.44 -24.52 38.87
N TYR D 322 -6.16 -24.08 37.82
CA TYR D 322 -7.56 -23.65 37.86
C TYR D 322 -8.23 -24.04 36.54
N SER D 323 -9.24 -24.89 36.67
CA SER D 323 -10.04 -25.42 35.58
C SER D 323 -11.51 -25.20 35.90
N ILE D 324 -12.32 -24.99 34.86
CA ILE D 324 -13.76 -24.80 34.99
C ILE D 324 -14.50 -25.56 33.88
N ILE D 325 -15.57 -26.27 34.26
CA ILE D 325 -16.49 -26.96 33.35
C ILE D 325 -17.72 -26.05 33.28
N ASP D 326 -18.04 -25.56 32.08
CA ASP D 326 -19.19 -24.72 31.82
C ASP D 326 -20.14 -25.50 30.92
N ILE D 327 -21.34 -25.82 31.44
CA ILE D 327 -22.38 -26.60 30.78
C ILE D 327 -23.44 -25.64 30.22
N CYS D 328 -23.42 -25.45 28.89
CA CYS D 328 -24.29 -24.51 28.19
C CYS D 328 -25.48 -25.16 27.59
N ASP D 329 -26.65 -24.52 27.77
CA ASP D 329 -27.94 -24.97 27.27
C ASP D 329 -28.46 -24.11 26.15
N TYR D 330 -28.97 -24.75 25.09
CA TYR D 330 -29.53 -24.09 23.91
C TYR D 330 -30.89 -23.49 24.21
N ASP D 331 -31.06 -22.19 23.92
CA ASP D 331 -32.32 -21.47 24.07
C ASP D 331 -32.98 -21.52 22.70
N GLU D 332 -34.08 -22.25 22.60
CA GLU D 332 -34.82 -22.45 21.35
C GLU D 332 -35.36 -21.18 20.73
N SER D 333 -35.79 -20.21 21.55
CA SER D 333 -36.39 -18.95 21.10
C SER D 333 -35.41 -17.92 20.54
N THR D 334 -34.12 -18.02 20.91
CA THR D 334 -33.09 -17.06 20.51
C THR D 334 -31.88 -17.67 19.79
N GLY D 335 -31.66 -18.97 19.90
CA GLY D 335 -30.51 -19.63 19.28
C GLY D 335 -29.22 -19.51 20.09
N ARG D 336 -29.31 -18.91 21.28
CA ARG D 336 -28.20 -18.70 22.19
C ARG D 336 -27.87 -19.96 22.96
N TRP D 337 -26.62 -20.07 23.40
CA TRP D 337 -26.15 -21.16 24.25
C TRP D 337 -25.83 -20.51 25.57
N ILE D 338 -26.80 -20.60 26.50
CA ILE D 338 -26.75 -19.94 27.78
C ILE D 338 -26.04 -20.76 28.84
N SER D 339 -25.11 -20.11 29.54
CA SER D 339 -24.38 -20.70 30.64
C SER D 339 -24.96 -20.18 31.95
N SER D 340 -24.79 -20.95 33.02
CA SER D 340 -25.32 -20.64 34.35
C SER D 340 -24.26 -20.94 35.39
N VAL D 341 -24.16 -20.08 36.42
CA VAL D 341 -23.22 -20.23 37.55
C VAL D 341 -23.42 -21.61 38.21
N ALA D 342 -24.70 -22.04 38.37
CA ALA D 342 -25.10 -23.33 38.94
C ALA D 342 -24.51 -24.51 38.15
N ARG D 343 -24.38 -24.35 36.82
CA ARG D 343 -23.84 -25.37 35.92
C ARG D 343 -22.31 -25.27 35.73
N GLN D 344 -21.63 -24.46 36.57
CA GLN D 344 -20.18 -24.30 36.51
C GLN D 344 -19.49 -25.11 37.59
N HIS D 345 -18.48 -25.90 37.18
CA HIS D 345 -17.72 -26.77 38.09
C HIS D 345 -16.24 -26.47 38.03
N ILE D 346 -15.73 -25.91 39.15
CA ILE D 346 -14.34 -25.52 39.33
C ILE D 346 -13.52 -26.67 39.87
N GLU D 347 -12.31 -26.83 39.34
CA GLU D 347 -11.32 -27.80 39.78
C GLU D 347 -10.02 -27.02 39.96
N ILE D 348 -9.47 -27.07 41.16
CA ILE D 348 -8.22 -26.39 41.49
C ILE D 348 -7.20 -27.36 42.07
N SER D 349 -5.93 -26.94 42.05
CA SER D 349 -4.83 -27.64 42.70
C SER D 349 -4.03 -26.60 43.45
N THR D 350 -3.73 -26.89 44.70
CA THR D 350 -2.93 -25.98 45.51
C THR D 350 -1.48 -26.47 45.58
N THR D 351 -1.29 -27.78 45.35
CA THR D 351 0.00 -28.48 45.41
C THR D 351 0.72 -28.55 44.06
N GLY D 352 0.01 -28.29 42.97
CA GLY D 352 0.59 -28.35 41.64
C GLY D 352 -0.40 -27.97 40.55
N TRP D 353 -0.47 -28.82 39.52
CA TRP D 353 -1.34 -28.65 38.35
C TRP D 353 -2.62 -29.52 38.44
N VAL D 354 -3.64 -29.15 37.64
CA VAL D 354 -4.91 -29.85 37.55
C VAL D 354 -4.77 -31.05 36.57
N GLY D 355 -5.24 -32.22 37.00
CA GLY D 355 -5.18 -33.45 36.22
C GLY D 355 -3.78 -34.03 36.10
N ARG D 356 -3.58 -34.86 35.06
CA ARG D 356 -2.31 -35.52 34.79
C ARG D 356 -1.48 -34.69 33.81
N PHE D 357 -2.03 -34.47 32.61
CA PHE D 357 -1.45 -33.65 31.53
C PHE D 357 -2.49 -32.62 31.12
N ARG D 358 -3.68 -32.73 31.71
CA ARG D 358 -4.88 -31.90 31.48
C ARG D 358 -5.94 -32.38 32.47
N PRO D 359 -6.93 -31.53 32.84
CA PRO D 359 -8.01 -32.05 33.70
C PRO D 359 -8.74 -33.21 33.01
N ALA D 360 -9.21 -34.20 33.80
CA ALA D 360 -9.93 -35.36 33.24
C ALA D 360 -11.26 -34.93 32.63
N GLU D 361 -11.71 -35.67 31.61
CA GLU D 361 -12.94 -35.35 30.88
C GLU D 361 -14.22 -35.78 31.62
N PRO D 362 -15.28 -34.95 31.60
CA PRO D 362 -16.53 -35.36 32.27
C PRO D 362 -17.26 -36.43 31.47
N HIS D 363 -17.84 -37.43 32.15
CA HIS D 363 -18.61 -38.52 31.55
C HIS D 363 -20.06 -38.39 31.99
N PHE D 364 -20.90 -37.82 31.11
CA PHE D 364 -22.32 -37.53 31.36
C PHE D 364 -23.26 -38.72 31.21
N THR D 365 -24.37 -38.67 31.93
CA THR D 365 -25.48 -39.63 31.83
C THR D 365 -26.26 -39.27 30.54
N SER D 366 -27.11 -40.19 30.03
CA SER D 366 -27.91 -39.96 28.81
C SER D 366 -28.77 -38.70 28.89
N ASP D 367 -29.37 -38.45 30.08
CA ASP D 367 -30.22 -37.29 30.39
C ASP D 367 -29.39 -36.01 30.49
N GLY D 368 -28.14 -36.16 30.93
CA GLY D 368 -27.20 -35.07 31.11
C GLY D 368 -27.40 -34.26 32.38
N ASN D 369 -28.16 -34.80 33.35
CA ASN D 369 -28.42 -34.11 34.62
C ASN D 369 -27.35 -34.40 35.68
N SER D 370 -26.45 -35.35 35.39
CA SER D 370 -25.33 -35.68 36.27
C SER D 370 -24.13 -36.17 35.45
N PHE D 371 -22.92 -36.10 36.01
CA PHE D 371 -21.72 -36.59 35.33
C PHE D 371 -20.72 -37.22 36.29
N TYR D 372 -19.80 -38.02 35.74
CA TYR D 372 -18.76 -38.71 36.50
C TYR D 372 -17.42 -38.25 35.96
N LYS D 373 -16.52 -37.83 36.85
CA LYS D 373 -15.21 -37.33 36.47
C LYS D 373 -14.12 -37.70 37.49
N ILE D 374 -12.92 -38.00 36.97
CA ILE D 374 -11.76 -38.30 37.81
C ILE D 374 -11.16 -36.98 38.31
N ILE D 375 -11.08 -36.84 39.62
CA ILE D 375 -10.47 -35.69 40.31
C ILE D 375 -9.63 -36.24 41.46
N SER D 376 -8.73 -35.42 42.00
CA SER D 376 -7.91 -35.78 43.16
C SER D 376 -8.75 -35.66 44.39
N ASN D 377 -8.66 -36.67 45.27
CA ASN D 377 -9.40 -36.68 46.52
C ASN D 377 -8.59 -35.98 47.63
N GLU D 378 -9.08 -36.05 48.88
CA GLU D 378 -8.48 -35.46 50.08
C GLU D 378 -7.06 -36.01 50.33
N GLU D 379 -6.84 -37.31 49.98
CA GLU D 379 -5.58 -38.05 50.14
C GLU D 379 -4.58 -37.84 48.99
N GLY D 380 -5.01 -37.17 47.92
CA GLY D 380 -4.19 -36.89 46.74
C GLY D 380 -4.30 -37.93 45.64
N TYR D 381 -5.09 -38.97 45.87
CA TYR D 381 -5.31 -40.03 44.90
C TYR D 381 -6.46 -39.66 43.95
N LYS D 382 -6.30 -40.00 42.66
CA LYS D 382 -7.27 -39.69 41.62
C LYS D 382 -8.34 -40.78 41.48
N HIS D 383 -9.57 -40.47 41.94
CA HIS D 383 -10.72 -41.37 41.94
C HIS D 383 -11.93 -40.73 41.26
N ILE D 384 -12.96 -41.52 40.94
CA ILE D 384 -14.16 -41.04 40.26
C ILE D 384 -15.09 -40.31 41.21
N CYS D 385 -15.46 -39.06 40.86
CA CYS D 385 -16.41 -38.24 41.61
C CYS D 385 -17.69 -38.07 40.82
N HIS D 386 -18.84 -38.33 41.47
CA HIS D 386 -20.15 -38.18 40.85
C HIS D 386 -20.65 -36.76 41.14
N PHE D 387 -20.90 -35.99 40.08
CA PHE D 387 -21.36 -34.61 40.15
C PHE D 387 -22.75 -34.49 39.59
N GLN D 388 -23.50 -33.51 40.10
CA GLN D 388 -24.83 -33.15 39.63
C GLN D 388 -24.59 -31.90 38.77
N THR D 389 -25.10 -31.88 37.54
CA THR D 389 -24.92 -30.79 36.57
C THR D 389 -25.19 -29.39 37.17
N ASP D 390 -26.23 -29.25 38.01
CA ASP D 390 -26.58 -27.95 38.61
C ASP D 390 -26.18 -27.79 40.11
N LYS D 391 -25.32 -28.67 40.64
CA LYS D 391 -24.83 -28.60 42.03
C LYS D 391 -23.30 -28.65 42.09
N SER D 392 -22.70 -27.94 43.06
CA SER D 392 -21.23 -27.86 43.23
C SER D 392 -20.59 -29.09 43.87
N ASN D 393 -21.28 -29.71 44.84
CA ASN D 393 -20.81 -30.88 45.57
C ASN D 393 -20.75 -32.17 44.73
N CYS D 394 -19.71 -32.99 44.98
CA CYS D 394 -19.55 -34.29 44.34
C CYS D 394 -19.37 -35.39 45.36
N THR D 395 -19.64 -36.63 44.96
CA THR D 395 -19.51 -37.79 45.83
C THR D 395 -18.52 -38.74 45.20
N PHE D 396 -17.44 -39.08 45.94
CA PHE D 396 -16.45 -40.02 45.46
C PHE D 396 -17.02 -41.43 45.47
N ILE D 397 -16.98 -42.11 44.31
CA ILE D 397 -17.51 -43.47 44.13
C ILE D 397 -16.38 -44.52 44.24
N THR D 398 -15.12 -44.08 44.13
CA THR D 398 -13.91 -44.92 44.30
C THR D 398 -13.00 -44.30 45.34
N LYS D 399 -12.21 -45.14 46.06
CA LYS D 399 -11.26 -44.73 47.10
C LYS D 399 -10.17 -45.79 47.32
N GLY D 400 -9.01 -45.35 47.79
CA GLY D 400 -7.88 -46.22 48.07
C GLY D 400 -6.53 -45.65 47.68
N ALA D 401 -5.45 -46.30 48.15
CA ALA D 401 -4.07 -45.90 47.85
C ALA D 401 -3.64 -46.49 46.49
N TRP D 402 -4.38 -46.09 45.45
CA TRP D 402 -4.27 -46.45 44.03
C TRP D 402 -5.05 -45.40 43.24
N GLU D 403 -4.98 -45.44 41.91
CA GLU D 403 -5.64 -44.42 41.11
C GLU D 403 -6.47 -44.97 39.96
N VAL D 404 -7.55 -44.26 39.63
CA VAL D 404 -8.39 -44.57 38.47
C VAL D 404 -7.70 -43.90 37.28
N ILE D 405 -7.43 -44.67 36.22
CA ILE D 405 -6.77 -44.18 35.02
C ILE D 405 -7.77 -43.46 34.10
N GLY D 406 -8.92 -44.09 33.86
CA GLY D 406 -9.96 -43.54 33.01
C GLY D 406 -11.30 -44.22 33.09
N ILE D 407 -12.38 -43.46 32.80
CA ILE D 407 -13.75 -43.96 32.75
C ILE D 407 -13.93 -44.43 31.30
N GLU D 408 -14.18 -45.73 31.11
CA GLU D 408 -14.31 -46.31 29.77
C GLU D 408 -15.72 -46.21 29.18
N ALA D 409 -16.71 -46.66 29.94
CA ALA D 409 -18.11 -46.67 29.51
C ALA D 409 -19.04 -46.33 30.66
N LEU D 410 -20.24 -45.85 30.33
CA LEU D 410 -21.26 -45.49 31.31
C LEU D 410 -22.66 -45.86 30.81
N THR D 411 -23.32 -46.79 31.54
CA THR D 411 -24.71 -47.18 31.28
C THR D 411 -25.55 -46.64 32.43
N SER D 412 -26.87 -46.85 32.38
CA SER D 412 -27.79 -46.43 33.43
C SER D 412 -27.52 -47.14 34.76
N ASP D 413 -26.98 -48.38 34.68
CA ASP D 413 -26.71 -49.23 35.85
C ASP D 413 -25.23 -49.33 36.24
N TYR D 414 -24.32 -49.29 35.26
CA TYR D 414 -22.89 -49.47 35.52
C TYR D 414 -22.00 -48.40 34.93
N LEU D 415 -20.80 -48.28 35.50
CA LEU D 415 -19.71 -47.43 35.05
C LEU D 415 -18.49 -48.34 34.98
N TYR D 416 -17.88 -48.44 33.79
CA TYR D 416 -16.69 -49.26 33.54
C TYR D 416 -15.47 -48.34 33.58
N TYR D 417 -14.40 -48.78 34.28
CA TYR D 417 -13.18 -47.98 34.41
C TYR D 417 -11.91 -48.85 34.49
N ILE D 418 -10.75 -48.23 34.20
CA ILE D 418 -9.42 -48.81 34.28
C ILE D 418 -8.74 -48.23 35.53
N SER D 419 -8.08 -49.08 36.31
CA SER D 419 -7.34 -48.69 37.50
C SER D 419 -6.14 -49.62 37.74
N ASN D 420 -5.21 -49.18 38.61
CA ASN D 420 -4.00 -49.93 38.97
C ASN D 420 -4.10 -50.53 40.38
N GLU D 421 -5.33 -50.76 40.85
CA GLU D 421 -5.61 -51.31 42.17
C GLU D 421 -5.05 -52.72 42.41
N HIS D 422 -5.20 -53.62 41.43
CA HIS D 422 -4.81 -55.02 41.53
C HIS D 422 -3.35 -55.24 41.93
N LYS D 423 -3.16 -56.04 43.00
CA LYS D 423 -1.89 -56.44 43.63
C LYS D 423 -1.06 -55.24 44.10
N GLY D 424 -1.71 -54.08 44.24
CA GLY D 424 -1.08 -52.82 44.65
C GLY D 424 -0.01 -52.34 43.70
N MET D 425 -0.07 -52.78 42.43
CA MET D 425 0.89 -52.46 41.37
C MET D 425 0.46 -51.25 40.55
N PRO D 426 1.16 -50.10 40.68
CA PRO D 426 0.78 -48.93 39.87
C PRO D 426 1.07 -49.07 38.37
N GLY D 427 1.89 -50.06 38.02
CA GLY D 427 2.25 -50.38 36.64
C GLY D 427 1.38 -51.43 35.98
N GLY D 428 0.31 -51.81 36.66
CA GLY D 428 -0.70 -52.74 36.18
C GLY D 428 -1.97 -52.00 35.82
N ARG D 429 -2.80 -52.55 34.94
CA ARG D 429 -4.08 -51.94 34.52
C ARG D 429 -5.14 -53.01 34.40
N ASN D 430 -6.30 -52.79 35.02
CA ASN D 430 -7.41 -53.75 34.95
C ASN D 430 -8.76 -53.07 34.77
N LEU D 431 -9.70 -53.77 34.10
CA LEU D 431 -11.06 -53.27 33.86
C LEU D 431 -11.93 -53.64 35.03
N TYR D 432 -12.53 -52.61 35.62
CA TYR D 432 -13.41 -52.72 36.75
C TYR D 432 -14.79 -52.22 36.36
N ARG D 433 -15.81 -52.73 37.05
CA ARG D 433 -17.19 -52.39 36.84
C ARG D 433 -17.78 -52.02 38.20
N ILE D 434 -18.33 -50.80 38.32
CA ILE D 434 -18.94 -50.29 39.55
C ILE D 434 -20.45 -50.11 39.33
N GLN D 435 -21.24 -50.60 40.30
CA GLN D 435 -22.70 -50.49 40.27
C GLN D 435 -23.08 -49.08 40.73
N LEU D 436 -23.79 -48.32 39.87
CA LEU D 436 -24.14 -46.93 40.11
C LEU D 436 -25.15 -46.71 41.26
N ASN D 437 -25.91 -47.75 41.64
CA ASN D 437 -26.87 -47.68 42.74
C ASN D 437 -26.26 -48.21 44.06
N ASP D 438 -25.04 -48.80 43.99
CA ASP D 438 -24.32 -49.41 45.11
C ASP D 438 -22.81 -49.44 44.82
N TYR D 439 -22.10 -48.39 45.26
CA TYR D 439 -20.67 -48.20 45.06
C TYR D 439 -19.77 -49.25 45.74
N THR D 440 -20.37 -50.12 46.56
CA THR D 440 -19.70 -51.21 47.26
C THR D 440 -19.53 -52.41 46.31
N LYS D 441 -20.44 -52.53 45.32
CA LYS D 441 -20.46 -53.59 44.31
C LYS D 441 -19.51 -53.28 43.13
N VAL D 442 -18.21 -53.58 43.34
CA VAL D 442 -17.16 -53.38 42.36
C VAL D 442 -16.63 -54.74 41.92
N THR D 443 -16.67 -55.00 40.60
CA THR D 443 -16.21 -56.26 40.01
C THR D 443 -15.02 -56.00 39.10
N CYS D 444 -13.95 -56.81 39.26
CA CYS D 444 -12.83 -56.70 38.34
C CYS D 444 -13.09 -57.69 37.24
N LEU D 445 -13.37 -57.18 36.05
CA LEU D 445 -13.70 -57.97 34.88
C LEU D 445 -12.51 -58.69 34.26
N SER D 446 -11.29 -58.12 34.41
CA SER D 446 -10.07 -58.68 33.79
C SER D 446 -9.01 -59.30 34.73
N CYS D 447 -8.99 -58.92 36.02
CA CYS D 447 -8.01 -59.33 37.05
C CYS D 447 -7.52 -60.78 36.99
N GLU D 448 -8.45 -61.75 37.03
CA GLU D 448 -8.07 -63.15 37.10
C GLU D 448 -8.37 -63.98 35.82
N LEU D 449 -8.36 -63.32 34.64
CA LEU D 449 -8.56 -64.00 33.35
C LEU D 449 -7.34 -64.89 33.05
N ASN D 450 -6.14 -64.28 33.04
CA ASN D 450 -4.83 -64.88 32.85
C ASN D 450 -3.93 -64.10 33.83
N PRO D 451 -3.93 -64.43 35.15
CA PRO D 451 -3.18 -63.60 36.11
C PRO D 451 -1.67 -63.51 35.90
N GLU D 452 -1.04 -64.58 35.36
CA GLU D 452 0.41 -64.58 35.11
C GLU D 452 0.78 -63.88 33.81
N ARG D 453 -0.03 -64.06 32.76
CA ARG D 453 0.17 -63.51 31.43
C ARG D 453 -0.35 -62.08 31.26
N CYS D 454 -1.46 -61.76 31.94
CA CYS D 454 -2.16 -60.50 31.74
C CYS D 454 -2.40 -59.67 33.01
N GLN D 455 -1.67 -58.54 33.10
CA GLN D 455 -1.73 -57.58 34.20
C GLN D 455 -1.92 -56.13 33.69
N TYR D 456 -1.83 -55.90 32.37
CA TYR D 456 -1.97 -54.57 31.77
C TYR D 456 -3.06 -54.62 30.69
N TYR D 457 -4.18 -53.99 30.97
CA TYR D 457 -5.35 -54.02 30.11
C TYR D 457 -5.84 -52.67 29.65
N SER D 458 -6.48 -52.70 28.49
CA SER D 458 -7.17 -51.59 27.85
C SER D 458 -8.50 -52.18 27.37
N ALA D 459 -9.54 -51.34 27.20
CA ALA D 459 -10.84 -51.83 26.73
C ALA D 459 -11.51 -50.90 25.71
N SER D 460 -12.31 -51.48 24.82
CA SER D 460 -13.09 -50.78 23.81
C SER D 460 -14.53 -51.34 23.89
N PHE D 461 -15.50 -50.46 24.21
CA PHE D 461 -16.90 -50.84 24.36
C PHE D 461 -17.73 -50.56 23.14
N SER D 462 -18.80 -51.34 22.95
CA SER D 462 -19.79 -51.16 21.88
C SER D 462 -20.65 -49.91 22.20
N ASN D 463 -21.48 -49.45 21.25
CA ASN D 463 -22.29 -48.23 21.36
C ASN D 463 -23.11 -48.11 22.65
N LYS D 464 -23.70 -49.21 23.16
CA LYS D 464 -24.49 -49.12 24.40
C LYS D 464 -23.82 -49.88 25.54
N ALA D 465 -22.48 -50.14 25.40
CA ALA D 465 -21.60 -50.88 26.30
C ALA D 465 -22.09 -52.31 26.55
N LYS D 466 -22.71 -52.93 25.52
CA LYS D 466 -23.27 -54.27 25.55
C LYS D 466 -22.18 -55.33 25.35
N TYR D 467 -21.12 -54.95 24.64
CA TYR D 467 -19.98 -55.81 24.35
C TYR D 467 -18.70 -55.00 24.52
N TYR D 468 -17.59 -55.68 24.79
CA TYR D 468 -16.29 -55.04 24.91
C TYR D 468 -15.15 -55.92 24.47
N GLN D 469 -14.16 -55.27 23.87
CA GLN D 469 -12.93 -55.92 23.49
C GLN D 469 -11.96 -55.62 24.64
N LEU D 470 -11.23 -56.64 25.09
CA LEU D 470 -10.22 -56.50 26.12
C LEU D 470 -8.87 -56.68 25.49
N ARG D 471 -7.99 -55.70 25.69
CA ARG D 471 -6.65 -55.70 25.13
C ARG D 471 -5.65 -55.90 26.27
N CYS D 472 -4.99 -57.07 26.32
CA CYS D 472 -3.97 -57.41 27.31
C CYS D 472 -2.61 -57.14 26.68
N PHE D 473 -1.80 -56.27 27.30
CA PHE D 473 -0.51 -55.88 26.73
C PHE D 473 0.70 -56.49 27.39
N GLY D 474 0.50 -57.28 28.45
CA GLY D 474 1.60 -57.93 29.15
C GLY D 474 1.30 -58.35 30.57
N PRO D 475 2.27 -58.93 31.34
CA PRO D 475 3.69 -59.18 31.02
C PRO D 475 3.97 -60.22 29.92
N GLY D 476 3.03 -61.13 29.70
CA GLY D 476 3.13 -62.14 28.65
C GLY D 476 2.76 -61.57 27.30
N LEU D 477 2.66 -62.44 26.28
CA LEU D 477 2.30 -62.01 24.92
C LEU D 477 0.93 -61.34 24.86
N PRO D 478 0.78 -60.21 24.13
CA PRO D 478 -0.52 -59.54 24.08
C PRO D 478 -1.67 -60.42 23.62
N LEU D 479 -2.80 -60.35 24.35
CA LEU D 479 -4.00 -61.15 24.11
C LEU D 479 -5.22 -60.24 23.92
N TYR D 480 -5.92 -60.40 22.79
CA TYR D 480 -7.10 -59.61 22.41
C TYR D 480 -8.29 -60.53 22.46
N THR D 481 -9.30 -60.20 23.28
CA THR D 481 -10.49 -61.02 23.47
C THR D 481 -11.76 -60.18 23.39
N LEU D 482 -12.88 -60.79 23.03
CA LEU D 482 -14.17 -60.12 22.95
C LEU D 482 -15.09 -60.70 24.02
N HIS D 483 -15.79 -59.84 24.77
CA HIS D 483 -16.69 -60.22 25.84
C HIS D 483 -18.08 -59.59 25.74
N SER D 484 -19.10 -60.27 26.33
CA SER D 484 -20.47 -59.76 26.46
C SER D 484 -20.56 -59.12 27.85
N SER D 485 -21.04 -57.87 27.95
CA SER D 485 -21.15 -57.15 29.22
C SER D 485 -22.15 -57.76 30.19
N SER D 486 -23.18 -58.44 29.65
CA SER D 486 -24.25 -59.08 30.43
C SER D 486 -23.76 -60.25 31.29
N SER D 487 -22.95 -61.15 30.71
CA SER D 487 -22.43 -62.35 31.40
C SER D 487 -20.93 -62.29 31.73
N ASP D 488 -20.18 -61.35 31.10
CA ASP D 488 -18.73 -61.16 31.23
C ASP D 488 -17.97 -62.41 30.77
N LYS D 489 -18.64 -63.21 29.93
CA LYS D 489 -18.16 -64.45 29.33
C LYS D 489 -17.31 -64.09 28.12
N GLU D 490 -16.26 -64.89 27.90
CA GLU D 490 -15.33 -64.75 26.79
C GLU D 490 -15.94 -65.43 25.57
N LEU D 491 -16.47 -64.62 24.65
CA LEU D 491 -17.11 -65.04 23.40
C LEU D 491 -16.08 -65.75 22.50
N ARG D 492 -14.97 -65.06 22.20
CA ARG D 492 -13.86 -65.56 21.39
C ARG D 492 -12.56 -64.84 21.66
N VAL D 493 -11.46 -65.50 21.30
CA VAL D 493 -10.09 -65.01 21.36
C VAL D 493 -9.86 -64.40 19.98
N LEU D 494 -9.72 -63.08 19.91
CA LEU D 494 -9.53 -62.36 18.65
C LEU D 494 -8.10 -62.52 18.13
N GLU D 495 -7.10 -62.39 19.03
CA GLU D 495 -5.68 -62.54 18.74
C GLU D 495 -4.93 -63.00 19.99
N ASP D 496 -4.26 -64.17 19.91
CA ASP D 496 -3.51 -64.73 21.03
C ASP D 496 -1.99 -64.74 20.82
N ASN D 497 -1.49 -64.22 19.67
CA ASN D 497 -0.08 -64.17 19.31
C ASN D 497 0.61 -65.55 19.41
N SER D 498 -0.10 -66.61 18.95
CA SER D 498 0.41 -67.99 18.96
C SER D 498 1.59 -68.17 18.02
N ALA D 499 1.61 -67.43 16.89
CA ALA D 499 2.68 -67.45 15.91
C ALA D 499 3.97 -66.92 16.54
N LEU D 500 3.84 -65.86 17.36
CA LEU D 500 4.93 -65.23 18.09
C LEU D 500 5.46 -66.17 19.19
N ASP D 501 4.55 -66.86 19.90
CA ASP D 501 4.89 -67.83 20.97
C ASP D 501 5.80 -68.92 20.43
N LYS D 502 5.45 -69.47 19.25
CA LYS D 502 6.20 -70.52 18.55
C LYS D 502 7.60 -70.03 18.17
N MET D 503 7.71 -68.78 17.68
CA MET D 503 8.97 -68.15 17.27
C MET D 503 9.93 -67.93 18.45
N LEU D 504 9.38 -67.46 19.60
CA LEU D 504 10.15 -67.09 20.79
C LEU D 504 10.63 -68.28 21.63
N GLN D 505 10.12 -69.50 21.41
CA GLN D 505 10.59 -70.65 22.19
C GLN D 505 11.95 -71.15 21.70
N ASP D 506 12.34 -70.74 20.48
CA ASP D 506 13.64 -71.05 19.88
C ASP D 506 14.67 -69.93 20.18
N VAL D 507 14.27 -68.92 20.99
CA VAL D 507 15.12 -67.77 21.32
C VAL D 507 15.29 -67.60 22.84
N GLN D 508 16.54 -67.31 23.27
CA GLN D 508 16.89 -67.07 24.67
C GLN D 508 16.40 -65.67 25.01
N MET D 509 15.16 -65.56 25.46
CA MET D 509 14.55 -64.29 25.80
C MET D 509 14.94 -63.79 27.20
N PRO D 510 15.07 -62.45 27.38
CA PRO D 510 15.40 -61.95 28.73
C PRO D 510 14.18 -61.95 29.62
N SER D 511 14.39 -61.87 30.94
CA SER D 511 13.29 -61.85 31.92
C SER D 511 13.10 -60.45 32.46
N LYS D 512 11.84 -60.00 32.60
CA LYS D 512 11.52 -58.68 33.13
C LYS D 512 11.03 -58.84 34.55
N LYS D 513 11.83 -58.36 35.51
CA LYS D 513 11.53 -58.42 36.94
C LYS D 513 11.12 -57.04 37.43
N LEU D 514 9.97 -56.96 38.11
CA LEU D 514 9.45 -55.74 38.70
C LEU D 514 9.53 -55.86 40.21
N ASP D 515 10.12 -54.86 40.85
CA ASP D 515 10.26 -54.84 42.31
C ASP D 515 10.20 -53.43 42.88
N VAL D 516 10.41 -53.33 44.19
CA VAL D 516 10.34 -52.08 44.93
C VAL D 516 11.64 -51.80 45.69
N ILE D 517 11.96 -50.51 45.85
CA ILE D 517 13.06 -49.99 46.65
C ILE D 517 12.55 -48.81 47.47
N ASN D 518 13.17 -48.57 48.64
CA ASN D 518 12.79 -47.47 49.50
C ASN D 518 13.73 -46.29 49.32
N LEU D 519 13.17 -45.14 48.91
CA LEU D 519 13.87 -43.87 48.76
C LEU D 519 13.12 -42.88 49.67
N HIS D 520 13.86 -42.29 50.64
CA HIS D 520 13.37 -41.33 51.66
C HIS D 520 12.03 -41.79 52.30
N GLY D 521 12.01 -43.04 52.76
CA GLY D 521 10.86 -43.65 53.41
C GLY D 521 9.71 -44.05 52.51
N THR D 522 9.79 -43.74 51.21
CA THR D 522 8.73 -44.06 50.24
C THR D 522 9.13 -45.26 49.39
N LYS D 523 8.18 -46.15 49.13
CA LYS D 523 8.40 -47.31 48.28
C LYS D 523 8.18 -46.89 46.83
N PHE D 524 9.19 -47.11 46.01
CA PHE D 524 9.14 -46.78 44.60
C PHE D 524 9.39 -48.02 43.78
N TRP D 525 8.84 -48.03 42.56
CA TRP D 525 8.94 -49.17 41.67
C TRP D 525 10.05 -49.06 40.64
N TYR D 526 10.67 -50.21 40.38
CA TYR D 526 11.71 -50.36 39.38
C TYR D 526 11.47 -51.65 38.60
N GLN D 527 12.06 -51.73 37.42
CA GLN D 527 12.01 -52.92 36.58
C GLN D 527 13.40 -53.21 36.06
N MET D 528 13.69 -54.48 35.79
CA MET D 528 14.99 -54.89 35.27
C MET D 528 14.80 -55.93 34.19
N ILE D 529 15.30 -55.65 32.99
CA ILE D 529 15.30 -56.62 31.89
C ILE D 529 16.61 -57.38 32.16
N LEU D 530 16.50 -58.61 32.64
CA LEU D 530 17.65 -59.43 33.01
C LEU D 530 18.05 -60.39 31.92
N PRO D 531 19.36 -60.46 31.62
CA PRO D 531 19.84 -61.40 30.60
C PRO D 531 19.45 -62.89 30.83
N PRO D 532 19.31 -63.72 29.77
CA PRO D 532 19.00 -65.15 30.00
C PRO D 532 20.12 -65.87 30.74
N HIS D 533 19.76 -66.91 31.52
CA HIS D 533 20.67 -67.71 32.36
C HIS D 533 21.43 -66.79 33.33
N PHE D 534 20.67 -65.83 33.89
CA PHE D 534 21.14 -64.81 34.81
C PHE D 534 21.74 -65.41 36.07
N ASP D 535 23.04 -65.21 36.26
CA ASP D 535 23.81 -65.69 37.40
C ASP D 535 24.08 -64.54 38.37
N LYS D 536 23.52 -64.62 39.58
CA LYS D 536 23.66 -63.62 40.64
C LYS D 536 25.11 -63.45 41.13
N SER D 537 25.97 -64.47 40.93
CA SER D 537 27.40 -64.42 41.30
C SER D 537 28.20 -63.57 40.29
N LYS D 538 27.83 -63.65 38.99
CA LYS D 538 28.45 -62.89 37.90
C LYS D 538 28.07 -61.42 38.03
N LYS D 539 28.99 -60.50 37.64
CA LYS D 539 28.76 -59.06 37.67
C LYS D 539 28.50 -58.51 36.27
N TYR D 540 27.27 -58.04 36.03
CA TYR D 540 26.77 -57.55 34.75
C TYR D 540 26.81 -56.03 34.58
N PRO D 541 27.02 -55.51 33.34
CA PRO D 541 26.91 -54.04 33.16
C PRO D 541 25.42 -53.64 33.24
N LEU D 542 25.17 -52.39 33.65
CA LEU D 542 23.84 -51.85 33.85
C LEU D 542 23.57 -50.60 33.01
N LEU D 543 22.43 -50.60 32.30
CA LEU D 543 21.94 -49.45 31.52
C LEU D 543 20.66 -48.97 32.18
N ILE D 544 20.53 -47.65 32.38
CA ILE D 544 19.34 -47.06 32.96
C ILE D 544 18.55 -46.43 31.84
N GLU D 545 17.32 -46.90 31.63
CA GLU D 545 16.46 -46.30 30.62
C GLU D 545 15.53 -45.38 31.39
N VAL D 546 15.59 -44.09 31.07
CA VAL D 546 14.85 -43.09 31.82
C VAL D 546 13.86 -42.24 30.98
N TYR D 547 12.75 -41.84 31.65
CA TYR D 547 11.74 -40.89 31.20
C TYR D 547 11.74 -39.83 32.32
N ALA D 548 11.22 -40.18 33.53
CA ALA D 548 11.22 -39.38 34.78
C ALA D 548 10.53 -38.03 34.69
N GLY D 549 9.72 -37.83 33.66
CA GLY D 549 8.96 -36.61 33.47
C GLY D 549 7.74 -36.55 34.36
N PRO D 550 7.16 -35.36 34.60
CA PRO D 550 5.95 -35.30 35.44
C PRO D 550 4.83 -36.19 34.89
N CYS D 551 4.30 -37.10 35.76
CA CYS D 551 3.27 -38.12 35.48
C CYS D 551 3.78 -39.30 34.64
N SER D 552 5.09 -39.52 34.66
CA SER D 552 5.69 -40.61 33.92
C SER D 552 5.45 -41.99 34.55
N GLN D 553 5.57 -43.02 33.72
CA GLN D 553 5.51 -44.40 34.12
C GLN D 553 6.37 -45.21 33.17
N LYS D 554 7.64 -45.37 33.54
CA LYS D 554 8.60 -46.18 32.81
C LYS D 554 8.51 -47.62 33.29
N VAL D 555 8.00 -47.81 34.52
CA VAL D 555 7.86 -49.10 35.18
C VAL D 555 6.42 -49.60 35.08
N ASP D 556 6.18 -50.47 34.10
CA ASP D 556 4.88 -51.07 33.85
C ASP D 556 5.02 -52.56 33.58
N THR D 557 3.90 -53.27 33.31
CA THR D 557 3.90 -54.71 33.02
C THR D 557 3.61 -54.97 31.54
N VAL D 558 3.92 -54.01 30.67
CA VAL D 558 3.70 -54.12 29.23
C VAL D 558 4.81 -54.99 28.63
N PHE D 559 4.42 -55.93 27.74
CA PHE D 559 5.37 -56.76 26.99
C PHE D 559 5.88 -55.91 25.81
N ARG D 560 7.20 -55.85 25.64
CA ARG D 560 7.83 -55.10 24.56
C ARG D 560 9.01 -55.84 23.97
N LEU D 561 9.12 -55.76 22.64
CA LEU D 561 10.26 -56.25 21.89
C LEU D 561 11.00 -54.96 21.53
N SER D 562 11.78 -54.48 22.51
CA SER D 562 12.50 -53.22 22.46
C SER D 562 13.99 -53.43 22.26
N TRP D 563 14.75 -52.33 22.20
CA TRP D 563 16.21 -52.33 22.08
C TRP D 563 16.82 -53.01 23.33
N ALA D 564 16.17 -52.81 24.50
CA ALA D 564 16.54 -53.40 25.80
C ALA D 564 16.49 -54.93 25.77
N THR D 565 15.59 -55.50 24.94
CA THR D 565 15.44 -56.95 24.76
C THR D 565 16.74 -57.47 24.16
N TYR D 566 17.25 -56.78 23.13
CA TYR D 566 18.50 -57.11 22.46
C TYR D 566 19.71 -56.97 23.42
N LEU D 567 19.83 -55.82 24.14
CA LEU D 567 20.92 -55.55 25.07
C LEU D 567 20.99 -56.61 26.18
N ALA D 568 19.84 -57.07 26.67
CA ALA D 568 19.80 -58.10 27.69
C ALA D 568 20.04 -59.49 27.11
N SER D 569 19.28 -59.86 26.07
CA SER D 569 19.38 -61.17 25.41
C SER D 569 20.77 -61.46 24.85
N THR D 570 21.25 -60.57 23.99
CA THR D 570 22.50 -60.72 23.25
C THR D 570 23.71 -60.19 24.00
N GLU D 571 23.70 -58.91 24.43
CA GLU D 571 24.86 -58.26 25.05
C GLU D 571 25.05 -58.53 26.55
N ASN D 572 24.08 -59.21 27.19
CA ASN D 572 24.11 -59.50 28.64
C ASN D 572 24.25 -58.23 29.51
N ILE D 573 23.46 -57.19 29.17
CA ILE D 573 23.40 -55.91 29.88
C ILE D 573 22.06 -55.89 30.62
N ILE D 574 22.08 -55.53 31.91
CA ILE D 574 20.83 -55.41 32.65
C ILE D 574 20.27 -54.04 32.28
N VAL D 575 19.01 -53.98 31.85
CA VAL D 575 18.40 -52.71 31.50
C VAL D 575 17.36 -52.40 32.57
N ALA D 576 17.63 -51.41 33.41
CA ALA D 576 16.71 -51.03 34.47
C ALA D 576 16.03 -49.70 34.22
N SER D 577 14.79 -49.56 34.74
CA SER D 577 14.02 -48.34 34.71
C SER D 577 13.50 -48.11 36.12
N PHE D 578 13.27 -46.84 36.49
CA PHE D 578 12.84 -46.46 37.81
C PHE D 578 11.88 -45.26 37.80
N ASP D 579 10.82 -45.33 38.60
CA ASP D 579 9.87 -44.25 38.75
C ASP D 579 9.94 -43.70 40.16
N GLY D 580 10.61 -42.56 40.30
CA GLY D 580 10.80 -41.87 41.58
C GLY D 580 9.86 -40.70 41.71
N ARG D 581 10.29 -39.62 42.40
CA ARG D 581 9.44 -38.44 42.60
C ARG D 581 9.12 -37.77 41.29
N GLY D 582 7.88 -37.30 41.16
CA GLY D 582 7.38 -36.68 39.95
C GLY D 582 6.63 -37.65 39.06
N SER D 583 6.85 -38.97 39.24
CA SER D 583 6.18 -40.01 38.44
C SER D 583 4.66 -40.05 38.70
N GLY D 584 3.91 -40.67 37.79
CA GLY D 584 2.46 -40.71 37.88
C GLY D 584 1.85 -42.01 38.37
N TYR D 585 0.50 -42.00 38.50
CA TYR D 585 -0.40 -43.09 38.88
C TYR D 585 -0.14 -43.64 40.29
N GLN D 586 0.40 -42.80 41.21
CA GLN D 586 0.71 -43.17 42.60
C GLN D 586 0.32 -42.09 43.62
N GLY D 587 -0.58 -41.19 43.23
CA GLY D 587 -0.99 -40.09 44.10
C GLY D 587 -0.32 -38.78 43.76
N ASP D 588 -0.86 -37.67 44.30
CA ASP D 588 -0.35 -36.32 44.06
C ASP D 588 0.87 -35.99 44.88
N LYS D 589 1.08 -36.68 46.02
CA LYS D 589 2.24 -36.42 46.88
C LYS D 589 3.52 -36.73 46.12
N ILE D 590 3.56 -37.94 45.48
CA ILE D 590 4.67 -38.39 44.63
C ILE D 590 4.73 -37.56 43.35
N MET D 591 3.58 -37.38 42.64
CA MET D 591 3.52 -36.66 41.35
C MET D 591 3.91 -35.20 41.44
N HIS D 592 3.29 -34.46 42.35
CA HIS D 592 3.54 -33.02 42.48
C HIS D 592 4.85 -32.66 43.18
N ALA D 593 5.67 -33.66 43.60
CA ALA D 593 6.95 -33.42 44.27
C ALA D 593 7.92 -32.53 43.44
N ILE D 594 7.85 -32.62 42.10
CA ILE D 594 8.70 -31.81 41.22
C ILE D 594 7.98 -30.54 40.72
N ASN D 595 6.87 -30.11 41.38
CA ASN D 595 6.18 -28.88 40.97
C ASN D 595 7.11 -27.68 41.16
N ARG D 596 7.24 -26.89 40.09
CA ARG D 596 8.03 -25.66 39.96
C ARG D 596 9.53 -25.88 40.13
N ARG D 597 9.97 -27.14 40.02
CA ARG D 597 11.37 -27.50 40.18
C ARG D 597 11.74 -28.72 39.35
N LEU D 598 11.53 -28.64 38.04
CA LEU D 598 11.94 -29.71 37.11
C LEU D 598 13.47 -29.76 37.09
N GLY D 599 14.02 -30.97 37.04
CA GLY D 599 15.45 -31.21 37.01
C GLY D 599 16.06 -31.39 38.38
N THR D 600 15.21 -31.48 39.42
CA THR D 600 15.70 -31.66 40.78
C THR D 600 15.51 -33.11 41.28
N PHE D 601 14.40 -33.39 41.97
CA PHE D 601 14.07 -34.67 42.63
C PHE D 601 14.09 -35.87 41.73
N GLU D 602 13.50 -35.77 40.54
CA GLU D 602 13.43 -36.86 39.57
C GLU D 602 14.82 -37.28 39.07
N VAL D 603 15.76 -36.31 38.98
CA VAL D 603 17.15 -36.51 38.57
C VAL D 603 17.90 -37.21 39.73
N GLU D 604 17.81 -36.60 40.95
CA GLU D 604 18.39 -37.06 42.20
C GLU D 604 17.95 -38.50 42.51
N ASP D 605 16.66 -38.83 42.26
CA ASP D 605 16.11 -40.18 42.49
C ASP D 605 16.62 -41.21 41.48
N GLN D 606 16.99 -40.78 40.26
CA GLN D 606 17.56 -41.69 39.28
C GLN D 606 18.95 -42.08 39.73
N ILE D 607 19.70 -41.15 40.36
CA ILE D 607 21.05 -41.40 40.87
C ILE D 607 21.02 -42.34 42.09
N GLU D 608 20.15 -42.04 43.09
CA GLU D 608 20.03 -42.84 44.32
C GLU D 608 19.51 -44.24 44.06
N ALA D 609 18.59 -44.41 43.07
CA ALA D 609 18.07 -45.72 42.71
C ALA D 609 19.19 -46.57 42.08
N THR D 610 20.04 -45.97 41.22
CA THR D 610 21.17 -46.63 40.57
C THR D 610 22.24 -47.04 41.59
N ARG D 611 22.50 -46.18 42.61
CA ARG D 611 23.43 -46.45 43.71
C ARG D 611 22.98 -47.72 44.43
N GLN D 612 21.66 -47.85 44.65
CA GLN D 612 21.09 -49.03 45.30
C GLN D 612 21.20 -50.26 44.40
N PHE D 613 20.90 -50.12 43.08
CA PHE D 613 21.00 -51.21 42.10
C PHE D 613 22.43 -51.73 42.03
N SER D 614 23.43 -50.81 42.09
CA SER D 614 24.85 -51.17 42.05
C SER D 614 25.32 -51.91 43.31
N LYS D 615 24.65 -51.69 44.45
CA LYS D 615 24.97 -52.35 45.73
C LYS D 615 24.70 -53.84 45.63
N MET D 616 23.69 -54.23 44.82
CA MET D 616 23.36 -55.63 44.57
C MET D 616 24.57 -56.25 43.87
N GLY D 617 25.03 -57.39 44.38
CA GLY D 617 26.24 -58.08 43.92
C GLY D 617 26.30 -58.57 42.48
N PHE D 618 25.23 -58.36 41.69
CA PHE D 618 25.15 -58.80 40.30
C PHE D 618 25.39 -57.67 39.27
N VAL D 619 25.78 -56.48 39.75
CA VAL D 619 26.03 -55.28 38.92
C VAL D 619 27.51 -54.88 38.99
N ASP D 620 28.10 -54.58 37.83
CA ASP D 620 29.47 -54.08 37.73
C ASP D 620 29.39 -52.55 37.87
N ASP D 621 29.78 -52.04 39.05
CA ASP D 621 29.76 -50.62 39.43
C ASP D 621 30.58 -49.72 38.49
N LYS D 622 31.57 -50.30 37.83
CA LYS D 622 32.45 -49.61 36.88
C LYS D 622 31.77 -49.48 35.50
N ARG D 623 30.72 -50.27 35.24
CA ARG D 623 30.05 -50.24 33.94
C ARG D 623 28.58 -49.91 34.06
N ILE D 624 28.29 -48.63 34.31
CA ILE D 624 26.92 -48.15 34.46
C ILE D 624 26.67 -46.99 33.51
N ALA D 625 25.61 -47.09 32.72
CA ALA D 625 25.21 -46.07 31.76
C ALA D 625 23.75 -45.66 31.98
N ILE D 626 23.34 -44.53 31.36
CA ILE D 626 21.99 -43.97 31.44
C ILE D 626 21.62 -43.42 30.06
N TRP D 627 20.39 -43.68 29.61
CA TRP D 627 19.96 -43.14 28.32
C TRP D 627 18.49 -42.77 28.35
N GLY D 628 18.09 -41.84 27.50
CA GLY D 628 16.71 -41.42 27.37
C GLY D 628 16.45 -40.51 26.20
N TRP D 629 15.17 -40.39 25.85
CA TRP D 629 14.57 -39.61 24.77
C TRP D 629 13.68 -38.50 25.37
N SER D 630 13.61 -37.32 24.71
CA SER D 630 12.80 -36.13 25.11
C SER D 630 13.06 -35.71 26.56
N TYR D 631 12.12 -35.99 27.51
CA TYR D 631 12.33 -35.66 28.92
C TYR D 631 13.42 -36.57 29.51
N GLY D 632 13.43 -37.83 29.09
CA GLY D 632 14.44 -38.81 29.51
C GLY D 632 15.81 -38.37 29.04
N GLY D 633 15.82 -37.62 27.95
CA GLY D 633 17.04 -37.04 27.38
C GLY D 633 17.60 -36.00 28.29
N TYR D 634 16.71 -35.09 28.77
CA TYR D 634 16.99 -34.02 29.73
C TYR D 634 17.51 -34.61 31.03
N VAL D 635 16.81 -35.64 31.57
CA VAL D 635 17.20 -36.28 32.84
C VAL D 635 18.56 -36.98 32.69
N THR D 636 18.81 -37.72 31.59
CA THR D 636 20.12 -38.35 31.31
C THR D 636 21.26 -37.33 31.44
N SER D 637 21.08 -36.17 30.78
CA SER D 637 22.03 -35.07 30.73
C SER D 637 22.24 -34.42 32.12
N MET D 638 21.13 -34.20 32.88
CA MET D 638 21.19 -33.64 34.22
C MET D 638 21.89 -34.62 35.16
N VAL D 639 21.62 -35.92 34.99
CA VAL D 639 22.23 -36.99 35.77
C VAL D 639 23.74 -37.03 35.49
N LEU D 640 24.14 -37.06 34.21
CA LEU D 640 25.55 -37.07 33.83
C LEU D 640 26.26 -35.81 34.27
N GLY D 641 25.53 -34.69 34.25
CA GLY D 641 26.05 -33.40 34.66
C GLY D 641 26.02 -33.17 36.16
N ALA D 642 25.53 -34.15 36.95
CA ALA D 642 25.44 -34.07 38.41
C ALA D 642 26.79 -34.36 39.08
N GLY D 643 27.70 -35.04 38.38
CA GLY D 643 29.03 -35.40 38.87
C GLY D 643 28.97 -36.33 40.08
N SER D 644 28.16 -37.39 39.99
CA SER D 644 27.98 -38.37 41.06
C SER D 644 29.04 -39.47 41.07
N GLY D 645 29.67 -39.72 39.91
CA GLY D 645 30.68 -40.77 39.75
C GLY D 645 30.08 -42.14 39.51
N VAL D 646 28.74 -42.25 39.59
CA VAL D 646 27.97 -43.47 39.42
C VAL D 646 27.99 -43.92 37.94
N PHE D 647 27.76 -42.97 37.03
CA PHE D 647 27.66 -43.22 35.60
C PHE D 647 28.94 -42.98 34.82
N LYS D 648 29.28 -43.97 33.97
CA LYS D 648 30.44 -43.95 33.10
C LYS D 648 30.09 -43.19 31.83
N CYS D 649 28.88 -43.44 31.29
CA CYS D 649 28.43 -42.83 30.05
C CYS D 649 26.92 -42.64 29.98
N GLY D 650 26.48 -41.97 28.93
CA GLY D 650 25.07 -41.72 28.69
C GLY D 650 24.76 -41.28 27.28
N ILE D 651 23.55 -41.61 26.81
CA ILE D 651 23.01 -41.22 25.50
C ILE D 651 21.78 -40.31 25.70
N ALA D 652 21.78 -39.09 25.13
CA ALA D 652 20.63 -38.18 25.19
C ALA D 652 20.07 -38.02 23.78
N VAL D 653 18.81 -38.45 23.56
CA VAL D 653 18.19 -38.34 22.25
C VAL D 653 17.10 -37.26 22.28
N ALA D 654 17.23 -36.25 21.39
CA ALA D 654 16.36 -35.06 21.26
C ALA D 654 15.94 -34.50 22.62
N PRO D 655 16.91 -34.20 23.53
CA PRO D 655 16.53 -33.72 24.87
C PRO D 655 16.16 -32.25 24.94
N VAL D 656 15.46 -31.89 26.03
CA VAL D 656 15.20 -30.50 26.40
C VAL D 656 16.51 -30.16 27.12
N SER D 657 17.07 -28.96 26.86
CA SER D 657 18.30 -28.54 27.54
C SER D 657 18.05 -27.33 28.48
N LYS D 658 17.03 -26.52 28.16
CA LYS D 658 16.66 -25.29 28.85
C LYS D 658 15.15 -25.11 28.65
N TRP D 659 14.39 -25.04 29.75
CA TRP D 659 12.93 -24.98 29.73
C TRP D 659 12.33 -23.76 29.04
N GLU D 660 13.09 -22.68 28.88
CA GLU D 660 12.63 -21.47 28.20
C GLU D 660 12.48 -21.71 26.69
N TYR D 661 13.14 -22.76 26.16
CA TYR D 661 13.09 -23.15 24.76
C TYR D 661 11.90 -24.03 24.44
N TYR D 662 11.38 -24.74 25.44
CA TYR D 662 10.25 -25.64 25.25
C TYR D 662 8.91 -24.88 25.21
N ASP D 663 7.81 -25.53 24.75
CA ASP D 663 6.54 -24.83 24.62
C ASP D 663 5.95 -24.40 25.95
N SER D 664 5.08 -23.40 25.90
CA SER D 664 4.37 -22.79 27.02
C SER D 664 3.40 -23.74 27.74
N VAL D 665 2.54 -24.46 27.01
CA VAL D 665 1.54 -25.31 27.65
C VAL D 665 2.19 -26.37 28.57
N TYR D 666 3.08 -27.22 28.05
CA TYR D 666 3.77 -28.21 28.90
C TYR D 666 4.62 -27.55 29.98
N THR D 667 5.56 -26.67 29.59
CA THR D 667 6.54 -26.06 30.50
C THR D 667 5.92 -25.27 31.67
N GLU D 668 4.97 -24.37 31.39
CA GLU D 668 4.34 -23.54 32.42
C GLU D 668 3.48 -24.32 33.41
N ARG D 669 2.93 -25.45 32.95
CA ARG D 669 2.12 -26.36 33.77
C ARG D 669 2.90 -26.81 35.00
N TYR D 670 4.21 -27.04 34.83
CA TYR D 670 5.08 -27.49 35.90
C TYR D 670 6.01 -26.42 36.43
N MET D 671 6.40 -25.43 35.61
CA MET D 671 7.38 -24.42 35.99
C MET D 671 6.87 -23.00 36.21
N GLY D 672 5.61 -22.71 35.86
CA GLY D 672 5.06 -21.36 35.97
C GLY D 672 5.64 -20.47 34.90
N LEU D 673 5.69 -19.15 35.13
CA LEU D 673 6.25 -18.22 34.15
C LEU D 673 7.73 -17.90 34.38
N PRO D 674 8.55 -17.74 33.30
CA PRO D 674 9.98 -17.43 33.51
C PRO D 674 10.26 -15.96 33.70
N THR D 675 9.58 -15.36 34.68
CA THR D 675 9.71 -13.94 35.05
C THR D 675 10.29 -13.85 36.46
N PRO D 676 11.05 -12.78 36.83
CA PRO D 676 11.58 -12.71 38.21
C PRO D 676 10.48 -12.64 39.27
N GLU D 677 9.25 -12.25 38.86
CA GLU D 677 8.04 -12.20 39.70
C GLU D 677 7.55 -13.63 40.00
N ASP D 678 7.76 -14.57 39.05
CA ASP D 678 7.32 -15.96 39.20
C ASP D 678 8.49 -16.95 39.45
N ASN D 679 8.85 -17.81 38.46
CA ASN D 679 9.84 -18.86 38.69
C ASN D 679 11.12 -18.80 37.83
N LEU D 680 11.57 -17.59 37.43
CA LEU D 680 12.79 -17.42 36.63
C LEU D 680 14.03 -18.09 37.25
N ASP D 681 14.18 -18.02 38.59
CA ASP D 681 15.29 -18.60 39.34
C ASP D 681 15.43 -20.10 39.16
N TYR D 682 14.32 -20.84 39.11
CA TYR D 682 14.31 -22.30 38.94
C TYR D 682 14.39 -22.71 37.47
N TYR D 683 14.09 -21.78 36.57
CA TYR D 683 14.21 -21.96 35.14
C TYR D 683 15.70 -21.84 34.83
N ARG D 684 16.35 -20.87 35.50
CA ARG D 684 17.75 -20.51 35.34
C ARG D 684 18.73 -21.60 35.78
N ASN D 685 18.48 -22.23 36.94
CA ASN D 685 19.40 -23.25 37.46
C ASN D 685 19.03 -24.71 37.07
N SER D 686 18.01 -24.88 36.18
CA SER D 686 17.59 -26.20 35.72
C SER D 686 18.05 -26.51 34.27
N THR D 687 18.90 -25.66 33.68
CA THR D 687 19.43 -25.90 32.33
C THR D 687 20.53 -26.96 32.41
N VAL D 688 20.71 -27.76 31.34
CA VAL D 688 21.79 -28.75 31.30
C VAL D 688 23.13 -28.00 31.20
N MET D 689 23.14 -26.86 30.47
CA MET D 689 24.28 -25.97 30.26
C MET D 689 24.99 -25.54 31.53
N SER D 690 24.23 -25.30 32.62
CA SER D 690 24.77 -24.90 33.94
C SER D 690 25.64 -26.01 34.58
N ARG D 691 25.49 -27.27 34.09
CA ARG D 691 26.20 -28.46 34.56
C ARG D 691 27.29 -28.95 33.61
N ALA D 692 27.60 -28.15 32.56
CA ALA D 692 28.57 -28.45 31.51
C ALA D 692 29.94 -28.98 31.99
N GLU D 693 30.52 -28.38 33.04
CA GLU D 693 31.85 -28.78 33.55
C GLU D 693 31.93 -30.24 34.01
N ASN D 694 30.86 -30.76 34.63
CA ASN D 694 30.81 -32.13 35.16
C ASN D 694 30.84 -33.22 34.09
N PHE D 695 30.51 -32.89 32.84
CA PHE D 695 30.53 -33.82 31.72
C PHE D 695 31.92 -34.35 31.39
N LYS D 696 32.97 -33.69 31.95
CA LYS D 696 34.39 -34.06 31.79
C LYS D 696 34.69 -35.43 32.38
N GLN D 697 33.82 -35.91 33.28
CA GLN D 697 33.97 -37.20 33.95
C GLN D 697 33.25 -38.33 33.24
N VAL D 698 32.43 -38.02 32.22
CA VAL D 698 31.60 -39.01 31.52
C VAL D 698 31.83 -39.04 30.02
N GLU D 699 31.39 -40.15 29.38
CA GLU D 699 31.36 -40.34 27.93
C GLU D 699 29.91 -39.96 27.54
N TYR D 700 29.72 -38.93 26.70
CA TYR D 700 28.37 -38.46 26.38
C TYR D 700 28.07 -38.49 24.89
N LEU D 701 26.93 -39.05 24.52
CA LEU D 701 26.46 -39.08 23.14
C LEU D 701 25.14 -38.27 23.06
N LEU D 702 25.17 -37.15 22.33
CA LEU D 702 24.04 -36.24 22.14
C LEU D 702 23.49 -36.37 20.72
N ILE D 703 22.25 -36.87 20.61
CA ILE D 703 21.59 -37.06 19.32
C ILE D 703 20.38 -36.11 19.16
N HIS D 704 20.16 -35.56 17.95
CA HIS D 704 19.01 -34.68 17.66
C HIS D 704 18.67 -34.61 16.17
N GLY D 705 17.37 -34.57 15.88
CA GLY D 705 16.88 -34.41 14.50
C GLY D 705 16.86 -32.94 14.14
N THR D 706 17.34 -32.57 12.92
CA THR D 706 17.39 -31.16 12.49
C THR D 706 16.01 -30.53 12.28
N ALA D 707 15.03 -31.34 11.80
CA ALA D 707 13.65 -30.91 11.54
C ALA D 707 12.70 -31.21 12.69
N ASP D 708 13.21 -31.24 13.92
CA ASP D 708 12.40 -31.45 15.11
C ASP D 708 11.60 -30.16 15.40
N ASP D 709 10.27 -30.25 15.28
CA ASP D 709 9.31 -29.17 15.51
C ASP D 709 8.88 -29.13 16.98
N ASN D 710 9.15 -30.23 17.71
CA ASN D 710 8.70 -30.38 19.09
C ASN D 710 9.74 -29.84 20.06
N VAL D 711 10.90 -30.52 20.14
CA VAL D 711 12.06 -30.13 20.93
C VAL D 711 12.96 -29.65 19.81
N HIS D 712 13.04 -28.34 19.58
CA HIS D 712 13.82 -27.77 18.49
C HIS D 712 15.28 -28.12 18.56
N PHE D 713 15.95 -28.31 17.39
CA PHE D 713 17.38 -28.62 17.31
C PHE D 713 18.21 -27.62 18.14
N GLN D 714 17.70 -26.36 18.24
CA GLN D 714 18.21 -25.25 19.04
C GLN D 714 18.63 -25.71 20.45
N GLN D 715 17.84 -26.59 21.05
CA GLN D 715 18.04 -27.15 22.37
C GLN D 715 19.41 -27.84 22.46
N SER D 716 19.68 -28.81 21.54
CA SER D 716 20.96 -29.54 21.47
C SER D 716 22.08 -28.66 20.93
N ALA D 717 21.73 -27.68 20.07
CA ALA D 717 22.70 -26.73 19.50
C ALA D 717 23.23 -25.85 20.63
N GLN D 718 22.34 -25.39 21.51
CA GLN D 718 22.74 -24.55 22.65
C GLN D 718 23.48 -25.35 23.72
N LEU D 719 23.13 -26.62 23.91
CA LEU D 719 23.78 -27.53 24.85
C LEU D 719 25.21 -27.84 24.40
N SER D 720 25.41 -28.25 23.13
CA SER D 720 26.72 -28.59 22.59
C SER D 720 27.67 -27.38 22.70
N LYS D 721 27.16 -26.16 22.36
CA LYS D 721 27.90 -24.90 22.41
C LYS D 721 28.48 -24.65 23.82
N ALA D 722 27.69 -24.92 24.87
CA ALA D 722 28.10 -24.75 26.26
C ALA D 722 29.17 -25.75 26.67
N LEU D 723 29.09 -26.99 26.13
CA LEU D 723 30.05 -28.06 26.37
C LEU D 723 31.35 -27.74 25.66
N VAL D 724 31.25 -27.13 24.47
CA VAL D 724 32.41 -26.69 23.70
C VAL D 724 33.11 -25.56 24.48
N ASP D 725 32.31 -24.58 24.99
CA ASP D 725 32.78 -23.47 25.81
C ASP D 725 33.43 -23.91 27.13
N ALA D 726 32.97 -25.04 27.68
CA ALA D 726 33.48 -25.62 28.93
C ALA D 726 34.74 -26.50 28.70
N GLY D 727 35.09 -26.74 27.44
CA GLY D 727 36.23 -27.55 27.03
C GLY D 727 36.04 -29.04 27.27
N VAL D 728 34.80 -29.48 27.12
CA VAL D 728 34.35 -30.84 27.36
C VAL D 728 34.25 -31.63 26.06
N ASP D 729 34.87 -32.83 25.99
CA ASP D 729 34.69 -33.66 24.80
C ASP D 729 33.48 -34.56 24.99
N PHE D 730 32.75 -34.74 23.91
CA PHE D 730 31.52 -35.50 23.85
C PHE D 730 31.32 -35.90 22.40
N GLN D 731 30.31 -36.71 22.13
CA GLN D 731 29.99 -37.13 20.78
C GLN D 731 28.60 -36.61 20.41
N THR D 732 28.41 -36.29 19.15
CA THR D 732 27.11 -35.87 18.66
C THR D 732 26.74 -36.74 17.47
N MET D 733 25.48 -36.56 17.02
CA MET D 733 24.88 -37.21 15.88
C MET D 733 23.63 -36.45 15.51
N TRP D 734 23.69 -35.67 14.43
CA TRP D 734 22.50 -34.97 13.94
C TRP D 734 21.84 -35.90 12.93
N TYR D 735 20.51 -35.80 12.80
CA TYR D 735 19.76 -36.58 11.82
C TYR D 735 19.01 -35.59 10.96
N THR D 736 19.52 -35.39 9.74
CA THR D 736 18.98 -34.47 8.74
C THR D 736 17.53 -34.78 8.41
N ASP D 737 16.66 -33.73 8.50
CA ASP D 737 15.24 -33.72 8.15
C ASP D 737 14.39 -34.66 9.00
N GLU D 738 15.00 -35.25 10.05
CA GLU D 738 14.30 -36.11 11.00
C GLU D 738 13.61 -35.23 12.03
N ASP D 739 12.41 -35.63 12.45
CA ASP D 739 11.66 -34.88 13.43
C ASP D 739 11.88 -35.48 14.83
N HIS D 740 10.91 -35.32 15.75
CA HIS D 740 11.07 -35.77 17.12
C HIS D 740 11.17 -37.29 17.29
N GLY D 741 10.50 -38.03 16.44
CA GLY D 741 10.55 -39.48 16.54
C GLY D 741 11.82 -40.12 16.04
N ILE D 742 12.50 -39.52 15.02
CA ILE D 742 13.67 -40.08 14.31
C ILE D 742 13.19 -41.51 13.91
N ALA D 743 11.96 -41.54 13.35
CA ALA D 743 11.17 -42.73 13.06
C ALA D 743 11.15 -43.15 11.59
N SER D 744 11.89 -42.46 10.71
CA SER D 744 11.97 -42.92 9.32
C SER D 744 12.75 -44.25 9.38
N ASN D 745 12.37 -45.23 8.56
CA ASN D 745 12.95 -46.58 8.53
C ASN D 745 14.49 -46.57 8.60
N MET D 746 15.14 -45.75 7.76
CA MET D 746 16.60 -45.67 7.71
C MET D 746 17.21 -45.01 8.95
N ALA D 747 16.63 -43.89 9.42
CA ALA D 747 17.09 -43.17 10.63
C ALA D 747 16.97 -44.00 11.90
N HIS D 748 15.84 -44.71 12.05
CA HIS D 748 15.53 -45.58 13.19
C HIS D 748 16.57 -46.68 13.31
N GLN D 749 16.91 -47.32 12.19
CA GLN D 749 17.90 -48.38 12.16
C GLN D 749 19.26 -47.85 12.52
N HIS D 750 19.63 -46.65 11.97
CA HIS D 750 20.91 -45.99 12.17
C HIS D 750 21.16 -45.55 13.60
N ILE D 751 20.17 -44.86 14.20
CA ILE D 751 20.26 -44.37 15.58
C ILE D 751 20.51 -45.52 16.58
N TYR D 752 19.76 -46.64 16.49
CA TYR D 752 19.95 -47.78 17.40
C TYR D 752 21.24 -48.54 17.16
N THR D 753 21.75 -48.59 15.91
CA THR D 753 23.03 -49.23 15.60
C THR D 753 24.16 -48.38 16.19
N HIS D 754 24.03 -47.04 16.06
CA HIS D 754 24.98 -46.06 16.58
C HIS D 754 25.07 -46.12 18.10
N MET D 755 23.91 -46.15 18.78
CA MET D 755 23.81 -46.22 20.25
C MET D 755 24.36 -47.54 20.80
N SER D 756 24.17 -48.64 20.03
CA SER D 756 24.66 -49.98 20.39
C SER D 756 26.18 -50.00 20.37
N HIS D 757 26.78 -49.38 19.34
CA HIS D 757 28.24 -49.28 19.21
C HIS D 757 28.82 -48.47 20.35
N PHE D 758 28.21 -47.31 20.66
CA PHE D 758 28.60 -46.43 21.76
C PHE D 758 28.58 -47.15 23.12
N LEU D 759 27.49 -47.87 23.42
CA LEU D 759 27.33 -48.63 24.65
C LEU D 759 28.36 -49.74 24.80
N LYS D 760 28.60 -50.50 23.72
CA LYS D 760 29.57 -51.59 23.71
C LYS D 760 30.97 -51.04 23.94
N GLN D 761 31.31 -49.87 23.32
CA GLN D 761 32.59 -49.19 23.49
C GLN D 761 32.75 -48.83 24.98
N CYS D 762 31.70 -48.22 25.57
CA CYS D 762 31.62 -47.80 26.97
C CYS D 762 31.72 -48.97 27.95
N PHE D 763 31.10 -50.11 27.63
CA PHE D 763 31.11 -51.28 28.51
C PHE D 763 32.19 -52.31 28.16
N SER D 764 33.13 -51.95 27.25
CA SER D 764 34.24 -52.81 26.78
C SER D 764 33.68 -54.17 26.31
N LEU D 765 32.61 -54.12 25.50
CA LEU D 765 31.92 -55.29 24.96
C LEU D 765 32.25 -55.47 23.48
N PRO D 766 32.49 -56.73 23.03
CA PRO D 766 32.82 -56.94 21.63
C PRO D 766 31.62 -56.77 20.68
#